data_7YWX
#
_entry.id   7YWX
#
_cell.length_a   1.00
_cell.length_b   1.00
_cell.length_c   1.00
_cell.angle_alpha   90.00
_cell.angle_beta   90.00
_cell.angle_gamma   90.00
#
_symmetry.space_group_name_H-M   'P 1'
#
loop_
_entity.id
_entity.type
_entity.pdbx_description
1 polymer 'Centromere protein H'
2 polymer 'Centromere protein I'
3 polymer 'Centromere protein K'
4 polymer 'Centromere protein L'
5 polymer 'Centromere protein M'
6 polymer 'Centromere protein N'
7 polymer 'Centromere protein O'
8 polymer 'Centromere protein Q'
9 polymer 'Centromere protein U'
10 polymer 'Centromere protein P'
11 polymer 'Centromere protein R'
12 polymer 'Centromere protein T'
13 polymer 'Centromere protein W'
14 polymer 'Centromere protein S'
15 polymer 'Centromere protein X'
16 polymer 'DNA (171-MER)'
17 polymer 'DNA (171-MER)'
18 polymer 'Histone H3-like centromeric protein A'
19 polymer 'Histone H4'
20 polymer 'Histone H2A type 1-C'
21 polymer 'Histone H2B type 1-C/E/F/G/I'
22 polymer 'Centromere protein C'
#
loop_
_entity_poly.entity_id
_entity_poly.type
_entity_poly.pdbx_seq_one_letter_code
_entity_poly.pdbx_strand_id
1 'polypeptide(L)'
;MEEQPQMQDADEPADSGGEGRAGGPPQVAGAQAACSEDRMTLLLRLRAQTKQQLLEYKSMVDASEEKTPEQIMQEKQIEA
KIEDLENEIEEVKVAFEIKKLALDRMRLSTALKKNLEKISRQSSVLMDNMKHLLELNKLIMKSQQESWDLEEKLLDIRKK
RLQLKQASESKLLEIQTEKNKQKIDLDSMENSERIKIIRQNLQMEIKITTVIQHVFQNLILGSKVNWAEDPALKEIVLQL
EKNVDMM
;
H
2 'polypeptide(L)'
;MSPQKRVKNVQAQNRTSQGSSSFQTTLSAWKVKQDPSNSKNISKHGQNNPVGDYEHADDQAEEDALQMAVGYFEKGPIKA
SQNKDKTLEKHLKTVENVAWKNGLASEEIDILLNIALSGKFGNAVNTRILKCMIPATVISEDSVVKAVSWLCVGKCSGST
KVLFYRWLVAMFDFIDRKEQINLLYGFFFASLQDDALCPYVCHLLYLLTKKENVKPFRVRKLLDLQAKMGMQPHLQALLS
LYKFFAPALISVSLPVRKKIYFKNSENLWKTALLAVKQRNRGPSPEPLKLMLGPANVRPLKRKWNSLSVIPVLNSSSYTK
ECGKKEMSLSDCLNRSGSFPLEQLQSFPQLLQNIHCLELPSQMGSVLNNSLLLHYINCVRDEPVLLRFYYWLSQTLQEEC
IWYKVNNYEHGKEFTNFLDTIIRAECFLQEGFYSCEAFLYKSLPLWDGLCCRSQFLQLVSWIPFSSFSEVKPLLFDHLAQ
LFFTSTIYFKCSVLQSLKELLQNWLLWLSMDIHMKPVTNSPLETTLGGSMNSVSKLIHYVGWLSTTAMRLESNNTFLLHF
ILDFYEKVCDIYINYNLPLVVLFPPGIFYSALLSLDTSILNQLCFIMHRYRKNLTAAKKNELVQKTKSEFNFSSKTYQEF
NHYLTSMVGCLWTSKPFGKGIYIDPEILEKTGVAEYKNSLNVVHHPSFLSYAVSFLLQESPEERTVNVSSIRGKKWSWYL
DYLFSQGLQGLKLFIRSSVHHSSIPRAEGINCNNQY
;
I
3 'polypeptide(L)'
;MNQEDLDPDSTTDVGDVTNTEEELIRECEEMWKDMEECQNKLSLIGTETLTDSNAQLSLLIMQVKCLTAELSQWQKKTPE
TIPLTEDVLITLGKEEFQKLRQDLEMVLSTKESKNEKLKEDLEREQRWLDEQQQIMESLNVLHSELKNKVETFSESRIFN
ELKTKMLNIKEYKEKLLSTLGEFLEDHFPLPDRSVKKKKKNIQESSVNLITLHEMLEILINRLFDVPHDPYVKISDSFWP
PYVELLLRNGIALRHPEDPTRIRLEAFHQ
;
K
4 'polypeptide(L)'
;MDSYSAPESTPSASSRPEDYFIGATPLQKRLESVRKQSSFILTPPRRKIPQCSQLQEDVDPQKVAFLLHKQWTLYSLTPL
YKFSYSNLKEYSRLLNAFIVAEKQKGLAVEVGEDFNIKVIFSTLLGMKGTQRDPEAFLVQIVSKSQLPSENREGKVLWTG
WFCCVFGDSLLETVSEDFTCLPLFLANGAESNTAIIGTWFQKTFDCYFSPLAINAFNLSWMAAMWTACKMDHYVATTEFL
WSVPCSPQSLDISFAIHPEDAKALWDSVHKTPGEVTQEEVDLFMDCLYSHFHRHFKIHLSATRLVRVSTSVASAHTDGKI
KILCHKYLIGVLAYLTELAIFQIE
;
L
5 'polypeptide(L)'
;MSVLRPLDKLPGLNTATILLVGTEDALLQQLADSMLKEDCASELKVHLAKSLPLPSSVNRPRIDLIVFVVNLHSKYSLQN
TEESLRHVDASFFLGKVCFLATGAGRESHCSIHRHTVVKLAHTYQSPLLYCDLEVEGFRATMAQRLVRVLQICAGHVPGV
SALNLLSLLRSSEGPSLEDL
;
M
6 'polypeptide(L)'
;MDETVAEFIKRTILKIPMNELTTILKAWDFLSENQLQTVNFRQRKESVVQHLIHLCEEKRASISDAALLDIIYMQFHQHQ
KVWEVFQMSKGPGEDVDLFDMKQFKNSFKKILQRALKNVTVSFRETEENAVWIRIAWGTQYTKPNQYKPTYVVYYSQTPY
AFTSSSMLRRNTPLLGQALTIASKHHQIVKMDLRSRYLDSLKAIVFKQYNQTFETHNSTTPLQERSLGLDINMDSRIIHE
NIVEKERVQRITQETFGDYPQPQLEFAQYKLETKFKSGLNGSILAEREEPLRCLIKFSSPHLLEALKSLAPAGIADAPLS
PLLTCIPNKRMNYFKIRDK
;
N
7 'polypeptide(L)'
;MEQANPLRPDGESKGGVLAHLERLETQVSRSRKQSEELQSVQAQEGALGTKIHKLRRLRDELRAVVRHRRASVKACIANV
EPNQTVEINEQEALEEKLENVKAILQAYHFTGLSGKLTSRGVCVCISTAFEGNLLDSYFVDLVIQKPLRIHHHSVPVFIP
LEEIAAKYLQTNIQHFLFSLCEYLNAYSGRKYQADRLQSDFAALLTGPLQRNPLCNLLSFTYKLDPGGQSFPFCARLLYK
DLTATLPTDVTVTCQGVEVLSTSWEEQRASHETLFCTKPLHQVFASFTRKGEKLDMSLVS
;
O
8 'polypeptide(L)'
;MSGKANASKKNAQQLKRNPKRKKDNEEVVLSENKVRNTVKKNKNHLKDLSSEGQTKHTNLKHGKTAASKRKTWQPLSKST
RDHLQTMMESVIMTILSNSIKEKEEIQYHLNFLKKRLLQQCETLKVPPKKMEDLTNVSSLLNMERARDKANEEGLALLQE
EIDKMVETTELMTGNIQSLKNKIQILASEVEEEEERVKQMHQINSSGVLSLPELSQKTLKAPTLQKEILALIPNQNALLK
DLDILHNSSQMKSMSTFIEEAYKKLDAS
;
Q
9 'polypeptide(L)'
;MAPRGRRRPRPHRSEGARRSKNTLERTHSMKDKAGQKCKPIDVFDFPDNSDVSSIGRLGENEKDEETYETFDPPLHSTAI
YADEEEFSKHCGLSLSSTPPGKEAKRSSDTSGNEASEIESVKISAKKPGRKLRPISDDSESIEESDTRRKVKSAEKISTQ
RHEVIRTTASSELSEKPAESVTSKKTGPLSAQPSVEKENLAIESQSKTQKKGKISHDKRKKSRSKAIGSDTSDIVHIWCP
EGMKTSDIKELNIVLPEFEKTHLEHQQRIESKVCKAAIATFYVNVKEQFIKMLKESQMLTNLKRKNAKMISDIEKKRQRM
IEVQDELLRLEPQLKQLQTKYDELKERKSSLRNAAYFLSNLKQLYQDYSDVQAQEPNVKETYDSSSLPALLFKARTLLGA
ESHLRNINHQLEKLLDQG
;
U
10 'polypeptide(L)'
;MDAELAEVRALQAEIAALRRACEDPPAPWEEKSRVQKSFQAIHQFNLEGWKSSKDLKNQLGHLESELSFLSTLTGINIRN
HSKQTEDLTSTEMTEKSIRKVLQRHRLSGNCHMVTFQLEFQILEIQNKERLSSAVTDLNIIMEPTECSELSEFVSRAEER
KDLFMFFRSLHFFVEWFEYRKRTFKHLKEKYPDAVYLSEGPSSCSMGIRSASRPGFELVIVWRIQIDEDGKVFPKLDLLT
KVPQRALELDKNRAIETAPLSFRTLVGLLGIEAALESLIKSLCAEENN
;
P
11 'polypeptide(L)'
;MPVKRSLKLDGLLEENSFDPSKITRKKSVITYSPTTGTCQMSLFASPTSSEEQKHRNGLSNEKRKKLNHPSLTESKESTT
KDNDEFMMLLSKVEKLSEEIMEIMQNLSSIQALEGSRELENLIGISCASHFLKREMQKTKELMTKVNKQKLFEKSTGLPH
KASRHLDSYEFLKAILN
;
R
12 'polypeptide(L)'
;MADHNPDSDSTPRTLLRRVLDTADPRTPRRPRSARAGARRALLETASPRKLSGQTRTIARGRSHGARSVGRSAHIQASGH
LEEQTPRTLLKNILLTAPESSILMPESVVKPVPAPQAVQPSRQESSCGSLELQLPELEPPTTLAPGLLAPGRRKQRLRLS
VFQQGVDQGLSLSQEPQGNADASSLTRSLNLTFATPLQPQSVQRPGLARRPPARRAVDVGAFLRDLRDTSLAPPNIVLED
TQPFSQPMVGSPNVYHSLPCTPHTGAEDAEQAAGRKTQSSGPGLQKNSPGKPAQFLAGEAEEVNAFALGFLSTSSGVSGE
DEVEPLHDGVEEAEKKMEEEGVSVSEMEATGAQGPSRVEEAEGHTEVTEAEGSQGTAEADGPGASSGDEDASGRAASPES
ASSTPESLQARRHHQFLEPAPAPGAAVLSSEPAEPLLVRHPPRPRTTGPRPRQDPHKAGLSHYVKLFSFYAKMPMERKAL
EMVEKCLDKYFQHLCDDLEVFAAHAGRKTVKPEDLELLMRRQGLVTDQVSLHVLVERHLPLEYRQLLIPCAYSGNSVFPA
Q
;
T
13 'polypeptide(L)'
;MALSTIVSQRKQIKRKAPRGFLKRVFKRKKPQLRLEKSGDLLVHLNCLLFVHRLAEESRTNACASKCRVINKEHVLAAAK
VILKKSRG
;
W
14 'polypeptide(L)'
;MEEEAETEEQQRFSYQQRLKAAVHYTVGCLCEEVALDKEMQFSKQTIAAISELTFRQCENFAKDLEMFARHAKRTTINTE
DVKLLARRSNSLLKYITDKSEEIAQINLERKAQKKKKSEDGSKNSRQPAEAGVVESEN
;
S
15 'polypeptide(L)'
;MEGAGAGSGFRKELVSRLLHLHFKDDKTKVSGDALQLMVELLKVFVVEAAVRGVRQAQAEDALRVDVDQLEKVLPQLLLD
F
;
X
16 'polydeoxyribonucleotide'
;(DT)(DC)(DC)(DA)(DA)(DA)(DT)(DG)(DT)(DC)(DC)(DA)(DA)(DT)(DT)(DC)(DC)(DA)(DG)(DA)
(DT)(DA)(DC)(DT)(DA)(DC)(DA)(DA)(DA)(DA)(DA)(DG)(DA)(DG)(DT)(DG)(DT)(DT)(DT)(DC)
(DA)(DA)(DA)(DA)(DC)(DT)(DG)(DC)(DT)(DC)(DT)(DA)(DT)(DG)(DA)(DA)(DA)(DA)(DG)(DG)
(DA)(DA)(DT)(DG)(DT)(DT)(DC)(DA)(DA)(DC)(DT)(DC)(DT)(DA)(DT)(DG)(DA)(DG)(DT)(DT)
(DG)(DA)(DA)(DT)(DG)(DC)(DA)(DA)(DA)(DC)(DA)(DT)(DC)(DA)(DC)(DA)(DT)(DA)(DG)(DA)
(DA)(DG)(DT)(DT)(DT)(DC)(DT)(DG)(DA)(DG)(DA)(DA)(DT)(DG)(DC)(DT)(DT)(DC)(DT)(DG)
(DT)(DC)(DT)(DA)(DG)(DT)(DT)(DT)(DT)(DT)(DA)(DT)(DG)(DT)(DG)(DA)(DA)(DC)(DA)(DT)
(DA)(DT)(DT)(DC)(DC)(DC)(DG)(DT)(DT)(DT)(DC)(DC)(DA)(DA)(DC)(DG)(DA)(DA)(DG)(DG)
(DC)(DC)(DT)(DC)(DA)(DA)(DA)(DG)(DC)(DG)(DG)
;
i
17 'polydeoxyribonucleotide'
;(DC)(DC)(DG)(DC)(DT)(DT)(DT)(DG)(DA)(DG)(DG)(DC)(DC)(DT)(DT)(DC)(DG)(DT)(DT)(DG)
(DG)(DA)(DA)(DA)(DC)(DG)(DG)(DG)(DA)(DA)(DT)(DA)(DT)(DG)(DT)(DT)(DC)(DA)(DC)(DA)
(DT)(DA)(DA)(DA)(DA)(DA)(DC)(DT)(DA)(DG)(DA)(DC)(DA)(DG)(DA)(DA)(DG)(DC)(DA)(DT)
(DT)(DC)(DT)(DC)(DA)(DG)(DA)(DA)(DA)(DC)(DT)(DT)(DC)(DT)(DA)(DT)(DG)(DT)(DG)(DA)
(DT)(DG)(DT)(DT)(DT)(DG)(DC)(DA)(DT)(DT)(DC)(DA)(DA)(DC)(DT)(DC)(DA)(DT)(DA)(DG)
(DA)(DG)(DT)(DT)(DG)(DA)(DA)(DC)(DA)(DT)(DT)(DC)(DC)(DT)(DT)(DT)(DT)(DC)(DA)(DT)
(DA)(DG)(DA)(DG)(DC)(DA)(DG)(DT)(DT)(DT)(DT)(DG)(DA)(DA)(DA)(DC)(DA)(DC)(DT)(DC)
(DT)(DT)(DT)(DT)(DT)(DG)(DT)(DA)(DG)(DT)(DA)(DT)(DC)(DT)(DG)(DG)(DA)(DA)(DT)(DT)
(DG)(DG)(DA)(DC)(DA)(DT)(DT)(DT)(DG)(DG)(DA)
;
J
18 'polypeptide(L)'
;MGPRRRSRKPEAPRRRSPSPTPTPGPSRRGPSLGASSHQHSRRRQGWLKEIRKLQKSTHLLIRKLPFSRLAREICVKFTR
GVDFNWQAQALLALQEAAEAFLVHLFEDAYLLTLHAGRVTLFPKDVQLARRIRGLEEGLG
;
A,E
19 'polypeptide(L)'
;MSGRGKGGKGLGKGGAKRHRKVLRDNIQGITKPAIRRLARRGGVKRISGLIYEETRGVLKVFLENVIRDAVTYTEHAKRK
TVTAMDVVYALKRQGRTLYGFGG
;
B,F
20 'polypeptide(L)'
;MSGRGKQGGKARAKAKSRSSRAGLQFPVGRVHRLLRKGNYAERVGAGAPVYLAAVLEYLTAEILELAGNAARDNKKTRII
PRHLQLAIRNDEELNKLLGRVTIAQGGVLPNIQAVLLPKKTESHHKAKGK
;
C,G
21 'polypeptide(L)'
;MPEPAKSAPAPKKGSKKAVTKAQKKDGKKRKRSRKESYSVYVYKVLKQVHPDTGISSKAMGIMNSFVNDIFERIAGEASR
LAHYNKRSTITSREIQTAVRLLLPGELAKHAVSEGTKAVTKYTSSK
;
D,V
22 'polypeptide(L)'
;MAASGLDHLKNGYRRRFCRPSRARDINTEQGQNVLEILQDCFEEKSLANDFSTNSTKSVPNSTRKIKDTCIQSPSKECQK
SHPKSVPVSSKKKEASLQFVVEPSEATNRSVQAHEVHQKILATDVSSKNTPDSKKISSRNINDHHSEADEEFYLSVGSPS
VLLDAKTSVSQNVIPSSAQKRETYTFENSVNMLPSSTEVSVKTKKRLNFDDKVMLKKIEIDNKVSDEEDKTSEGQERKPS
GSSQNRIRDSEYEIQRQAKKSFSTLFLETVKRKSESSPIVRHAATAPPHSCPPDDTKLIEDEFIIDESDQSFASRSWITI
PRKAGSLKQRTISPAESTALLQGRKSREKHHNILPKTLANDKHSHKPHPVETSQPSDKTVLDTSYALIGETVNNYRSTKY
EMYSKNAEKPSRSKRTIKQKQRRKFMAKPAEEQLDVGQSKDENIHTSHITQDEFQRNSDRNMEEHEEMGNDCVSKKQMPP
VGSKKSSTRKDKEESKKKRFSSESKNKLVPEEVTSTVTKSRRISRRPSDWWVVKSEESPVYSNS
;
a,b
#
loop_
_chem_comp.id
_chem_comp.type
_chem_comp.name
_chem_comp.formula
DA DNA linking 2'-DEOXYADENOSINE-5'-MONOPHOSPHATE 'C10 H14 N5 O6 P'
DC DNA linking 2'-DEOXYCYTIDINE-5'-MONOPHOSPHATE 'C9 H14 N3 O7 P'
DG DNA linking 2'-DEOXYGUANOSINE-5'-MONOPHOSPHATE 'C10 H14 N5 O7 P'
DT DNA linking THYMIDINE-5'-MONOPHOSPHATE 'C10 H15 N2 O8 P'
#
# COMPACT_ATOMS: atom_id res chain seq x y z
N CYS A 35 40.32 60.72 38.19
CA CYS A 35 38.94 60.58 38.63
C CYS A 35 38.06 61.67 38.03
N SER A 36 38.61 62.89 37.96
CA SER A 36 37.87 63.99 37.36
C SER A 36 37.63 63.76 35.88
N GLU A 37 38.62 63.22 35.18
CA GLU A 37 38.47 62.98 33.74
C GLU A 37 37.43 61.91 33.46
N ASP A 38 37.12 61.07 34.45
CA ASP A 38 36.09 60.06 34.27
C ASP A 38 34.74 60.69 33.98
N ARG A 39 34.39 61.74 34.72
CA ARG A 39 33.12 62.42 34.47
C ARG A 39 33.10 63.07 33.10
N MET A 40 34.27 63.50 32.61
CA MET A 40 34.33 64.14 31.30
C MET A 40 33.90 63.18 30.19
N THR A 41 34.37 61.93 30.25
CA THR A 41 34.03 60.97 29.21
C THR A 41 32.54 60.63 29.22
N LEU A 42 31.99 60.36 30.41
CA LEU A 42 30.57 60.03 30.50
C LEU A 42 29.70 61.23 30.16
N LEU A 43 30.07 62.42 30.63
CA LEU A 43 29.22 63.58 30.41
C LEU A 43 29.25 64.01 28.95
N LEU A 44 30.39 63.86 28.28
CA LEU A 44 30.47 64.16 26.87
C LEU A 44 29.60 63.21 26.05
N ARG A 45 29.57 61.93 26.43
CA ARG A 45 28.75 60.97 25.72
C ARG A 45 27.27 61.32 25.82
N LEU A 46 26.83 61.77 27.00
CA LEU A 46 25.43 62.14 27.19
C LEU A 46 25.05 63.31 26.29
N ARG A 47 25.94 64.29 26.13
CA ARG A 47 25.60 65.45 25.32
C ARG A 47 25.50 65.07 23.85
N ALA A 48 26.33 64.13 23.39
CA ALA A 48 26.28 63.70 22.00
C ALA A 48 25.01 62.90 21.71
N GLN A 49 24.55 62.11 22.67
CA GLN A 49 23.34 61.32 22.46
C GLN A 49 22.09 62.19 22.45
N THR A 50 22.03 63.17 23.35
CA THR A 50 20.85 64.01 23.44
C THR A 50 20.67 64.86 22.19
N LYS A 51 21.78 65.26 21.56
CA LYS A 51 21.69 66.02 20.32
C LYS A 51 21.02 65.22 19.22
N GLN A 52 21.37 63.93 19.13
CA GLN A 52 20.77 63.08 18.10
C GLN A 52 19.31 62.79 18.41
N GLN A 53 18.98 62.58 19.68
CA GLN A 53 17.61 62.24 20.06
C GLN A 53 16.70 63.46 19.93
N LEU A 54 17.20 64.65 20.24
CA LEU A 54 16.38 65.85 20.13
C LEU A 54 16.05 66.17 18.68
N LEU A 55 16.95 65.84 17.76
CA LEU A 55 16.71 66.11 16.35
C LEU A 55 15.53 65.29 15.83
N GLU A 56 15.28 64.13 16.44
CA GLU A 56 14.21 63.26 15.95
C GLU A 56 12.84 63.80 16.31
N TYR A 57 12.66 64.28 17.55
CA TYR A 57 11.39 64.90 17.94
C TYR A 57 11.07 66.11 17.07
N LYS A 58 12.05 66.98 16.84
CA LYS A 58 11.79 68.19 16.07
C LYS A 58 11.41 67.87 14.63
N SER A 59 12.02 66.84 14.05
CA SER A 59 11.66 66.44 12.70
C SER A 59 10.28 65.81 12.64
N MET A 60 9.89 65.10 13.70
CA MET A 60 8.58 64.44 13.71
C MET A 60 7.45 65.44 13.91
N VAL A 61 7.64 66.43 14.78
CA VAL A 61 6.61 67.44 15.01
C VAL A 61 6.38 68.26 13.74
N ASP A 62 7.46 68.63 13.06
CA ASP A 62 7.33 69.42 11.83
C ASP A 62 6.51 68.69 10.79
N ALA A 63 6.65 67.37 10.70
CA ALA A 63 5.88 66.60 9.72
C ALA A 63 4.41 66.51 10.11
N SER A 64 4.12 66.50 11.41
CA SER A 64 2.73 66.37 11.85
C SER A 64 1.90 67.57 11.44
N GLU A 65 2.48 68.76 11.51
CA GLU A 65 1.78 69.99 11.16
C GLU A 65 1.35 70.01 9.71
N GLU A 75 2.84 55.98 -8.16
CA GLU A 75 3.86 55.36 -7.32
C GLU A 75 5.25 55.63 -7.89
N LYS A 76 5.38 55.56 -9.21
CA LYS A 76 6.66 55.84 -9.84
C LYS A 76 7.06 57.31 -9.66
N GLN A 77 6.08 58.22 -9.74
CA GLN A 77 6.40 59.64 -9.62
C GLN A 77 6.82 59.99 -8.20
N ILE A 78 6.26 59.30 -7.20
CA ILE A 78 6.62 59.57 -5.81
C ILE A 78 8.03 59.12 -5.51
N GLU A 79 8.47 58.04 -6.15
CA GLU A 79 9.74 57.41 -5.78
C GLU A 79 10.94 58.30 -6.09
N ALA A 80 10.86 59.11 -7.15
CA ALA A 80 11.98 59.96 -7.52
C ALA A 80 12.23 61.05 -6.48
N LYS A 81 11.15 61.64 -5.95
CA LYS A 81 11.30 62.73 -5.00
C LYS A 81 12.01 62.27 -3.74
N ILE A 82 11.74 61.04 -3.29
CA ILE A 82 12.42 60.49 -2.12
C ILE A 82 13.93 60.44 -2.35
N GLU A 83 14.34 59.94 -3.52
CA GLU A 83 15.76 59.82 -3.79
C GLU A 83 16.43 61.19 -3.89
N ASP A 84 15.74 62.16 -4.50
CA ASP A 84 16.28 63.52 -4.51
C ASP A 84 16.47 64.05 -3.09
N LEU A 85 15.47 63.85 -2.23
CA LEU A 85 15.56 64.37 -0.86
C LEU A 85 16.72 63.76 -0.11
N GLU A 86 16.91 62.44 -0.25
CA GLU A 86 17.97 61.80 0.52
C GLU A 86 19.34 62.17 -0.02
N ASN A 87 19.46 62.40 -1.34
CA ASN A 87 20.72 62.94 -1.86
C ASN A 87 21.02 64.31 -1.27
N GLU A 88 20.00 65.17 -1.18
CA GLU A 88 20.20 66.50 -0.58
C GLU A 88 20.67 66.38 0.87
N ILE A 89 20.05 65.47 1.63
CA ILE A 89 20.40 65.32 3.04
C ILE A 89 21.85 64.87 3.17
N GLU A 90 22.26 63.90 2.35
CA GLU A 90 23.65 63.47 2.40
C GLU A 90 24.61 64.61 2.09
N GLU A 91 24.27 65.42 1.08
CA GLU A 91 25.15 66.51 0.68
C GLU A 91 25.32 67.53 1.80
N VAL A 92 24.24 67.88 2.51
CA VAL A 92 24.41 68.86 3.59
C VAL A 92 25.16 68.24 4.79
N LYS A 93 24.89 66.97 5.09
CA LYS A 93 25.54 66.34 6.23
C LYS A 93 27.05 66.27 6.05
N VAL A 94 27.50 65.96 4.83
CA VAL A 94 28.94 65.85 4.59
C VAL A 94 29.65 67.17 4.87
N ALA A 95 29.08 68.27 4.38
CA ALA A 95 29.69 69.58 4.59
C ALA A 95 29.73 69.94 6.06
N PHE A 96 28.65 69.65 6.79
CA PHE A 96 28.67 69.96 8.23
C PHE A 96 29.78 69.18 8.93
N GLU A 97 29.92 67.90 8.61
CA GLU A 97 30.95 67.09 9.26
C GLU A 97 32.34 67.62 8.95
N ILE A 98 32.57 68.02 7.70
CA ILE A 98 33.89 68.53 7.30
C ILE A 98 34.22 69.78 8.10
N LYS A 99 33.26 70.71 8.20
CA LYS A 99 33.52 71.94 8.96
C LYS A 99 33.85 71.64 10.41
N LYS A 100 33.07 70.76 11.05
CA LYS A 100 33.31 70.46 12.45
C LYS A 100 34.68 69.85 12.66
N LEU A 101 35.07 68.88 11.81
CA LEU A 101 36.36 68.23 11.95
C LEU A 101 37.50 69.21 11.76
N ALA A 102 37.40 70.08 10.75
CA ALA A 102 38.46 71.06 10.51
C ALA A 102 38.63 71.99 11.70
N LEU A 103 37.51 72.47 12.26
CA LEU A 103 37.60 73.34 13.43
C LEU A 103 38.28 72.64 14.59
N ASP A 104 37.91 71.38 14.85
CA ASP A 104 38.52 70.66 15.96
C ASP A 104 40.01 70.48 15.75
N ARG A 105 40.43 70.14 14.53
CA ARG A 105 41.85 69.95 14.27
C ARG A 105 42.62 71.26 14.43
N MET A 106 42.06 72.37 13.97
CA MET A 106 42.75 73.65 14.15
C MET A 106 42.91 73.99 15.63
N ARG A 107 41.85 73.77 16.42
CA ARG A 107 41.96 74.03 17.85
C ARG A 107 43.05 73.18 18.49
N LEU A 108 43.08 71.89 18.15
CA LEU A 108 44.10 71.02 18.72
C LEU A 108 45.49 71.46 18.31
N SER A 109 45.66 71.85 17.05
CA SER A 109 46.97 72.26 16.58
C SER A 109 47.47 73.50 17.31
N THR A 110 46.61 74.51 17.48
CA THR A 110 47.07 75.72 18.15
C THR A 110 47.37 75.46 19.63
N ALA A 111 46.52 74.67 20.30
CA ALA A 111 46.78 74.38 21.70
C ALA A 111 48.06 73.57 21.87
N LEU A 112 48.29 72.61 20.98
CA LEU A 112 49.48 71.80 21.02
C LEU A 112 50.73 72.65 20.77
N LYS A 113 50.65 73.60 19.84
CA LYS A 113 51.75 74.50 19.59
C LYS A 113 52.07 75.34 20.82
N LYS A 114 51.04 75.82 21.51
CA LYS A 114 51.29 76.75 22.62
C LYS A 114 52.06 76.08 23.75
N ASN A 115 51.96 74.75 23.87
CA ASN A 115 52.61 74.00 24.93
C ASN A 115 53.65 73.01 24.39
N LEU A 116 54.38 73.40 23.34
CA LEU A 116 55.35 72.48 22.75
C LEU A 116 56.60 72.31 23.60
N GLU A 117 57.06 73.41 24.22
CA GLU A 117 58.29 73.44 25.06
C GLU A 117 58.14 72.46 26.24
N LYS A 118 56.97 72.39 26.86
CA LYS A 118 56.73 71.48 28.02
C LYS A 118 56.92 70.04 27.58
N ILE A 119 56.46 69.69 26.36
CA ILE A 119 56.58 68.33 25.77
C ILE A 119 57.98 67.72 25.59
N SER A 120 58.95 68.52 25.13
CA SER A 120 60.38 68.08 25.00
C SER A 120 61.26 67.95 26.34
N ARG A 121 60.61 68.44 27.41
CA ARG A 121 61.07 68.29 28.82
C ARG A 121 60.89 66.78 28.95
N GLN A 122 59.76 66.26 28.43
CA GLN A 122 59.37 64.82 28.35
C GLN A 122 59.14 64.18 29.72
N SER A 123 59.72 62.99 29.92
CA SER A 123 59.55 62.16 31.15
C SER A 123 58.05 61.86 31.35
N SER A 124 57.35 61.54 30.26
CA SER A 124 55.89 61.25 30.29
C SER A 124 55.56 60.06 29.38
N VAL A 125 54.42 59.41 29.63
CA VAL A 125 53.95 58.25 28.82
C VAL A 125 53.70 58.70 27.39
N LEU A 126 53.13 59.90 27.21
CA LEU A 126 52.82 60.43 25.86
C LEU A 126 54.10 60.54 25.04
N MET A 127 55.19 61.00 25.66
CA MET A 127 56.49 61.13 24.93
C MET A 127 56.94 59.74 24.47
N ASP A 128 56.78 58.72 25.33
CA ASP A 128 57.15 57.34 24.97
C ASP A 128 56.36 56.92 23.72
N ASN A 129 55.04 57.06 23.79
CA ASN A 129 54.12 56.67 22.68
C ASN A 129 54.63 57.25 21.36
N MET A 130 55.09 58.51 21.37
CA MET A 130 55.57 59.15 20.13
C MET A 130 56.78 58.41 19.58
N LYS A 131 57.70 57.96 20.43
CA LYS A 131 58.90 57.24 19.92
C LYS A 131 58.45 55.97 19.18
N HIS A 132 57.47 55.23 19.73
CA HIS A 132 56.95 53.99 19.09
C HIS A 132 56.31 54.32 17.74
N LEU A 133 55.58 55.44 17.69
CA LEU A 133 54.84 55.83 16.46
C LEU A 133 55.83 56.04 15.31
N LEU A 134 56.99 56.65 15.59
CA LEU A 134 58.01 56.90 14.53
C LEU A 134 58.49 55.57 13.96
N GLU A 135 58.68 54.57 14.83
CA GLU A 135 59.17 53.24 14.39
C GLU A 135 58.16 52.58 13.45
N LEU A 136 56.86 52.67 13.75
CA LEU A 136 55.81 52.02 12.91
C LEU A 136 55.76 52.62 11.50
N ASN A 137 55.45 53.91 11.38
CA ASN A 137 55.26 54.62 10.13
C ASN A 137 56.34 54.27 9.12
N LYS A 138 57.60 54.21 9.57
CA LYS A 138 58.69 53.91 8.66
C LYS A 138 58.52 52.52 8.05
N LEU A 139 58.23 51.52 8.90
CA LEU A 139 58.07 50.16 8.38
C LEU A 139 56.90 50.09 7.39
N ILE A 140 55.78 50.74 7.72
CA ILE A 140 54.60 50.68 6.86
C ILE A 140 54.90 51.29 5.49
N MET A 141 55.58 52.44 5.47
CA MET A 141 55.87 53.08 4.19
C MET A 141 56.80 52.21 3.33
N LYS A 142 57.81 51.59 3.96
CA LYS A 142 58.69 50.71 3.19
C LYS A 142 57.90 49.55 2.57
N SER A 143 57.01 48.93 3.36
CA SER A 143 56.21 47.84 2.82
C SER A 143 55.33 48.31 1.68
N GLN A 144 54.78 49.52 1.78
CA GLN A 144 53.95 50.07 0.72
C GLN A 144 54.73 50.18 -0.59
N GLN A 145 55.97 50.69 -0.52
CA GLN A 145 56.77 50.80 -1.74
C GLN A 145 57.03 49.44 -2.37
N GLU A 146 57.38 48.45 -1.54
CA GLU A 146 57.62 47.11 -2.08
C GLU A 146 56.38 46.56 -2.78
N SER A 147 55.21 46.77 -2.18
CA SER A 147 53.97 46.31 -2.80
C SER A 147 53.71 47.01 -4.13
N TRP A 148 54.03 48.30 -4.21
CA TRP A 148 53.90 49.02 -5.48
C TRP A 148 54.65 48.30 -6.58
N ASP A 149 55.93 47.99 -6.32
CA ASP A 149 56.75 47.34 -7.34
C ASP A 149 56.17 45.96 -7.72
N LEU A 150 55.77 45.18 -6.71
CA LEU A 150 55.27 43.83 -6.99
C LEU A 150 54.04 43.86 -7.87
N GLU A 151 53.09 44.76 -7.56
CA GLU A 151 51.87 44.85 -8.36
C GLU A 151 52.18 45.29 -9.79
N GLU A 152 53.13 46.23 -9.93
CA GLU A 152 53.50 46.67 -11.27
C GLU A 152 54.01 45.52 -12.12
N LYS A 153 54.72 44.57 -11.51
CA LYS A 153 55.18 43.39 -12.27
C LYS A 153 54.02 42.46 -12.62
N LEU A 154 53.16 42.17 -11.63
CA LEU A 154 52.09 41.21 -11.83
C LEU A 154 51.16 41.62 -12.96
N LEU A 155 50.86 42.92 -13.05
CA LEU A 155 49.90 43.35 -14.07
C LEU A 155 50.39 43.00 -15.47
N ASP A 156 51.67 43.25 -15.75
CA ASP A 156 52.22 42.96 -17.06
C ASP A 156 52.20 41.46 -17.35
N ILE A 157 52.58 40.65 -16.35
CA ILE A 157 52.55 39.21 -16.57
C ILE A 157 51.15 38.74 -16.94
N ARG A 158 50.15 39.19 -16.20
CA ARG A 158 48.78 38.76 -16.46
C ARG A 158 48.30 39.19 -17.83
N LYS A 159 48.65 40.42 -18.23
CA LYS A 159 48.24 40.90 -19.55
C LYS A 159 48.80 40.02 -20.66
N LYS A 160 50.10 39.70 -20.59
CA LYS A 160 50.68 38.85 -21.61
C LYS A 160 50.04 37.47 -21.65
N ARG A 161 49.76 36.90 -20.46
CA ARG A 161 49.12 35.58 -20.43
C ARG A 161 47.75 35.61 -21.12
N LEU A 162 46.96 36.66 -20.88
CA LEU A 162 45.63 36.67 -21.47
C LEU A 162 45.71 36.84 -22.98
N GLN A 163 46.67 37.62 -23.47
CA GLN A 163 46.86 37.72 -24.92
C GLN A 163 47.17 36.36 -25.53
N LEU A 164 48.07 35.61 -24.87
CA LEU A 164 48.40 34.27 -25.36
C LEU A 164 47.17 33.37 -25.39
N LYS A 165 46.35 33.42 -24.35
CA LYS A 165 45.13 32.61 -24.31
C LYS A 165 44.21 32.94 -25.48
N GLN A 166 43.99 34.24 -25.73
CA GLN A 166 43.11 34.64 -26.82
C GLN A 166 43.61 34.14 -28.17
N ALA A 167 44.92 34.24 -28.41
CA ALA A 167 45.43 33.78 -29.70
C ALA A 167 45.32 32.27 -29.84
N SER A 168 45.69 31.53 -28.78
CA SER A 168 45.72 30.08 -28.85
C SER A 168 44.33 29.51 -29.10
N GLU A 169 43.31 30.12 -28.49
CA GLU A 169 41.96 29.61 -28.67
C GLU A 169 41.56 29.59 -30.15
N SER A 170 41.74 30.71 -30.84
CA SER A 170 41.35 30.78 -32.25
C SER A 170 42.19 29.85 -33.11
N LYS A 171 43.50 29.79 -32.84
CA LYS A 171 44.35 28.91 -33.64
C LYS A 171 43.91 27.46 -33.52
N LEU A 172 43.67 27.00 -32.28
CA LEU A 172 43.26 25.61 -32.08
C LEU A 172 41.90 25.34 -32.69
N LEU A 173 40.98 26.32 -32.60
CA LEU A 173 39.67 26.13 -33.19
C LEU A 173 39.76 25.93 -34.70
N GLU A 174 40.57 26.73 -35.38
CA GLU A 174 40.68 26.57 -36.82
C GLU A 174 41.34 25.25 -37.19
N ILE A 175 42.34 24.82 -36.40
CA ILE A 175 42.95 23.52 -36.67
C ILE A 175 41.93 22.40 -36.51
N GLN A 176 41.13 22.44 -35.42
CA GLN A 176 40.13 21.41 -35.19
C GLN A 176 39.09 21.36 -36.30
N THR A 177 38.60 22.52 -36.73
CA THR A 177 37.56 22.51 -37.76
C THR A 177 38.12 22.01 -39.09
N GLU A 178 39.36 22.37 -39.41
CA GLU A 178 39.97 21.85 -40.62
C GLU A 178 40.11 20.32 -40.57
N LYS A 179 40.61 19.80 -39.44
CA LYS A 179 40.78 18.36 -39.32
C LYS A 179 39.44 17.63 -39.38
N ASN A 180 38.42 18.18 -38.74
CA ASN A 180 37.10 17.56 -38.78
C ASN A 180 36.52 17.57 -40.19
N LYS A 181 36.75 18.65 -40.93
CA LYS A 181 36.30 18.70 -42.32
C LYS A 181 37.00 17.65 -43.16
N GLN A 182 38.31 17.43 -42.91
CA GLN A 182 39.04 16.44 -43.68
C GLN A 182 38.53 15.03 -43.43
N LYS A 183 38.03 14.77 -42.22
CA LYS A 183 37.62 13.41 -41.87
C LYS A 183 36.29 13.03 -42.52
N ILE A 184 35.32 13.94 -42.50
CA ILE A 184 33.94 13.56 -42.79
C ILE A 184 33.75 13.20 -44.26
N ASP A 185 34.41 13.93 -45.17
CA ASP A 185 34.19 13.70 -46.59
C ASP A 185 34.77 12.37 -47.04
N LEU A 186 35.89 11.94 -46.43
CA LEU A 186 36.48 10.66 -46.77
C LEU A 186 35.54 9.51 -46.41
N ASP A 187 34.86 9.62 -45.28
CA ASP A 187 33.94 8.56 -44.85
C ASP A 187 32.76 8.41 -45.81
N SER A 188 32.30 9.52 -46.39
CA SER A 188 31.08 9.52 -47.18
C SER A 188 31.30 9.12 -48.64
N MET A 189 32.43 8.51 -48.98
CA MET A 189 32.64 8.07 -50.36
C MET A 189 31.62 7.00 -50.74
N GLU A 190 31.52 5.94 -49.93
CA GLU A 190 30.48 4.91 -50.02
C GLU A 190 30.21 4.46 -51.46
N ASN A 191 31.27 4.37 -52.26
CA ASN A 191 31.14 3.84 -53.61
C ASN A 191 30.66 2.40 -53.53
N SER A 192 29.66 2.06 -54.34
CA SER A 192 29.03 0.75 -54.26
C SER A 192 29.55 -0.25 -55.28
N GLU A 193 30.18 0.22 -56.36
CA GLU A 193 30.59 -0.69 -57.42
C GLU A 193 31.77 -1.57 -56.99
N ARG A 194 32.67 -1.01 -56.18
CA ARG A 194 33.89 -1.75 -55.84
C ARG A 194 34.15 -1.82 -54.34
N ILE A 195 33.80 -0.76 -53.60
CA ILE A 195 34.31 -0.61 -52.23
C ILE A 195 33.76 -1.71 -51.33
N LYS A 196 32.45 -1.88 -51.25
CA LYS A 196 31.89 -2.94 -50.42
C LYS A 196 32.29 -4.31 -50.94
N ILE A 197 32.54 -4.42 -52.24
CA ILE A 197 33.00 -5.69 -52.79
C ILE A 197 34.39 -6.03 -52.26
N ILE A 198 35.29 -5.06 -52.24
CA ILE A 198 36.68 -5.36 -51.84
C ILE A 198 36.81 -5.45 -50.32
N ARG A 199 36.01 -4.67 -49.57
CA ARG A 199 36.16 -4.66 -48.12
C ARG A 199 35.85 -6.02 -47.50
N GLN A 200 34.82 -6.70 -48.00
CA GLN A 200 34.48 -8.01 -47.45
C GLN A 200 35.61 -9.01 -47.67
N ASN A 201 36.41 -8.83 -48.71
CA ASN A 201 37.60 -9.67 -48.89
C ASN A 201 38.61 -9.42 -47.78
N LEU A 202 38.74 -8.16 -47.33
CA LEU A 202 39.63 -7.86 -46.21
C LEU A 202 39.18 -8.60 -44.95
N GLN A 203 37.87 -8.65 -44.70
CA GLN A 203 37.35 -9.29 -43.50
C GLN A 203 37.65 -10.78 -43.43
N MET A 204 37.89 -11.43 -44.56
CA MET A 204 38.12 -12.86 -44.59
C MET A 204 39.60 -13.24 -44.65
N GLU A 205 40.39 -12.51 -45.43
CA GLU A 205 41.81 -12.81 -45.52
C GLU A 205 42.54 -12.52 -44.21
N ILE A 206 42.07 -11.51 -43.47
CA ILE A 206 42.68 -11.20 -42.18
C ILE A 206 42.43 -12.31 -41.18
N LYS A 207 41.19 -12.82 -41.13
CA LYS A 207 40.86 -13.84 -40.15
C LYS A 207 41.64 -15.13 -40.40
N ILE A 208 41.76 -15.53 -41.66
CA ILE A 208 42.50 -16.76 -41.97
C ILE A 208 43.96 -16.62 -41.59
N THR A 209 44.57 -15.48 -41.89
CA THR A 209 45.99 -15.29 -41.59
C THR A 209 46.24 -15.29 -40.09
N THR A 210 45.29 -14.76 -39.31
CA THR A 210 45.46 -14.76 -37.86
C THR A 210 45.52 -16.17 -37.30
N VAL A 211 44.64 -17.06 -37.79
CA VAL A 211 44.61 -18.43 -37.29
C VAL A 211 45.91 -19.16 -37.61
N ILE A 212 46.40 -19.00 -38.83
CA ILE A 212 47.64 -19.68 -39.21
C ILE A 212 48.81 -19.19 -38.37
N GLN A 213 48.80 -17.91 -38.00
CA GLN A 213 49.89 -17.36 -37.20
C GLN A 213 49.99 -18.04 -35.85
N HIS A 214 48.86 -18.24 -35.16
CA HIS A 214 48.90 -18.77 -33.81
C HIS A 214 49.07 -20.29 -33.81
N VAL A 215 48.53 -20.98 -34.82
CA VAL A 215 48.77 -22.42 -34.93
C VAL A 215 50.23 -22.71 -35.15
N PHE A 216 50.89 -21.94 -36.02
CA PHE A 216 52.30 -22.16 -36.30
C PHE A 216 53.15 -21.87 -35.07
N GLN A 217 52.71 -20.92 -34.23
CA GLN A 217 53.47 -20.58 -33.04
C GLN A 217 53.48 -21.72 -32.04
N ASN A 218 52.33 -22.37 -31.85
CA ASN A 218 52.24 -23.42 -30.83
C ASN A 218 52.92 -24.71 -31.28
N LEU A 219 52.91 -24.99 -32.59
CA LEU A 219 53.61 -26.17 -33.09
C LEU A 219 55.11 -26.07 -32.84
N ILE A 220 55.68 -24.88 -33.02
CA ILE A 220 57.11 -24.69 -32.77
C ILE A 220 57.41 -24.92 -31.29
N LEU A 221 56.55 -24.42 -30.41
CA LEU A 221 56.75 -24.61 -28.98
C LEU A 221 56.69 -26.09 -28.60
N GLY A 222 55.71 -26.82 -29.14
CA GLY A 222 55.54 -28.21 -28.75
C GLY A 222 56.55 -29.16 -29.35
N SER A 223 57.20 -28.78 -30.44
CA SER A 223 58.19 -29.66 -31.06
C SER A 223 59.48 -29.71 -30.25
N LYS A 224 59.67 -28.74 -29.35
CA LYS A 224 60.85 -28.70 -28.48
C LYS A 224 62.14 -28.62 -29.29
N VAL A 225 62.20 -27.68 -30.22
CA VAL A 225 63.38 -27.47 -31.05
C VAL A 225 63.93 -26.09 -30.76
N ASN A 226 65.23 -25.92 -31.02
CA ASN A 226 65.89 -24.64 -30.82
C ASN A 226 65.75 -23.82 -32.11
N TRP A 227 64.78 -22.91 -32.12
CA TRP A 227 64.51 -22.14 -33.33
C TRP A 227 65.56 -21.06 -33.53
N ALA A 228 66.15 -20.55 -32.45
CA ALA A 228 67.11 -19.46 -32.57
C ALA A 228 68.36 -19.90 -33.32
N GLU A 229 68.68 -21.19 -33.28
CA GLU A 229 69.89 -21.68 -33.94
C GLU A 229 69.79 -21.51 -35.46
N ASP A 230 68.63 -21.79 -36.03
CA ASP A 230 68.45 -21.66 -37.48
C ASP A 230 68.02 -20.24 -37.81
N PRO A 231 68.82 -19.48 -38.56
CA PRO A 231 68.41 -18.09 -38.88
C PRO A 231 67.16 -18.02 -39.74
N ALA A 232 66.97 -18.98 -40.65
CA ALA A 232 65.79 -18.95 -41.52
C ALA A 232 64.51 -19.09 -40.71
N LEU A 233 64.49 -20.01 -39.76
CA LEU A 233 63.31 -20.17 -38.91
C LEU A 233 63.22 -19.05 -37.89
N LYS A 234 64.34 -18.45 -37.52
CA LYS A 234 64.36 -17.44 -36.47
C LYS A 234 63.54 -16.21 -36.87
N GLU A 235 63.69 -15.74 -38.10
CA GLU A 235 63.01 -14.51 -38.50
C GLU A 235 61.52 -14.75 -38.69
N ILE A 236 61.11 -15.99 -38.97
CA ILE A 236 59.68 -16.30 -39.02
C ILE A 236 59.05 -16.13 -37.65
N VAL A 237 59.75 -16.57 -36.60
CA VAL A 237 59.18 -16.53 -35.25
C VAL A 237 58.89 -15.10 -34.83
N LEU A 238 59.80 -14.18 -35.15
CA LEU A 238 59.62 -12.79 -34.73
C LEU A 238 58.42 -12.15 -35.42
N GLN A 239 58.09 -12.61 -36.62
CA GLN A 239 57.02 -11.97 -37.39
C GLN A 239 55.64 -12.47 -36.97
N LEU A 240 55.56 -13.59 -36.25
CA LEU A 240 54.27 -14.20 -35.96
C LEU A 240 53.41 -13.31 -35.07
N GLU A 241 54.01 -12.66 -34.08
CA GLU A 241 53.23 -11.85 -33.14
C GLU A 241 52.72 -10.57 -33.79
N LYS A 242 53.42 -10.06 -34.80
CA LYS A 242 53.04 -8.77 -35.38
C LYS A 242 51.70 -8.87 -36.08
N ASN A 243 50.87 -7.84 -35.89
CA ASN A 243 49.52 -7.81 -36.44
C ASN A 243 49.56 -7.64 -37.95
N VAL A 244 48.55 -8.21 -38.63
CA VAL A 244 48.47 -8.07 -40.08
C VAL A 244 47.76 -6.78 -40.47
N ASP A 245 46.99 -6.20 -39.53
CA ASP A 245 46.28 -4.96 -39.83
C ASP A 245 47.26 -3.83 -40.11
N MET A 246 48.36 -3.77 -39.35
CA MET A 246 49.34 -2.71 -39.55
C MET A 246 50.01 -2.84 -40.92
N MET A 247 49.97 -4.03 -41.52
CA MET A 247 50.60 -4.27 -42.81
C MET A 247 49.87 -3.51 -43.91
N ALA B 61 96.21 -9.04 -16.59
CA ALA B 61 96.15 -9.39 -15.17
C ALA B 61 94.80 -10.02 -14.82
N GLU B 62 93.96 -9.25 -14.14
CA GLU B 62 92.63 -9.76 -13.79
C GLU B 62 91.79 -10.03 -15.03
N GLU B 63 91.90 -9.17 -16.04
CA GLU B 63 91.16 -9.39 -17.28
C GLU B 63 91.60 -10.68 -17.97
N ASP B 64 92.91 -10.93 -17.99
CA ASP B 64 93.41 -12.16 -18.61
C ASP B 64 92.91 -13.39 -17.86
N ALA B 65 92.88 -13.33 -16.53
CA ALA B 65 92.33 -14.44 -15.76
C ALA B 65 90.85 -14.63 -16.05
N LEU B 66 90.11 -13.52 -16.18
CA LEU B 66 88.69 -13.61 -16.53
C LEU B 66 88.50 -14.21 -17.91
N GLN B 67 89.34 -13.81 -18.87
CA GLN B 67 89.22 -14.33 -20.23
C GLN B 67 89.47 -15.82 -20.28
N MET B 68 90.47 -16.31 -19.55
CA MET B 68 90.77 -17.73 -19.55
C MET B 68 89.65 -18.54 -18.93
N ALA B 69 89.03 -18.01 -17.86
CA ALA B 69 87.89 -18.69 -17.26
C ALA B 69 86.71 -18.78 -18.22
N VAL B 70 86.46 -17.70 -18.97
CA VAL B 70 85.35 -17.69 -19.92
C VAL B 70 85.57 -18.74 -21.00
N GLY B 71 86.77 -18.79 -21.58
CA GLY B 71 87.07 -19.81 -22.57
C GLY B 71 87.06 -21.21 -21.99
N TYR B 72 87.40 -21.33 -20.70
CA TYR B 72 87.39 -22.64 -20.05
C TYR B 72 85.99 -23.22 -19.99
N PHE B 73 84.99 -22.39 -19.70
CA PHE B 73 83.61 -22.86 -19.69
C PHE B 73 83.16 -23.32 -21.07
N GLU B 74 83.55 -22.58 -22.12
CA GLU B 74 83.11 -22.92 -23.47
C GLU B 74 83.70 -24.25 -23.93
N LYS B 75 84.87 -24.62 -23.38
CA LYS B 75 85.49 -25.88 -23.77
C LYS B 75 84.62 -27.08 -23.38
N GLY B 76 84.05 -27.05 -22.18
CA GLY B 76 83.22 -28.13 -21.71
C GLY B 76 83.89 -28.93 -20.61
N PRO B 77 83.09 -29.65 -19.82
CA PRO B 77 83.65 -30.41 -18.70
C PRO B 77 84.33 -31.68 -19.17
N ILE B 78 85.26 -32.16 -18.34
CA ILE B 78 85.96 -33.43 -18.56
C ILE B 78 85.63 -34.35 -17.40
N LYS B 79 85.20 -35.57 -17.71
CA LYS B 79 84.71 -36.48 -16.69
C LYS B 79 85.83 -36.95 -15.77
N ALA B 80 86.97 -37.33 -16.34
CA ALA B 80 88.02 -38.00 -15.58
C ALA B 80 88.96 -37.03 -14.88
N SER B 81 88.78 -35.72 -15.06
CA SER B 81 89.67 -34.73 -14.45
C SER B 81 89.04 -34.16 -13.18
N GLN B 82 89.49 -34.71 -12.04
CA GLN B 82 89.05 -34.17 -10.75
C GLN B 82 89.78 -32.87 -10.43
N ASN B 83 91.01 -32.72 -10.91
CA ASN B 83 91.78 -31.52 -10.61
C ASN B 83 91.15 -30.29 -11.26
N LYS B 84 90.59 -30.44 -12.46
CA LYS B 84 89.99 -29.30 -13.13
C LYS B 84 88.78 -28.77 -12.37
N ASP B 85 88.18 -29.60 -11.52
CA ASP B 85 87.11 -29.12 -10.65
C ASP B 85 87.63 -28.05 -9.69
N LYS B 86 88.82 -28.28 -9.11
CA LYS B 86 89.46 -27.23 -8.33
C LYS B 86 89.85 -26.06 -9.22
N THR B 87 90.31 -26.35 -10.44
CA THR B 87 90.55 -25.29 -11.42
C THR B 87 89.25 -24.58 -11.78
N LEU B 88 88.16 -25.33 -11.88
CA LEU B 88 86.85 -24.72 -12.06
C LEU B 88 86.49 -23.81 -10.90
N GLU B 89 86.76 -24.26 -9.67
CA GLU B 89 86.40 -23.47 -8.50
C GLU B 89 87.13 -22.12 -8.49
N LYS B 90 88.44 -22.13 -8.75
CA LYS B 90 89.19 -20.88 -8.77
C LYS B 90 88.77 -20.02 -9.96
N HIS B 91 88.48 -20.64 -11.11
CA HIS B 91 87.97 -19.89 -12.25
C HIS B 91 86.60 -19.29 -11.94
N LEU B 92 85.73 -20.07 -11.30
CA LEU B 92 84.40 -19.56 -10.97
C LEU B 92 84.45 -18.55 -9.84
N LYS B 93 85.39 -18.72 -8.91
CA LYS B 93 85.57 -17.72 -7.87
C LYS B 93 86.03 -16.40 -8.45
N THR B 94 86.94 -16.45 -9.44
CA THR B 94 87.43 -15.22 -10.06
C THR B 94 86.30 -14.44 -10.71
N VAL B 95 85.39 -15.14 -11.38
CA VAL B 95 84.24 -14.48 -11.98
C VAL B 95 83.38 -13.81 -10.92
N GLU B 96 83.18 -14.49 -9.79
CA GLU B 96 82.41 -13.92 -8.69
C GLU B 96 83.08 -12.65 -8.16
N ASN B 97 84.40 -12.69 -7.98
CA ASN B 97 85.11 -11.50 -7.51
C ASN B 97 84.99 -10.36 -8.51
N VAL B 98 85.12 -10.66 -9.80
CA VAL B 98 84.95 -9.63 -10.82
C VAL B 98 83.53 -9.10 -10.82
N ALA B 99 82.55 -10.01 -10.69
CA ALA B 99 81.15 -9.59 -10.71
C ALA B 99 80.81 -8.67 -9.55
N TRP B 100 81.20 -9.06 -8.33
CA TRP B 100 80.91 -8.23 -7.17
C TRP B 100 81.65 -6.91 -7.24
N LYS B 101 82.92 -6.94 -7.65
CA LYS B 101 83.71 -5.71 -7.67
C LYS B 101 83.20 -4.74 -8.73
N ASN B 102 83.02 -5.21 -9.96
CA ASN B 102 82.62 -4.33 -11.05
C ASN B 102 81.52 -4.89 -11.95
N GLY B 103 81.24 -6.18 -11.90
CA GLY B 103 80.30 -6.77 -12.83
C GLY B 103 80.96 -7.30 -14.09
N LEU B 104 80.12 -7.65 -15.05
CA LEU B 104 80.56 -8.24 -16.31
C LEU B 104 80.10 -7.38 -17.48
N ALA B 105 80.95 -7.30 -18.50
CA ALA B 105 80.61 -6.53 -19.69
C ALA B 105 79.57 -7.25 -20.53
N SER B 106 78.97 -6.50 -21.46
CA SER B 106 77.85 -7.02 -22.24
C SER B 106 78.25 -8.21 -23.10
N GLU B 107 79.49 -8.23 -23.60
CA GLU B 107 79.89 -9.26 -24.55
C GLU B 107 79.86 -10.65 -23.93
N GLU B 108 80.33 -10.78 -22.68
CA GLU B 108 80.36 -12.10 -22.06
C GLU B 108 79.02 -12.45 -21.42
N ILE B 109 78.11 -11.49 -21.34
CA ILE B 109 76.78 -11.78 -20.81
C ILE B 109 76.09 -12.82 -21.68
N ASP B 110 76.15 -12.65 -22.99
CA ASP B 110 75.52 -13.59 -23.91
C ASP B 110 76.21 -14.95 -23.87
N ILE B 111 77.46 -14.98 -23.40
CA ILE B 111 78.24 -16.21 -23.44
C ILE B 111 77.77 -17.19 -22.38
N LEU B 112 77.73 -16.75 -21.11
CA LEU B 112 77.49 -17.70 -20.03
C LEU B 112 76.04 -18.12 -19.93
N LEU B 113 75.11 -17.21 -20.27
CA LEU B 113 73.69 -17.55 -20.20
C LEU B 113 73.35 -18.70 -21.14
N ASN B 114 73.91 -18.68 -22.35
CA ASN B 114 73.75 -19.82 -23.24
C ASN B 114 74.35 -21.07 -22.63
N ILE B 115 75.49 -20.95 -21.96
CA ILE B 115 76.10 -22.08 -21.28
C ILE B 115 75.29 -22.49 -20.06
N ALA B 116 74.84 -21.50 -19.26
CA ALA B 116 74.14 -21.82 -18.02
C ALA B 116 72.85 -22.59 -18.29
N LEU B 117 72.08 -22.15 -19.29
CA LEU B 117 70.84 -22.85 -19.61
C LEU B 117 71.10 -24.10 -20.42
N SER B 118 72.33 -24.25 -20.94
CA SER B 118 72.64 -25.40 -21.78
C SER B 118 72.56 -26.71 -21.01
N GLY B 119 73.07 -26.72 -19.77
CA GLY B 119 72.90 -27.85 -18.89
C GLY B 119 73.91 -28.97 -18.97
N LYS B 120 75.03 -28.79 -19.68
CA LYS B 120 76.08 -29.79 -19.63
C LYS B 120 76.86 -29.71 -18.32
N PHE B 121 76.81 -28.59 -17.63
CA PHE B 121 77.58 -28.41 -16.40
C PHE B 121 76.84 -28.85 -15.15
N GLY B 122 75.58 -29.29 -15.26
CA GLY B 122 74.87 -29.81 -14.13
C GLY B 122 74.12 -28.74 -13.35
N ASN B 123 73.10 -29.18 -12.61
CA ASN B 123 72.27 -28.25 -11.86
C ASN B 123 73.04 -27.61 -10.72
N ALA B 124 73.91 -28.38 -10.06
CA ALA B 124 74.67 -27.85 -8.94
C ALA B 124 75.56 -26.70 -9.38
N VAL B 125 76.21 -26.83 -10.53
CA VAL B 125 77.05 -25.75 -11.03
C VAL B 125 76.19 -24.61 -11.54
N ASN B 126 75.31 -24.88 -12.51
CA ASN B 126 74.62 -23.82 -13.23
C ASN B 126 73.81 -22.92 -12.30
N THR B 127 73.43 -23.44 -11.13
CA THR B 127 72.64 -22.66 -10.20
C THR B 127 73.39 -21.41 -9.73
N ARG B 128 74.69 -21.55 -9.46
CA ARG B 128 75.40 -20.49 -8.73
C ARG B 128 75.99 -19.45 -9.67
N ILE B 129 76.03 -19.74 -10.98
CA ILE B 129 76.37 -18.67 -11.94
C ILE B 129 75.27 -17.62 -11.98
N LEU B 130 74.01 -18.06 -12.00
CA LEU B 130 72.90 -17.13 -12.10
C LEU B 130 72.87 -16.17 -10.91
N LYS B 131 73.19 -16.68 -9.72
CA LYS B 131 73.20 -15.83 -8.54
C LYS B 131 74.25 -14.73 -8.64
N CYS B 132 75.42 -15.07 -9.19
CA CYS B 132 76.52 -14.11 -9.26
C CYS B 132 76.45 -13.25 -10.52
N MET B 133 75.49 -13.51 -11.40
CA MET B 133 75.38 -12.74 -12.63
C MET B 133 75.03 -11.28 -12.35
N ILE B 134 75.93 -10.38 -12.76
CA ILE B 134 75.74 -8.95 -12.48
C ILE B 134 75.94 -8.16 -13.75
N PRO B 135 74.95 -7.35 -14.10
CA PRO B 135 75.05 -6.52 -15.32
C PRO B 135 75.84 -5.25 -15.12
N ALA B 136 77.17 -5.32 -15.29
CA ALA B 136 77.98 -4.10 -15.25
C ALA B 136 77.55 -3.12 -16.34
N THR B 137 77.27 -3.63 -17.53
CA THR B 137 76.79 -2.83 -18.64
C THR B 137 75.37 -3.25 -18.98
N VAL B 138 74.76 -2.52 -19.91
CA VAL B 138 73.40 -2.83 -20.32
C VAL B 138 73.35 -4.18 -21.01
N ILE B 139 72.31 -4.96 -20.71
CA ILE B 139 72.18 -6.30 -21.30
C ILE B 139 71.71 -6.17 -22.74
N SER B 140 72.39 -6.89 -23.63
CA SER B 140 72.01 -6.88 -25.04
C SER B 140 70.67 -7.56 -25.23
N GLU B 141 69.83 -6.97 -26.08
CA GLU B 141 68.50 -7.52 -26.31
C GLU B 141 68.57 -8.89 -26.98
N ASP B 142 69.49 -9.06 -27.92
CA ASP B 142 69.59 -10.34 -28.62
C ASP B 142 70.03 -11.46 -27.69
N SER B 143 70.69 -11.11 -26.57
CA SER B 143 71.09 -12.11 -25.61
C SER B 143 69.88 -12.78 -24.97
N VAL B 144 68.84 -12.00 -24.66
CA VAL B 144 67.65 -12.56 -24.02
C VAL B 144 66.90 -13.46 -24.98
N VAL B 145 66.86 -13.09 -26.26
CA VAL B 145 66.13 -13.88 -27.25
C VAL B 145 66.70 -15.28 -27.35
N LYS B 146 68.03 -15.40 -27.37
CA LYS B 146 68.66 -16.72 -27.40
C LYS B 146 68.34 -17.51 -26.15
N ALA B 147 68.32 -16.84 -24.99
CA ALA B 147 68.09 -17.53 -23.72
C ALA B 147 66.71 -18.18 -23.69
N VAL B 148 65.69 -17.46 -24.17
CA VAL B 148 64.33 -17.98 -24.14
C VAL B 148 64.21 -19.22 -25.03
N SER B 149 64.91 -19.22 -26.16
CA SER B 149 64.86 -20.36 -27.06
C SER B 149 65.41 -21.61 -26.41
N TRP B 150 66.38 -21.45 -25.50
CA TRP B 150 66.94 -22.62 -24.82
C TRP B 150 65.95 -23.20 -23.82
N LEU B 151 65.08 -22.36 -23.27
CA LEU B 151 64.04 -22.87 -22.36
C LEU B 151 63.06 -23.76 -23.11
N CYS B 152 62.81 -23.47 -24.38
CA CYS B 152 61.92 -24.31 -25.17
C CYS B 152 62.48 -25.72 -25.32
N VAL B 153 63.81 -25.85 -25.32
CA VAL B 153 64.42 -27.17 -25.42
C VAL B 153 64.09 -28.01 -24.20
N GLY B 154 64.14 -27.41 -23.01
CA GLY B 154 63.75 -28.09 -21.80
C GLY B 154 64.82 -28.90 -21.11
N LYS B 155 66.08 -28.76 -21.51
CA LYS B 155 67.15 -29.49 -20.84
C LYS B 155 67.31 -29.05 -19.39
N CYS B 156 67.21 -27.74 -19.14
CA CYS B 156 67.36 -27.24 -17.78
C CYS B 156 66.22 -27.74 -16.89
N SER B 157 66.51 -27.95 -15.61
CA SER B 157 65.55 -28.48 -14.68
C SER B 157 64.70 -27.35 -14.08
N GLY B 158 63.87 -27.71 -13.10
CA GLY B 158 62.96 -26.74 -12.51
C GLY B 158 63.68 -25.63 -11.78
N SER B 159 64.75 -25.97 -11.07
CA SER B 159 65.49 -24.95 -10.30
C SER B 159 66.09 -23.89 -11.22
N THR B 160 66.64 -24.32 -12.35
CA THR B 160 67.21 -23.36 -13.29
C THR B 160 66.12 -22.47 -13.90
N LYS B 161 64.97 -23.05 -14.24
CA LYS B 161 63.90 -22.28 -14.86
C LYS B 161 63.37 -21.20 -13.91
N VAL B 162 63.22 -21.55 -12.62
CA VAL B 162 62.72 -20.57 -11.65
C VAL B 162 63.70 -19.41 -11.52
N LEU B 163 64.99 -19.71 -11.45
CA LEU B 163 65.98 -18.66 -11.28
C LEU B 163 66.00 -17.69 -12.45
N PHE B 164 65.84 -18.21 -13.67
CA PHE B 164 65.91 -17.35 -14.85
C PHE B 164 64.82 -16.29 -14.83
N TYR B 165 63.60 -16.68 -14.46
CA TYR B 165 62.50 -15.72 -14.48
C TYR B 165 62.65 -14.69 -13.36
N ARG B 166 63.14 -15.10 -12.20
CA ARG B 166 63.38 -14.14 -11.12
C ARG B 166 64.44 -13.13 -11.53
N TRP B 167 65.50 -13.61 -12.19
CA TRP B 167 66.58 -12.72 -12.60
C TRP B 167 66.09 -11.68 -13.61
N LEU B 168 65.32 -12.13 -14.59
CA LEU B 168 64.93 -11.24 -15.69
C LEU B 168 63.95 -10.18 -15.22
N VAL B 169 63.06 -10.53 -14.28
CA VAL B 169 62.15 -9.54 -13.71
C VAL B 169 62.93 -8.48 -12.96
N ALA B 170 63.92 -8.89 -12.17
CA ALA B 170 64.74 -7.94 -11.43
C ALA B 170 65.55 -7.05 -12.36
N MET B 171 66.07 -7.63 -13.45
CA MET B 171 66.98 -6.92 -14.33
C MET B 171 66.27 -6.30 -15.53
N PHE B 172 64.97 -6.02 -15.40
CA PHE B 172 64.17 -5.70 -16.58
C PHE B 172 64.59 -4.38 -17.22
N ASP B 173 64.94 -3.39 -16.41
CA ASP B 173 65.25 -2.06 -16.95
C ASP B 173 66.58 -2.05 -17.69
N PHE B 174 67.48 -2.98 -17.34
CA PHE B 174 68.85 -2.89 -17.85
C PHE B 174 68.96 -3.35 -19.29
N ILE B 175 67.92 -4.01 -19.83
CA ILE B 175 67.94 -4.36 -21.24
C ILE B 175 67.80 -3.09 -22.07
N ASP B 176 68.69 -2.92 -23.04
CA ASP B 176 68.73 -1.68 -23.82
C ASP B 176 67.47 -1.50 -24.64
N ARG B 177 67.02 -2.55 -25.31
CA ARG B 177 65.85 -2.48 -26.19
C ARG B 177 64.83 -3.53 -25.76
N LYS B 178 63.59 -3.09 -25.58
CA LYS B 178 62.51 -3.99 -25.18
C LYS B 178 61.53 -4.27 -26.32
N GLU B 179 61.82 -3.82 -27.54
CA GLU B 179 60.91 -4.04 -28.65
C GLU B 179 60.81 -5.52 -29.00
N GLN B 180 61.95 -6.18 -29.19
CA GLN B 180 61.92 -7.59 -29.57
C GLN B 180 61.52 -8.50 -28.43
N ILE B 181 61.58 -8.02 -27.19
CA ILE B 181 61.09 -8.80 -26.06
C ILE B 181 59.57 -8.95 -26.15
N ASN B 182 58.87 -7.87 -26.52
CA ASN B 182 57.42 -7.91 -26.58
C ASN B 182 56.94 -8.87 -27.67
N LEU B 183 57.75 -9.10 -28.70
CA LEU B 183 57.39 -10.05 -29.75
C LEU B 183 57.40 -11.49 -29.25
N LEU B 184 57.95 -11.77 -28.07
CA LEU B 184 57.94 -13.10 -27.49
C LEU B 184 56.91 -13.23 -26.38
N TYR B 185 55.80 -12.52 -26.48
CA TYR B 185 54.76 -12.59 -25.46
C TYR B 185 54.13 -13.97 -25.41
N GLY B 186 53.98 -14.62 -26.57
CA GLY B 186 53.32 -15.91 -26.61
C GLY B 186 54.05 -16.98 -25.82
N PHE B 187 55.38 -17.00 -25.93
CA PHE B 187 56.15 -18.06 -25.27
C PHE B 187 56.08 -17.94 -23.76
N PHE B 188 56.12 -16.72 -23.23
CA PHE B 188 56.01 -16.54 -21.78
C PHE B 188 54.61 -16.92 -21.28
N PHE B 189 53.60 -16.71 -22.11
CA PHE B 189 52.24 -17.02 -21.70
C PHE B 189 52.04 -18.52 -21.50
N ALA B 190 52.73 -19.33 -22.28
CA ALA B 190 52.53 -20.78 -22.20
C ALA B 190 53.06 -21.35 -20.90
N SER B 191 54.00 -20.66 -20.25
CA SER B 191 54.56 -21.16 -18.99
C SER B 191 53.57 -21.05 -17.85
N LEU B 192 52.44 -20.37 -18.05
CA LEU B 192 51.44 -20.27 -16.99
C LEU B 192 50.86 -21.63 -16.64
N GLN B 193 50.96 -22.60 -17.55
CA GLN B 193 50.41 -23.93 -17.29
C GLN B 193 51.11 -24.60 -16.11
N ASP B 194 52.43 -24.52 -16.05
CA ASP B 194 53.17 -25.18 -14.98
C ASP B 194 53.04 -24.40 -13.68
N ASP B 195 52.71 -25.12 -12.60
CA ASP B 195 52.43 -24.45 -11.33
C ASP B 195 53.69 -23.89 -10.68
N ALA B 196 54.85 -24.48 -10.99
CA ALA B 196 56.09 -24.05 -10.34
C ALA B 196 56.44 -22.61 -10.70
N LEU B 197 56.28 -22.24 -11.98
CA LEU B 197 56.69 -20.93 -12.45
C LEU B 197 55.56 -19.91 -12.48
N CYS B 198 54.36 -20.28 -12.03
CA CYS B 198 53.21 -19.39 -12.21
C CYS B 198 53.37 -18.03 -11.54
N PRO B 199 53.74 -17.93 -10.26
CA PRO B 199 53.85 -16.58 -9.66
C PRO B 199 54.87 -15.69 -10.33
N TYR B 200 55.99 -16.24 -10.79
CA TYR B 200 57.04 -15.41 -11.37
C TYR B 200 56.69 -14.98 -12.79
N VAL B 201 56.07 -15.86 -13.57
CA VAL B 201 55.67 -15.48 -14.93
C VAL B 201 54.60 -14.39 -14.88
N CYS B 202 53.73 -14.44 -13.87
CA CYS B 202 52.71 -13.40 -13.73
C CYS B 202 53.35 -12.03 -13.53
N HIS B 203 54.42 -11.97 -12.73
CA HIS B 203 55.12 -10.70 -12.54
C HIS B 203 55.73 -10.21 -13.85
N LEU B 204 56.35 -11.11 -14.61
CA LEU B 204 56.96 -10.71 -15.87
C LEU B 204 55.90 -10.24 -16.87
N LEU B 205 54.77 -10.95 -16.94
CA LEU B 205 53.73 -10.59 -17.89
C LEU B 205 53.05 -9.28 -17.49
N TYR B 206 53.20 -8.88 -16.23
CA TYR B 206 52.61 -7.63 -15.78
C TYR B 206 53.26 -6.44 -16.48
N LEU B 207 54.58 -6.50 -16.69
CA LEU B 207 55.29 -5.35 -17.25
C LEU B 207 55.18 -5.32 -18.77
N LEU B 208 55.20 -6.48 -19.43
CA LEU B 208 55.25 -6.50 -20.88
C LEU B 208 53.90 -6.22 -21.53
N THR B 209 52.81 -6.29 -20.76
CA THR B 209 51.48 -6.27 -21.35
C THR B 209 51.16 -4.92 -21.97
N LYS B 210 50.71 -4.94 -23.23
CA LYS B 210 50.23 -3.76 -23.93
C LYS B 210 48.89 -4.09 -24.55
N LYS B 211 48.34 -3.13 -25.31
CA LYS B 211 46.99 -3.31 -25.84
C LYS B 211 46.94 -4.42 -26.89
N GLU B 212 47.99 -4.54 -27.70
CA GLU B 212 47.98 -5.55 -28.76
C GLU B 212 48.03 -6.96 -28.18
N ASN B 213 48.62 -7.11 -27.00
CA ASN B 213 48.83 -8.43 -26.44
C ASN B 213 47.52 -9.05 -25.95
N VAL B 214 46.60 -8.24 -25.42
CA VAL B 214 45.33 -8.76 -24.94
C VAL B 214 44.47 -9.18 -26.13
N LYS B 215 44.16 -10.47 -26.20
CA LYS B 215 43.33 -11.03 -27.25
C LYS B 215 42.27 -11.93 -26.62
N PRO B 216 41.12 -12.08 -27.27
CA PRO B 216 40.01 -12.81 -26.62
C PRO B 216 40.34 -14.25 -26.24
N PHE B 217 41.13 -14.96 -27.05
CA PHE B 217 41.40 -16.35 -26.74
C PHE B 217 42.34 -16.47 -25.54
N ARG B 218 43.24 -15.50 -25.36
CA ARG B 218 44.08 -15.49 -24.17
C ARG B 218 43.27 -15.13 -22.94
N VAL B 219 42.17 -14.39 -23.13
CA VAL B 219 41.29 -14.05 -22.02
C VAL B 219 40.62 -15.30 -21.46
N ARG B 220 40.25 -16.24 -22.35
CA ARG B 220 39.61 -17.46 -21.88
C ARG B 220 40.58 -18.35 -21.11
N LYS B 221 41.85 -18.36 -21.51
CA LYS B 221 42.84 -19.18 -20.81
C LYS B 221 42.99 -18.76 -19.36
N LEU B 222 43.04 -17.45 -19.11
CA LEU B 222 43.24 -16.96 -17.75
C LEU B 222 42.04 -17.32 -16.86
N LEU B 223 40.83 -17.23 -17.40
CA LEU B 223 39.65 -17.60 -16.63
C LEU B 223 39.65 -19.09 -16.29
N ASP B 224 40.10 -19.93 -17.23
CA ASP B 224 40.17 -21.36 -16.98
C ASP B 224 41.15 -21.68 -15.86
N LEU B 225 42.30 -20.99 -15.83
CA LEU B 225 43.27 -21.20 -14.76
C LEU B 225 42.70 -20.80 -13.41
N GLN B 226 41.76 -19.86 -13.40
CA GLN B 226 41.23 -19.37 -12.12
C GLN B 226 40.28 -20.39 -11.51
N ALA B 227 39.59 -21.16 -12.34
CA ALA B 227 38.70 -22.20 -11.82
C ALA B 227 39.48 -23.29 -11.11
N LYS B 228 40.64 -23.65 -11.66
CA LYS B 228 41.41 -24.77 -11.11
C LYS B 228 42.09 -24.42 -9.81
N MET B 229 42.64 -23.21 -9.70
CA MET B 229 43.48 -22.84 -8.56
C MET B 229 42.82 -21.88 -7.59
N GLY B 230 41.69 -21.27 -7.95
CA GLY B 230 41.03 -20.38 -7.03
C GLY B 230 41.58 -18.96 -7.05
N MET B 231 41.42 -18.29 -5.91
CA MET B 231 41.70 -16.85 -5.80
C MET B 231 43.18 -16.62 -5.50
N GLN B 232 44.00 -16.83 -6.52
CA GLN B 232 45.42 -16.60 -6.36
C GLN B 232 45.72 -15.11 -6.48
N PRO B 233 46.44 -14.53 -5.52
CA PRO B 233 46.68 -13.08 -5.56
C PRO B 233 47.41 -12.60 -6.80
N HIS B 234 48.35 -13.39 -7.32
CA HIS B 234 49.10 -12.95 -8.49
C HIS B 234 48.26 -13.04 -9.76
N LEU B 235 47.23 -13.89 -9.77
CA LEU B 235 46.31 -13.92 -10.90
C LEU B 235 45.35 -12.74 -10.87
N GLN B 236 44.95 -12.31 -9.67
CA GLN B 236 44.03 -11.18 -9.57
C GLN B 236 44.65 -9.90 -10.12
N ALA B 237 45.95 -9.71 -9.90
CA ALA B 237 46.63 -8.55 -10.46
C ALA B 237 46.66 -8.60 -11.97
N LEU B 238 46.98 -9.77 -12.53
CA LEU B 238 47.07 -9.89 -13.99
C LEU B 238 45.71 -9.70 -14.64
N LEU B 239 44.64 -10.23 -14.02
CA LEU B 239 43.31 -10.10 -14.59
C LEU B 239 42.87 -8.64 -14.62
N SER B 240 43.20 -7.87 -13.58
CA SER B 240 42.82 -6.46 -13.55
C SER B 240 43.48 -5.68 -14.68
N LEU B 241 44.76 -5.97 -14.94
CA LEU B 241 45.44 -5.33 -16.05
C LEU B 241 44.78 -5.67 -17.38
N TYR B 242 44.26 -6.89 -17.50
CA TYR B 242 43.57 -7.29 -18.72
C TYR B 242 42.23 -6.59 -18.86
N LYS B 243 41.53 -6.38 -17.74
CA LYS B 243 40.25 -5.67 -17.79
C LYS B 243 40.43 -4.22 -18.22
N PHE B 244 41.50 -3.57 -17.76
CA PHE B 244 41.74 -2.18 -18.09
C PHE B 244 41.91 -1.98 -19.59
N PHE B 245 42.62 -2.90 -20.25
CA PHE B 245 42.84 -2.76 -21.69
C PHE B 245 41.61 -3.12 -22.49
N ALA B 246 40.83 -4.11 -22.05
CA ALA B 246 39.65 -4.59 -22.78
C ALA B 246 38.48 -4.72 -21.81
N PRO B 247 37.87 -3.60 -21.42
CA PRO B 247 36.74 -3.67 -20.48
C PRO B 247 35.52 -4.34 -21.07
N ALA B 248 35.46 -4.51 -22.39
CA ALA B 248 34.28 -5.12 -23.01
C ALA B 248 34.33 -6.65 -22.93
N LEU B 249 35.39 -7.20 -22.33
CA LEU B 249 35.52 -8.65 -22.28
C LEU B 249 35.43 -9.18 -20.85
N ILE B 250 36.07 -8.51 -19.91
CA ILE B 250 36.15 -8.96 -18.53
C ILE B 250 35.53 -7.92 -17.61
N SER B 251 34.95 -8.40 -16.52
CA SER B 251 34.43 -7.55 -15.46
C SER B 251 34.94 -8.10 -14.12
N VAL B 252 35.77 -7.31 -13.44
CA VAL B 252 36.31 -7.70 -12.14
C VAL B 252 36.05 -6.57 -11.16
N SER B 253 35.53 -6.91 -9.99
CA SER B 253 35.48 -5.99 -8.86
C SER B 253 36.40 -6.53 -7.77
N LEU B 254 37.39 -5.72 -7.39
CA LEU B 254 38.38 -6.19 -6.44
C LEU B 254 38.23 -5.47 -5.11
N PRO B 255 38.29 -6.17 -3.99
CA PRO B 255 38.23 -5.50 -2.69
C PRO B 255 39.49 -4.70 -2.42
N VAL B 256 39.36 -3.69 -1.57
CA VAL B 256 40.49 -2.86 -1.19
C VAL B 256 40.78 -3.03 0.29
N LYS B 258 45.51 -0.35 -0.96
CA LYS B 258 45.83 -1.41 -1.91
C LYS B 258 46.95 -2.30 -1.40
N LYS B 259 46.63 -3.56 -1.13
CA LYS B 259 47.63 -4.52 -0.70
C LYS B 259 48.57 -4.87 -1.85
N ILE B 260 49.78 -5.28 -1.48
CA ILE B 260 50.81 -5.60 -2.46
C ILE B 260 50.59 -7.05 -2.92
N TYR B 261 50.18 -7.21 -4.18
CA TYR B 261 49.85 -8.54 -4.68
C TYR B 261 51.10 -9.38 -4.91
N PHE B 262 52.13 -8.80 -5.53
CA PHE B 262 53.39 -9.51 -5.76
C PHE B 262 54.30 -9.29 -4.56
N LYS B 263 54.72 -10.38 -3.92
CA LYS B 263 55.56 -10.27 -2.73
C LYS B 263 56.87 -9.58 -3.07
N ASN B 264 57.22 -8.56 -2.28
CA ASN B 264 58.43 -7.78 -2.50
C ASN B 264 59.60 -8.37 -1.70
N SER B 265 59.83 -9.66 -1.91
CA SER B 265 60.93 -10.34 -1.25
C SER B 265 62.27 -9.80 -1.75
N GLU B 266 63.24 -9.71 -0.83
CA GLU B 266 64.55 -9.23 -1.20
C GLU B 266 65.23 -10.22 -2.15
N ASN B 267 65.40 -9.80 -3.40
CA ASN B 267 66.01 -10.66 -4.40
C ASN B 267 67.50 -10.81 -4.12
N LEU B 268 68.08 -11.83 -4.77
CA LEU B 268 69.48 -12.18 -4.49
C LEU B 268 70.44 -11.09 -4.93
N TRP B 269 70.05 -10.30 -5.93
CA TRP B 269 70.91 -9.27 -6.50
C TRP B 269 70.59 -7.88 -5.95
N LYS B 270 69.76 -7.79 -4.92
CA LYS B 270 69.37 -6.49 -4.36
C LYS B 270 70.56 -5.70 -3.83
N THR B 271 71.49 -6.36 -3.11
CA THR B 271 72.68 -5.68 -2.64
C THR B 271 73.54 -5.20 -3.80
N ALA B 272 73.66 -6.03 -4.85
CA ALA B 272 74.45 -5.63 -6.01
C ALA B 272 73.81 -4.47 -6.75
N LEU B 273 72.47 -4.42 -6.80
CA LEU B 273 71.79 -3.30 -7.43
C LEU B 273 72.16 -1.98 -6.79
N LEU B 274 72.39 -1.99 -5.47
CA LEU B 274 72.84 -0.77 -4.81
C LEU B 274 74.17 -0.30 -5.39
N ALA B 275 75.09 -1.23 -5.65
CA ALA B 275 76.34 -0.88 -6.32
C ALA B 275 76.06 -0.39 -7.74
N VAL B 276 75.14 -1.05 -8.45
CA VAL B 276 74.79 -0.62 -9.81
C VAL B 276 74.12 0.75 -9.77
N LYS B 277 73.23 0.97 -8.80
CA LYS B 277 72.59 2.27 -8.68
C LYS B 277 73.60 3.36 -8.38
N GLN B 278 74.61 3.05 -7.56
CA GLN B 278 75.69 4.00 -7.33
C GLN B 278 76.44 4.30 -8.62
N ARG B 279 76.69 3.26 -9.44
CA ARG B 279 77.32 3.48 -10.73
C ARG B 279 76.44 4.33 -11.64
N ASN B 280 75.14 4.07 -11.64
CA ASN B 280 74.21 4.90 -12.41
C ASN B 280 74.14 6.31 -11.84
N ARG B 281 74.13 6.43 -10.50
CA ARG B 281 74.10 7.76 -9.88
C ARG B 281 75.38 8.54 -10.20
N GLY B 282 76.52 7.87 -10.16
CA GLY B 282 77.79 8.52 -10.45
C GLY B 282 78.01 8.77 -11.93
N SER B 308 34.64 9.71 -3.36
CA SER B 308 35.33 10.98 -3.57
C SER B 308 34.39 12.03 -4.15
N VAL B 309 34.58 13.28 -3.75
CA VAL B 309 33.76 14.36 -4.29
C VAL B 309 34.09 14.59 -5.77
N ILE B 310 35.36 14.45 -6.14
CA ILE B 310 35.80 14.62 -7.52
C ILE B 310 35.94 13.23 -8.15
N PRO B 311 35.42 13.01 -9.34
CA PRO B 311 35.52 11.67 -9.96
C PRO B 311 36.97 11.31 -10.27
N VAL B 312 37.22 10.01 -10.37
CA VAL B 312 38.54 9.50 -10.72
C VAL B 312 38.73 9.54 -12.23
N LEU B 313 39.98 9.51 -12.65
CA LEU B 313 40.31 9.58 -14.07
C LEU B 313 40.15 8.20 -14.70
N ASN B 314 39.32 8.11 -15.74
CA ASN B 314 39.11 6.87 -16.46
C ASN B 314 38.98 7.18 -17.95
N SER B 315 39.37 6.23 -18.78
CA SER B 315 39.31 6.43 -20.22
C SER B 315 37.88 6.67 -20.67
N SER B 316 37.73 7.19 -21.88
CA SER B 316 36.41 7.50 -22.40
C SER B 316 35.52 6.27 -22.38
N SER B 317 34.24 6.48 -22.09
CA SER B 317 33.33 5.37 -21.84
C SER B 317 33.30 4.39 -23.00
N TYR B 318 33.33 3.12 -22.67
CA TYR B 318 33.46 2.05 -23.67
C TYR B 318 32.16 1.77 -24.42
N THR B 319 31.13 2.61 -24.27
CA THR B 319 29.99 2.52 -25.17
C THR B 319 30.27 3.19 -26.52
N LYS B 320 31.41 3.85 -26.66
CA LYS B 320 31.89 4.29 -27.96
C LYS B 320 32.09 3.07 -28.84
N GLU B 321 31.63 3.18 -30.10
CA GLU B 321 31.63 2.10 -31.07
C GLU B 321 30.51 1.14 -30.72
N CYS B 322 30.72 0.32 -29.67
CA CYS B 322 29.71 -0.60 -29.13
C CYS B 322 29.21 -1.48 -30.28
N GLY B 323 27.93 -1.45 -30.62
CA GLY B 323 27.45 -2.23 -31.76
C GLY B 323 27.80 -1.58 -33.07
N LYS B 324 28.77 -2.15 -33.78
CA LYS B 324 29.23 -1.63 -35.07
C LYS B 324 29.16 -2.72 -36.11
N LYS B 325 28.56 -2.40 -37.26
CA LYS B 325 28.46 -3.38 -38.34
C LYS B 325 29.84 -3.74 -38.88
N GLU B 326 30.68 -2.74 -39.13
CA GLU B 326 32.01 -2.96 -39.68
C GLU B 326 32.90 -1.79 -39.31
N MET B 327 34.21 -1.99 -39.47
CA MET B 327 35.17 -0.95 -39.18
C MET B 327 35.03 0.21 -40.18
N SER B 328 35.33 1.42 -39.70
CA SER B 328 35.23 2.60 -40.54
C SER B 328 36.28 2.56 -41.66
N LEU B 329 36.00 3.27 -42.75
CA LEU B 329 36.94 3.34 -43.85
C LEU B 329 38.23 4.01 -43.43
N SER B 330 38.15 5.06 -42.62
CA SER B 330 39.36 5.70 -42.12
C SER B 330 40.18 4.75 -41.26
N ASP B 331 39.52 3.98 -40.40
CA ASP B 331 40.23 2.98 -39.61
C ASP B 331 40.80 1.89 -40.51
N CYS B 332 40.07 1.53 -41.56
CA CYS B 332 40.54 0.50 -42.49
C CYS B 332 41.82 0.95 -43.19
N LEU B 333 41.93 2.25 -43.48
CA LEU B 333 43.14 2.80 -44.10
C LEU B 333 44.18 3.23 -43.07
N ASN B 334 43.90 3.03 -41.77
CA ASN B 334 44.83 3.39 -40.70
C ASN B 334 45.15 4.88 -40.73
N ARG B 335 44.11 5.71 -40.66
CA ARG B 335 44.26 7.15 -40.77
C ARG B 335 44.10 7.78 -39.39
N SER B 336 45.17 8.41 -38.91
CA SER B 336 45.18 9.23 -37.69
C SER B 336 44.67 8.40 -36.51
N GLY B 337 43.77 8.92 -35.69
CA GLY B 337 43.30 8.26 -34.50
C GLY B 337 43.18 9.27 -33.36
N SER B 338 43.34 8.78 -32.14
CA SER B 338 43.32 9.63 -30.96
C SER B 338 44.40 9.17 -30.00
N PHE B 339 44.75 10.06 -29.06
CA PHE B 339 45.80 9.79 -28.10
C PHE B 339 45.19 9.20 -26.83
N PRO B 340 45.58 8.00 -26.43
CA PRO B 340 45.01 7.39 -25.22
C PRO B 340 45.32 8.21 -23.99
N LEU B 341 44.40 8.21 -23.03
CA LEU B 341 44.53 9.06 -21.86
C LEU B 341 45.64 8.59 -20.93
N GLU B 342 45.87 7.27 -20.88
CA GLU B 342 46.86 6.74 -19.95
C GLU B 342 48.28 7.13 -20.36
N GLN B 343 48.51 7.33 -21.66
CA GLN B 343 49.85 7.64 -22.13
C GLN B 343 50.25 9.06 -21.79
N LEU B 344 49.28 9.97 -21.67
CA LEU B 344 49.56 11.38 -21.40
C LEU B 344 50.00 11.52 -19.95
N GLN B 345 51.31 11.64 -19.74
CA GLN B 345 51.85 11.80 -18.39
C GLN B 345 52.92 12.86 -18.26
N SER B 346 53.33 13.53 -19.33
CA SER B 346 54.37 14.54 -19.27
C SER B 346 54.02 15.69 -20.20
N PHE B 347 54.53 16.87 -19.84
CA PHE B 347 54.26 18.07 -20.65
C PHE B 347 54.76 17.97 -22.08
N PRO B 348 55.98 17.47 -22.37
CA PRO B 348 56.38 17.32 -23.78
C PRO B 348 55.45 16.40 -24.55
N GLN B 349 54.87 15.39 -23.90
CA GLN B 349 53.90 14.54 -24.56
C GLN B 349 52.62 15.30 -24.86
N LEU B 350 52.24 16.23 -23.98
CA LEU B 350 51.06 17.05 -24.22
C LEU B 350 51.29 18.00 -25.39
N LEU B 351 52.50 18.54 -25.51
CA LEU B 351 52.78 19.51 -26.56
C LEU B 351 52.56 18.93 -27.95
N GLN B 352 53.00 17.69 -28.17
CA GLN B 352 52.88 17.10 -29.50
C GLN B 352 51.43 16.84 -29.88
N ASN B 353 50.61 16.40 -28.92
CA ASN B 353 49.28 15.88 -29.20
C ASN B 353 48.16 16.73 -28.61
N ILE B 354 48.34 18.05 -28.58
CA ILE B 354 47.31 18.91 -28.01
C ILE B 354 46.06 18.92 -28.89
N HIS B 355 46.22 18.77 -30.21
CA HIS B 355 45.09 18.95 -31.11
C HIS B 355 44.15 17.76 -31.09
N CYS B 356 44.68 16.56 -30.81
CA CYS B 356 43.87 15.36 -30.71
C CYS B 356 44.05 14.74 -29.34
N LEU B 357 42.97 14.65 -28.58
CA LEU B 357 43.03 14.09 -27.23
C LEU B 357 41.75 13.30 -26.94
N GLU B 358 41.86 12.41 -25.97
CA GLU B 358 40.73 11.62 -25.48
C GLU B 358 40.25 12.24 -24.17
N LEU B 359 38.98 12.59 -24.11
CA LEU B 359 38.43 13.22 -22.92
C LEU B 359 38.04 12.18 -21.89
N PRO B 360 37.98 12.55 -20.62
CA PRO B 360 37.59 11.59 -19.58
C PRO B 360 36.14 11.17 -19.72
N SER B 361 35.80 10.08 -19.04
CA SER B 361 34.40 9.66 -18.96
C SER B 361 33.58 10.68 -18.21
N GLN B 362 34.09 11.17 -17.08
CA GLN B 362 33.42 12.20 -16.29
C GLN B 362 34.30 13.45 -16.31
N MET B 363 33.69 14.58 -16.67
CA MET B 363 34.46 15.79 -16.94
C MET B 363 34.86 16.53 -15.67
N GLY B 364 34.34 16.13 -14.51
CA GLY B 364 34.78 16.76 -13.28
C GLY B 364 36.17 16.35 -12.83
N SER B 365 36.74 15.33 -13.48
CA SER B 365 38.09 14.88 -13.13
C SER B 365 39.17 15.80 -13.64
N VAL B 366 38.83 16.71 -14.56
CA VAL B 366 39.79 17.69 -15.07
C VAL B 366 40.19 18.69 -14.00
N LEU B 367 39.42 18.79 -12.91
CA LEU B 367 39.61 19.87 -11.95
C LEU B 367 40.98 19.83 -11.30
N ASN B 368 41.46 18.64 -10.94
CA ASN B 368 42.76 18.53 -10.29
C ASN B 368 43.85 17.98 -11.18
N ASN B 369 43.64 17.93 -12.49
CA ASN B 369 44.67 17.50 -13.44
C ASN B 369 45.18 18.74 -14.18
N SER B 370 46.47 19.03 -14.01
CA SER B 370 47.02 20.26 -14.56
C SER B 370 47.15 20.20 -16.08
N LEU B 371 47.44 19.02 -16.62
CA LEU B 371 47.67 18.90 -18.06
C LEU B 371 46.39 19.04 -18.86
N LEU B 372 45.25 18.66 -18.29
CA LEU B 372 43.98 18.80 -19.00
C LEU B 372 43.43 20.22 -18.88
N LEU B 373 43.84 20.94 -17.84
CA LEU B 373 43.46 22.34 -17.72
C LEU B 373 44.07 23.17 -18.85
N HIS B 374 45.28 22.83 -19.30
CA HIS B 374 45.86 23.51 -20.45
C HIS B 374 45.04 23.25 -21.71
N TYR B 375 44.43 22.07 -21.82
CA TYR B 375 43.59 21.79 -22.97
C TYR B 375 42.30 22.58 -22.91
N ILE B 376 41.63 22.58 -21.76
CA ILE B 376 40.36 23.31 -21.66
C ILE B 376 40.55 24.81 -21.49
N ASN B 377 41.79 25.27 -21.38
CA ASN B 377 42.04 26.71 -21.39
C ASN B 377 41.64 27.32 -22.72
N CYS B 378 41.88 26.61 -23.81
CA CYS B 378 41.48 27.06 -25.14
C CYS B 378 40.73 25.93 -25.85
N VAL B 379 39.44 25.77 -25.54
CA VAL B 379 38.59 24.89 -26.31
C VAL B 379 37.27 25.59 -26.67
N ARG B 380 36.56 26.09 -25.66
CA ARG B 380 35.24 26.69 -25.83
C ARG B 380 34.32 25.83 -26.69
N ASP B 381 34.23 24.55 -26.34
CA ASP B 381 33.32 23.62 -26.98
C ASP B 381 32.08 23.46 -26.12
N GLU B 382 30.93 23.27 -26.76
CA GLU B 382 29.66 23.36 -26.05
C GLU B 382 29.32 22.12 -25.22
N PRO B 383 29.37 20.89 -25.77
CA PRO B 383 29.00 19.73 -24.94
C PRO B 383 29.84 19.57 -23.69
N VAL B 384 31.15 19.82 -23.77
CA VAL B 384 32.00 19.73 -22.60
C VAL B 384 31.61 20.79 -21.57
N LEU B 385 31.27 21.99 -22.03
CA LEU B 385 30.82 23.03 -21.12
C LEU B 385 29.54 22.63 -20.41
N LEU B 386 28.61 22.03 -21.13
CA LEU B 386 27.35 21.61 -20.51
C LEU B 386 27.58 20.49 -19.50
N ARG B 387 28.43 19.52 -19.84
CA ARG B 387 28.71 18.42 -18.92
C ARG B 387 29.33 18.94 -17.62
N PHE B 388 30.34 19.82 -17.75
CA PHE B 388 30.96 20.40 -16.58
C PHE B 388 29.95 21.23 -15.78
N TYR B 389 29.11 21.99 -16.47
CA TYR B 389 28.10 22.80 -15.80
C TYR B 389 27.22 21.94 -14.91
N TYR B 390 26.65 20.88 -15.48
CA TYR B 390 25.71 20.06 -14.71
C TYR B 390 26.40 19.40 -13.53
N TRP B 391 27.58 18.80 -13.75
CA TRP B 391 28.26 18.15 -12.64
C TRP B 391 28.56 19.14 -11.52
N LEU B 392 29.17 20.27 -11.86
CA LEU B 392 29.61 21.20 -10.82
C LEU B 392 28.45 21.83 -10.10
N SER B 393 27.38 22.20 -10.82
CA SER B 393 26.23 22.80 -10.15
C SER B 393 25.59 21.82 -9.17
N GLN B 394 25.39 20.58 -9.60
CA GLN B 394 24.81 19.60 -8.68
C GLN B 394 25.71 19.37 -7.47
N THR B 395 27.02 19.26 -7.69
CA THR B 395 27.94 19.02 -6.58
C THR B 395 27.92 20.17 -5.57
N LEU B 396 27.97 21.41 -6.06
CA LEU B 396 27.97 22.55 -5.16
C LEU B 396 26.67 22.62 -4.37
N GLN B 397 25.54 22.41 -5.05
CA GLN B 397 24.25 22.40 -4.38
C GLN B 397 24.21 21.36 -3.27
N GLU B 398 24.74 20.16 -3.54
CA GLU B 398 24.64 19.08 -2.57
C GLU B 398 25.59 19.30 -1.39
N GLU B 399 26.77 19.88 -1.64
CA GLU B 399 27.78 20.02 -0.60
C GLU B 399 27.66 21.29 0.24
N CYS B 400 26.92 22.30 -0.21
CA CYS B 400 26.83 23.54 0.56
C CYS B 400 26.27 23.28 1.95
N ILE B 401 26.67 24.24 2.81
CA ILE B 401 26.46 24.27 4.27
C ILE B 401 25.17 24.91 4.77
N TRP B 402 24.83 26.12 4.33
CA TRP B 402 23.60 26.79 4.83
C TRP B 402 22.43 26.60 3.87
N TYR B 403 22.64 25.87 2.77
CA TYR B 403 21.63 25.76 1.71
C TYR B 403 21.32 24.29 1.37
N LYS B 404 20.04 23.99 1.11
CA LYS B 404 19.57 22.65 0.70
C LYS B 404 19.91 21.55 1.72
N VAL B 405 19.16 21.53 2.83
CA VAL B 405 19.17 20.56 3.99
C VAL B 405 20.17 20.97 5.06
N ASN B 406 20.84 22.12 4.88
CA ASN B 406 21.79 22.67 5.88
C ASN B 406 22.71 21.61 6.49
N ASN B 407 23.65 21.08 5.69
CA ASN B 407 24.65 20.10 6.18
C ASN B 407 25.82 20.85 6.82
N TYR B 408 26.26 20.43 8.01
CA TYR B 408 27.37 21.11 8.71
C TYR B 408 28.57 20.17 8.87
N GLU B 409 28.36 18.87 8.60
CA GLU B 409 29.41 17.83 8.74
C GLU B 409 30.57 18.05 7.75
N HIS B 410 30.27 18.44 6.52
CA HIS B 410 31.32 18.59 5.48
C HIS B 410 32.36 19.64 5.91
N GLY B 411 31.91 20.76 6.48
CA GLY B 411 32.74 21.89 6.98
C GLY B 411 34.06 22.08 6.26
N LYS B 412 35.05 21.24 6.56
CA LYS B 412 36.39 21.30 5.99
C LYS B 412 36.44 20.80 4.55
N GLU B 413 35.63 19.79 4.23
CA GLU B 413 35.61 19.27 2.86
C GLU B 413 35.14 20.34 1.88
N PHE B 414 34.11 21.10 2.26
CA PHE B 414 33.61 22.16 1.39
C PHE B 414 34.68 23.24 1.20
N THR B 415 35.40 23.58 2.26
CA THR B 415 36.46 24.58 2.15
C THR B 415 37.56 24.10 1.20
N ASN B 416 37.95 22.83 1.30
CA ASN B 416 38.97 22.30 0.40
C ASN B 416 38.50 22.30 -1.04
N PHE B 417 37.25 21.91 -1.27
CA PHE B 417 36.69 21.94 -2.61
C PHE B 417 36.68 23.34 -3.19
N LEU B 418 36.28 24.32 -2.38
CA LEU B 418 36.25 25.71 -2.82
C LEU B 418 37.64 26.22 -3.13
N ASP B 419 38.64 25.84 -2.33
CA ASP B 419 40.01 26.21 -2.63
C ASP B 419 40.47 25.64 -3.96
N THR B 420 40.14 24.38 -4.24
CA THR B 420 40.51 23.79 -5.52
C THR B 420 39.86 24.55 -6.68
N ILE B 421 38.58 24.91 -6.53
CA ILE B 421 37.90 25.65 -7.58
C ILE B 421 38.55 27.01 -7.80
N ILE B 422 38.87 27.71 -6.72
CA ILE B 422 39.47 29.04 -6.83
C ILE B 422 40.82 28.96 -7.52
N ARG B 423 41.65 27.99 -7.12
CA ARG B 423 42.94 27.81 -7.76
C ARG B 423 42.82 27.41 -9.22
N ALA B 424 41.74 26.71 -9.58
CA ALA B 424 41.49 26.37 -10.98
C ALA B 424 41.06 27.57 -11.81
N GLU B 425 40.28 28.49 -11.26
CA GLU B 425 39.85 29.65 -12.04
C GLU B 425 40.78 30.86 -11.94
N CYS B 426 41.77 30.84 -11.06
CA CYS B 426 42.87 31.80 -11.19
C CYS B 426 43.66 31.56 -12.47
N PHE B 427 43.92 30.29 -12.77
CA PHE B 427 44.29 29.85 -14.11
C PHE B 427 43.02 29.97 -14.96
N LEU B 428 43.17 30.02 -16.28
CA LEU B 428 42.06 30.17 -17.22
C LEU B 428 41.51 31.59 -17.22
N GLN B 429 41.91 32.39 -16.24
CA GLN B 429 41.56 33.82 -16.14
C GLN B 429 40.09 34.10 -16.40
N GLU B 430 39.21 33.29 -15.79
CA GLU B 430 37.77 33.56 -15.84
C GLU B 430 37.07 32.64 -14.86
N GLY B 431 35.79 32.91 -14.64
CA GLY B 431 34.99 32.12 -13.72
C GLY B 431 34.01 31.20 -14.41
N PHE B 432 33.60 30.15 -13.71
CA PHE B 432 32.66 29.18 -14.23
C PHE B 432 31.24 29.72 -14.17
N TYR B 433 30.36 29.15 -15.00
CA TYR B 433 28.97 29.57 -15.00
C TYR B 433 28.21 29.01 -13.80
N SER B 434 28.66 27.85 -13.31
CA SER B 434 28.00 27.21 -12.17
C SER B 434 28.15 28.05 -10.91
N CYS B 435 29.33 28.66 -10.75
CA CYS B 435 29.60 29.45 -9.55
C CYS B 435 28.70 30.67 -9.47
N GLU B 436 28.45 31.33 -10.60
CA GLU B 436 27.58 32.49 -10.60
C GLU B 436 26.17 32.12 -10.16
N ALA B 437 25.64 31.01 -10.68
CA ALA B 437 24.31 30.55 -10.27
C ALA B 437 24.28 30.19 -8.81
N PHE B 438 25.33 29.54 -8.31
CA PHE B 438 25.38 29.18 -6.90
C PHE B 438 25.38 30.42 -6.01
N LEU B 439 26.15 31.45 -6.37
CA LEU B 439 26.11 32.69 -5.61
C LEU B 439 24.74 33.35 -5.65
N TYR B 440 24.13 33.42 -6.82
CA TYR B 440 22.84 34.10 -6.90
C TYR B 440 21.77 33.35 -6.12
N LYS B 441 21.85 32.02 -6.07
CA LYS B 441 20.86 31.26 -5.31
C LYS B 441 21.10 31.32 -3.82
N SER B 442 22.35 31.21 -3.36
CA SER B 442 22.63 30.99 -1.95
C SER B 442 23.01 32.25 -1.19
N LEU B 443 23.18 33.38 -1.86
CA LEU B 443 23.57 34.61 -1.19
C LEU B 443 22.53 35.11 -0.18
N PRO B 444 21.22 35.09 -0.49
CA PRO B 444 20.24 35.58 0.49
C PRO B 444 20.27 34.83 1.82
N LEU B 445 20.60 33.54 1.82
CA LEU B 445 20.56 32.75 3.05
C LEU B 445 21.88 32.75 3.81
N TRP B 446 22.93 33.37 3.26
CA TRP B 446 24.24 33.36 3.90
C TRP B 446 24.27 34.29 5.10
N ASP B 447 25.01 33.88 6.14
CA ASP B 447 25.13 34.66 7.36
C ASP B 447 26.35 35.57 7.38
N GLY B 448 27.29 35.39 6.45
CA GLY B 448 28.42 36.28 6.33
C GLY B 448 29.68 35.86 7.04
N LEU B 449 29.74 34.66 7.60
CA LEU B 449 30.92 34.22 8.34
C LEU B 449 31.36 32.79 8.04
N CYS B 450 30.51 31.97 7.42
CA CYS B 450 30.78 30.53 7.37
C CYS B 450 32.04 30.21 6.58
N CYS B 451 32.14 30.71 5.35
CA CYS B 451 33.27 30.39 4.47
C CYS B 451 33.75 31.71 3.85
N ARG B 452 33.98 32.70 4.70
CA ARG B 452 34.14 34.09 4.24
C ARG B 452 35.19 34.21 3.15
N SER B 453 36.37 33.63 3.37
CA SER B 453 37.47 33.81 2.43
C SER B 453 37.13 33.27 1.05
N GLN B 454 36.71 32.01 0.97
CA GLN B 454 36.46 31.39 -0.32
C GLN B 454 35.22 31.95 -0.98
N PHE B 455 34.15 32.18 -0.21
CA PHE B 455 32.95 32.76 -0.77
C PHE B 455 33.21 34.14 -1.35
N LEU B 456 33.99 34.96 -0.65
CA LEU B 456 34.29 36.30 -1.14
C LEU B 456 35.32 36.27 -2.27
N GLN B 457 36.12 35.21 -2.35
CA GLN B 457 37.03 35.07 -3.49
C GLN B 457 36.33 34.55 -4.74
N LEU B 458 35.16 33.93 -4.59
CA LEU B 458 34.38 33.55 -5.75
C LEU B 458 33.71 34.75 -6.41
N VAL B 459 33.44 35.80 -5.62
CA VAL B 459 32.74 36.97 -6.14
C VAL B 459 33.61 37.70 -7.17
N SER B 460 34.93 37.69 -6.98
CA SER B 460 35.81 38.44 -7.87
C SER B 460 35.70 37.96 -9.32
N TRP B 461 35.34 36.70 -9.52
CA TRP B 461 35.25 36.13 -10.87
C TRP B 461 33.81 36.09 -11.36
N ILE B 462 33.22 37.28 -11.48
CA ILE B 462 31.87 37.45 -12.03
C ILE B 462 32.03 38.11 -13.39
N PRO B 463 31.44 37.57 -14.46
CA PRO B 463 31.67 38.13 -15.79
C PRO B 463 31.15 39.56 -15.90
N PHE B 464 31.77 40.32 -16.79
CA PHE B 464 31.36 41.70 -17.01
C PHE B 464 29.93 41.76 -17.53
N SER B 465 29.13 42.63 -16.92
CA SER B 465 27.75 42.82 -17.31
C SER B 465 27.30 44.18 -16.82
N SER B 466 26.17 44.64 -17.34
CA SER B 466 25.64 45.95 -16.95
C SER B 466 25.35 45.98 -15.46
N PHE B 467 25.70 47.10 -14.83
CA PHE B 467 25.61 47.19 -13.37
C PHE B 467 24.16 47.13 -12.91
N SER B 468 23.24 47.71 -13.68
CA SER B 468 21.84 47.75 -13.25
C SER B 468 21.24 46.35 -13.19
N GLU B 469 21.67 45.45 -14.05
CA GLU B 469 21.09 44.11 -14.09
C GLU B 469 21.49 43.29 -12.87
N VAL B 470 22.79 43.26 -12.53
CA VAL B 470 23.26 42.42 -11.44
C VAL B 470 23.14 43.07 -10.08
N LYS B 471 22.77 44.35 -10.03
CA LYS B 471 22.63 45.01 -8.74
C LYS B 471 21.60 44.33 -7.84
N PRO B 472 20.35 44.11 -8.25
CA PRO B 472 19.40 43.43 -7.34
C PRO B 472 19.82 42.02 -6.99
N LEU B 473 20.51 41.34 -7.89
CA LEU B 473 20.90 39.96 -7.65
C LEU B 473 22.01 39.84 -6.62
N LEU B 474 23.01 40.73 -6.66
CA LEU B 474 24.19 40.59 -5.81
C LEU B 474 24.33 41.73 -4.81
N PHE B 475 24.33 42.98 -5.27
CA PHE B 475 24.82 44.05 -4.42
C PHE B 475 23.79 44.48 -3.39
N ASP B 476 22.51 44.27 -3.67
CA ASP B 476 21.50 44.59 -2.67
C ASP B 476 21.63 43.70 -1.43
N HIS B 477 21.98 42.44 -1.62
CA HIS B 477 22.23 41.56 -0.48
C HIS B 477 23.57 41.87 0.18
N LEU B 478 24.60 42.12 -0.64
CA LEU B 478 25.91 42.43 -0.08
C LEU B 478 25.87 43.70 0.77
N ALA B 479 25.13 44.71 0.34
CA ALA B 479 25.07 45.96 1.09
C ALA B 479 24.29 45.79 2.39
N GLN B 480 23.20 45.05 2.37
CA GLN B 480 22.46 44.81 3.60
C GLN B 480 23.29 44.01 4.60
N LEU B 481 24.09 43.07 4.11
CA LEU B 481 24.98 42.34 5.00
C LEU B 481 26.17 43.21 5.43
N PHE B 482 26.47 44.25 4.66
CA PHE B 482 27.64 45.10 4.89
C PHE B 482 27.42 46.05 6.05
N PHE B 483 26.25 46.68 6.11
CA PHE B 483 26.05 47.80 7.03
C PHE B 483 25.82 47.34 8.47
N THR B 484 25.50 46.06 8.66
CA THR B 484 25.16 45.55 9.98
C THR B 484 26.19 44.60 10.55
N SER B 485 27.36 44.49 9.93
CA SER B 485 28.39 43.54 10.34
C SER B 485 29.58 44.26 10.96
N THR B 486 30.59 43.47 11.32
CA THR B 486 31.79 43.99 11.95
C THR B 486 32.70 44.66 10.92
N ILE B 487 33.76 45.31 11.42
CA ILE B 487 34.66 46.07 10.56
C ILE B 487 35.50 45.17 9.66
N TYR B 488 35.83 43.96 10.12
CA TYR B 488 36.61 43.04 9.31
C TYR B 488 35.82 42.55 8.10
N PHE B 489 34.50 42.38 8.24
CA PHE B 489 33.68 42.07 7.07
C PHE B 489 33.72 43.21 6.07
N LYS B 490 33.67 44.46 6.54
CA LYS B 490 33.74 45.60 5.64
C LYS B 490 35.06 45.63 4.88
N CYS B 491 36.17 45.40 5.58
CA CYS B 491 37.47 45.36 4.91
C CYS B 491 37.52 44.22 3.90
N SER B 492 36.96 43.06 4.24
CA SER B 492 36.94 41.93 3.32
C SER B 492 36.19 42.25 2.04
N VAL B 493 35.02 42.89 2.16
CA VAL B 493 34.25 43.18 0.96
C VAL B 493 34.93 44.27 0.13
N LEU B 494 35.61 45.22 0.78
CA LEU B 494 36.36 46.21 0.01
C LEU B 494 37.48 45.55 -0.79
N GLN B 495 38.19 44.59 -0.17
CA GLN B 495 39.21 43.84 -0.89
C GLN B 495 38.63 43.10 -2.10
N SER B 496 37.50 42.41 -1.89
CA SER B 496 36.92 41.63 -2.99
C SER B 496 36.42 42.53 -4.11
N LEU B 497 35.83 43.68 -3.78
CA LEU B 497 35.38 44.61 -4.82
C LEU B 497 36.56 45.20 -5.60
N LYS B 498 37.68 45.46 -4.91
CA LYS B 498 38.86 45.94 -5.64
C LYS B 498 39.35 44.90 -6.64
N GLU B 499 39.39 43.63 -6.23
CA GLU B 499 39.82 42.58 -7.15
C GLU B 499 38.85 42.44 -8.32
N LEU B 500 37.55 42.56 -8.04
CA LEU B 500 36.55 42.49 -9.11
C LEU B 500 36.75 43.61 -10.13
N LEU B 501 37.01 44.83 -9.64
CA LEU B 501 37.27 45.94 -10.55
C LEU B 501 38.49 45.68 -11.41
N GLN B 502 39.57 45.15 -10.80
CA GLN B 502 40.77 44.87 -11.58
C GLN B 502 40.50 43.84 -12.66
N ASN B 503 39.73 42.79 -12.34
CA ASN B 503 39.42 41.77 -13.35
C ASN B 503 38.59 42.34 -14.48
N TRP B 504 37.57 43.14 -14.15
CA TRP B 504 36.74 43.74 -15.19
C TRP B 504 37.56 44.63 -16.10
N LEU B 505 38.44 45.45 -15.53
CA LEU B 505 39.30 46.31 -16.33
C LEU B 505 40.24 45.50 -17.21
N LEU B 506 40.81 44.43 -16.67
CA LEU B 506 41.71 43.60 -17.45
C LEU B 506 41.01 43.01 -18.67
N TRP B 507 39.78 42.54 -18.48
CA TRP B 507 39.08 41.96 -19.63
C TRP B 507 38.61 43.03 -20.62
N LEU B 508 38.31 44.24 -20.14
CA LEU B 508 37.81 45.29 -21.04
C LEU B 508 38.93 45.83 -21.94
N SER B 509 40.15 45.92 -21.42
CA SER B 509 41.22 46.56 -22.18
C SER B 509 41.56 45.79 -23.44
N MET B 510 41.56 44.46 -23.38
CA MET B 510 41.90 43.67 -24.56
C MET B 510 40.83 43.78 -25.65
N ASP B 511 39.61 44.11 -25.27
CA ASP B 511 38.53 44.17 -26.26
C ASP B 511 38.70 45.34 -27.21
N ILE B 512 39.16 46.48 -26.71
CA ILE B 512 39.34 47.65 -27.57
C ILE B 512 40.44 47.41 -28.60
N HIS B 513 41.39 46.53 -28.31
CA HIS B 513 42.39 46.16 -29.30
C HIS B 513 41.75 45.40 -30.45
N MET B 514 40.75 44.58 -30.13
CA MET B 514 40.05 43.79 -31.14
C MET B 514 39.27 44.69 -32.09
N THR B 524 27.76 45.49 -26.35
CA THR B 524 27.60 46.87 -25.92
C THR B 524 28.76 47.73 -26.41
N THR B 525 28.46 48.99 -26.74
CA THR B 525 29.47 49.90 -27.24
C THR B 525 30.41 50.32 -26.11
N LEU B 526 31.52 50.96 -26.49
CA LEU B 526 32.49 51.40 -25.50
C LEU B 526 31.89 52.44 -24.55
N GLY B 527 31.06 53.34 -25.08
CA GLY B 527 30.40 54.31 -24.22
C GLY B 527 29.49 53.66 -23.20
N GLY B 528 28.80 52.59 -23.59
CA GLY B 528 27.99 51.86 -22.65
C GLY B 528 28.80 51.12 -21.60
N SER B 529 29.95 50.58 -22.01
CA SER B 529 30.77 49.79 -21.09
C SER B 529 31.35 50.64 -19.97
N MET B 530 31.79 51.86 -20.28
CA MET B 530 32.39 52.71 -19.25
C MET B 530 31.36 53.16 -18.23
N ASN B 531 30.09 53.23 -18.64
CA ASN B 531 29.03 53.63 -17.72
C ASN B 531 28.89 52.64 -16.58
N SER B 532 29.02 51.34 -16.88
CA SER B 532 28.89 50.32 -15.84
C SER B 532 30.00 50.43 -14.80
N VAL B 533 31.24 50.58 -15.26
CA VAL B 533 32.35 50.66 -14.30
C VAL B 533 32.27 51.96 -13.51
N SER B 534 31.84 53.05 -14.14
CA SER B 534 31.67 54.29 -13.39
C SER B 534 30.59 54.17 -12.33
N LYS B 535 29.49 53.48 -12.65
CA LYS B 535 28.45 53.26 -11.64
C LYS B 535 28.96 52.39 -10.50
N LEU B 536 29.78 51.39 -10.81
CA LEU B 536 30.37 50.57 -9.75
C LEU B 536 31.27 51.41 -8.84
N ILE B 537 32.08 52.30 -9.43
CA ILE B 537 32.95 53.14 -8.63
C ILE B 537 32.15 54.08 -7.74
N HIS B 538 31.07 54.67 -8.28
CA HIS B 538 30.26 55.56 -7.47
C HIS B 538 29.54 54.78 -6.36
N TYR B 539 29.10 53.56 -6.66
CA TYR B 539 28.46 52.74 -5.64
C TYR B 539 29.40 52.46 -4.48
N VAL B 540 30.64 52.08 -4.78
CA VAL B 540 31.58 51.80 -3.70
C VAL B 540 32.01 53.07 -2.98
N GLY B 541 32.01 54.22 -3.64
CA GLY B 541 32.22 55.47 -2.93
C GLY B 541 31.12 55.77 -1.92
N TRP B 542 29.86 55.54 -2.31
CA TRP B 542 28.75 55.68 -1.38
C TRP B 542 28.90 54.74 -0.20
N LEU B 543 29.23 53.48 -0.48
CA LEU B 543 29.48 52.51 0.58
C LEU B 543 30.54 53.02 1.54
N SER B 544 31.65 53.52 1.01
CA SER B 544 32.77 53.96 1.83
C SER B 544 32.41 55.13 2.72
N THR B 545 31.69 56.12 2.17
CA THR B 545 31.34 57.28 2.97
C THR B 545 30.41 56.89 4.12
N THR B 546 29.37 56.11 3.83
CA THR B 546 28.48 55.69 4.91
C THR B 546 29.20 54.81 5.93
N ALA B 547 30.11 53.95 5.47
CA ALA B 547 30.86 53.09 6.38
C ALA B 547 31.75 53.90 7.30
N MET B 548 32.40 54.93 6.77
CA MET B 548 33.20 55.81 7.62
C MET B 548 32.33 56.48 8.66
N ARG B 549 31.14 56.92 8.27
CA ARG B 549 30.25 57.54 9.25
C ARG B 549 29.83 56.56 10.35
N LEU B 550 29.53 55.31 9.99
CA LEU B 550 29.07 54.33 10.98
C LEU B 550 30.19 53.94 11.94
N GLU B 551 31.43 53.83 11.46
CA GLU B 551 32.54 53.33 12.26
C GLU B 551 33.26 54.41 13.03
N SER B 552 32.82 55.66 12.94
CA SER B 552 33.40 56.78 13.70
C SER B 552 34.86 57.01 13.33
N ASN B 553 35.13 57.07 12.02
CA ASN B 553 36.43 57.48 11.48
C ASN B 553 37.56 56.60 11.98
N ASN B 554 37.44 55.28 11.77
CA ASN B 554 38.51 54.37 12.11
C ASN B 554 39.54 54.32 10.99
N THR B 555 40.82 54.44 11.34
CA THR B 555 41.85 54.56 10.32
C THR B 555 42.13 53.23 9.64
N PHE B 556 41.89 52.12 10.33
CA PHE B 556 42.06 50.80 9.75
C PHE B 556 41.18 50.63 8.51
N LEU B 557 39.96 51.16 8.56
CA LEU B 557 39.07 51.13 7.41
C LEU B 557 39.52 52.11 6.33
N LEU B 558 40.06 53.25 6.75
CA LEU B 558 40.48 54.26 5.79
C LEU B 558 41.63 53.77 4.93
N HIS B 559 42.49 52.91 5.48
CA HIS B 559 43.55 52.34 4.65
C HIS B 559 43.00 51.54 3.47
N PHE B 560 41.99 50.70 3.72
CA PHE B 560 41.38 49.94 2.63
C PHE B 560 40.65 50.84 1.65
N ILE B 561 39.96 51.87 2.18
CA ILE B 561 39.24 52.79 1.33
C ILE B 561 40.19 53.48 0.37
N LEU B 562 41.36 53.90 0.85
CA LEU B 562 42.35 54.51 -0.02
C LEU B 562 43.04 53.50 -0.93
N ASP B 563 43.17 52.24 -0.49
CA ASP B 563 43.70 51.20 -1.35
C ASP B 563 42.86 51.03 -2.60
N PHE B 564 41.54 51.13 -2.47
CA PHE B 564 40.67 51.04 -3.65
C PHE B 564 40.96 52.17 -4.63
N TYR B 565 41.09 53.40 -4.13
CA TYR B 565 41.26 54.53 -5.03
C TYR B 565 42.67 54.60 -5.59
N GLU B 566 43.63 53.91 -4.98
CA GLU B 566 44.93 53.77 -5.62
C GLU B 566 44.81 53.06 -6.96
N LYS B 567 44.02 51.98 -7.02
CA LYS B 567 43.78 51.31 -8.30
C LYS B 567 42.91 52.18 -9.20
N VAL B 568 41.95 52.91 -8.62
CA VAL B 568 41.04 53.71 -9.43
C VAL B 568 41.78 54.85 -10.15
N CYS B 569 42.79 55.42 -9.49
CA CYS B 569 43.42 56.65 -9.97
C CYS B 569 44.20 56.51 -11.27
N ASP B 570 44.60 55.30 -11.66
CA ASP B 570 45.57 55.12 -12.72
C ASP B 570 45.00 54.35 -13.91
N ILE B 571 43.67 54.40 -14.10
CA ILE B 571 43.01 53.58 -15.10
C ILE B 571 43.48 53.96 -16.50
N TYR B 572 43.54 55.26 -16.80
CA TYR B 572 43.85 55.68 -18.16
C TYR B 572 45.25 55.25 -18.57
N ILE B 573 46.23 55.41 -17.69
CA ILE B 573 47.59 55.00 -18.04
C ILE B 573 47.71 53.48 -18.08
N ASN B 574 47.15 52.77 -17.10
CA ASN B 574 47.37 51.33 -17.04
C ASN B 574 46.64 50.58 -18.14
N TYR B 575 45.37 50.90 -18.36
CA TYR B 575 44.53 50.11 -19.28
C TYR B 575 44.12 50.86 -20.53
N ASN B 576 44.49 52.13 -20.67
CA ASN B 576 44.20 52.91 -21.88
C ASN B 576 42.70 53.00 -22.14
N LEU B 577 41.92 53.11 -21.08
CA LEU B 577 40.49 53.31 -21.17
C LEU B 577 40.13 54.71 -20.70
N PRO B 578 39.52 55.55 -21.54
CA PRO B 578 39.28 56.95 -21.14
C PRO B 578 38.22 57.04 -20.07
N LEU B 579 38.66 57.19 -18.82
CA LEU B 579 37.76 57.31 -17.69
C LEU B 579 38.51 57.84 -16.47
N VAL B 580 38.08 58.96 -15.92
CA VAL B 580 38.69 59.54 -14.72
C VAL B 580 37.58 59.85 -13.74
N VAL B 581 37.60 59.19 -12.58
CA VAL B 581 36.59 59.37 -11.54
C VAL B 581 37.31 59.71 -10.25
N LEU B 582 36.87 60.77 -9.58
CA LEU B 582 37.48 61.20 -8.34
C LEU B 582 36.68 60.69 -7.14
N PHE B 583 37.36 60.60 -6.00
CA PHE B 583 36.69 60.24 -4.76
C PHE B 583 35.91 61.43 -4.20
N PRO B 584 34.81 61.17 -3.50
CA PRO B 584 33.96 62.26 -3.01
C PRO B 584 34.66 63.08 -1.95
N PRO B 585 34.21 64.31 -1.71
CA PRO B 585 34.88 65.16 -0.71
C PRO B 585 34.90 64.59 0.70
N GLY B 586 33.94 63.75 1.05
CA GLY B 586 33.93 63.16 2.38
C GLY B 586 35.16 62.31 2.65
N ILE B 587 35.66 61.63 1.62
CA ILE B 587 36.89 60.85 1.76
C ILE B 587 38.10 61.78 1.77
N PHE B 588 38.11 62.78 0.90
CA PHE B 588 39.28 63.66 0.78
C PHE B 588 39.54 64.43 2.06
N TYR B 589 38.50 65.06 2.63
CA TYR B 589 38.73 65.86 3.82
C TYR B 589 38.85 65.02 5.08
N SER B 590 38.49 63.74 5.04
CA SER B 590 38.80 62.86 6.17
C SER B 590 40.21 62.31 6.08
N ALA B 591 40.76 62.19 4.86
CA ALA B 591 42.15 61.79 4.71
C ALA B 591 43.10 62.95 4.97
N LEU B 592 42.71 64.17 4.62
CA LEU B 592 43.62 65.31 4.76
C LEU B 592 43.80 65.69 6.22
N LEU B 593 42.79 65.48 7.05
CA LEU B 593 42.82 65.88 8.44
C LEU B 593 43.11 64.71 9.39
N SER B 594 43.65 63.61 8.87
CA SER B 594 43.93 62.45 9.70
C SER B 594 45.17 62.67 10.56
N LEU B 595 45.19 62.05 11.73
CA LEU B 595 46.38 62.09 12.57
C LEU B 595 47.50 61.22 12.00
N ASP B 596 47.13 60.15 11.31
CA ASP B 596 48.12 59.24 10.75
C ASP B 596 48.92 59.92 9.65
N THR B 597 50.23 59.66 9.63
CA THR B 597 51.11 60.23 8.62
C THR B 597 51.16 59.39 7.34
N SER B 598 51.07 58.07 7.45
CA SER B 598 50.99 57.24 6.26
C SER B 598 49.77 57.56 5.42
N ILE B 599 48.68 57.99 6.06
CA ILE B 599 47.49 58.41 5.32
C ILE B 599 47.81 59.63 4.45
N LEU B 600 48.50 60.61 5.03
CA LEU B 600 48.91 61.78 4.25
C LEU B 600 49.86 61.42 3.13
N ASN B 601 50.80 60.52 3.39
CA ASN B 601 51.72 60.10 2.34
C ASN B 601 50.97 59.47 1.17
N GLN B 602 50.02 58.58 1.49
CA GLN B 602 49.25 57.92 0.44
C GLN B 602 48.38 58.93 -0.31
N LEU B 603 47.81 59.90 0.40
CA LEU B 603 46.99 60.91 -0.26
C LEU B 603 47.81 61.76 -1.21
N CYS B 604 49.04 62.13 -0.80
CA CYS B 604 49.91 62.88 -1.70
C CYS B 604 50.23 62.07 -2.94
N PHE B 605 50.53 60.79 -2.77
CA PHE B 605 50.80 59.94 -3.94
C PHE B 605 49.60 59.87 -4.86
N ILE B 606 48.40 59.73 -4.29
CA ILE B 606 47.18 59.62 -5.10
C ILE B 606 46.93 60.90 -5.88
N MET B 607 47.12 62.05 -5.24
CA MET B 607 46.92 63.32 -5.93
C MET B 607 47.93 63.50 -7.05
N HIS B 608 49.17 63.08 -6.83
CA HIS B 608 50.17 63.17 -7.89
C HIS B 608 49.77 62.28 -9.07
N ARG B 609 49.24 61.10 -8.80
CA ARG B 609 48.81 60.21 -9.88
C ARG B 609 47.63 60.79 -10.65
N TYR B 610 46.63 61.34 -9.94
CA TYR B 610 45.56 62.07 -10.62
C TYR B 610 46.09 63.17 -11.53
N ARG B 611 47.02 63.99 -11.04
CA ARG B 611 47.51 65.07 -11.87
C ARG B 611 48.22 64.54 -13.12
N LYS B 612 49.02 63.50 -12.96
CA LYS B 612 49.68 62.90 -14.12
C LYS B 612 48.67 62.37 -15.13
N ASN B 613 47.63 61.66 -14.65
CA ASN B 613 46.66 61.08 -15.56
C ASN B 613 45.85 62.15 -16.27
N LEU B 614 45.45 63.21 -15.54
CA LEU B 614 44.68 64.28 -16.15
C LEU B 614 45.51 65.05 -17.16
N THR B 615 46.80 65.25 -16.88
CA THR B 615 47.68 65.89 -17.84
C THR B 615 47.80 65.04 -19.11
N ALA B 616 47.96 63.73 -18.94
CA ALA B 616 48.07 62.86 -20.10
C ALA B 616 46.79 62.83 -20.92
N ALA B 617 45.64 62.82 -20.24
CA ALA B 617 44.37 62.71 -20.95
C ALA B 617 44.09 63.91 -21.83
N LYS B 618 44.40 65.12 -21.34
CA LYS B 618 44.10 66.32 -22.11
C LYS B 618 44.89 66.37 -23.41
N LYS B 619 46.12 65.85 -23.40
CA LYS B 619 46.97 65.90 -24.59
C LYS B 619 46.36 65.14 -25.75
N ASN B 620 45.80 63.97 -25.49
CA ASN B 620 45.33 63.10 -26.56
C ASN B 620 44.03 63.61 -27.17
N GLU B 621 43.24 64.37 -26.40
CA GLU B 621 41.97 64.87 -26.92
C GLU B 621 42.20 65.83 -28.09
N LEU B 622 43.23 66.66 -28.02
CA LEU B 622 43.50 67.61 -29.09
C LEU B 622 43.78 66.89 -30.41
N VAL B 623 44.55 65.81 -30.35
CA VAL B 623 44.78 65.01 -31.55
C VAL B 623 43.51 64.29 -31.98
N GLN B 624 42.72 63.81 -31.01
CA GLN B 624 41.53 63.03 -31.29
C GLN B 624 40.26 63.88 -31.43
N LYS B 625 40.40 65.20 -31.41
CA LYS B 625 39.26 66.09 -31.55
C LYS B 625 38.62 65.95 -32.94
N ASN B 631 34.41 62.78 -24.88
CA ASN B 631 34.70 64.11 -24.36
C ASN B 631 34.67 64.13 -22.84
N PHE B 632 35.82 64.46 -22.24
CA PHE B 632 35.90 64.55 -20.79
C PHE B 632 35.03 65.71 -20.29
N SER B 633 34.28 65.45 -19.22
CA SER B 633 33.51 66.51 -18.59
C SER B 633 34.45 67.52 -17.96
N SER B 634 34.18 68.80 -18.18
CA SER B 634 35.05 69.83 -17.64
C SER B 634 34.97 69.89 -16.13
N LYS B 635 33.83 69.53 -15.54
CA LYS B 635 33.62 69.66 -14.11
C LYS B 635 34.68 68.90 -13.32
N THR B 636 35.19 67.81 -13.88
CA THR B 636 36.28 67.09 -13.26
C THR B 636 37.49 67.99 -13.03
N TYR B 637 37.80 68.82 -14.03
CA TYR B 637 38.99 69.67 -13.92
C TYR B 637 38.85 70.69 -12.80
N GLN B 638 37.71 71.38 -12.72
CA GLN B 638 37.54 72.35 -11.64
C GLN B 638 37.50 71.67 -10.28
N GLU B 639 36.87 70.49 -10.19
CA GLU B 639 36.83 69.80 -8.91
C GLU B 639 38.23 69.39 -8.45
N PHE B 640 39.02 68.83 -9.36
CA PHE B 640 40.39 68.47 -9.02
C PHE B 640 41.21 69.71 -8.67
N ASN B 641 40.97 70.82 -9.39
CA ASN B 641 41.68 72.05 -9.08
C ASN B 641 41.35 72.54 -7.68
N HIS B 642 40.09 72.46 -7.28
CA HIS B 642 39.72 72.87 -5.94
C HIS B 642 40.41 72.00 -4.90
N TYR B 643 40.42 70.69 -5.12
CA TYR B 643 41.14 69.79 -4.21
C TYR B 643 42.59 70.19 -4.10
N LEU B 644 43.25 70.42 -5.24
CA LEU B 644 44.68 70.71 -5.24
C LEU B 644 44.98 72.03 -4.55
N THR B 645 44.19 73.06 -4.82
CA THR B 645 44.42 74.36 -4.20
C THR B 645 44.23 74.28 -2.68
N SER B 646 43.19 73.59 -2.23
CA SER B 646 43.02 73.42 -0.79
C SER B 646 44.21 72.69 -0.18
N MET B 647 44.67 71.63 -0.84
CA MET B 647 45.76 70.83 -0.31
C MET B 647 47.06 71.62 -0.21
N VAL B 648 47.41 72.38 -1.26
CA VAL B 648 48.63 73.16 -1.21
C VAL B 648 48.50 74.31 -0.23
N GLY B 649 47.30 74.90 -0.12
CA GLY B 649 47.10 75.99 0.81
C GLY B 649 47.29 75.56 2.25
N CYS B 650 46.78 74.37 2.59
CA CYS B 650 46.94 73.90 3.96
C CYS B 650 48.40 73.61 4.30
N LEU B 651 49.16 73.09 3.33
CA LEU B 651 50.46 72.52 3.65
C LEU B 651 51.54 73.59 3.82
N TRP B 652 51.81 74.38 2.78
CA TRP B 652 52.94 75.29 2.87
C TRP B 652 52.66 76.67 2.28
N THR B 653 51.44 76.92 1.83
CA THR B 653 51.07 78.21 1.26
C THR B 653 50.47 79.14 2.31
N SER B 654 50.01 78.60 3.44
CA SER B 654 49.42 79.39 4.53
C SER B 654 48.14 80.09 4.08
N LYS B 655 47.32 79.37 3.34
CA LYS B 655 45.96 79.82 2.99
C LYS B 655 44.99 78.68 3.22
N PRO B 656 44.80 78.27 4.48
CA PRO B 656 43.92 77.12 4.75
C PRO B 656 42.46 77.37 4.38
N PHE B 657 42.02 78.63 4.41
CA PHE B 657 40.60 78.93 4.26
C PHE B 657 40.15 78.85 2.81
N GLY B 658 40.11 77.64 2.25
CA GLY B 658 39.66 77.44 0.90
C GLY B 658 38.15 77.37 0.80
N LYS B 659 37.67 77.02 -0.39
CA LYS B 659 36.23 76.91 -0.61
C LYS B 659 35.66 75.74 0.18
N GLY B 660 36.39 74.62 0.23
CA GLY B 660 35.90 73.46 0.96
C GLY B 660 35.86 73.70 2.46
N ILE B 661 36.97 74.14 3.04
CA ILE B 661 37.00 74.51 4.45
C ILE B 661 36.67 75.99 4.56
N TYR B 662 35.39 76.32 4.50
CA TYR B 662 34.96 77.71 4.67
C TYR B 662 34.39 77.92 6.07
N ILE B 663 35.28 77.86 7.06
CA ILE B 663 34.88 78.16 8.43
C ILE B 663 34.78 79.66 8.60
N ASP B 664 33.82 80.10 9.41
CA ASP B 664 33.54 81.51 9.54
C ASP B 664 34.66 82.20 10.31
N PRO B 665 35.33 83.20 9.72
CA PRO B 665 36.54 83.75 10.34
C PRO B 665 36.33 84.36 11.71
N GLU B 666 35.20 85.02 11.96
CA GLU B 666 35.03 85.70 13.24
C GLU B 666 34.84 84.71 14.38
N ILE B 667 34.40 83.48 14.06
CA ILE B 667 34.35 82.44 15.07
C ILE B 667 35.76 82.09 15.53
N LEU B 668 36.73 82.14 14.61
CA LEU B 668 38.12 81.82 14.97
C LEU B 668 38.66 82.80 16.00
N GLU B 669 38.32 84.08 15.87
CA GLU B 669 38.71 85.05 16.88
C GLU B 669 38.07 84.73 18.23
N LYS B 670 36.80 84.31 18.21
CA LYS B 670 36.17 83.83 19.45
C LYS B 670 36.80 82.52 19.90
N THR B 671 37.22 81.69 18.94
CA THR B 671 37.80 80.40 19.27
C THR B 671 39.11 80.56 20.04
N GLY B 672 39.90 81.58 19.70
CA GLY B 672 41.12 81.88 20.42
C GLY B 672 42.40 81.68 19.65
N VAL B 673 42.35 81.50 18.34
CA VAL B 673 43.54 81.32 17.51
C VAL B 673 44.04 82.71 17.10
N ALA B 674 45.29 83.01 17.44
CA ALA B 674 45.87 84.30 17.06
C ALA B 674 46.23 84.32 15.58
N GLU B 675 46.89 83.26 15.09
CA GLU B 675 47.34 83.17 13.71
C GLU B 675 47.04 81.77 13.19
N TYR B 676 45.86 81.63 12.56
CA TYR B 676 45.42 80.34 12.04
C TYR B 676 45.99 80.03 10.67
N LYS B 677 46.59 81.00 9.99
CA LYS B 677 47.05 80.79 8.62
C LYS B 677 48.13 79.71 8.56
N ASN B 678 48.96 79.63 9.59
CA ASN B 678 50.06 78.67 9.65
C ASN B 678 49.80 77.55 10.64
N SER B 679 48.53 77.27 10.95
CA SER B 679 48.21 76.28 11.97
C SER B 679 48.37 74.86 11.46
N LEU B 680 48.07 74.62 10.18
CA LEU B 680 48.05 73.26 9.65
C LEU B 680 49.16 73.01 8.64
N ASN B 681 50.32 73.63 8.83
CA ASN B 681 51.43 73.46 7.91
C ASN B 681 52.13 72.13 8.17
N VAL B 682 53.28 71.94 7.52
CA VAL B 682 54.08 70.74 7.76
C VAL B 682 54.61 70.74 9.20
N VAL B 683 55.00 71.90 9.70
CA VAL B 683 55.59 71.99 11.03
C VAL B 683 54.54 71.75 12.12
N HIS B 684 53.35 72.35 11.97
CA HIS B 684 52.43 72.42 13.09
C HIS B 684 51.24 71.48 12.95
N HIS B 685 51.15 70.72 11.86
CA HIS B 685 50.05 69.78 11.73
C HIS B 685 50.14 68.73 12.83
N PRO B 686 49.02 68.33 13.43
CA PRO B 686 49.09 67.32 14.49
C PRO B 686 49.62 65.98 14.02
N SER B 687 49.58 65.71 12.71
CA SER B 687 50.14 64.47 12.20
C SER B 687 51.66 64.45 12.35
N PHE B 688 52.32 65.56 12.04
CA PHE B 688 53.77 65.63 12.06
C PHE B 688 54.33 65.97 13.44
N LEU B 689 53.52 65.81 14.49
CA LEU B 689 53.99 66.15 15.83
C LEU B 689 55.19 65.30 16.22
N SER B 690 55.14 64.01 15.88
CA SER B 690 56.24 63.11 16.23
C SER B 690 57.53 63.54 15.56
N TYR B 691 57.47 63.83 14.27
CA TYR B 691 58.68 64.22 13.55
C TYR B 691 59.21 65.56 14.06
N ALA B 692 58.31 66.51 14.33
CA ALA B 692 58.76 67.81 14.82
C ALA B 692 59.43 67.69 16.18
N VAL B 693 58.83 66.92 17.09
CA VAL B 693 59.40 66.75 18.43
C VAL B 693 60.74 66.03 18.34
N SER B 694 60.83 65.00 17.50
CA SER B 694 62.10 64.30 17.35
C SER B 694 63.19 65.21 16.82
N PHE B 695 62.85 66.06 15.85
CA PHE B 695 63.86 66.95 15.27
C PHE B 695 64.23 68.07 16.23
N LEU B 696 63.31 68.45 17.12
CA LEU B 696 63.58 69.54 18.04
C LEU B 696 64.74 69.22 18.97
N LEU B 697 64.90 67.95 19.34
CA LEU B 697 65.98 67.56 20.23
C LEU B 697 67.32 67.64 19.53
N GLN B 698 67.34 67.47 18.21
CA GLN B 698 68.58 67.53 17.45
C GLN B 698 69.16 68.95 17.45
N SER B 717 64.30 74.06 11.40
CA SER B 717 65.17 74.60 10.36
C SER B 717 65.63 73.50 9.41
N TRP B 718 65.36 73.73 8.12
CA TRP B 718 65.81 72.87 7.00
C TRP B 718 65.80 71.38 7.36
N TYR B 719 64.65 70.91 7.85
CA TYR B 719 64.50 69.49 8.14
C TYR B 719 63.61 68.77 7.14
N LEU B 720 63.32 69.40 6.00
CA LEU B 720 62.55 68.72 4.96
C LEU B 720 63.29 67.48 4.47
N ASP B 721 64.61 67.59 4.36
CA ASP B 721 65.46 66.44 4.03
C ASP B 721 65.36 65.38 5.12
N TYR B 722 65.16 65.80 6.37
CA TYR B 722 64.96 64.84 7.44
C TYR B 722 63.68 64.04 7.23
N LEU B 723 62.61 64.71 6.81
CA LEU B 723 61.37 64.00 6.50
C LEU B 723 61.57 63.04 5.34
N PHE B 724 62.25 63.48 4.28
CA PHE B 724 62.49 62.60 3.15
C PHE B 724 63.31 61.40 3.54
N SER B 725 64.31 61.58 4.42
CA SER B 725 65.09 60.45 4.92
C SER B 725 64.23 59.51 5.75
N GLN B 726 63.32 60.06 6.55
CA GLN B 726 62.41 59.22 7.31
C GLN B 726 61.49 58.42 6.38
N GLY B 727 61.25 58.94 5.18
CA GLY B 727 60.64 58.11 4.16
C GLY B 727 59.28 58.54 3.62
N LEU B 728 59.02 59.83 3.61
CA LEU B 728 57.79 60.38 3.05
C LEU B 728 57.98 60.58 1.55
N GLN B 729 57.94 59.46 0.81
CA GLN B 729 58.25 59.51 -0.61
C GLN B 729 57.13 60.18 -1.41
N GLY B 730 55.88 59.87 -1.10
CA GLY B 730 54.78 60.48 -1.82
C GLY B 730 54.72 61.98 -1.64
N LEU B 731 54.99 62.44 -0.41
CA LEU B 731 55.09 63.87 -0.17
C LEU B 731 56.21 64.48 -1.00
N LYS B 732 57.34 63.78 -1.13
CA LYS B 732 58.44 64.29 -1.94
C LYS B 732 58.03 64.44 -3.39
N LEU B 733 57.38 63.43 -3.96
CA LEU B 733 56.94 63.51 -5.35
C LEU B 733 55.93 64.63 -5.54
N PHE B 734 54.97 64.74 -4.62
CA PHE B 734 53.96 65.79 -4.74
C PHE B 734 54.59 67.17 -4.66
N ILE B 735 55.55 67.35 -3.76
CA ILE B 735 56.20 68.65 -3.62
C ILE B 735 57.01 68.98 -4.88
N ARG B 736 57.77 68.01 -5.38
CA ARG B 736 58.62 68.27 -6.54
C ARG B 736 57.80 68.59 -7.78
N SER B 737 56.71 67.84 -7.99
CA SER B 737 55.94 68.05 -9.21
C SER B 737 55.07 69.30 -9.12
N SER B 738 54.57 69.62 -7.93
CA SER B 738 53.65 70.76 -7.81
C SER B 738 54.38 72.08 -8.00
N VAL B 739 55.52 72.26 -7.32
CA VAL B 739 56.27 73.52 -7.43
C VAL B 739 56.82 73.76 -8.83
N HIS B 740 57.39 72.75 -9.47
CA HIS B 740 57.92 72.89 -10.81
C HIS B 740 56.80 72.80 -11.85
N ASN C 19 33.17 76.64 35.38
CA ASN C 19 34.05 75.92 34.47
C ASN C 19 33.27 75.32 33.31
N THR C 20 33.94 74.48 32.52
CA THR C 20 33.30 73.85 31.37
C THR C 20 32.21 72.88 31.82
N GLU C 21 32.42 72.20 32.95
CA GLU C 21 31.47 71.21 33.42
C GLU C 21 30.09 71.82 33.65
N GLU C 22 30.05 72.99 34.30
CA GLU C 22 28.77 73.61 34.58
C GLU C 22 28.06 74.01 33.29
N GLU C 23 28.81 74.53 32.32
CA GLU C 23 28.21 74.92 31.05
C GLU C 23 27.62 73.71 30.33
N LEU C 24 28.38 72.61 30.29
CA LEU C 24 27.90 71.40 29.62
C LEU C 24 26.66 70.86 30.33
N ILE C 25 26.67 70.82 31.66
CA ILE C 25 25.50 70.35 32.40
C ILE C 25 24.30 71.21 32.06
N ARG C 26 24.46 72.54 32.12
CA ARG C 26 23.32 73.41 31.86
C ARG C 26 22.76 73.20 30.45
N GLU C 27 23.65 73.07 29.46
CA GLU C 27 23.22 72.74 28.12
C GLU C 27 22.42 71.45 28.09
N CYS C 28 22.83 70.46 28.90
CA CYS C 28 22.05 69.23 28.98
C CYS C 28 20.65 69.49 29.50
N GLU C 29 20.51 70.34 30.54
CA GLU C 29 19.15 70.62 31.01
C GLU C 29 18.32 71.37 29.96
N GLU C 30 18.92 72.31 29.22
CA GLU C 30 18.11 72.97 28.19
C GLU C 30 17.65 71.98 27.12
N MET C 31 18.54 71.08 26.69
CA MET C 31 18.12 70.09 25.70
C MET C 31 17.02 69.18 26.26
N TRP C 32 17.17 68.75 27.51
CA TRP C 32 16.13 67.92 28.13
C TRP C 32 14.80 68.64 28.22
N LYS C 33 14.82 69.91 28.62
CA LYS C 33 13.56 70.65 28.75
C LYS C 33 12.89 70.83 27.39
N ASP C 34 13.67 71.15 26.36
CA ASP C 34 13.11 71.29 25.03
C ASP C 34 12.52 69.97 24.54
N MET C 35 13.22 68.87 24.81
CA MET C 35 12.74 67.57 24.36
C MET C 35 11.46 67.17 25.11
N GLU C 36 11.37 67.51 26.40
CA GLU C 36 10.14 67.28 27.15
C GLU C 36 8.99 68.06 26.57
N GLU C 37 9.21 69.33 26.25
CA GLU C 37 8.14 70.15 25.67
C GLU C 37 7.68 69.58 24.33
N CYS C 38 8.64 69.18 23.49
CA CYS C 38 8.28 68.65 22.18
C CYS C 38 7.53 67.33 22.31
N GLN C 39 7.94 66.47 23.26
CA GLN C 39 7.22 65.22 23.50
C GLN C 39 5.81 65.48 23.99
N ASN C 40 5.64 66.45 24.89
CA ASN C 40 4.30 66.79 25.37
C ASN C 40 3.42 67.29 24.24
N LYS C 41 3.98 68.11 23.35
CA LYS C 41 3.21 68.60 22.21
C LYS C 41 2.88 67.51 21.21
N LEU C 42 3.75 66.51 21.05
CA LEU C 42 3.59 65.48 20.02
C LEU C 42 2.54 64.43 20.37
N SER C 43 2.13 64.33 21.63
CA SER C 43 1.25 63.25 22.07
C SER C 43 -0.23 63.53 21.83
N LEU C 44 -0.56 64.67 21.25
CA LEU C 44 -1.95 65.03 20.98
C LEU C 44 -2.44 64.51 19.62
N ILE C 45 -1.59 63.84 18.86
CA ILE C 45 -1.99 63.33 17.54
C ILE C 45 -2.63 61.96 17.70
N GLY C 46 -3.68 61.70 16.94
CA GLY C 46 -4.34 60.41 17.00
C GLY C 46 -3.55 59.34 16.26
N THR C 47 -3.71 58.10 16.69
CA THR C 47 -3.01 56.98 16.07
C THR C 47 -3.66 56.61 14.74
N GLU C 48 -2.83 56.23 13.78
CA GLU C 48 -3.29 55.72 12.50
C GLU C 48 -2.73 54.33 12.27
N THR C 49 -3.62 53.38 11.97
CA THR C 49 -3.23 52.02 11.67
C THR C 49 -3.53 51.71 10.21
N LEU C 50 -2.77 50.77 9.66
CA LEU C 50 -2.86 50.43 8.25
C LEU C 50 -3.54 49.08 8.07
N THR C 51 -3.82 48.75 6.81
CA THR C 51 -4.32 47.44 6.44
C THR C 51 -3.53 46.97 5.22
N ASP C 52 -3.74 45.70 4.85
CA ASP C 52 -2.96 45.09 3.79
C ASP C 52 -3.13 45.84 2.47
N SER C 53 -4.30 46.44 2.25
CA SER C 53 -4.60 47.02 0.94
C SER C 53 -3.93 48.37 0.74
N ASN C 54 -3.78 49.16 1.82
CA ASN C 54 -3.37 50.55 1.68
C ASN C 54 -2.03 50.87 2.35
N ALA C 55 -1.25 49.87 2.76
CA ALA C 55 -0.06 50.15 3.54
C ALA C 55 1.03 50.82 2.70
N GLN C 56 1.24 50.34 1.47
CA GLN C 56 2.40 50.76 0.68
C GLN C 56 2.33 52.25 0.34
N LEU C 57 1.19 52.69 -0.21
CA LEU C 57 1.06 54.09 -0.62
C LEU C 57 1.12 55.03 0.58
N SER C 58 0.46 54.67 1.67
CA SER C 58 0.49 55.51 2.86
C SER C 58 1.91 55.65 3.39
N LEU C 59 2.66 54.55 3.42
CA LEU C 59 4.03 54.62 3.91
C LEU C 59 4.90 55.46 2.99
N LEU C 60 4.69 55.37 1.67
CA LEU C 60 5.47 56.22 0.76
C LEU C 60 5.19 57.70 1.00
N ILE C 61 3.93 58.07 1.16
CA ILE C 61 3.60 59.47 1.42
C ILE C 61 4.23 59.94 2.73
N MET C 62 4.17 59.09 3.76
CA MET C 62 4.74 59.47 5.04
C MET C 62 6.26 59.62 4.95
N GLN C 63 6.91 58.77 4.16
CA GLN C 63 8.35 58.91 3.96
C GLN C 63 8.69 60.23 3.30
N VAL C 64 7.91 60.62 2.29
CA VAL C 64 8.16 61.92 1.65
C VAL C 64 8.06 63.05 2.67
N LYS C 65 6.99 63.03 3.47
CA LYS C 65 6.80 64.10 4.44
C LYS C 65 7.94 64.15 5.47
N CYS C 66 8.35 62.99 5.97
CA CYS C 66 9.38 62.98 7.01
C CYS C 66 10.74 63.38 6.47
N LEU C 67 11.07 62.95 5.25
CA LEU C 67 12.34 63.38 4.64
C LEU C 67 12.36 64.88 4.43
N THR C 68 11.26 65.44 3.93
CA THR C 68 11.20 66.89 3.76
C THR C 68 11.34 67.60 5.10
N ALA C 69 10.74 67.06 6.15
CA ALA C 69 10.86 67.67 7.47
C ALA C 69 12.31 67.66 7.96
N GLU C 70 13.00 66.54 7.77
CA GLU C 70 14.34 66.41 8.36
C GLU C 70 15.38 67.19 7.57
N LEU C 71 15.15 67.39 6.26
CA LEU C 71 16.12 68.11 5.45
C LEU C 71 16.33 69.53 5.97
N SER C 72 15.24 70.23 6.32
CA SER C 72 15.39 71.59 6.83
C SER C 72 16.04 71.61 8.20
N GLN C 73 15.75 70.60 9.03
CA GLN C 73 16.38 70.52 10.34
C GLN C 73 17.89 70.38 10.20
N TRP C 74 18.36 69.62 9.23
CA TRP C 74 19.80 69.49 9.04
C TRP C 74 20.40 70.79 8.48
N GLN C 75 19.60 71.56 7.74
CA GLN C 75 20.11 72.84 7.23
C GLN C 75 20.24 73.87 8.34
N LYS C 76 19.33 73.84 9.31
CA LYS C 76 19.40 74.81 10.41
C LYS C 76 20.64 74.60 11.26
N LYS C 77 21.19 73.39 11.28
CA LYS C 77 22.29 73.06 12.16
C LYS C 77 23.54 73.86 11.84
N THR C 78 24.17 74.42 12.87
CA THR C 78 25.40 75.16 12.75
C THR C 78 26.43 74.61 13.73
N PRO C 79 27.72 74.67 13.39
CA PRO C 79 28.74 74.16 14.33
C PRO C 79 28.86 75.07 15.54
N GLU C 80 28.61 74.49 16.72
CA GLU C 80 28.63 75.26 17.95
C GLU C 80 30.04 75.24 18.56
N THR C 81 30.40 76.36 19.20
CA THR C 81 31.77 76.57 19.63
C THR C 81 32.11 75.83 20.93
N ILE C 82 31.44 76.22 22.02
CA ILE C 82 31.72 75.78 23.38
C ILE C 82 33.23 75.57 23.59
N PRO C 83 34.04 76.63 23.54
CA PRO C 83 35.49 76.46 23.67
C PRO C 83 35.86 75.80 25.00
N LEU C 84 36.56 74.68 24.92
CA LEU C 84 36.99 73.96 26.10
C LEU C 84 38.34 74.46 26.58
N THR C 85 38.75 73.96 27.75
CA THR C 85 40.06 74.32 28.29
C THR C 85 41.16 73.65 27.49
N GLU C 86 42.40 74.08 27.71
CA GLU C 86 43.54 73.57 26.96
C GLU C 86 43.95 72.16 27.41
N ASP C 87 43.72 71.84 28.68
CA ASP C 87 44.18 70.57 29.22
C ASP C 87 43.38 69.39 28.65
N VAL C 88 42.06 69.56 28.53
CA VAL C 88 41.23 68.47 28.01
C VAL C 88 41.60 68.17 26.56
N LEU C 89 41.97 69.20 25.80
CA LEU C 89 42.43 68.97 24.43
C LEU C 89 43.67 68.10 24.41
N ILE C 90 44.61 68.37 25.32
CA ILE C 90 45.82 67.57 25.40
C ILE C 90 45.49 66.12 25.76
N THR C 91 44.58 65.94 26.72
CA THR C 91 44.20 64.57 27.11
C THR C 91 43.57 63.82 25.94
N LEU C 92 42.67 64.49 25.21
CA LEU C 92 42.03 63.85 24.06
C LEU C 92 43.06 63.49 22.99
N GLY C 93 44.01 64.38 22.74
CA GLY C 93 45.07 64.05 21.80
C GLY C 93 45.88 62.84 22.23
N LYS C 94 46.19 62.76 23.52
CA LYS C 94 46.93 61.62 24.03
C LYS C 94 46.16 60.32 23.80
N GLU C 95 44.86 60.33 24.11
CA GLU C 95 44.05 59.13 23.90
C GLU C 95 44.00 58.74 22.42
N GLU C 96 43.86 59.74 21.55
CA GLU C 96 43.81 59.45 20.11
C GLU C 96 45.11 58.82 19.64
N PHE C 97 46.25 59.34 20.10
CA PHE C 97 47.53 58.74 19.71
C PHE C 97 47.65 57.32 20.24
N GLN C 98 47.19 57.08 21.46
CA GLN C 98 47.27 55.74 22.04
C GLN C 98 46.49 54.74 21.19
N LYS C 99 45.28 55.11 20.76
CA LYS C 99 44.53 54.19 19.90
C LYS C 99 45.17 54.03 18.52
N LEU C 100 45.71 55.13 17.99
CA LEU C 100 46.39 55.08 16.70
C LEU C 100 47.54 54.07 16.72
N ARG C 101 48.19 53.89 17.87
CA ARG C 101 49.29 52.94 17.95
C ARG C 101 48.82 51.51 17.65
N GLN C 102 47.76 51.05 18.32
CA GLN C 102 47.26 49.70 18.07
C GLN C 102 46.75 49.56 16.64
N ASP C 103 46.05 50.58 16.15
CA ASP C 103 45.59 50.48 14.77
C ASP C 103 46.76 50.32 13.80
N LEU C 104 47.87 51.02 14.07
CA LEU C 104 49.01 50.94 13.18
C LEU C 104 49.68 49.58 13.24
N GLU C 105 49.78 48.97 14.43
CA GLU C 105 50.39 47.65 14.46
C GLU C 105 49.56 46.63 13.69
N MET C 106 48.22 46.71 13.81
CA MET C 106 47.38 45.80 13.04
C MET C 106 47.54 46.00 11.54
N VAL C 107 47.56 47.26 11.08
CA VAL C 107 47.69 47.48 9.64
C VAL C 107 49.05 47.01 9.15
N LEU C 108 50.08 47.12 9.99
CA LEU C 108 51.40 46.64 9.59
C LEU C 108 51.40 45.14 9.36
N SER C 109 50.78 44.39 10.28
CA SER C 109 50.71 42.94 10.08
C SER C 109 49.98 42.58 8.79
N THR C 110 48.86 43.27 8.52
CA THR C 110 48.13 42.99 7.28
C THR C 110 48.98 43.28 6.05
N LYS C 111 49.74 44.38 6.07
CA LYS C 111 50.58 44.70 4.92
C LYS C 111 51.64 43.63 4.68
N GLU C 112 52.24 43.11 5.75
CA GLU C 112 53.23 42.05 5.60
C GLU C 112 52.61 40.81 4.93
N SER C 113 51.42 40.42 5.39
CA SER C 113 50.75 39.27 4.79
C SER C 113 50.49 39.49 3.30
N LYS C 114 50.03 40.70 2.95
CA LYS C 114 49.76 41.00 1.55
C LYS C 114 51.02 40.87 0.69
N ASN C 115 52.14 41.38 1.20
CA ASN C 115 53.39 41.31 0.41
C ASN C 115 53.81 39.85 0.18
N GLU C 116 53.72 39.01 1.22
CA GLU C 116 54.09 37.61 1.04
C GLU C 116 53.24 36.95 -0.04
N LYS C 117 51.92 37.16 0.01
CA LYS C 117 51.07 36.55 -1.00
C LYS C 117 51.40 37.07 -2.40
N LEU C 118 51.74 38.35 -2.50
CA LEU C 118 52.08 38.91 -3.81
C LEU C 118 53.30 38.20 -4.40
N LYS C 119 54.33 37.98 -3.58
CA LYS C 119 55.54 37.32 -4.10
C LYS C 119 55.23 35.90 -4.58
N GLU C 120 54.47 35.15 -3.78
CA GLU C 120 54.14 33.78 -4.19
C GLU C 120 53.34 33.76 -5.49
N ASP C 121 52.35 34.65 -5.61
CA ASP C 121 51.57 34.74 -6.84
C ASP C 121 52.47 35.07 -8.02
N LEU C 122 53.46 35.96 -7.81
CA LEU C 122 54.35 36.34 -8.88
C LEU C 122 55.09 35.14 -9.46
N GLU C 123 55.68 34.33 -8.58
CA GLU C 123 56.44 33.18 -9.09
C GLU C 123 55.52 32.20 -9.81
N ARG C 124 54.32 31.95 -9.26
CA ARG C 124 53.42 31.00 -9.89
C ARG C 124 52.98 31.47 -11.29
N GLU C 125 52.63 32.76 -11.41
CA GLU C 125 52.20 33.28 -12.70
C GLU C 125 53.34 33.26 -13.71
N GLN C 126 54.57 33.48 -13.26
CA GLN C 126 55.70 33.38 -14.17
C GLN C 126 55.81 31.98 -14.76
N ARG C 127 55.68 30.95 -13.92
CA ARG C 127 55.73 29.58 -14.42
C ARG C 127 54.62 29.32 -15.43
N TRP C 128 53.40 29.77 -15.13
CA TRP C 128 52.29 29.56 -16.05
C TRP C 128 52.55 30.24 -17.39
N LEU C 129 53.10 31.46 -17.37
CA LEU C 129 53.38 32.18 -18.60
C LEU C 129 54.39 31.42 -19.46
N ASP C 130 55.42 30.87 -18.82
CA ASP C 130 56.41 30.09 -19.57
C ASP C 130 55.76 28.90 -20.28
N GLU C 131 54.97 28.13 -19.54
CA GLU C 131 54.33 26.96 -20.15
C GLU C 131 53.42 27.36 -21.31
N GLN C 132 52.68 28.46 -21.14
CA GLN C 132 51.73 28.87 -22.15
C GLN C 132 52.43 29.38 -23.40
N GLN C 133 53.59 30.02 -23.24
CA GLN C 133 54.39 30.41 -24.41
C GLN C 133 54.84 29.17 -25.18
N GLN C 134 55.31 28.14 -24.47
CA GLN C 134 55.70 26.91 -25.16
C GLN C 134 54.53 26.34 -25.96
N ILE C 135 53.34 26.30 -25.35
CA ILE C 135 52.18 25.74 -26.04
C ILE C 135 51.84 26.58 -27.27
N MET C 136 51.94 27.91 -27.17
CA MET C 136 51.62 28.74 -28.32
C MET C 136 52.59 28.49 -29.47
N GLU C 137 53.88 28.36 -29.17
CA GLU C 137 54.84 28.04 -30.24
C GLU C 137 54.50 26.71 -30.89
N SER C 138 54.14 25.71 -30.08
CA SER C 138 53.79 24.40 -30.64
C SER C 138 52.57 24.51 -31.56
N LEU C 139 51.54 25.24 -31.13
CA LEU C 139 50.35 25.40 -31.97
C LEU C 139 50.69 26.10 -33.28
N ASN C 140 51.52 27.15 -33.22
CA ASN C 140 51.90 27.85 -34.45
C ASN C 140 52.60 26.92 -35.42
N VAL C 141 53.57 26.15 -34.91
CA VAL C 141 54.32 25.24 -35.79
C VAL C 141 53.38 24.18 -36.37
N LEU C 142 52.49 23.63 -35.54
CA LEU C 142 51.60 22.58 -36.01
C LEU C 142 50.65 23.09 -37.08
N HIS C 143 50.07 24.27 -36.87
CA HIS C 143 49.17 24.82 -37.89
C HIS C 143 49.93 25.10 -39.18
N SER C 144 51.16 25.61 -39.08
CA SER C 144 51.96 25.84 -40.26
C SER C 144 52.20 24.53 -41.02
N GLU C 145 52.54 23.47 -40.30
CA GLU C 145 52.81 22.18 -40.94
C GLU C 145 51.57 21.63 -41.63
N LEU C 146 50.41 21.69 -40.95
CA LEU C 146 49.18 21.21 -41.56
C LEU C 146 48.80 22.04 -42.78
N LYS C 147 48.96 23.35 -42.71
CA LYS C 147 48.66 24.19 -43.87
C LYS C 147 49.60 23.87 -45.04
N ASN C 148 50.87 23.62 -44.75
CA ASN C 148 51.81 23.22 -45.80
C ASN C 148 51.40 21.88 -46.41
N LYS C 149 50.98 20.93 -45.58
CA LYS C 149 50.54 19.64 -46.08
C LYS C 149 49.19 19.75 -46.80
N SER C 154 39.15 11.34 -56.10
CA SER C 154 39.65 10.80 -54.83
C SER C 154 39.29 9.32 -54.69
N GLU C 155 38.24 8.90 -55.39
CA GLU C 155 37.86 7.49 -55.34
C GLU C 155 38.91 6.62 -56.02
N SER C 156 39.52 7.12 -57.09
CA SER C 156 40.51 6.33 -57.82
C SER C 156 41.73 6.04 -56.96
N ARG C 157 42.22 7.04 -56.23
CA ARG C 157 43.40 6.82 -55.39
C ARG C 157 43.06 5.92 -54.21
N ILE C 158 41.88 6.09 -53.61
CA ILE C 158 41.51 5.28 -52.45
C ILE C 158 41.42 3.81 -52.83
N PHE C 159 40.85 3.51 -54.00
CA PHE C 159 40.73 2.13 -54.44
C PHE C 159 42.10 1.50 -54.67
N ASN C 160 43.14 2.32 -54.83
CA ASN C 160 44.47 1.79 -55.12
C ASN C 160 45.09 1.12 -53.90
N GLU C 161 45.01 1.77 -52.73
CA GLU C 161 45.67 1.21 -51.55
C GLU C 161 45.03 -0.09 -51.11
N LEU C 162 43.73 -0.25 -51.35
CA LEU C 162 43.03 -1.43 -50.87
C LEU C 162 43.57 -2.70 -51.52
N LYS C 163 43.87 -2.65 -52.82
CA LYS C 163 44.53 -3.78 -53.45
C LYS C 163 45.94 -3.97 -52.89
N THR C 164 46.65 -2.87 -52.67
CA THR C 164 48.01 -2.96 -52.14
C THR C 164 48.00 -3.63 -50.77
N LYS C 165 47.02 -3.29 -49.93
CA LYS C 165 46.87 -3.99 -48.66
C LYS C 165 46.59 -5.47 -48.87
N MET C 166 45.72 -5.79 -49.85
CA MET C 166 45.48 -7.20 -50.19
C MET C 166 46.74 -7.87 -50.70
N LEU C 167 47.53 -7.17 -51.52
CA LEU C 167 48.72 -7.78 -52.09
C LEU C 167 49.72 -8.16 -51.01
N ASN C 168 49.94 -7.27 -50.03
CA ASN C 168 50.86 -7.59 -48.95
C ASN C 168 50.30 -8.70 -48.07
N ILE C 169 49.01 -8.67 -47.78
CA ILE C 169 48.41 -9.69 -46.93
C ILE C 169 48.48 -11.06 -47.59
N LYS C 170 48.10 -11.14 -48.87
CA LYS C 170 48.14 -12.42 -49.57
C LYS C 170 49.57 -12.92 -49.73
N GLU C 171 50.51 -12.01 -50.00
CA GLU C 171 51.91 -12.41 -50.08
C GLU C 171 52.40 -12.95 -48.74
N TYR C 172 52.00 -12.31 -47.65
CA TYR C 172 52.43 -12.76 -46.33
C TYR C 172 51.88 -14.15 -46.01
N LYS C 173 50.61 -14.39 -46.34
CA LYS C 173 49.99 -15.68 -46.02
C LYS C 173 50.66 -16.82 -46.78
N GLU C 174 50.98 -16.59 -48.06
CA GLU C 174 51.61 -17.64 -48.85
C GLU C 174 52.98 -18.02 -48.30
N LYS C 175 53.76 -17.03 -47.87
CA LYS C 175 55.05 -17.32 -47.24
C LYS C 175 54.86 -18.07 -45.93
N LEU C 176 53.86 -17.67 -45.13
CA LEU C 176 53.60 -18.35 -43.87
C LEU C 176 53.18 -19.79 -44.10
N LEU C 177 52.26 -20.03 -45.05
CA LEU C 177 51.77 -21.37 -45.29
C LEU C 177 52.86 -22.26 -45.87
N SER C 178 53.69 -21.71 -46.77
CA SER C 178 54.77 -22.48 -47.37
C SER C 178 55.78 -22.92 -46.33
N THR C 179 56.14 -22.03 -45.40
CA THR C 179 57.10 -22.38 -44.36
C THR C 179 56.53 -23.41 -43.40
N LEU C 180 55.24 -23.33 -43.12
CA LEU C 180 54.61 -24.29 -42.21
C LEU C 180 54.67 -25.70 -42.77
N GLY C 181 54.41 -25.85 -44.08
CA GLY C 181 54.46 -27.16 -44.68
C GLY C 181 55.85 -27.79 -44.63
N GLU C 182 56.89 -26.98 -44.86
CA GLU C 182 58.25 -27.48 -44.77
C GLU C 182 58.58 -27.91 -43.35
N PHE C 183 58.12 -27.16 -42.36
CA PHE C 183 58.44 -27.46 -40.97
C PHE C 183 57.88 -28.81 -40.55
N LEU C 184 56.65 -29.11 -40.95
CA LEU C 184 56.03 -30.38 -40.55
C LEU C 184 56.73 -31.57 -41.18
N GLU C 185 57.18 -31.44 -42.42
CA GLU C 185 57.86 -32.54 -43.10
C GLU C 185 59.22 -32.86 -42.48
N ASP C 186 59.91 -31.88 -41.90
CA ASP C 186 61.23 -32.08 -41.33
C ASP C 186 61.21 -32.60 -39.90
N HIS C 187 60.20 -32.24 -39.12
CA HIS C 187 60.16 -32.62 -37.71
C HIS C 187 59.09 -33.65 -37.37
N PHE C 188 58.04 -33.78 -38.19
CA PHE C 188 57.00 -34.78 -37.97
C PHE C 188 56.75 -35.54 -39.27
N PRO C 189 57.66 -36.47 -39.63
CA PRO C 189 57.45 -37.28 -40.84
C PRO C 189 56.15 -38.07 -40.79
N LEU C 190 55.81 -38.71 -41.92
CA LEU C 190 54.63 -39.57 -41.94
C LEU C 190 54.84 -40.74 -40.99
N PRO C 191 53.83 -41.11 -40.20
CA PRO C 191 54.05 -42.11 -39.15
C PRO C 191 54.38 -43.47 -39.71
N ASP C 192 55.17 -44.23 -38.95
CA ASP C 192 55.55 -45.58 -39.34
C ASP C 192 54.70 -46.63 -38.63
N VAL C 207 43.95 -50.07 -40.55
CA VAL C 207 43.49 -48.89 -41.26
C VAL C 207 44.62 -47.88 -41.39
N ASN C 208 44.70 -47.22 -42.55
CA ASN C 208 45.77 -46.27 -42.80
C ASN C 208 45.67 -45.08 -41.87
N LEU C 209 46.83 -44.56 -41.47
CA LEU C 209 46.92 -43.39 -40.59
C LEU C 209 47.33 -42.18 -41.41
N ILE C 210 46.54 -41.11 -41.34
CA ILE C 210 46.87 -39.89 -42.05
C ILE C 210 47.88 -39.08 -41.25
N THR C 211 48.64 -38.24 -41.94
CA THR C 211 49.68 -37.46 -41.29
C THR C 211 49.09 -36.32 -40.48
N LEU C 212 49.94 -35.72 -39.65
CA LEU C 212 49.50 -34.60 -38.82
C LEU C 212 49.10 -33.41 -39.67
N HIS C 213 49.83 -33.15 -40.76
CA HIS C 213 49.49 -32.02 -41.62
C HIS C 213 48.12 -32.17 -42.23
N GLU C 214 47.75 -33.39 -42.61
CA GLU C 214 46.40 -33.63 -43.13
C GLU C 214 45.35 -33.44 -42.05
N MET C 215 45.68 -33.80 -40.80
CA MET C 215 44.75 -33.61 -39.70
C MET C 215 44.48 -32.13 -39.46
N LEU C 216 45.51 -31.30 -39.57
CA LEU C 216 45.33 -29.86 -39.34
C LEU C 216 44.38 -29.25 -40.36
N GLU C 217 44.50 -29.64 -41.63
CA GLU C 217 43.67 -29.07 -42.67
C GLU C 217 42.19 -29.39 -42.45
N ILE C 218 41.91 -30.58 -41.92
CA ILE C 218 40.52 -30.98 -41.68
C ILE C 218 39.88 -30.08 -40.64
N LEU C 219 40.59 -29.84 -39.53
CA LEU C 219 40.04 -29.03 -38.45
C LEU C 219 39.86 -27.58 -38.88
N ILE C 220 40.83 -27.03 -39.61
CA ILE C 220 40.76 -25.63 -40.01
C ILE C 220 39.57 -25.40 -40.93
N ASN C 221 39.39 -26.28 -41.92
CA ASN C 221 38.30 -26.10 -42.87
C ASN C 221 36.95 -26.17 -42.17
N ARG C 222 36.75 -27.16 -41.31
CA ARG C 222 35.49 -27.32 -40.61
C ARG C 222 35.14 -26.10 -39.75
N LEU C 223 36.14 -25.40 -39.23
CA LEU C 223 35.90 -24.19 -38.45
C LEU C 223 35.31 -23.07 -39.31
N PHE C 224 35.74 -22.97 -40.57
CA PHE C 224 35.28 -21.87 -41.42
C PHE C 224 34.04 -22.26 -42.20
N ASP C 225 33.98 -23.48 -42.72
CA ASP C 225 32.85 -23.90 -43.53
C ASP C 225 31.57 -23.95 -42.69
N VAL C 226 31.67 -24.44 -41.45
CA VAL C 226 30.51 -24.52 -40.58
C VAL C 226 30.81 -23.72 -39.32
N PRO C 227 30.58 -22.39 -39.33
CA PRO C 227 30.90 -21.59 -38.14
C PRO C 227 30.16 -22.00 -36.89
N HIS C 228 28.90 -22.44 -37.02
CA HIS C 228 28.10 -22.72 -35.84
C HIS C 228 28.49 -24.05 -35.19
N ASP C 229 28.84 -25.04 -35.99
CA ASP C 229 29.15 -26.38 -35.48
C ASP C 229 30.47 -26.87 -36.05
N PRO C 230 31.60 -26.49 -35.47
CA PRO C 230 32.91 -26.93 -35.99
C PRO C 230 33.45 -28.23 -35.41
N TYR C 231 32.65 -28.97 -34.64
CA TYR C 231 33.14 -30.17 -33.98
C TYR C 231 33.38 -31.27 -35.00
N VAL C 232 34.45 -32.04 -34.78
CA VAL C 232 34.84 -33.14 -35.65
C VAL C 232 34.95 -34.41 -34.81
N LYS C 233 34.40 -35.50 -35.31
CA LYS C 233 34.42 -36.76 -34.58
C LYS C 233 35.75 -37.47 -34.77
N ILE C 234 36.32 -37.95 -33.65
CA ILE C 234 37.59 -38.66 -33.72
C ILE C 234 37.40 -40.00 -34.41
N SER C 235 38.29 -40.31 -35.34
CA SER C 235 38.26 -41.57 -36.08
C SER C 235 39.54 -42.34 -35.83
N ASP C 236 39.56 -43.58 -36.32
CA ASP C 236 40.73 -44.44 -36.15
C ASP C 236 41.94 -43.95 -36.92
N SER C 237 41.74 -43.05 -37.89
CA SER C 237 42.87 -42.48 -38.63
C SER C 237 43.75 -41.65 -37.72
N PHE C 238 43.13 -40.93 -36.78
CA PHE C 238 43.90 -40.13 -35.83
C PHE C 238 44.51 -41.03 -34.77
N TRP C 239 45.81 -41.28 -34.87
CA TRP C 239 46.42 -42.18 -33.92
C TRP C 239 46.88 -41.41 -32.68
N PRO C 240 46.52 -41.88 -31.50
CA PRO C 240 46.29 -40.99 -30.33
C PRO C 240 47.45 -40.06 -30.02
N PRO C 241 48.72 -40.50 -30.12
CA PRO C 241 49.80 -39.58 -29.75
C PRO C 241 49.79 -38.24 -30.47
N TYR C 242 49.38 -38.20 -31.74
CA TYR C 242 49.21 -36.91 -32.40
C TYR C 242 48.08 -36.10 -31.77
N VAL C 243 46.99 -36.78 -31.39
CA VAL C 243 45.84 -36.09 -30.79
C VAL C 243 46.25 -35.43 -29.48
N GLU C 244 47.09 -36.09 -28.70
CA GLU C 244 47.54 -35.51 -27.43
C GLU C 244 48.43 -34.28 -27.68
N LEU C 245 49.18 -34.29 -28.77
CA LEU C 245 50.04 -33.15 -29.07
C LEU C 245 49.23 -31.88 -29.29
N LEU C 246 48.16 -31.97 -30.07
CA LEU C 246 47.31 -30.81 -30.31
C LEU C 246 46.58 -30.38 -29.05
N LEU C 247 46.11 -31.34 -28.26
CA LEU C 247 45.32 -31.01 -27.09
C LEU C 247 46.17 -30.37 -26.00
N ARG C 248 47.44 -30.77 -25.89
CA ARG C 248 48.27 -30.28 -24.81
C ARG C 248 48.66 -28.82 -25.02
N ASN C 249 49.07 -28.46 -26.24
CA ASN C 249 49.54 -27.11 -26.50
C ASN C 249 48.42 -26.09 -26.61
N GLY C 250 47.16 -26.53 -26.63
CA GLY C 250 46.05 -25.61 -26.69
C GLY C 250 45.51 -25.35 -28.08
N ILE C 251 45.96 -26.09 -29.09
CA ILE C 251 45.45 -25.92 -30.45
C ILE C 251 44.07 -26.52 -30.64
N ALA C 252 43.72 -27.58 -29.91
CA ALA C 252 42.43 -28.23 -30.05
C ALA C 252 41.78 -28.38 -28.68
N LEU C 253 40.46 -28.52 -28.68
CA LEU C 253 39.69 -28.67 -27.45
C LEU C 253 38.68 -29.79 -27.62
N ARG C 254 38.51 -30.60 -26.57
CA ARG C 254 37.45 -31.59 -26.57
C ARG C 254 36.09 -30.91 -26.38
N HIS C 255 35.05 -31.60 -26.83
CA HIS C 255 33.71 -31.12 -26.57
C HIS C 255 33.43 -31.22 -25.07
N PRO C 256 32.81 -30.20 -24.46
CA PRO C 256 32.65 -30.21 -23.00
C PRO C 256 31.86 -31.38 -22.47
N GLU C 257 30.96 -31.95 -23.26
CA GLU C 257 30.10 -33.05 -22.81
C GLU C 257 30.48 -34.38 -23.44
N ASP C 258 30.74 -34.41 -24.75
CA ASP C 258 31.09 -35.64 -25.43
C ASP C 258 32.58 -35.64 -25.74
N PRO C 259 33.41 -36.38 -25.01
CA PRO C 259 34.85 -36.35 -25.29
C PRO C 259 35.24 -37.01 -26.60
N THR C 260 34.29 -37.50 -27.38
CA THR C 260 34.62 -38.13 -28.65
C THR C 260 34.92 -37.08 -29.72
N ARG C 261 34.33 -35.91 -29.60
CA ARG C 261 34.45 -34.87 -30.62
C ARG C 261 35.34 -33.73 -30.15
N ILE C 262 36.20 -33.26 -31.05
CA ILE C 262 37.13 -32.17 -30.78
C ILE C 262 36.96 -31.09 -31.83
N ARG C 263 37.31 -29.86 -31.49
CA ARG C 263 37.22 -28.71 -32.36
C ARG C 263 38.58 -28.02 -32.45
N LEU C 264 38.61 -26.88 -33.12
CA LEU C 264 39.79 -26.03 -33.22
C LEU C 264 39.54 -24.74 -32.47
N GLU C 265 40.57 -24.23 -31.79
CA GLU C 265 40.41 -23.00 -31.03
C GLU C 265 40.18 -21.82 -31.95
N ALA C 266 39.22 -20.96 -31.56
CA ALA C 266 38.88 -19.78 -32.34
C ALA C 266 39.88 -18.67 -32.00
N PHE C 267 40.99 -18.70 -32.74
CA PHE C 267 42.05 -17.71 -32.50
C PHE C 267 41.63 -16.32 -32.96
N HIS C 268 40.88 -16.24 -34.07
CA HIS C 268 40.58 -14.94 -34.66
C HIS C 268 39.50 -14.20 -33.87
N GLN C 269 38.74 -14.91 -33.04
CA GLN C 269 37.99 -14.25 -31.97
C GLN C 269 38.56 -14.65 -30.61
N PRO D 26 23.20 31.90 -27.33
CA PRO D 26 23.45 30.46 -27.41
C PRO D 26 22.71 29.67 -26.34
N LEU D 27 22.82 28.33 -26.42
CA LEU D 27 22.14 27.48 -25.46
C LEU D 27 22.67 27.69 -24.05
N GLN D 28 23.99 27.86 -23.91
CA GLN D 28 24.57 28.12 -22.60
C GLN D 28 24.07 29.45 -22.03
N LYS D 29 23.94 30.47 -22.89
CA LYS D 29 23.44 31.76 -22.41
C LYS D 29 21.95 31.69 -22.10
N ARG D 30 21.18 30.95 -22.91
CA ARG D 30 19.76 30.81 -22.64
C ARG D 30 19.51 30.09 -21.32
N LEU D 31 20.30 29.05 -21.05
CA LEU D 31 20.22 28.38 -19.75
C LEU D 31 20.48 29.35 -18.61
N GLU D 32 21.53 30.17 -18.75
CA GLU D 32 21.89 31.12 -17.69
C GLU D 32 20.77 32.12 -17.46
N SER D 33 20.22 32.68 -18.54
CA SER D 33 19.12 33.62 -18.39
C SER D 33 17.92 32.96 -17.75
N VAL D 34 17.57 31.75 -18.20
CA VAL D 34 16.40 31.07 -17.67
C VAL D 34 16.55 30.85 -16.18
N ARG D 35 17.73 30.47 -15.71
CA ARG D 35 17.87 30.24 -14.29
C ARG D 35 17.78 31.58 -13.53
N LYS D 36 18.35 32.64 -14.09
CA LYS D 36 18.43 33.89 -13.31
C LYS D 36 17.10 34.63 -13.26
N GLN D 37 16.20 34.42 -14.22
CA GLN D 37 14.87 34.99 -14.04
C GLN D 37 14.00 34.20 -13.05
N SER D 38 14.55 33.20 -12.37
CA SER D 38 13.81 32.48 -11.33
C SER D 38 13.91 33.26 -10.01
N SER D 39 13.16 34.35 -9.95
CA SER D 39 13.10 35.20 -8.76
C SER D 39 11.76 35.04 -8.06
N PHE D 40 11.67 35.58 -6.85
CA PHE D 40 10.49 35.42 -6.01
C PHE D 40 9.59 36.66 -6.01
N ILE D 41 9.85 37.63 -6.90
CA ILE D 41 8.95 38.77 -7.00
C ILE D 41 7.64 38.37 -7.66
N LEU D 42 7.70 37.57 -8.72
CA LEU D 42 6.50 37.20 -9.46
C LEU D 42 5.70 36.14 -8.71
N THR D 43 4.37 36.30 -8.73
CA THR D 43 3.47 35.39 -8.04
C THR D 43 3.35 34.06 -8.80
N PRO D 44 3.22 32.94 -8.08
CA PRO D 44 3.00 31.66 -8.74
C PRO D 44 1.61 31.60 -9.36
N PRO D 45 1.42 30.81 -10.41
CA PRO D 45 0.14 30.79 -11.11
C PRO D 45 -0.87 29.82 -10.53
N ARG D 46 -2.02 29.72 -11.19
CA ARG D 46 -3.06 28.75 -10.86
C ARG D 46 -2.91 27.53 -11.75
N ARG D 47 -3.68 26.49 -11.43
CA ARG D 47 -3.58 25.21 -12.13
C ARG D 47 -4.94 24.76 -12.62
N LYS D 48 -4.95 24.09 -13.77
CA LYS D 48 -6.18 23.53 -14.31
C LYS D 48 -6.52 22.24 -13.60
N ILE D 49 -7.82 21.98 -13.42
CA ILE D 49 -8.29 20.73 -12.85
C ILE D 49 -7.94 19.61 -13.82
N PRO D 50 -7.33 18.51 -13.37
CA PRO D 50 -6.98 17.43 -14.30
C PRO D 50 -8.22 16.84 -14.96
N GLN D 51 -8.08 16.52 -16.24
CA GLN D 51 -9.17 15.97 -17.05
C GLN D 51 -8.84 14.53 -17.41
N CYS D 52 -9.82 13.65 -17.24
CA CYS D 52 -9.62 12.25 -17.60
C CYS D 52 -9.37 12.13 -19.10
N SER D 53 -8.32 11.41 -19.46
CA SER D 53 -7.92 11.25 -20.85
C SER D 53 -7.86 9.78 -21.20
N GLN D 54 -8.40 9.42 -22.35
CA GLN D 54 -8.31 8.04 -22.82
C GLN D 54 -6.85 7.68 -23.12
N LEU D 55 -6.47 6.47 -22.73
CA LEU D 55 -5.11 6.01 -22.99
C LEU D 55 -4.87 5.87 -24.48
N GLN D 56 -3.65 6.16 -24.90
CA GLN D 56 -3.32 6.12 -26.32
C GLN D 56 -3.39 4.69 -26.86
N GLU D 57 -3.61 4.58 -28.17
CA GLU D 57 -3.73 3.26 -28.79
C GLU D 57 -2.43 2.49 -28.71
N ASP D 58 -1.30 3.18 -28.83
CA ASP D 58 0.00 2.50 -28.79
C ASP D 58 0.28 1.93 -27.41
N VAL D 59 -0.44 2.40 -26.39
CA VAL D 59 -0.18 1.96 -25.03
C VAL D 59 -0.50 0.49 -24.87
N ASP D 60 0.36 -0.23 -24.16
CA ASP D 60 0.23 -1.67 -23.93
C ASP D 60 -0.46 -1.93 -22.60
N PRO D 61 -1.66 -2.51 -22.60
CA PRO D 61 -2.41 -2.69 -21.35
C PRO D 61 -1.72 -3.56 -20.31
N GLN D 62 -1.01 -4.60 -20.74
CA GLN D 62 -0.41 -5.52 -19.79
C GLN D 62 0.74 -4.89 -19.03
N LYS D 63 1.46 -3.97 -19.66
CA LYS D 63 2.52 -3.23 -18.96
C LYS D 63 1.92 -2.20 -18.01
N VAL D 64 0.85 -1.52 -18.44
CA VAL D 64 0.21 -0.51 -17.61
C VAL D 64 -0.36 -1.15 -16.35
N ALA D 65 -0.98 -2.32 -16.49
CA ALA D 65 -1.45 -3.05 -15.32
C ALA D 65 -0.30 -3.38 -14.40
N PHE D 66 0.89 -3.61 -14.96
CA PHE D 66 2.06 -3.92 -14.16
C PHE D 66 2.53 -2.69 -13.37
N LEU D 67 2.42 -1.51 -13.97
CA LEU D 67 2.96 -0.31 -13.34
C LEU D 67 2.10 0.15 -12.16
N LEU D 68 0.78 -0.03 -12.24
CA LEU D 68 -0.11 0.47 -11.21
C LEU D 68 0.02 -0.35 -9.93
N HIS D 69 -0.47 0.24 -8.82
CA HIS D 69 -0.50 -0.41 -7.52
C HIS D 69 0.88 -0.87 -7.06
N LYS D 70 1.91 -0.07 -7.33
CA LYS D 70 3.28 -0.35 -6.91
C LYS D 70 3.87 0.88 -6.24
N GLN D 71 4.76 0.65 -5.30
CA GLN D 71 5.35 1.71 -4.49
C GLN D 71 6.70 2.10 -5.08
N TRP D 72 6.79 3.29 -5.66
CA TRP D 72 7.99 3.75 -6.35
C TRP D 72 8.73 4.79 -5.52
N THR D 73 10.02 4.93 -5.79
CA THR D 73 10.90 5.90 -5.15
C THR D 73 11.41 6.87 -6.20
N LEU D 74 11.32 8.17 -5.92
CA LEU D 74 11.55 9.20 -6.92
C LEU D 74 12.96 9.76 -6.86
N TYR D 75 13.54 9.99 -8.03
CA TYR D 75 14.85 10.61 -8.18
C TYR D 75 14.78 11.63 -9.30
N SER D 76 15.74 12.54 -9.33
CA SER D 76 15.92 13.45 -10.45
C SER D 76 17.24 13.16 -11.13
N LEU D 77 17.31 13.42 -12.43
CA LEU D 77 18.43 12.99 -13.24
C LEU D 77 18.80 14.08 -14.24
N THR D 78 20.10 14.35 -14.36
CA THR D 78 20.62 15.26 -15.36
C THR D 78 20.68 14.56 -16.72
N PRO D 79 20.75 15.33 -17.81
CA PRO D 79 20.70 14.72 -19.15
C PRO D 79 21.80 13.68 -19.37
N LEU D 80 21.43 12.61 -20.08
CA LEU D 80 22.38 11.55 -20.40
C LEU D 80 23.15 11.92 -21.66
N TYR D 81 24.47 11.72 -21.61
CA TYR D 81 25.34 12.12 -22.71
C TYR D 81 25.55 10.93 -23.64
N LYS D 82 25.15 11.09 -24.90
CA LYS D 82 25.31 10.08 -25.93
C LYS D 82 24.65 8.76 -25.53
N PHE D 83 23.33 8.80 -25.38
CA PHE D 83 22.52 7.61 -25.18
C PHE D 83 21.82 7.30 -26.50
N SER D 84 21.92 6.05 -26.95
CA SER D 84 21.33 5.64 -28.21
C SER D 84 20.27 4.58 -27.98
N TYR D 85 19.12 4.76 -28.61
CA TYR D 85 18.04 3.79 -28.55
C TYR D 85 18.25 2.62 -29.51
N SER D 86 19.24 2.71 -30.40
CA SER D 86 19.41 1.68 -31.41
C SER D 86 20.03 0.43 -30.83
N ASN D 87 20.92 0.58 -29.85
CA ASN D 87 21.65 -0.55 -29.28
C ASN D 87 21.39 -0.65 -27.78
N LEU D 88 20.30 -1.35 -27.43
CA LEU D 88 19.98 -1.60 -26.03
C LEU D 88 20.47 -2.97 -25.58
N LYS D 89 20.65 -3.90 -26.54
CA LYS D 89 21.08 -5.25 -26.18
C LYS D 89 22.47 -5.23 -25.55
N GLU D 90 23.40 -4.46 -26.14
CA GLU D 90 24.74 -4.38 -25.58
C GLU D 90 24.74 -3.72 -24.21
N TYR D 91 23.90 -2.69 -24.03
CA TYR D 91 23.76 -2.09 -22.70
C TYR D 91 23.32 -3.13 -21.69
N SER D 92 22.32 -3.94 -22.04
CA SER D 92 21.83 -4.95 -21.11
C SER D 92 22.90 -5.98 -20.79
N ARG D 93 23.64 -6.42 -21.81
CA ARG D 93 24.67 -7.45 -21.60
C ARG D 93 25.80 -6.92 -20.71
N LEU D 94 26.26 -5.70 -20.97
CA LEU D 94 27.32 -5.12 -20.15
C LEU D 94 26.87 -4.89 -18.72
N LEU D 95 25.64 -4.39 -18.53
CA LEU D 95 25.14 -4.21 -17.19
C LEU D 95 25.00 -5.54 -16.46
N ASN D 96 24.60 -6.59 -17.18
CA ASN D 96 24.51 -7.91 -16.57
C ASN D 96 25.87 -8.37 -16.07
N ALA D 97 26.90 -8.24 -16.90
CA ALA D 97 28.23 -8.64 -16.48
C ALA D 97 28.70 -7.83 -15.27
N PHE D 98 28.46 -6.52 -15.28
CA PHE D 98 28.89 -5.68 -14.17
C PHE D 98 28.18 -6.07 -12.87
N ILE D 99 26.87 -6.32 -12.93
CA ILE D 99 26.13 -6.71 -11.73
C ILE D 99 26.64 -8.03 -11.19
N VAL D 100 26.84 -9.01 -12.09
CA VAL D 100 27.28 -10.33 -11.64
C VAL D 100 28.64 -10.24 -10.99
N ALA D 101 29.57 -9.49 -11.60
CA ALA D 101 30.91 -9.37 -11.04
C ALA D 101 30.90 -8.61 -9.72
N GLU D 102 29.96 -7.68 -9.56
CA GLU D 102 29.95 -6.85 -8.35
C GLU D 102 29.58 -7.66 -7.12
N LYS D 103 28.68 -8.62 -7.25
CA LYS D 103 28.18 -9.35 -6.08
C LYS D 103 29.25 -10.27 -5.50
N GLN D 104 30.01 -10.94 -6.37
CA GLN D 104 31.12 -11.79 -5.96
C GLN D 104 32.43 -11.01 -6.17
N LYS D 105 32.94 -10.42 -5.10
CA LYS D 105 34.04 -9.47 -5.24
C LYS D 105 35.38 -10.17 -5.41
N GLY D 106 35.37 -11.50 -5.48
CA GLY D 106 36.63 -12.22 -5.62
C GLY D 106 37.08 -12.37 -7.06
N LEU D 107 36.26 -13.00 -7.88
CA LEU D 107 36.71 -13.60 -9.12
C LEU D 107 36.10 -12.94 -10.35
N ALA D 108 36.78 -13.13 -11.49
CA ALA D 108 36.44 -12.47 -12.74
C ALA D 108 35.24 -13.12 -13.40
N VAL D 109 34.67 -12.40 -14.37
CA VAL D 109 33.46 -12.81 -15.05
C VAL D 109 33.60 -12.48 -16.54
N GLU D 110 33.21 -13.43 -17.40
CA GLU D 110 33.16 -13.16 -18.82
C GLU D 110 31.84 -12.48 -19.17
N VAL D 111 31.84 -11.72 -20.27
CA VAL D 111 30.68 -10.90 -20.62
C VAL D 111 29.52 -11.68 -21.20
N GLY D 112 29.75 -12.62 -22.11
CA GLY D 112 28.68 -13.28 -22.82
C GLY D 112 28.04 -14.50 -22.20
N GLU D 113 28.42 -14.86 -20.97
CA GLU D 113 27.94 -16.10 -20.39
C GLU D 113 26.50 -15.97 -19.91
N ASP D 114 25.95 -17.08 -19.43
CA ASP D 114 24.61 -17.14 -18.86
C ASP D 114 24.75 -17.26 -17.35
N PHE D 115 24.28 -16.25 -16.62
CA PHE D 115 24.48 -16.17 -15.19
C PHE D 115 23.20 -16.53 -14.44
N ASN D 116 23.26 -16.40 -13.12
CA ASN D 116 22.11 -16.70 -12.28
C ASN D 116 20.97 -15.73 -12.55
N ILE D 117 21.27 -14.45 -12.67
CA ILE D 117 20.26 -13.41 -12.87
C ILE D 117 20.44 -12.83 -14.27
N LYS D 118 19.43 -12.09 -14.71
CA LYS D 118 19.38 -11.55 -16.06
C LYS D 118 18.93 -10.09 -16.01
N VAL D 119 19.34 -9.32 -17.03
CA VAL D 119 18.99 -7.92 -17.17
C VAL D 119 18.44 -7.67 -18.56
N ILE D 120 17.30 -6.99 -18.64
CA ILE D 120 16.62 -6.72 -19.91
C ILE D 120 16.30 -5.23 -20.00
N PHE D 121 16.62 -4.64 -21.15
CA PHE D 121 16.25 -3.27 -21.48
C PHE D 121 15.05 -3.31 -22.40
N SER D 122 13.98 -2.60 -22.03
CA SER D 122 12.76 -2.58 -22.82
C SER D 122 12.20 -1.17 -22.86
N THR D 123 11.43 -0.88 -23.92
CA THR D 123 10.94 0.47 -24.20
C THR D 123 9.44 0.54 -23.97
N LEU D 124 9.00 1.50 -23.17
CA LEU D 124 7.58 1.78 -23.02
C LEU D 124 7.10 2.64 -24.18
N LEU D 125 5.81 2.57 -24.47
CA LEU D 125 5.22 3.28 -25.59
C LEU D 125 3.97 4.02 -25.14
N GLY D 126 3.73 5.19 -25.72
CA GLY D 126 2.57 5.98 -25.38
C GLY D 126 2.60 6.65 -24.04
N MET D 127 3.79 6.85 -23.46
CA MET D 127 3.93 7.42 -22.13
C MET D 127 4.46 8.86 -22.18
N LYS D 128 4.74 9.37 -23.37
CA LYS D 128 5.30 10.70 -23.54
C LYS D 128 4.18 11.73 -23.58
N GLY D 129 4.42 12.90 -22.99
CA GLY D 129 3.39 13.93 -22.94
C GLY D 129 3.08 14.54 -24.30
N THR D 130 4.13 14.92 -25.04
CA THR D 130 3.97 15.52 -26.36
C THR D 130 4.90 14.84 -27.33
N GLN D 131 4.84 15.27 -28.60
CA GLN D 131 5.66 14.64 -29.64
C GLN D 131 7.14 14.99 -29.48
N ARG D 132 7.46 16.00 -28.68
CA ARG D 132 8.85 16.42 -28.55
C ARG D 132 9.59 15.60 -27.51
N ASP D 133 8.86 15.05 -26.53
CA ASP D 133 9.51 14.36 -25.43
C ASP D 133 10.14 13.05 -25.90
N PRO D 134 11.26 12.63 -25.30
CA PRO D 134 11.82 11.33 -25.65
C PRO D 134 10.99 10.19 -25.09
N GLU D 135 11.16 9.02 -25.68
CA GLU D 135 10.40 7.84 -25.27
C GLU D 135 10.91 7.30 -23.94
N ALA D 136 9.99 6.79 -23.14
CA ALA D 136 10.34 6.16 -21.88
C ALA D 136 10.86 4.75 -22.12
N PHE D 137 11.55 4.20 -21.12
CA PHE D 137 12.04 2.83 -21.21
C PHE D 137 12.22 2.27 -19.81
N LEU D 138 12.36 0.94 -19.74
CA LEU D 138 12.39 0.20 -18.49
C LEU D 138 13.66 -0.63 -18.41
N VAL D 139 14.14 -0.85 -17.19
CA VAL D 139 15.26 -1.75 -16.92
C VAL D 139 14.83 -2.70 -15.82
N GLN D 140 15.00 -4.00 -16.04
CA GLN D 140 14.53 -5.01 -15.12
C GLN D 140 15.61 -6.04 -14.83
N ILE D 141 15.58 -6.57 -13.60
CA ILE D 141 16.44 -7.67 -13.18
C ILE D 141 15.55 -8.89 -12.97
N VAL D 142 15.81 -9.94 -13.73
CA VAL D 142 14.97 -11.14 -13.73
C VAL D 142 15.80 -12.31 -13.22
N SER D 143 15.28 -13.01 -12.21
CA SER D 143 15.93 -14.18 -11.66
C SER D 143 15.46 -15.40 -12.44
N LYS D 144 16.23 -15.82 -13.43
CA LYS D 144 15.85 -16.96 -14.26
C LYS D 144 15.94 -18.25 -13.45
N SER D 145 14.99 -19.14 -13.67
CA SER D 145 14.94 -20.41 -12.96
C SER D 145 14.21 -21.47 -13.77
N GLU D 153 8.50 -18.15 -17.63
CA GLU D 153 9.45 -17.04 -17.55
C GLU D 153 9.99 -16.89 -16.14
N GLY D 154 10.86 -15.90 -15.94
CA GLY D 154 11.44 -15.66 -14.65
C GLY D 154 10.58 -14.75 -13.78
N LYS D 155 11.10 -14.44 -12.60
CA LYS D 155 10.45 -13.58 -11.63
C LYS D 155 11.21 -12.27 -11.52
N VAL D 156 10.49 -11.15 -11.63
CA VAL D 156 11.12 -9.84 -11.63
C VAL D 156 11.58 -9.49 -10.22
N LEU D 157 12.82 -9.01 -10.11
CA LEU D 157 13.43 -8.69 -8.82
C LEU D 157 13.56 -7.19 -8.58
N TRP D 158 13.84 -6.42 -9.63
CA TRP D 158 14.06 -4.98 -9.53
C TRP D 158 13.71 -4.34 -10.85
N THR D 159 13.06 -3.17 -10.80
CA THR D 159 12.68 -2.45 -12.02
C THR D 159 12.88 -0.96 -11.81
N GLY D 160 13.36 -0.29 -12.86
CA GLY D 160 13.58 1.14 -12.86
C GLY D 160 13.01 1.80 -14.10
N TRP D 161 12.52 3.02 -13.98
CA TRP D 161 11.66 3.63 -14.99
C TRP D 161 12.13 5.05 -15.28
N PHE D 162 12.44 5.33 -16.55
CA PHE D 162 12.90 6.64 -17.01
C PHE D 162 11.79 7.26 -17.85
N CYS D 163 11.41 8.50 -17.53
CA CYS D 163 10.32 9.13 -18.26
C CYS D 163 10.49 10.64 -18.29
N CYS D 164 9.85 11.27 -19.28
CA CYS D 164 9.79 12.72 -19.41
C CYS D 164 8.44 13.10 -19.99
N VAL D 165 7.62 13.78 -19.21
CA VAL D 165 6.27 14.17 -19.61
C VAL D 165 6.15 15.69 -19.50
N PHE D 166 5.88 16.34 -20.62
CA PHE D 166 5.73 17.80 -20.68
C PHE D 166 7.01 18.50 -20.18
N GLY D 167 8.09 18.29 -20.91
CA GLY D 167 9.37 18.84 -20.51
C GLY D 167 9.97 19.83 -21.49
N ASP D 168 9.14 20.69 -22.06
CA ASP D 168 9.60 21.66 -23.04
C ASP D 168 10.49 22.75 -22.45
N SER D 169 10.46 22.94 -21.13
CA SER D 169 11.31 23.94 -20.51
C SER D 169 12.78 23.53 -20.55
N LEU D 170 13.06 22.26 -20.24
CA LEU D 170 14.43 21.79 -20.19
C LEU D 170 14.99 21.51 -21.59
N LEU D 171 14.12 21.12 -22.52
CA LEU D 171 14.60 20.67 -23.83
C LEU D 171 15.18 21.83 -24.64
N GLU D 172 14.72 23.05 -24.39
CA GLU D 172 15.18 24.19 -25.18
C GLU D 172 16.64 24.52 -24.91
N THR D 173 17.08 24.30 -23.68
CA THR D 173 18.41 24.73 -23.25
C THR D 173 19.51 23.70 -23.47
N VAL D 174 19.19 22.55 -24.08
CA VAL D 174 20.14 21.45 -24.17
C VAL D 174 20.36 21.11 -25.64
N SER D 175 21.60 20.78 -25.98
CA SER D 175 21.98 20.52 -27.35
C SER D 175 21.49 19.15 -27.81
N GLU D 176 21.90 18.77 -29.02
CA GLU D 176 21.37 17.57 -29.66
C GLU D 176 21.98 16.30 -29.09
N ASP D 177 23.22 16.35 -28.59
CA ASP D 177 23.92 15.14 -28.21
C ASP D 177 23.37 14.54 -26.93
N PHE D 178 22.52 15.28 -26.21
CA PHE D 178 22.03 14.80 -24.93
C PHE D 178 20.62 14.25 -25.04
N THR D 179 20.20 13.51 -24.01
CA THR D 179 18.85 12.99 -23.87
C THR D 179 18.30 13.43 -22.53
N CYS D 180 17.10 13.99 -22.53
CA CYS D 180 16.50 14.60 -21.34
C CYS D 180 15.43 13.68 -20.77
N LEU D 181 15.75 13.01 -19.66
CA LEU D 181 14.80 12.17 -18.93
C LEU D 181 14.89 12.56 -17.47
N PRO D 182 14.22 13.65 -17.08
CA PRO D 182 14.48 14.23 -15.75
C PRO D 182 13.95 13.42 -14.58
N LEU D 183 13.08 12.44 -14.80
CA LEU D 183 12.43 11.72 -13.70
C LEU D 183 12.79 10.24 -13.78
N PHE D 184 13.18 9.68 -12.63
CA PHE D 184 13.54 8.27 -12.51
C PHE D 184 12.80 7.66 -11.32
N LEU D 185 12.18 6.50 -11.53
CA LEU D 185 11.40 5.81 -10.52
C LEU D 185 11.93 4.39 -10.34
N ALA D 186 12.12 3.97 -9.09
CA ALA D 186 12.73 2.69 -8.79
C ALA D 186 11.85 1.88 -7.83
N ASN D 187 11.72 0.59 -8.11
CA ASN D 187 10.94 -0.33 -7.27
C ASN D 187 11.75 -1.59 -7.04
N GLY D 188 12.14 -1.82 -5.80
CA GLY D 188 12.94 -2.95 -5.44
C GLY D 188 13.86 -2.61 -4.27
N ALA D 189 14.94 -3.37 -4.14
CA ALA D 189 15.90 -3.15 -3.07
C ALA D 189 16.80 -1.96 -3.39
N GLU D 190 17.29 -1.30 -2.34
CA GLU D 190 18.15 -0.13 -2.53
C GLU D 190 19.56 -0.54 -2.94
N SER D 191 20.00 -1.72 -2.51
CA SER D 191 21.35 -2.16 -2.82
C SER D 191 21.53 -2.41 -4.31
N ASN D 192 20.44 -2.75 -5.01
CA ASN D 192 20.50 -2.87 -6.46
C ASN D 192 20.43 -1.50 -7.13
N THR D 193 19.68 -0.57 -6.52
CA THR D 193 19.61 0.78 -7.04
C THR D 193 20.98 1.45 -7.03
N ALA D 194 21.75 1.24 -5.97
CA ALA D 194 23.08 1.82 -5.89
C ALA D 194 23.96 1.32 -7.03
N ILE D 195 23.91 0.03 -7.34
CA ILE D 195 24.72 -0.54 -8.39
C ILE D 195 24.32 0.01 -9.76
N ILE D 196 23.01 0.00 -10.04
CA ILE D 196 22.56 0.48 -11.35
C ILE D 196 22.87 1.97 -11.52
N GLY D 197 22.67 2.75 -10.45
CA GLY D 197 22.99 4.17 -10.53
C GLY D 197 24.46 4.42 -10.75
N THR D 198 25.32 3.65 -10.07
CA THR D 198 26.76 3.79 -10.29
C THR D 198 27.13 3.50 -11.74
N TRP D 199 26.57 2.42 -12.31
CA TRP D 199 26.87 2.10 -13.70
C TRP D 199 26.43 3.22 -14.63
N PHE D 200 25.21 3.73 -14.44
CA PHE D 200 24.72 4.81 -15.30
C PHE D 200 25.55 6.07 -15.17
N GLN D 201 25.94 6.42 -13.93
CA GLN D 201 26.72 7.63 -13.73
C GLN D 201 28.08 7.52 -14.40
N LYS D 202 28.73 6.36 -14.28
CA LYS D 202 30.03 6.21 -14.93
C LYS D 202 29.89 6.19 -16.46
N THR D 203 28.80 5.62 -16.98
CA THR D 203 28.74 5.38 -18.41
C THR D 203 28.26 6.61 -19.19
N PHE D 204 27.20 7.27 -18.72
CA PHE D 204 26.58 8.36 -19.47
C PHE D 204 26.83 9.73 -18.85
N ASP D 205 27.59 9.82 -17.76
CA ASP D 205 27.95 11.09 -17.15
C ASP D 205 26.71 11.86 -16.70
N CYS D 206 25.96 11.25 -15.77
CA CYS D 206 24.76 11.83 -15.21
C CYS D 206 24.84 11.83 -13.70
N TYR D 207 23.87 12.49 -13.06
CA TYR D 207 23.87 12.71 -11.62
C TYR D 207 22.50 12.38 -11.04
N PHE D 208 22.45 11.39 -10.16
CA PHE D 208 21.21 10.97 -9.52
C PHE D 208 21.08 11.69 -8.19
N SER D 209 19.91 12.29 -7.95
CA SER D 209 19.65 12.93 -6.67
C SER D 209 18.25 12.62 -6.19
N PRO D 210 18.07 12.38 -4.89
CA PRO D 210 16.73 12.11 -4.37
C PRO D 210 15.80 13.30 -4.54
N LEU D 211 14.51 13.00 -4.70
CA LEU D 211 13.47 14.01 -4.89
C LEU D 211 12.52 13.96 -3.70
N ALA D 212 12.25 15.12 -3.11
CA ALA D 212 11.38 15.21 -1.96
C ALA D 212 10.20 16.12 -2.29
N ILE D 213 9.09 15.87 -1.60
CA ILE D 213 7.88 16.67 -1.73
C ILE D 213 7.61 17.31 -0.37
N ASN D 214 7.48 18.63 -0.35
CA ASN D 214 7.24 19.30 0.91
C ASN D 214 5.74 19.47 1.15
N ALA D 215 5.39 19.99 2.32
CA ALA D 215 3.99 20.12 2.71
C ALA D 215 3.22 21.05 1.79
N PHE D 216 3.89 22.08 1.26
CA PHE D 216 3.24 23.05 0.39
C PHE D 216 2.72 22.37 -0.88
N ASN D 217 3.55 21.56 -1.53
CA ASN D 217 3.14 20.90 -2.77
C ASN D 217 2.16 19.78 -2.49
N LEU D 218 2.31 19.14 -1.34
CA LEU D 218 1.49 17.98 -1.01
C LEU D 218 0.06 18.40 -0.72
N SER D 219 -0.12 19.57 -0.09
CA SER D 219 -1.46 20.11 0.11
C SER D 219 -2.08 20.61 -1.19
N TRP D 220 -1.27 20.95 -2.19
CA TRP D 220 -1.84 21.24 -3.50
C TRP D 220 -2.31 19.98 -4.20
N MET D 221 -1.51 18.91 -4.09
CA MET D 221 -1.91 17.62 -4.65
C MET D 221 -3.23 17.14 -4.05
N ALA D 222 -3.40 17.27 -2.73
CA ALA D 222 -4.64 16.84 -2.11
C ALA D 222 -5.85 17.48 -2.78
N ALA D 223 -5.85 18.82 -2.89
CA ALA D 223 -6.98 19.53 -3.46
C ALA D 223 -7.17 19.20 -4.93
N MET D 224 -6.09 19.12 -5.70
CA MET D 224 -6.23 18.84 -7.12
C MET D 224 -6.80 17.46 -7.37
N TRP D 225 -6.41 16.48 -6.55
CA TRP D 225 -6.93 15.13 -6.71
C TRP D 225 -8.37 15.03 -6.22
N THR D 226 -8.73 15.82 -5.21
CA THR D 226 -10.13 15.85 -4.78
C THR D 226 -11.02 16.48 -5.86
N ALA D 227 -10.48 17.44 -6.61
CA ALA D 227 -11.29 18.13 -7.61
C ALA D 227 -11.66 17.20 -8.77
N CYS D 228 -10.81 16.24 -9.10
CA CYS D 228 -11.07 15.33 -10.21
C CYS D 228 -12.35 14.53 -9.97
N LYS D 229 -13.09 14.27 -11.02
CA LYS D 229 -14.33 13.52 -10.91
C LYS D 229 -14.08 12.03 -11.08
N MET D 230 -14.64 11.24 -10.17
CA MET D 230 -14.48 9.79 -10.16
C MET D 230 -15.86 9.14 -10.17
N ASP D 231 -16.01 8.09 -10.98
CA ASP D 231 -17.28 7.37 -11.00
C ASP D 231 -17.49 6.56 -9.73
N HIS D 232 -16.46 5.81 -9.32
CA HIS D 232 -16.54 4.94 -8.16
C HIS D 232 -15.36 5.18 -7.24
N TYR D 233 -15.63 5.34 -5.95
CA TYR D 233 -14.61 5.67 -4.95
C TYR D 233 -14.13 4.38 -4.31
N VAL D 234 -12.96 3.91 -4.75
CA VAL D 234 -12.43 2.64 -4.23
C VAL D 234 -11.97 2.78 -2.78
N ALA D 235 -11.33 3.90 -2.46
CA ALA D 235 -10.70 4.06 -1.14
C ALA D 235 -11.03 5.43 -0.57
N THR D 236 -10.95 5.52 0.76
CA THR D 236 -11.17 6.77 1.45
C THR D 236 -9.97 7.69 1.31
N THR D 237 -10.18 8.97 1.66
CA THR D 237 -9.13 9.97 1.61
C THR D 237 -8.60 10.20 3.01
N GLU D 238 -7.28 10.19 3.14
CA GLU D 238 -6.63 10.25 4.45
C GLU D 238 -5.44 11.20 4.40
N PHE D 239 -5.22 11.91 5.51
CA PHE D 239 -4.07 12.80 5.68
C PHE D 239 -3.33 12.38 6.94
N LEU D 240 -2.01 12.52 6.94
CA LEU D 240 -1.17 12.17 8.08
C LEU D 240 -0.32 13.36 8.48
N TRP D 241 -0.25 13.64 9.78
CA TRP D 241 0.42 14.82 10.32
C TRP D 241 1.47 14.39 11.34
N SER D 242 2.52 15.18 11.48
CA SER D 242 3.60 14.92 12.44
C SER D 242 3.72 16.10 13.40
N VAL D 243 3.57 15.81 14.69
CA VAL D 243 3.59 16.87 15.74
C VAL D 243 4.99 16.97 16.32
N PRO D 244 5.60 18.18 16.38
CA PRO D 244 6.96 18.32 16.93
C PRO D 244 6.89 18.67 18.42
N CYS D 245 7.27 17.74 19.30
CA CYS D 245 7.22 18.02 20.76
C CYS D 245 8.49 17.56 21.49
N SER D 246 9.65 18.14 21.15
CA SER D 246 10.93 17.86 21.85
C SER D 246 11.25 16.36 21.85
N PRO D 247 11.48 15.77 23.05
CA PRO D 247 11.79 14.34 23.21
C PRO D 247 10.65 13.39 22.79
N GLN D 248 9.40 13.79 23.04
CA GLN D 248 8.20 12.96 22.75
C GLN D 248 7.90 12.87 21.24
N SER D 249 7.00 11.95 20.87
CA SER D 249 6.59 11.73 19.48
C SER D 249 5.07 11.60 19.41
N LEU D 250 4.52 11.92 18.25
CA LEU D 250 3.08 11.84 18.05
C LEU D 250 2.78 11.90 16.56
N ASP D 251 1.78 11.12 16.14
CA ASP D 251 1.23 11.18 14.80
C ASP D 251 -0.28 11.22 14.88
N ILE D 252 -0.91 11.94 13.96
CA ILE D 252 -2.36 12.02 13.90
C ILE D 252 -2.79 11.67 12.48
N SER D 253 -3.79 10.81 12.35
CA SER D 253 -4.34 10.41 11.07
C SER D 253 -5.77 10.93 10.98
N PHE D 254 -6.17 11.35 9.78
CA PHE D 254 -7.49 11.94 9.55
C PHE D 254 -8.06 11.31 8.29
N ALA D 255 -9.08 10.48 8.46
CA ALA D 255 -9.74 9.82 7.33
C ALA D 255 -11.17 10.32 7.21
N ILE D 256 -11.65 10.46 5.98
CA ILE D 256 -12.99 10.98 5.72
C ILE D 256 -13.52 10.34 4.44
N HIS D 257 -14.83 10.17 4.39
CA HIS D 257 -15.47 9.53 3.24
C HIS D 257 -15.24 10.36 1.98
N PRO D 258 -14.98 9.74 0.83
CA PRO D 258 -14.74 10.51 -0.39
C PRO D 258 -15.91 11.42 -0.80
N GLU D 259 -17.15 10.99 -0.59
CA GLU D 259 -18.29 11.82 -0.96
C GLU D 259 -18.39 13.04 -0.06
N ASP D 260 -18.12 12.86 1.23
CA ASP D 260 -18.12 13.99 2.15
C ASP D 260 -17.04 15.01 1.80
N ALA D 261 -15.84 14.52 1.46
CA ALA D 261 -14.76 15.41 1.06
C ALA D 261 -15.11 16.13 -0.23
N LYS D 262 -15.75 15.44 -1.17
CA LYS D 262 -16.17 16.09 -2.41
C LYS D 262 -17.18 17.19 -2.14
N ALA D 263 -18.14 16.95 -1.25
CA ALA D 263 -19.09 18.00 -0.92
C ALA D 263 -18.39 19.19 -0.26
N LEU D 264 -17.45 18.91 0.64
CA LEU D 264 -16.70 19.99 1.29
C LEU D 264 -15.92 20.81 0.28
N TRP D 265 -15.31 20.15 -0.71
CA TRP D 265 -14.60 20.87 -1.76
C TRP D 265 -15.56 21.69 -2.61
N ASP D 266 -16.71 21.12 -2.98
CA ASP D 266 -17.67 21.83 -3.80
C ASP D 266 -18.24 23.04 -3.07
N SER D 267 -18.15 23.06 -1.74
CA SER D 267 -18.61 24.22 -1.00
C SER D 267 -17.76 25.45 -1.29
N VAL D 268 -16.44 25.28 -1.43
CA VAL D 268 -15.52 26.41 -1.51
C VAL D 268 -15.07 26.72 -2.93
N HIS D 269 -15.32 25.82 -3.88
CA HIS D 269 -14.83 25.97 -5.25
C HIS D 269 -15.78 26.86 -6.03
N LYS D 270 -15.28 28.00 -6.51
CA LYS D 270 -16.10 28.95 -7.23
C LYS D 270 -15.49 29.41 -8.55
N THR D 271 -14.22 29.09 -8.82
CA THR D 271 -13.60 29.41 -10.09
C THR D 271 -13.79 28.24 -11.04
N PRO D 272 -14.51 28.42 -12.15
CA PRO D 272 -14.81 27.27 -13.01
C PRO D 272 -13.57 26.76 -13.73
N GLY D 273 -13.25 25.49 -13.49
CA GLY D 273 -12.19 24.82 -14.22
C GLY D 273 -10.79 25.16 -13.79
N GLU D 274 -10.62 25.81 -12.63
CA GLU D 274 -9.29 26.16 -12.16
C GLU D 274 -9.25 26.09 -10.65
N VAL D 275 -8.06 25.86 -10.12
CA VAL D 275 -7.81 25.79 -8.69
C VAL D 275 -6.92 26.97 -8.33
N THR D 276 -7.34 27.74 -7.33
CA THR D 276 -6.62 28.94 -6.91
C THR D 276 -6.09 28.73 -5.49
N GLN D 277 -5.01 29.44 -5.16
CA GLN D 277 -4.37 29.26 -3.87
C GLN D 277 -5.33 29.55 -2.72
N GLU D 278 -6.19 30.55 -2.90
CA GLU D 278 -7.18 30.85 -1.85
C GLU D 278 -8.13 29.70 -1.63
N GLU D 279 -8.53 29.01 -2.70
CA GLU D 279 -9.41 27.86 -2.55
C GLU D 279 -8.72 26.73 -1.79
N VAL D 280 -7.45 26.48 -2.08
CA VAL D 280 -6.71 25.46 -1.34
C VAL D 280 -6.61 25.83 0.13
N ASP D 281 -6.33 27.10 0.41
CA ASP D 281 -6.26 27.54 1.80
C ASP D 281 -7.58 27.35 2.53
N LEU D 282 -8.70 27.68 1.87
CA LEU D 282 -10.01 27.48 2.49
C LEU D 282 -10.30 26.01 2.71
N PHE D 283 -9.95 25.16 1.74
CA PHE D 283 -10.21 23.73 1.87
C PHE D 283 -9.45 23.14 3.05
N MET D 284 -8.19 23.55 3.24
CA MET D 284 -7.44 23.08 4.41
C MET D 284 -7.97 23.70 5.70
N ASP D 285 -8.44 24.94 5.63
CA ASP D 285 -8.88 25.63 6.84
C ASP D 285 -10.14 24.97 7.38
N CYS D 286 -11.01 24.47 6.49
CA CYS D 286 -12.22 23.77 6.94
C CYS D 286 -11.87 22.56 7.79
N LEU D 287 -10.93 21.74 7.32
CA LEU D 287 -10.49 20.59 8.10
C LEU D 287 -9.84 21.00 9.41
N TYR D 288 -9.01 22.05 9.37
CA TYR D 288 -8.38 22.53 10.60
C TYR D 288 -9.43 22.88 11.64
N SER D 289 -10.46 23.63 11.24
CA SER D 289 -11.48 24.06 12.19
C SER D 289 -12.30 22.89 12.70
N HIS D 290 -12.63 21.95 11.80
CA HIS D 290 -13.39 20.77 12.23
C HIS D 290 -12.63 19.97 13.28
N PHE D 291 -11.32 19.79 13.08
CA PHE D 291 -10.53 19.08 14.08
C PHE D 291 -10.42 19.86 15.39
N HIS D 292 -10.20 21.18 15.29
CA HIS D 292 -10.00 21.98 16.49
C HIS D 292 -11.26 22.03 17.33
N ARG D 293 -12.44 21.97 16.71
CA ARG D 293 -13.67 22.03 17.49
C ARG D 293 -13.76 20.87 18.46
N HIS D 294 -13.35 19.68 18.01
CA HIS D 294 -13.47 18.50 18.85
C HIS D 294 -12.30 18.36 19.82
N PHE D 295 -11.06 18.60 19.35
CA PHE D 295 -9.91 18.22 20.15
C PHE D 295 -9.08 19.38 20.69
N LYS D 296 -9.42 20.63 20.35
CA LYS D 296 -8.71 21.81 20.88
C LYS D 296 -7.23 21.78 20.53
N ILE D 297 -6.89 21.20 19.39
CA ILE D 297 -5.50 21.04 18.97
C ILE D 297 -5.32 21.79 17.66
N HIS D 298 -4.29 22.64 17.61
CA HIS D 298 -4.01 23.42 16.41
C HIS D 298 -3.27 22.54 15.41
N LEU D 299 -3.97 22.13 14.36
CA LEU D 299 -3.40 21.31 13.32
C LEU D 299 -2.55 22.13 12.35
N SER D 300 -2.57 23.45 12.49
CA SER D 300 -1.76 24.33 11.65
C SER D 300 -0.29 24.31 12.08
N ALA D 301 -0.03 24.06 13.36
CA ALA D 301 1.34 24.04 13.84
C ALA D 301 2.07 22.77 13.43
N THR D 302 1.36 21.78 12.91
CA THR D 302 1.97 20.49 12.59
C THR D 302 2.44 20.46 11.14
N ARG D 303 3.03 19.34 10.77
CA ARG D 303 3.63 19.15 9.45
C ARG D 303 2.93 18.02 8.72
N LEU D 304 2.38 18.31 7.54
CA LEU D 304 1.72 17.30 6.72
C LEU D 304 2.76 16.38 6.09
N VAL D 305 2.54 15.07 6.18
CA VAL D 305 3.54 14.09 5.80
C VAL D 305 3.06 13.22 4.65
N ARG D 306 1.81 12.76 4.69
CA ARG D 306 1.31 11.87 3.67
C ARG D 306 -0.12 12.25 3.30
N VAL D 307 -0.44 12.10 2.01
CA VAL D 307 -1.77 12.35 1.48
C VAL D 307 -2.14 11.18 0.58
N SER D 308 -3.28 10.54 0.86
CA SER D 308 -3.76 9.42 0.08
C SER D 308 -5.21 9.66 -0.32
N THR D 309 -5.53 9.34 -1.57
CA THR D 309 -6.87 9.55 -2.12
C THR D 309 -7.18 8.41 -3.09
N SER D 310 -8.21 8.60 -3.90
CA SER D 310 -8.66 7.53 -4.79
C SER D 310 -7.82 7.46 -6.06
N VAL D 311 -7.05 8.50 -6.37
CA VAL D 311 -6.29 8.49 -7.61
C VAL D 311 -4.82 8.16 -7.35
N ALA D 312 -4.25 8.62 -6.24
CA ALA D 312 -2.88 8.28 -5.90
C ALA D 312 -2.62 8.61 -4.44
N SER D 313 -1.43 8.24 -3.97
CA SER D 313 -0.95 8.59 -2.64
C SER D 313 0.52 8.96 -2.71
N ALA D 314 0.94 9.90 -1.86
CA ALA D 314 2.29 10.43 -1.90
C ALA D 314 2.85 10.61 -0.50
N HIS D 315 4.17 10.60 -0.40
CA HIS D 315 4.90 10.77 0.85
C HIS D 315 5.99 11.81 0.67
N THR D 316 6.30 12.53 1.76
CA THR D 316 7.31 13.59 1.68
C THR D 316 8.69 13.05 1.34
N ASP D 317 8.95 11.78 1.63
CA ASP D 317 10.28 11.23 1.36
C ASP D 317 10.49 11.02 -0.14
N GLY D 318 9.45 11.13 -0.95
CA GLY D 318 9.59 10.94 -2.37
C GLY D 318 9.09 9.60 -2.86
N LYS D 319 7.92 9.18 -2.40
CA LYS D 319 7.31 7.93 -2.80
C LYS D 319 5.93 8.19 -3.36
N ILE D 320 5.58 7.49 -4.44
CA ILE D 320 4.32 7.68 -5.14
C ILE D 320 3.71 6.31 -5.42
N LYS D 321 2.39 6.21 -5.32
CA LYS D 321 1.64 5.02 -5.71
C LYS D 321 0.42 5.47 -6.50
N ILE D 322 0.22 4.89 -7.67
CA ILE D 322 -0.84 5.32 -8.59
C ILE D 322 -1.88 4.23 -8.69
N LEU D 323 -3.15 4.59 -8.55
CA LEU D 323 -4.24 3.62 -8.51
C LEU D 323 -5.18 3.72 -9.69
N CYS D 324 -5.26 4.85 -10.37
CA CYS D 324 -6.19 5.05 -11.47
C CYS D 324 -5.40 5.22 -12.77
N HIS D 325 -5.77 4.44 -13.79
CA HIS D 325 -5.03 4.47 -15.04
C HIS D 325 -5.42 5.67 -15.90
N LYS D 326 -6.57 6.28 -15.63
CA LYS D 326 -6.99 7.44 -16.42
C LYS D 326 -6.12 8.66 -16.14
N TYR D 327 -5.77 8.87 -14.87
CA TYR D 327 -5.07 10.08 -14.44
C TYR D 327 -3.58 9.84 -14.25
N LEU D 328 -2.97 8.97 -15.06
CA LEU D 328 -1.55 8.69 -14.93
C LEU D 328 -0.71 9.87 -15.42
N ILE D 329 -1.09 10.44 -16.57
CA ILE D 329 -0.27 11.46 -17.21
C ILE D 329 -0.22 12.73 -16.37
N GLY D 330 -1.32 13.07 -15.70
CA GLY D 330 -1.32 14.25 -14.86
C GLY D 330 -0.34 14.14 -13.70
N VAL D 331 -0.35 12.99 -13.03
CA VAL D 331 0.58 12.76 -11.93
C VAL D 331 2.02 12.81 -12.42
N LEU D 332 2.28 12.14 -13.55
CA LEU D 332 3.63 12.13 -14.10
C LEU D 332 4.07 13.54 -14.49
N ALA D 333 3.15 14.35 -15.01
CA ALA D 333 3.51 15.72 -15.41
C ALA D 333 3.84 16.59 -14.21
N TYR D 334 3.05 16.48 -13.14
CA TYR D 334 3.36 17.23 -11.92
C TYR D 334 4.75 16.85 -11.40
N LEU D 335 5.01 15.55 -11.27
CA LEU D 335 6.30 15.12 -10.76
C LEU D 335 7.43 15.51 -11.70
N THR D 336 7.17 15.52 -13.01
CA THR D 336 8.20 15.90 -13.97
C THR D 336 8.58 17.36 -13.83
N GLU D 337 7.60 18.26 -13.68
CA GLU D 337 7.98 19.66 -13.52
C GLU D 337 8.68 19.88 -12.19
N LEU D 338 8.31 19.11 -11.16
CA LEU D 338 9.00 19.22 -9.88
C LEU D 338 10.48 18.83 -10.03
N ALA D 339 10.73 17.73 -10.73
CA ALA D 339 12.11 17.29 -10.94
C ALA D 339 12.87 18.25 -11.84
N ILE D 340 12.18 18.86 -12.82
CA ILE D 340 12.82 19.84 -13.67
C ILE D 340 13.26 21.05 -12.86
N PHE D 341 12.41 21.50 -11.94
CA PHE D 341 12.81 22.60 -11.07
C PHE D 341 13.98 22.24 -10.19
N GLN D 342 14.10 20.99 -9.74
CA GLN D 342 15.21 20.64 -8.86
C GLN D 342 16.57 20.68 -9.54
N ILE D 343 16.66 20.50 -10.86
CA ILE D 343 17.95 20.52 -11.55
C ILE D 343 18.21 21.84 -12.26
N GLU D 344 17.27 22.78 -12.21
CA GLU D 344 17.45 24.09 -12.83
C GLU D 344 16.84 25.20 -11.97
N SER E 2 -5.29 48.51 22.54
CA SER E 2 -4.29 49.56 22.59
C SER E 2 -3.35 49.47 21.39
N VAL E 3 -2.85 50.62 20.96
CA VAL E 3 -1.96 50.72 19.80
C VAL E 3 -0.60 51.21 20.27
N LEU E 4 0.45 50.48 19.91
CA LEU E 4 1.80 50.82 20.34
C LEU E 4 2.32 52.01 19.54
N ARG E 5 3.04 52.90 20.22
CA ARG E 5 3.46 54.18 19.64
C ARG E 5 4.97 54.33 19.76
N PRO E 6 5.63 54.86 18.72
CA PRO E 6 7.11 54.89 18.74
C PRO E 6 7.71 55.85 19.76
N LEU E 7 7.22 57.07 19.84
CA LEU E 7 7.84 58.13 20.64
C LEU E 7 6.93 58.54 21.79
N ASP E 8 6.35 57.56 22.48
CA ASP E 8 5.41 57.88 23.55
C ASP E 8 6.13 58.39 24.79
N LYS E 9 7.29 57.82 25.11
CA LYS E 9 7.98 58.14 26.35
C LYS E 9 9.37 58.67 26.06
N LEU E 10 9.91 59.44 27.02
CA LEU E 10 11.25 59.97 26.89
C LEU E 10 12.29 58.86 26.99
N PRO E 11 13.43 59.00 26.33
CA PRO E 11 14.45 57.96 26.38
C PRO E 11 15.15 57.91 27.72
N GLY E 12 15.68 56.73 28.04
CA GLY E 12 16.51 56.58 29.22
C GLY E 12 17.97 56.88 28.94
N LEU E 13 18.77 56.82 29.99
CA LEU E 13 20.19 57.15 29.88
C LEU E 13 20.98 55.94 29.42
N ASN E 14 21.47 55.99 28.18
CA ASN E 14 22.31 54.93 27.62
C ASN E 14 21.62 53.57 27.67
N THR E 15 20.36 53.54 27.25
CA THR E 15 19.57 52.32 27.30
C THR E 15 18.89 52.10 25.96
N ALA E 16 18.85 50.84 25.51
CA ALA E 16 18.17 50.44 24.30
C ALA E 16 17.28 49.24 24.59
N THR E 17 16.08 49.23 24.00
CA THR E 17 15.10 48.18 24.25
C THR E 17 14.64 47.57 22.93
N ILE E 18 14.48 46.25 22.91
CA ILE E 18 14.02 45.53 21.73
C ILE E 18 12.89 44.60 22.14
N LEU E 19 11.93 44.42 21.25
CA LEU E 19 10.78 43.55 21.47
C LEU E 19 10.76 42.47 20.39
N LEU E 20 10.60 41.22 20.82
CA LEU E 20 10.55 40.06 19.93
C LEU E 20 9.17 39.43 20.02
N VAL E 21 8.51 39.24 18.89
CA VAL E 21 7.13 38.75 18.83
C VAL E 21 7.11 37.48 17.98
N GLY E 22 6.65 36.38 18.58
CA GLY E 22 6.60 35.11 17.88
C GLY E 22 5.87 34.06 18.68
N THR E 23 5.70 32.89 18.06
CA THR E 23 4.93 31.82 18.70
C THR E 23 5.82 30.82 19.43
N GLU E 24 7.01 30.54 18.90
CA GLU E 24 7.93 29.59 19.51
C GLU E 24 8.69 30.30 20.62
N ASP E 25 8.42 29.91 21.87
CA ASP E 25 9.02 30.60 23.00
C ASP E 25 10.48 30.18 23.20
N ALA E 26 10.80 28.92 22.94
CA ALA E 26 12.17 28.44 23.14
C ALA E 26 13.14 29.17 22.21
N LEU E 27 12.75 29.36 20.96
CA LEU E 27 13.59 30.08 20.02
C LEU E 27 13.81 31.52 20.46
N LEU E 28 12.75 32.17 20.95
CA LEU E 28 12.89 33.54 21.44
C LEU E 28 13.82 33.62 22.62
N GLN E 29 13.72 32.67 23.56
CA GLN E 29 14.61 32.67 24.71
C GLN E 29 16.05 32.48 24.29
N GLN E 30 16.31 31.55 23.37
CA GLN E 30 17.67 31.32 22.89
C GLN E 30 18.22 32.56 22.20
N LEU E 31 17.41 33.23 21.38
CA LEU E 31 17.85 34.44 20.69
C LEU E 31 18.17 35.55 21.69
N ALA E 32 17.33 35.72 22.71
CA ALA E 32 17.59 36.73 23.72
C ALA E 32 18.90 36.48 24.44
N ASP E 33 19.15 35.22 24.80
CA ASP E 33 20.41 34.88 25.46
C ASP E 33 21.60 35.17 24.55
N SER E 34 21.50 34.80 23.27
CA SER E 34 22.60 35.07 22.35
C SER E 34 22.85 36.56 22.22
N MET E 35 21.80 37.38 22.19
CA MET E 35 21.99 38.82 22.12
C MET E 35 22.67 39.35 23.38
N LEU E 36 22.28 38.83 24.54
CA LEU E 36 22.75 39.44 25.79
C LEU E 36 24.11 38.93 26.23
N LYS E 37 24.61 37.84 25.65
CA LYS E 37 25.82 37.24 26.21
C LYS E 37 27.03 38.18 26.10
N GLU E 38 27.15 38.92 25.00
CA GLU E 38 28.33 39.73 24.77
C GLU E 38 28.28 41.02 25.59
N ASP E 39 29.36 41.78 25.51
CA ASP E 39 29.49 43.06 26.19
C ASP E 39 29.48 44.19 25.17
N CYS E 40 28.72 45.24 25.46
CA CYS E 40 28.62 46.39 24.57
C CYS E 40 28.66 47.67 25.39
N ALA E 41 28.72 48.80 24.69
CA ALA E 41 28.82 50.08 25.36
C ALA E 41 27.49 50.49 25.98
N SER E 42 26.38 50.08 25.39
CA SER E 42 25.07 50.48 25.87
C SER E 42 24.55 49.47 26.90
N GLU E 43 23.37 49.77 27.44
CA GLU E 43 22.66 48.87 28.33
C GLU E 43 21.46 48.31 27.57
N LEU E 44 21.34 46.99 27.53
CA LEU E 44 20.36 46.31 26.70
C LEU E 44 19.25 45.71 27.54
N LYS E 45 18.03 45.73 27.01
CA LYS E 45 16.88 45.07 27.60
C LYS E 45 16.08 44.39 26.50
N VAL E 46 15.63 43.17 26.76
CA VAL E 46 14.91 42.37 25.78
C VAL E 46 13.54 42.02 26.36
N HIS E 47 12.50 42.24 25.57
CA HIS E 47 11.13 41.92 25.96
C HIS E 47 10.61 40.83 25.04
N LEU E 48 9.93 39.84 25.62
CA LEU E 48 9.40 38.71 24.86
C LEU E 48 7.88 38.71 24.92
N ALA E 49 7.24 38.54 23.78
CA ALA E 49 5.79 38.55 23.70
C ALA E 49 5.32 37.59 22.62
N LYS E 50 4.14 37.00 22.82
CA LYS E 50 3.59 36.07 21.85
C LYS E 50 2.94 36.80 20.69
N SER E 51 2.20 37.88 20.97
CA SER E 51 1.53 38.64 19.94
C SER E 51 1.14 40.00 20.50
N LEU E 52 0.60 40.85 19.64
CA LEU E 52 0.13 42.17 19.96
C LEU E 52 -1.39 42.22 19.89
N PRO E 53 -2.05 43.07 20.70
CA PRO E 53 -1.48 44.03 21.66
C PRO E 53 -0.96 43.38 22.96
N LEU E 54 -0.04 44.08 23.61
CA LEU E 54 0.54 43.61 24.85
C LEU E 54 -0.45 43.77 26.00
N PRO E 55 -0.28 43.00 27.07
CA PRO E 55 -1.03 43.29 28.30
C PRO E 55 -0.68 44.66 28.83
N SER E 56 -1.68 45.33 29.40
CA SER E 56 -1.51 46.71 29.83
C SER E 56 -0.54 46.81 31.01
N SER E 57 0.34 47.81 30.97
CA SER E 57 1.24 48.09 32.07
C SER E 57 1.65 49.55 31.98
N VAL E 58 2.16 50.09 33.09
CA VAL E 58 2.52 51.50 33.17
C VAL E 58 4.03 51.69 33.26
N ASN E 59 4.77 50.69 33.71
CA ASN E 59 6.20 50.80 33.95
C ASN E 59 6.99 50.47 32.68
N ARG E 60 6.32 50.22 31.57
CA ARG E 60 7.02 49.80 30.36
C ARG E 60 7.84 50.95 29.79
N PRO E 61 9.15 50.78 29.62
CA PRO E 61 9.94 51.78 28.91
C PRO E 61 9.64 51.76 27.42
N ARG E 62 10.11 52.80 26.74
CA ARG E 62 9.78 52.96 25.32
C ARG E 62 10.52 51.92 24.49
N ILE E 63 9.84 51.43 23.44
CA ILE E 63 10.36 50.38 22.58
C ILE E 63 11.05 51.04 21.39
N ASP E 64 12.26 50.57 21.08
CA ASP E 64 13.07 51.15 20.02
C ASP E 64 12.99 50.38 18.70
N LEU E 65 12.85 49.06 18.75
CA LEU E 65 12.83 48.23 17.56
C LEU E 65 11.97 47.02 17.82
N ILE E 66 11.22 46.60 16.81
CA ILE E 66 10.35 45.43 16.90
C ILE E 66 10.75 44.44 15.81
N VAL E 67 10.91 43.18 16.19
CA VAL E 67 11.26 42.10 15.26
C VAL E 67 10.15 41.07 15.26
N PHE E 68 9.58 40.82 14.08
CA PHE E 68 8.56 39.81 13.89
C PHE E 68 9.21 38.56 13.31
N VAL E 69 9.26 37.50 14.10
CA VAL E 69 9.88 36.24 13.69
C VAL E 69 8.80 35.27 13.23
N VAL E 70 8.97 34.70 12.04
CA VAL E 70 7.98 33.83 11.43
C VAL E 70 8.62 32.46 11.17
N ASN E 71 7.90 31.41 11.55
CA ASN E 71 8.34 30.05 11.28
C ASN E 71 7.80 29.59 9.94
N LEU E 72 8.70 29.21 9.04
CA LEU E 72 8.27 28.77 7.72
C LEU E 72 7.69 27.37 7.72
N HIS E 73 7.80 26.65 8.82
CA HIS E 73 7.25 25.31 8.95
C HIS E 73 5.85 25.29 9.55
N SER E 74 5.25 26.46 9.78
CA SER E 74 4.00 26.56 10.53
C SER E 74 3.13 27.67 9.95
N LYS E 75 1.87 27.34 9.66
CA LYS E 75 0.90 28.35 9.23
C LYS E 75 0.43 29.19 10.40
N TYR E 76 0.44 28.61 11.60
CA TYR E 76 -0.04 29.29 12.79
C TYR E 76 0.75 30.57 13.05
N SER E 77 2.08 30.49 12.91
CA SER E 77 2.93 31.66 13.13
C SER E 77 2.66 32.76 12.11
N LEU E 78 2.47 32.39 10.85
CA LEU E 78 2.16 33.39 9.83
C LEU E 78 0.84 34.08 10.13
N GLN E 79 -0.19 33.32 10.49
CA GLN E 79 -1.48 33.93 10.83
C GLN E 79 -1.34 34.84 12.03
N ASN E 80 -0.56 34.42 13.03
CA ASN E 80 -0.37 35.24 14.22
C ASN E 80 0.28 36.56 13.87
N THR E 81 1.29 36.54 12.99
CA THR E 81 1.96 37.78 12.65
C THR E 81 1.07 38.69 11.82
N GLU E 82 0.29 38.14 10.89
CA GLU E 82 -0.64 38.98 10.15
C GLU E 82 -1.66 39.61 11.07
N GLU E 83 -2.12 38.88 12.09
CA GLU E 83 -3.00 39.48 13.07
C GLU E 83 -2.30 40.57 13.87
N SER E 84 -1.04 40.35 14.26
CA SER E 84 -0.34 41.31 15.11
C SER E 84 -0.03 42.60 14.37
N LEU E 85 0.15 42.52 13.05
CA LEU E 85 0.57 43.70 12.29
C LEU E 85 -0.48 44.80 12.26
N ARG E 86 -1.70 44.55 12.71
CA ARG E 86 -2.76 45.55 12.64
C ARG E 86 -2.89 46.38 13.90
N HIS E 87 -1.97 46.25 14.86
CA HIS E 87 -2.05 46.96 16.12
C HIS E 87 -0.86 47.87 16.37
N VAL E 88 -0.14 48.26 15.32
CA VAL E 88 0.97 49.19 15.42
C VAL E 88 0.73 50.34 14.45
N ASP E 89 0.97 51.57 14.90
CA ASP E 89 0.62 52.72 14.09
C ASP E 89 1.60 52.89 12.94
N ALA E 90 1.12 53.57 11.90
CA ALA E 90 1.89 53.69 10.66
C ALA E 90 3.20 54.42 10.88
N SER E 91 3.27 55.30 11.87
CA SER E 91 4.49 56.04 12.13
C SER E 91 5.63 55.13 12.57
N PHE E 92 5.31 53.90 12.97
CA PHE E 92 6.31 53.05 13.59
C PHE E 92 7.03 52.19 12.57
N PHE E 93 6.59 52.20 11.31
CA PHE E 93 7.21 51.42 10.24
C PHE E 93 8.33 52.16 9.53
N LEU E 94 8.68 53.37 9.99
CA LEU E 94 9.70 54.17 9.32
C LEU E 94 11.09 53.83 9.88
N GLY E 95 11.57 52.64 9.50
CA GLY E 95 12.88 52.20 9.88
C GLY E 95 13.00 51.54 11.23
N LYS E 96 11.89 51.19 11.88
CA LYS E 96 11.93 50.61 13.22
C LYS E 96 11.26 49.25 13.30
N VAL E 97 11.03 48.58 12.17
CA VAL E 97 10.43 47.25 12.15
C VAL E 97 11.27 46.36 11.25
N CYS E 98 11.46 45.11 11.68
CA CYS E 98 12.24 44.15 10.93
C CYS E 98 11.56 42.79 10.97
N PHE E 99 11.66 42.06 9.86
CA PHE E 99 11.07 40.73 9.73
C PHE E 99 12.19 39.68 9.72
N LEU E 100 12.01 38.62 10.50
CA LEU E 100 12.98 37.53 10.57
C LEU E 100 12.30 36.22 10.24
N ALA E 101 12.86 35.48 9.28
CA ALA E 101 12.27 34.25 8.78
C ALA E 101 13.16 33.06 9.11
N THR E 102 12.56 32.01 9.64
CA THR E 102 13.28 30.85 10.15
C THR E 102 12.86 29.58 9.41
N GLY E 103 13.83 28.72 9.11
CA GLY E 103 13.54 27.41 8.60
C GLY E 103 13.71 27.22 7.11
N ALA E 104 14.27 28.20 6.40
CA ALA E 104 14.47 28.04 4.96
C ALA E 104 15.59 27.06 4.63
N GLY E 105 16.40 26.68 5.62
CA GLY E 105 17.46 25.71 5.36
C GLY E 105 16.93 24.33 5.01
N ARG E 106 15.94 23.86 5.76
CA ARG E 106 15.30 22.56 5.49
C ARG E 106 14.05 22.81 4.66
N GLU E 107 14.18 22.65 3.35
CA GLU E 107 13.09 22.99 2.46
C GLU E 107 11.97 21.96 2.53
N SER E 108 12.29 20.72 2.89
CA SER E 108 11.29 19.66 2.88
C SER E 108 10.23 19.88 3.95
N HIS E 109 10.58 20.55 5.04
CA HIS E 109 9.64 20.80 6.12
C HIS E 109 8.73 22.00 5.85
N CYS E 110 8.99 22.77 4.81
CA CYS E 110 8.39 24.09 4.68
C CYS E 110 6.95 24.01 4.22
N SER E 111 6.07 24.67 4.95
CA SER E 111 4.65 24.77 4.62
C SER E 111 4.30 26.07 3.93
N ILE E 112 5.20 27.06 3.95
CA ILE E 112 4.96 28.38 3.41
C ILE E 112 5.97 28.64 2.30
N HIS E 113 5.46 29.07 1.14
CA HIS E 113 6.34 29.52 0.07
C HIS E 113 6.89 30.88 0.41
N ARG E 114 8.22 31.04 0.28
CA ARG E 114 8.82 32.28 0.78
C ARG E 114 8.57 33.47 -0.12
N HIS E 115 7.94 33.27 -1.29
CA HIS E 115 7.36 34.40 -2.00
C HIS E 115 6.37 35.15 -1.11
N THR E 116 5.71 34.43 -0.21
CA THR E 116 4.73 35.06 0.68
C THR E 116 5.39 36.04 1.64
N VAL E 117 6.46 35.62 2.32
CA VAL E 117 7.13 36.53 3.25
C VAL E 117 7.84 37.65 2.50
N VAL E 118 8.38 37.35 1.30
CA VAL E 118 9.00 38.40 0.50
C VAL E 118 7.97 39.48 0.16
N LYS E 119 6.78 39.07 -0.30
CA LYS E 119 5.74 40.03 -0.64
C LYS E 119 5.23 40.77 0.58
N LEU E 120 5.11 40.10 1.73
CA LEU E 120 4.67 40.78 2.95
C LEU E 120 5.67 41.86 3.38
N ALA E 121 6.96 41.51 3.39
CA ALA E 121 7.99 42.48 3.75
C ALA E 121 8.00 43.65 2.79
N HIS E 122 7.85 43.38 1.48
CA HIS E 122 7.80 44.48 0.52
C HIS E 122 6.57 45.35 0.74
N THR E 123 5.44 44.73 1.06
CA THR E 123 4.21 45.51 1.27
C THR E 123 4.36 46.46 2.44
N TYR E 124 4.98 46.01 3.53
CA TYR E 124 5.11 46.87 4.70
C TYR E 124 6.40 47.67 4.75
N GLN E 125 7.15 47.70 3.66
CA GLN E 125 8.33 48.56 3.51
C GLN E 125 9.33 48.35 4.64
N SER E 126 9.84 47.12 4.74
CA SER E 126 10.73 46.74 5.82
C SER E 126 11.70 45.67 5.34
N PRO E 127 12.83 45.50 6.02
CA PRO E 127 13.78 44.46 5.62
C PRO E 127 13.30 43.07 6.00
N LEU E 128 13.86 42.06 5.32
CA LEU E 128 13.58 40.66 5.59
C LEU E 128 14.91 39.94 5.81
N LEU E 129 15.02 39.23 6.93
CA LEU E 129 16.25 38.54 7.31
C LEU E 129 16.00 37.04 7.35
N TYR E 130 17.06 36.26 7.14
CA TYR E 130 16.99 34.80 7.16
C TYR E 130 17.98 34.26 8.18
N CYS E 131 17.54 33.27 8.97
CA CYS E 131 18.41 32.59 9.90
C CYS E 131 17.74 31.31 10.38
N ASP E 132 18.53 30.25 10.55
CA ASP E 132 18.06 29.02 11.18
C ASP E 132 18.45 29.07 12.66
N LEU E 133 17.48 29.36 13.51
CA LEU E 133 17.78 29.69 14.90
C LEU E 133 18.13 28.47 15.74
N GLU E 134 17.93 27.25 15.21
CA GLU E 134 18.27 26.06 15.98
C GLU E 134 19.78 25.83 16.00
N VAL E 135 20.50 26.33 15.01
CA VAL E 135 21.95 26.18 14.96
C VAL E 135 22.59 27.34 15.74
N GLU E 136 23.44 27.00 16.70
CA GLU E 136 23.97 28.02 17.61
C GLU E 136 24.98 28.91 16.92
N GLY E 137 25.82 28.33 16.05
CA GLY E 137 26.83 29.12 15.36
C GLY E 137 26.22 30.18 14.46
N PHE E 138 25.14 29.83 13.75
CA PHE E 138 24.46 30.80 12.91
C PHE E 138 23.71 31.83 13.74
N ARG E 139 23.15 31.41 14.88
CA ARG E 139 22.37 32.32 15.71
C ARG E 139 23.26 33.38 16.35
N ALA E 140 24.50 33.02 16.66
CA ALA E 140 25.40 33.95 17.35
C ALA E 140 25.68 35.20 16.52
N THR E 141 25.85 35.05 15.20
CA THR E 141 26.16 36.22 14.37
C THR E 141 24.91 37.06 14.09
N MET E 142 23.75 36.42 13.97
CA MET E 142 22.51 37.17 13.81
C MET E 142 22.22 38.02 15.04
N ALA E 143 22.53 37.50 16.23
CA ALA E 143 22.33 38.28 17.43
C ALA E 143 23.14 39.57 17.40
N GLN E 144 24.39 39.50 16.93
CA GLN E 144 25.23 40.70 16.89
C GLN E 144 24.76 41.68 15.82
N ARG E 145 24.36 41.18 14.65
CA ARG E 145 23.82 42.08 13.64
C ARG E 145 22.60 42.81 14.16
N LEU E 146 21.74 42.09 14.87
CA LEU E 146 20.50 42.68 15.38
C LEU E 146 20.81 43.69 16.48
N VAL E 147 21.84 43.42 17.29
CA VAL E 147 22.27 44.39 18.30
C VAL E 147 22.76 45.68 17.65
N ARG E 148 23.54 45.57 16.57
CA ARG E 148 24.02 46.78 15.91
C ARG E 148 22.87 47.59 15.33
N VAL E 149 21.89 46.93 14.72
CA VAL E 149 20.72 47.64 14.22
C VAL E 149 19.99 48.34 15.37
N LEU E 150 19.86 47.66 16.51
CA LEU E 150 19.20 48.26 17.67
C LEU E 150 19.93 49.50 18.14
N GLN E 151 21.26 49.45 18.18
CA GLN E 151 22.03 50.62 18.60
C GLN E 151 21.84 51.78 17.64
N ILE E 152 21.77 51.49 16.34
CA ILE E 152 21.51 52.57 15.37
C ILE E 152 20.15 53.19 15.62
N CYS E 153 19.13 52.36 15.85
CA CYS E 153 17.76 52.88 15.98
C CYS E 153 17.59 53.73 17.24
N ALA E 154 18.34 53.42 18.30
CA ALA E 154 18.13 54.12 19.56
C ALA E 154 18.74 55.51 19.58
N GLY E 155 19.56 55.85 18.59
CA GLY E 155 20.24 57.11 18.55
C GLY E 155 21.60 57.14 19.17
N HIS E 156 22.27 55.98 19.28
CA HIS E 156 23.56 55.89 19.94
C HIS E 156 24.73 55.97 18.97
N VAL E 157 24.48 56.20 17.68
CA VAL E 157 25.51 56.45 16.70
C VAL E 157 25.24 57.79 16.04
N PRO E 158 26.11 58.80 16.21
CA PRO E 158 25.81 60.15 15.69
C PRO E 158 25.75 60.21 14.18
N GLY E 159 24.79 60.96 13.65
CA GLY E 159 24.66 61.18 12.23
C GLY E 159 23.79 60.17 11.50
N VAL E 160 23.42 59.07 12.13
CA VAL E 160 22.61 58.04 11.51
C VAL E 160 21.39 57.79 12.38
N SER E 161 20.21 57.86 11.78
CA SER E 161 18.94 57.62 12.46
C SER E 161 18.19 56.49 11.77
N ALA E 162 17.02 56.17 12.30
CA ALA E 162 16.22 55.09 11.74
C ALA E 162 15.75 55.43 10.33
N LEU E 163 15.33 56.67 10.10
CA LEU E 163 14.88 57.09 8.78
C LEU E 163 16.02 56.99 7.77
N ASN E 164 17.23 57.33 8.19
CA ASN E 164 18.39 57.09 7.33
C ASN E 164 18.61 55.61 7.09
N LEU E 165 18.45 54.79 8.13
CA LEU E 165 18.59 53.34 7.98
C LEU E 165 17.58 52.78 6.99
N LEU E 166 16.47 53.49 6.77
CA LEU E 166 15.50 53.05 5.76
C LEU E 166 16.12 53.03 4.37
N SER E 167 16.92 54.03 4.03
CA SER E 167 17.48 54.10 2.68
C SER E 167 18.65 53.14 2.50
N LEU E 168 19.39 52.87 3.58
CA LEU E 168 20.52 51.94 3.49
C LEU E 168 20.05 50.53 3.17
N LEU E 169 18.93 50.11 3.76
CA LEU E 169 18.44 48.75 3.62
C LEU E 169 17.36 48.61 2.57
N ARG E 170 17.12 49.65 1.77
CA ARG E 170 16.08 49.59 0.75
C ARG E 170 16.45 48.62 -0.36
N SER E 171 15.49 47.83 -0.80
CA SER E 171 15.70 46.88 -1.88
C SER E 171 15.31 47.50 -3.21
N SER E 172 16.09 47.17 -4.25
CA SER E 172 15.87 47.78 -5.56
C SER E 172 14.50 47.41 -6.13
N GLU E 173 14.10 46.16 -5.96
CA GLU E 173 12.80 45.71 -6.45
C GLU E 173 12.19 44.67 -5.54
N ASP F 2 8.31 -38.69 18.75
CA ASP F 2 7.61 -38.17 17.58
C ASP F 2 8.40 -37.02 16.97
N GLU F 3 8.31 -36.88 15.65
CA GLU F 3 9.05 -35.82 14.98
C GLU F 3 8.36 -34.46 15.16
N THR F 4 7.03 -34.47 15.29
CA THR F 4 6.31 -33.21 15.44
C THR F 4 6.71 -32.50 16.73
N VAL F 5 6.80 -33.24 17.84
CA VAL F 5 7.18 -32.63 19.10
C VAL F 5 8.63 -32.14 19.04
N ALA F 6 9.50 -32.87 18.34
CA ALA F 6 10.87 -32.44 18.18
C ALA F 6 10.95 -31.13 17.41
N GLU F 7 10.19 -31.02 16.32
CA GLU F 7 10.17 -29.78 15.55
C GLU F 7 9.60 -28.63 16.37
N PHE F 8 8.54 -28.90 17.13
CA PHE F 8 7.94 -27.88 17.98
C PHE F 8 8.95 -27.35 19.00
N ILE F 9 9.66 -28.26 19.68
CA ILE F 9 10.63 -27.84 20.67
C ILE F 9 11.77 -27.09 20.02
N LYS F 10 12.24 -27.54 18.85
CA LYS F 10 13.33 -26.86 18.18
C LYS F 10 12.94 -25.44 17.79
N ARG F 11 11.73 -25.26 17.27
CA ARG F 11 11.27 -23.93 16.90
C ARG F 11 11.16 -23.02 18.12
N THR F 12 10.58 -23.54 19.21
CA THR F 12 10.45 -22.74 20.42
C THR F 12 11.82 -22.31 20.94
N ILE F 13 12.79 -23.23 20.94
CA ILE F 13 14.13 -22.88 21.44
C ILE F 13 14.80 -21.89 20.50
N LEU F 14 14.61 -22.04 19.19
CA LEU F 14 15.19 -21.10 18.24
C LEU F 14 14.65 -19.69 18.45
N LYS F 15 13.41 -19.57 18.91
CA LYS F 15 12.87 -18.24 19.21
C LYS F 15 13.61 -17.58 20.37
N ILE F 16 14.14 -18.37 21.31
CA ILE F 16 14.65 -17.80 22.56
C ILE F 16 15.95 -17.06 22.28
N PRO F 17 16.18 -15.87 22.86
CA PRO F 17 17.47 -15.22 22.72
C PRO F 17 18.57 -15.98 23.43
N MET F 18 19.80 -15.81 22.94
CA MET F 18 20.92 -16.61 23.44
C MET F 18 21.27 -16.30 24.88
N ASN F 19 21.26 -15.01 25.25
CA ASN F 19 21.79 -14.63 26.56
C ASN F 19 20.91 -15.12 27.70
N GLU F 20 19.60 -15.24 27.47
CA GLU F 20 18.66 -15.65 28.50
C GLU F 20 18.16 -17.07 28.33
N LEU F 21 18.82 -17.87 27.49
CA LEU F 21 18.37 -19.24 27.27
C LEU F 21 18.52 -20.09 28.53
N THR F 22 19.59 -19.85 29.29
CA THR F 22 19.83 -20.63 30.51
C THR F 22 18.74 -20.45 31.55
N THR F 23 18.24 -19.23 31.74
CA THR F 23 17.18 -18.99 32.72
C THR F 23 15.90 -19.71 32.32
N ILE F 24 15.55 -19.67 31.03
CA ILE F 24 14.37 -20.38 30.55
C ILE F 24 14.52 -21.87 30.78
N LEU F 25 15.70 -22.41 30.45
CA LEU F 25 15.93 -23.84 30.63
C LEU F 25 15.87 -24.22 32.10
N LYS F 26 16.39 -23.37 32.98
CA LYS F 26 16.33 -23.64 34.41
C LYS F 26 14.91 -23.63 34.93
N ALA F 27 14.11 -22.65 34.50
CA ALA F 27 12.72 -22.59 34.96
C ALA F 27 11.91 -23.77 34.44
N TRP F 28 12.14 -24.16 33.19
CA TRP F 28 11.43 -25.31 32.63
C TRP F 28 11.78 -26.59 33.36
N ASP F 29 13.07 -26.77 33.67
CA ASP F 29 13.66 -27.86 34.45
C ASP F 29 13.12 -29.25 34.10
N PHE F 30 12.70 -29.44 32.84
CA PHE F 30 12.34 -30.78 32.40
C PHE F 30 13.59 -31.65 32.29
N LEU F 31 14.65 -31.11 31.69
CA LEU F 31 15.92 -31.81 31.61
C LEU F 31 16.60 -31.82 32.98
N SER F 32 17.29 -32.91 33.27
CA SER F 32 17.98 -33.04 34.54
C SER F 32 19.10 -32.01 34.65
N GLU F 33 19.34 -31.55 35.87
CA GLU F 33 20.34 -30.50 36.09
C GLU F 33 21.73 -30.99 35.69
N ASN F 34 22.06 -32.24 36.01
CA ASN F 34 23.39 -32.76 35.71
C ASN F 34 23.62 -32.86 34.21
N GLN F 35 22.55 -32.88 33.42
CA GLN F 35 22.71 -32.93 31.98
C GLN F 35 23.12 -31.58 31.41
N LEU F 36 22.77 -30.49 32.12
CA LEU F 36 22.97 -29.17 31.56
C LEU F 36 24.45 -28.82 31.37
N GLN F 37 25.29 -29.13 32.35
CA GLN F 37 26.69 -28.72 32.27
C GLN F 37 27.44 -29.50 31.19
N THR F 38 26.89 -30.62 30.74
CA THR F 38 27.49 -31.35 29.62
C THR F 38 27.47 -30.49 28.36
N VAL F 39 26.36 -29.79 28.12
CA VAL F 39 26.28 -28.88 26.99
C VAL F 39 27.08 -27.61 27.29
N ASN F 40 27.76 -27.09 26.27
CA ASN F 40 28.50 -25.85 26.38
C ASN F 40 27.79 -24.76 25.57
N PHE F 41 27.54 -23.63 26.21
CA PHE F 41 26.85 -22.52 25.56
C PHE F 41 27.82 -21.51 24.97
N ARG F 42 29.12 -21.76 25.04
CA ARG F 42 30.10 -20.84 24.44
C ARG F 42 30.05 -20.91 22.92
N GLN F 43 29.72 -22.08 22.37
CA GLN F 43 29.80 -22.30 20.94
C GLN F 43 28.59 -21.70 20.23
N ARG F 44 28.42 -22.06 18.96
CA ARG F 44 27.39 -21.48 18.12
C ARG F 44 25.99 -21.85 18.62
N LYS F 45 25.03 -20.96 18.36
CA LYS F 45 23.64 -21.20 18.72
C LYS F 45 23.12 -22.48 18.06
N GLU F 46 23.45 -22.68 16.78
CA GLU F 46 22.97 -23.84 16.06
C GLU F 46 23.47 -25.13 16.70
N SER F 47 24.75 -25.16 17.09
CA SER F 47 25.27 -26.36 17.75
C SER F 47 24.57 -26.62 19.07
N VAL F 48 24.29 -25.56 19.83
CA VAL F 48 23.61 -25.73 21.11
C VAL F 48 22.22 -26.32 20.92
N VAL F 49 21.47 -25.82 19.93
CA VAL F 49 20.13 -26.36 19.73
C VAL F 49 20.20 -27.79 19.21
N GLN F 50 21.20 -28.09 18.36
CA GLN F 50 21.37 -29.47 17.90
C GLN F 50 21.60 -30.41 19.06
N HIS F 51 22.46 -30.01 20.00
CA HIS F 51 22.73 -30.88 21.14
C HIS F 51 21.50 -31.01 22.03
N LEU F 52 20.80 -29.89 22.26
CA LEU F 52 19.64 -29.92 23.17
C LEU F 52 18.54 -30.80 22.62
N ILE F 53 18.36 -30.79 21.29
CA ILE F 53 17.36 -31.68 20.68
C ILE F 53 17.70 -33.14 20.97
N HIS F 54 18.99 -33.51 20.85
CA HIS F 54 19.39 -34.88 21.11
C HIS F 54 19.15 -35.26 22.56
N LEU F 55 19.50 -34.37 23.49
CA LEU F 55 19.26 -34.68 24.91
C LEU F 55 17.77 -34.83 25.20
N CYS F 56 16.93 -33.93 24.67
CA CYS F 56 15.51 -34.02 24.98
C CYS F 56 14.84 -35.17 24.22
N GLU F 57 15.46 -35.65 23.15
CA GLU F 57 14.92 -36.79 22.43
C GLU F 57 15.31 -38.10 23.09
N GLU F 58 16.50 -38.16 23.69
CA GLU F 58 16.91 -39.37 24.40
C GLU F 58 15.96 -39.67 25.54
N LYS F 59 15.56 -38.65 26.28
CA LYS F 59 14.48 -38.81 27.25
C LYS F 59 13.13 -38.73 26.53
N ARG F 60 12.09 -39.25 27.19
CA ARG F 60 10.76 -39.20 26.62
C ARG F 60 10.19 -37.79 26.73
N ALA F 61 9.82 -37.21 25.60
CA ALA F 61 9.25 -35.88 25.54
C ALA F 61 7.89 -35.95 24.88
N SER F 62 6.86 -35.52 25.61
CA SER F 62 5.49 -35.51 25.13
C SER F 62 5.19 -34.18 24.46
N ILE F 63 3.90 -33.91 24.25
CA ILE F 63 3.50 -32.61 23.74
C ILE F 63 3.18 -31.66 24.89
N SER F 64 2.85 -32.21 26.06
CA SER F 64 2.48 -31.38 27.20
C SER F 64 3.66 -30.55 27.68
N ASP F 65 4.85 -31.14 27.74
CA ASP F 65 6.03 -30.40 28.20
C ASP F 65 6.46 -29.37 27.16
N ALA F 66 6.25 -29.65 25.87
CA ALA F 66 6.49 -28.65 24.84
C ALA F 66 5.55 -27.45 25.02
N ALA F 67 4.27 -27.72 25.31
CA ALA F 67 3.35 -26.63 25.58
C ALA F 67 3.76 -25.85 26.82
N LEU F 68 4.24 -26.54 27.84
CA LEU F 68 4.71 -25.85 29.04
C LEU F 68 5.91 -24.96 28.73
N LEU F 69 6.83 -25.43 27.89
CA LEU F 69 7.94 -24.60 27.47
C LEU F 69 7.45 -23.37 26.71
N ASP F 70 6.42 -23.54 25.88
CA ASP F 70 5.86 -22.40 25.17
C ASP F 70 5.27 -21.37 26.13
N ILE F 71 4.54 -21.83 27.15
CA ILE F 71 3.96 -20.91 28.13
C ILE F 71 5.07 -20.17 28.88
N ILE F 72 6.12 -20.89 29.28
CA ILE F 72 7.22 -20.27 30.03
C ILE F 72 7.92 -19.23 29.18
N TYR F 73 8.16 -19.55 27.91
CA TYR F 73 8.78 -18.56 27.02
C TYR F 73 7.87 -17.35 26.83
N MET F 74 6.56 -17.59 26.70
CA MET F 74 5.63 -16.51 26.45
C MET F 74 5.56 -15.52 27.60
N GLN F 75 5.49 -16.02 28.85
CA GLN F 75 5.28 -15.08 29.94
C GLN F 75 6.52 -14.24 30.24
N PHE F 76 7.66 -14.58 29.61
CA PHE F 76 8.84 -13.74 29.76
C PHE F 76 8.76 -12.52 28.84
N HIS F 77 8.32 -12.71 27.60
CA HIS F 77 8.25 -11.61 26.66
C HIS F 77 6.96 -10.82 26.80
N GLN F 78 5.82 -11.46 26.56
CA GLN F 78 4.45 -10.98 26.75
C GLN F 78 4.17 -9.61 26.13
N HIS F 79 5.04 -9.11 25.25
CA HIS F 79 4.75 -7.92 24.46
C HIS F 79 4.76 -8.22 22.97
N GLN F 80 4.79 -9.49 22.60
CA GLN F 80 4.73 -9.91 21.21
C GLN F 80 3.30 -10.01 20.70
N LYS F 81 2.31 -9.90 21.59
CA LYS F 81 0.91 -9.99 21.22
C LYS F 81 0.16 -8.78 21.76
N VAL F 82 -0.96 -8.47 21.14
CA VAL F 82 -1.85 -7.41 21.59
C VAL F 82 -3.01 -8.03 22.36
N TRP F 83 -3.28 -7.51 23.55
CA TRP F 83 -4.20 -8.14 24.47
C TRP F 83 -5.54 -7.40 24.51
N GLU F 84 -6.57 -8.11 24.97
CA GLU F 84 -7.92 -7.60 25.09
C GLU F 84 -8.47 -8.00 26.44
N VAL F 85 -9.50 -7.31 26.92
CA VAL F 85 -9.99 -7.56 28.27
C VAL F 85 -11.43 -8.05 28.23
N PHE F 86 -11.76 -8.95 29.16
CA PHE F 86 -13.11 -9.44 29.37
C PHE F 86 -13.58 -9.03 30.76
N GLN F 87 -14.88 -8.91 30.93
CA GLN F 87 -15.47 -8.64 32.23
C GLN F 87 -16.67 -9.55 32.44
N MET F 88 -16.73 -10.18 33.61
CA MET F 88 -17.80 -11.10 33.96
C MET F 88 -18.66 -10.50 35.06
N SER F 89 -19.95 -10.77 35.00
CA SER F 89 -20.89 -10.24 35.97
C SER F 89 -21.70 -11.38 36.60
N LYS F 90 -22.25 -11.13 37.78
CA LYS F 90 -23.02 -12.17 38.50
C LYS F 90 -24.37 -11.62 38.98
N GLY F 91 -25.26 -12.50 39.42
CA GLY F 91 -26.59 -12.12 39.92
C GLY F 91 -26.53 -11.43 41.26
N PRO F 92 -27.54 -10.62 41.65
CA PRO F 92 -27.53 -9.91 42.92
C PRO F 92 -27.55 -10.78 44.19
N GLY F 93 -28.34 -11.85 44.19
CA GLY F 93 -28.47 -12.72 45.38
C GLY F 93 -27.42 -13.80 45.48
N GLU F 94 -26.58 -13.96 44.46
CA GLU F 94 -25.55 -15.04 44.48
C GLU F 94 -24.53 -14.80 45.60
N ASP F 95 -24.19 -15.84 46.35
CA ASP F 95 -23.22 -15.78 47.48
C ASP F 95 -21.78 -15.81 46.96
N VAL F 96 -20.82 -15.37 47.78
CA VAL F 96 -19.37 -15.38 47.39
C VAL F 96 -18.94 -16.85 47.32
N ASP F 97 -18.27 -17.24 46.24
CA ASP F 97 -17.83 -18.65 46.03
C ASP F 97 -16.51 -18.93 46.73
N LEU F 98 -16.23 -20.22 46.97
CA LEU F 98 -14.95 -20.71 47.53
C LEU F 98 -14.17 -21.31 46.37
N PHE F 99 -13.28 -20.50 45.77
CA PHE F 99 -12.53 -20.92 44.59
C PHE F 99 -11.70 -22.16 44.87
N ASP F 100 -11.73 -23.10 43.93
CA ASP F 100 -10.91 -24.30 43.97
C ASP F 100 -10.24 -24.44 42.61
N MET F 101 -8.91 -24.53 42.62
CA MET F 101 -8.18 -24.58 41.36
C MET F 101 -8.49 -25.84 40.56
N LYS F 102 -8.53 -26.99 41.23
CA LYS F 102 -8.74 -28.24 40.50
C LYS F 102 -10.09 -28.28 39.82
N GLN F 103 -11.14 -27.80 40.51
CA GLN F 103 -12.46 -27.77 39.90
C GLN F 103 -12.51 -26.84 38.71
N PHE F 104 -11.85 -25.68 38.81
CA PHE F 104 -11.79 -24.76 37.68
C PHE F 104 -11.12 -25.41 36.48
N LYS F 105 -9.99 -26.10 36.73
CA LYS F 105 -9.31 -26.78 35.63
C LYS F 105 -10.21 -27.84 35.00
N ASN F 106 -10.90 -28.63 35.83
CA ASN F 106 -11.74 -29.69 35.29
C ASN F 106 -12.91 -29.13 34.46
N SER F 107 -13.57 -28.08 34.96
CA SER F 107 -14.70 -27.52 34.23
C SER F 107 -14.25 -26.91 32.90
N PHE F 108 -13.17 -26.13 32.93
CA PHE F 108 -12.68 -25.52 31.70
C PHE F 108 -12.20 -26.58 30.73
N LYS F 109 -11.71 -27.71 31.25
CA LYS F 109 -11.37 -28.84 30.39
C LYS F 109 -12.62 -29.40 29.72
N LYS F 110 -13.65 -29.70 30.51
CA LYS F 110 -14.79 -30.47 30.02
C LYS F 110 -15.61 -29.70 29.00
N ILE F 111 -15.79 -28.39 29.21
CA ILE F 111 -16.60 -27.63 28.27
C ILE F 111 -15.99 -27.68 26.87
N LEU F 112 -14.68 -27.40 26.77
CA LEU F 112 -13.99 -27.48 25.49
C LEU F 112 -13.99 -28.91 24.96
N GLN F 113 -13.82 -29.90 25.84
CA GLN F 113 -13.71 -31.28 25.39
C GLN F 113 -15.02 -31.76 24.78
N ARG F 114 -16.15 -31.28 25.29
CA ARG F 114 -17.42 -31.75 24.74
C ARG F 114 -17.85 -30.92 23.53
N ALA F 115 -17.62 -29.61 23.55
CA ALA F 115 -18.07 -28.79 22.43
C ALA F 115 -17.29 -29.12 21.17
N LEU F 116 -15.96 -29.10 21.24
CA LEU F 116 -15.11 -29.60 20.18
C LEU F 116 -14.78 -31.05 20.46
N LYS F 117 -13.85 -31.64 19.71
CA LYS F 117 -13.44 -33.01 20.01
C LYS F 117 -11.97 -33.07 20.36
N ASN F 118 -11.12 -32.52 19.50
CA ASN F 118 -9.67 -32.54 19.70
C ASN F 118 -9.21 -31.15 20.09
N VAL F 119 -8.68 -31.02 21.30
CA VAL F 119 -8.20 -29.72 21.79
C VAL F 119 -7.20 -29.94 22.90
N THR F 120 -6.12 -29.15 22.90
CA THR F 120 -5.08 -29.21 23.92
C THR F 120 -5.09 -27.93 24.72
N VAL F 121 -5.22 -28.05 26.04
CA VAL F 121 -5.19 -26.91 26.94
C VAL F 121 -4.19 -27.18 28.05
N SER F 122 -3.40 -26.17 28.40
CA SER F 122 -2.36 -26.28 29.40
C SER F 122 -2.59 -25.25 30.50
N PHE F 123 -2.01 -25.50 31.66
CA PHE F 123 -2.11 -24.60 32.80
C PHE F 123 -0.72 -24.40 33.40
N ARG F 124 -0.47 -23.18 33.89
CA ARG F 124 0.76 -22.86 34.61
C ARG F 124 0.39 -21.90 35.74
N GLU F 125 0.16 -22.46 36.92
CA GLU F 125 -0.27 -21.65 38.07
C GLU F 125 0.82 -20.65 38.43
N THR F 126 0.54 -19.38 38.16
CA THR F 126 1.51 -18.31 38.37
C THR F 126 1.39 -17.77 39.79
N GLU F 127 2.52 -17.31 40.33
CA GLU F 127 2.53 -16.57 41.57
C GLU F 127 1.67 -15.32 41.44
N GLU F 128 1.41 -14.65 42.57
CA GLU F 128 0.61 -13.42 42.65
C GLU F 128 -0.80 -13.61 42.10
N ASN F 129 -1.35 -14.82 42.26
CA ASN F 129 -2.79 -15.08 42.14
C ASN F 129 -3.29 -14.95 40.71
N ALA F 130 -2.56 -15.54 39.77
CA ALA F 130 -2.95 -15.54 38.37
C ALA F 130 -2.82 -16.95 37.82
N VAL F 131 -3.41 -17.16 36.64
CA VAL F 131 -3.36 -18.44 35.95
C VAL F 131 -3.09 -18.18 34.48
N TRP F 132 -2.15 -18.92 33.91
CA TRP F 132 -1.85 -18.83 32.49
C TRP F 132 -2.40 -20.08 31.80
N ILE F 133 -3.09 -19.89 30.69
CA ILE F 133 -3.71 -20.98 29.93
C ILE F 133 -3.30 -20.86 28.47
N ARG F 134 -2.92 -21.98 27.87
CA ARG F 134 -2.59 -22.05 26.45
C ARG F 134 -3.50 -23.08 25.80
N ILE F 135 -4.16 -22.69 24.71
CA ILE F 135 -5.18 -23.50 24.07
C ILE F 135 -4.81 -23.67 22.61
N ALA F 136 -4.80 -24.91 22.13
CA ALA F 136 -4.60 -25.21 20.72
C ALA F 136 -5.92 -25.71 20.15
N TRP F 137 -6.40 -25.05 19.10
CA TRP F 137 -7.77 -25.26 18.64
C TRP F 137 -7.84 -26.37 17.62
N GLY F 138 -8.87 -27.22 17.76
CA GLY F 138 -9.15 -28.25 16.79
C GLY F 138 -10.63 -28.60 16.81
N THR F 139 -11.03 -29.47 15.90
CA THR F 139 -12.41 -29.90 15.80
C THR F 139 -12.47 -31.43 15.67
N GLN F 140 -13.67 -31.94 15.39
CA GLN F 140 -13.85 -33.39 15.29
C GLN F 140 -12.98 -33.98 14.20
N TYR F 141 -12.85 -33.28 13.08
CA TYR F 141 -12.22 -33.82 11.88
C TYR F 141 -10.86 -33.21 11.56
N THR F 142 -10.29 -32.42 12.47
CA THR F 142 -8.92 -31.90 12.30
C THR F 142 -8.14 -32.04 13.60
N LYS F 143 -6.85 -32.28 13.46
CA LYS F 143 -5.97 -32.31 14.62
C LYS F 143 -5.69 -30.89 15.10
N PRO F 144 -5.35 -30.71 16.38
CA PRO F 144 -5.10 -29.35 16.89
C PRO F 144 -3.95 -28.67 16.16
N ASN F 145 -4.08 -27.37 15.98
CA ASN F 145 -3.08 -26.56 15.30
C ASN F 145 -2.18 -25.90 16.34
N GLN F 146 -0.93 -26.35 16.41
CA GLN F 146 0.00 -25.85 17.41
C GLN F 146 0.66 -24.54 16.99
N TYR F 147 0.48 -24.12 15.75
CA TYR F 147 1.13 -22.89 15.29
C TYR F 147 0.43 -21.64 15.79
N LYS F 148 -0.88 -21.74 16.04
CA LYS F 148 -1.71 -20.58 16.36
C LYS F 148 -2.45 -20.84 17.67
N PRO F 149 -1.76 -20.75 18.80
CA PRO F 149 -2.43 -20.96 20.09
C PRO F 149 -3.05 -19.66 20.60
N THR F 150 -3.82 -19.81 21.68
CA THR F 150 -4.47 -18.71 22.36
C THR F 150 -4.05 -18.72 23.83
N TYR F 151 -3.66 -17.55 24.34
CA TYR F 151 -3.27 -17.40 25.72
C TYR F 151 -4.29 -16.55 26.45
N VAL F 152 -4.65 -16.95 27.65
CA VAL F 152 -5.55 -16.18 28.50
C VAL F 152 -4.98 -16.16 29.91
N VAL F 153 -5.01 -14.99 30.54
CA VAL F 153 -4.56 -14.81 31.91
C VAL F 153 -5.80 -14.53 32.76
N TYR F 154 -6.10 -15.42 33.70
CA TYR F 154 -7.28 -15.29 34.53
C TYR F 154 -6.85 -15.02 35.97
N TYR F 155 -7.36 -13.93 36.54
CA TYR F 155 -7.08 -13.59 37.93
C TYR F 155 -8.23 -14.11 38.78
N SER F 156 -7.95 -15.12 39.61
CA SER F 156 -9.01 -15.76 40.38
C SER F 156 -9.57 -14.80 41.41
N GLN F 157 -10.83 -15.02 41.80
CA GLN F 157 -11.60 -14.19 42.72
C GLN F 157 -12.01 -12.85 42.14
N THR F 158 -11.65 -12.54 40.90
CA THR F 158 -11.90 -11.25 40.28
C THR F 158 -12.71 -11.43 39.01
N PRO F 159 -13.37 -10.38 38.54
CA PRO F 159 -14.19 -10.50 37.32
C PRO F 159 -13.43 -10.32 36.01
N TYR F 160 -12.10 -10.24 36.01
CA TYR F 160 -11.36 -9.84 34.83
C TYR F 160 -10.48 -10.97 34.31
N ALA F 161 -10.38 -11.06 32.98
CA ALA F 161 -9.51 -12.01 32.30
C ALA F 161 -8.98 -11.36 31.03
N PHE F 162 -7.68 -11.51 30.78
CA PHE F 162 -7.02 -10.91 29.65
C PHE F 162 -6.70 -12.00 28.64
N THR F 163 -7.00 -11.76 27.37
CA THR F 163 -6.85 -12.76 26.32
C THR F 163 -6.09 -12.18 25.14
N SER F 164 -5.37 -13.04 24.42
CA SER F 164 -4.64 -12.61 23.25
C SER F 164 -5.47 -12.86 21.99
N SER F 165 -5.48 -11.87 21.09
CA SER F 165 -6.30 -11.92 19.89
C SER F 165 -5.47 -12.44 18.71
N SER F 166 -5.44 -13.76 18.54
CA SER F 166 -4.72 -14.34 17.42
C SER F 166 -5.66 -15.06 16.46
N MET F 167 -6.42 -16.04 16.98
CA MET F 167 -7.34 -16.84 16.19
C MET F 167 -8.67 -17.02 16.92
N LEU F 168 -8.87 -16.27 18.00
CA LEU F 168 -10.04 -16.42 18.87
C LEU F 168 -11.34 -15.98 18.19
N ARG F 169 -11.26 -15.36 17.02
CA ARG F 169 -12.45 -14.85 16.36
C ARG F 169 -13.42 -15.98 16.02
N ARG F 170 -12.90 -17.15 15.66
CA ARG F 170 -13.77 -18.25 15.26
C ARG F 170 -14.51 -18.84 16.45
N ASN F 171 -13.82 -19.01 17.58
CA ASN F 171 -14.39 -19.68 18.75
C ASN F 171 -14.56 -18.74 19.94
N THR F 172 -14.91 -17.48 19.70
CA THR F 172 -15.09 -16.55 20.80
C THR F 172 -16.24 -16.91 21.74
N PRO F 173 -17.45 -17.21 21.25
CA PRO F 173 -18.53 -17.55 22.20
C PRO F 173 -18.24 -18.78 23.03
N LEU F 174 -17.54 -19.76 22.45
CA LEU F 174 -17.24 -20.98 23.19
C LEU F 174 -16.30 -20.70 24.36
N LEU F 175 -15.24 -19.92 24.11
CA LEU F 175 -14.33 -19.57 25.20
C LEU F 175 -15.04 -18.69 26.23
N GLY F 176 -15.93 -17.81 25.79
CA GLY F 176 -16.72 -17.04 26.73
C GLY F 176 -17.54 -17.93 27.64
N GLN F 177 -18.21 -18.94 27.07
CA GLN F 177 -18.99 -19.87 27.89
C GLN F 177 -18.11 -20.66 28.84
N ALA F 178 -16.96 -21.14 28.35
CA ALA F 178 -16.08 -21.91 29.22
C ALA F 178 -15.62 -21.08 30.41
N LEU F 179 -15.22 -19.84 30.16
CA LEU F 179 -14.76 -18.98 31.24
C LEU F 179 -15.90 -18.66 32.22
N THR F 180 -17.10 -18.40 31.71
CA THR F 180 -18.17 -17.99 32.61
C THR F 180 -18.74 -19.18 33.37
N ILE F 181 -18.58 -20.40 32.84
CA ILE F 181 -19.06 -21.58 33.55
C ILE F 181 -18.05 -22.03 34.59
N ALA F 182 -16.77 -22.07 34.21
CA ALA F 182 -15.75 -22.61 35.11
C ALA F 182 -15.63 -21.78 36.38
N SER F 183 -15.89 -20.48 36.30
CA SER F 183 -15.72 -19.57 37.42
C SER F 183 -17.04 -19.18 38.08
N LYS F 184 -18.16 -19.77 37.66
CA LYS F 184 -19.47 -19.52 38.24
C LYS F 184 -19.90 -18.06 38.12
N HIS F 185 -20.01 -17.60 36.87
CA HIS F 185 -20.51 -16.27 36.55
C HIS F 185 -21.59 -16.41 35.49
N HIS F 186 -22.58 -15.52 35.52
CA HIS F 186 -23.73 -15.67 34.63
C HIS F 186 -23.49 -15.04 33.26
N GLN F 187 -22.94 -13.83 33.22
CA GLN F 187 -22.79 -13.10 31.96
C GLN F 187 -21.34 -12.69 31.76
N ILE F 188 -21.01 -12.33 30.52
CA ILE F 188 -19.67 -11.85 30.17
C ILE F 188 -19.78 -10.86 29.02
N VAL F 189 -18.94 -9.83 29.05
CA VAL F 189 -18.89 -8.81 28.01
C VAL F 189 -17.43 -8.49 27.75
N LYS F 190 -17.15 -7.93 26.57
CA LYS F 190 -15.79 -7.58 26.18
C LYS F 190 -15.60 -6.07 26.32
N MET F 191 -14.62 -5.69 27.14
CA MET F 191 -14.27 -4.28 27.28
C MET F 191 -13.53 -3.80 26.05
N ASP F 192 -13.91 -2.63 25.56
CA ASP F 192 -13.29 -2.05 24.37
C ASP F 192 -12.03 -1.26 24.74
N LEU F 193 -11.00 -2.01 25.09
CA LEU F 193 -9.71 -1.48 25.51
C LEU F 193 -8.65 -2.49 25.14
N ARG F 194 -7.79 -2.15 24.18
CA ARG F 194 -6.78 -3.05 23.66
C ARG F 194 -5.42 -2.39 23.74
N SER F 195 -4.39 -3.17 24.04
CA SER F 195 -3.04 -2.64 24.17
C SER F 195 -2.05 -3.78 24.02
N ARG F 196 -0.80 -3.40 23.81
CA ARG F 196 0.31 -4.34 23.76
C ARG F 196 1.05 -4.47 25.08
N TYR F 197 0.79 -3.58 26.03
CA TYR F 197 1.44 -3.60 27.34
C TYR F 197 0.46 -4.20 28.33
N LEU F 198 0.64 -5.47 28.67
CA LEU F 198 -0.29 -6.15 29.55
C LEU F 198 -0.27 -5.56 30.96
N ASP F 199 0.89 -5.08 31.40
CA ASP F 199 0.97 -4.50 32.74
C ASP F 199 0.26 -3.15 32.82
N SER F 200 0.35 -2.34 31.76
CA SER F 200 -0.41 -1.09 31.74
C SER F 200 -1.90 -1.35 31.71
N LEU F 201 -2.33 -2.33 30.92
CA LEU F 201 -3.74 -2.73 30.93
C LEU F 201 -4.16 -3.16 32.32
N LYS F 202 -3.32 -3.93 33.00
CA LYS F 202 -3.64 -4.40 34.34
C LYS F 202 -3.77 -3.25 35.32
N ALA F 203 -2.84 -2.29 35.26
CA ALA F 203 -2.88 -1.14 36.16
C ALA F 203 -4.12 -0.28 35.93
N ILE F 204 -4.49 -0.08 34.66
CA ILE F 204 -5.70 0.67 34.36
C ILE F 204 -6.94 -0.08 34.83
N VAL F 205 -7.03 -1.36 34.50
CA VAL F 205 -8.25 -2.12 34.78
C VAL F 205 -8.49 -2.24 36.27
N PHE F 206 -7.44 -2.53 37.04
CA PHE F 206 -7.56 -2.55 38.50
C PHE F 206 -7.47 -1.16 39.10
N LYS F 207 -7.34 -0.12 38.27
CA LYS F 207 -7.23 1.28 38.67
C LYS F 207 -6.31 1.45 39.88
N GLN F 208 -5.04 1.10 39.69
CA GLN F 208 -4.05 1.29 40.72
C GLN F 208 -2.81 1.99 40.15
N TYR F 209 -3.00 2.89 39.20
CA TYR F 209 -1.91 3.67 38.64
C TYR F 209 -1.59 4.91 39.46
N ASN F 210 -2.45 5.30 40.39
CA ASN F 210 -2.26 6.45 41.25
C ASN F 210 -2.16 5.95 42.68
N GLN F 211 -0.95 6.02 43.26
CA GLN F 211 -0.69 5.42 44.56
C GLN F 211 -0.11 6.42 45.57
N THR F 212 -0.40 7.71 45.40
CA THR F 212 0.07 8.74 46.32
C THR F 212 -1.06 9.14 47.25
N PHE F 213 -0.86 8.96 48.55
CA PHE F 213 -1.87 9.25 49.55
C PHE F 213 -1.29 10.22 50.57
N GLU F 214 -2.01 11.29 50.85
CA GLU F 214 -1.53 12.33 51.77
C GLU F 214 -1.84 11.92 53.20
N THR F 215 -0.80 11.63 53.97
CA THR F 215 -0.93 11.28 55.38
C THR F 215 0.13 12.01 56.18
N HIS F 216 -0.15 12.27 57.46
CA HIS F 216 0.81 12.90 58.35
C HIS F 216 1.30 11.87 59.36
N ASN F 217 2.32 11.13 58.98
CA ASN F 217 2.91 10.11 59.83
C ASN F 217 4.27 9.70 59.32
N MET F 233 17.47 35.11 37.28
CA MET F 233 18.26 34.55 36.20
C MET F 233 18.26 35.47 34.98
N ASP F 234 19.33 36.25 34.83
CA ASP F 234 19.49 37.17 33.72
C ASP F 234 18.32 38.17 33.67
N SER F 235 18.27 38.99 34.73
CA SER F 235 17.12 39.86 34.97
C SER F 235 16.93 40.88 33.86
N ARG F 236 17.85 40.98 32.91
CA ARG F 236 17.67 41.91 31.79
C ARG F 236 16.51 41.48 30.91
N ILE F 237 16.32 40.18 30.71
CA ILE F 237 15.19 39.70 29.92
C ILE F 237 13.90 39.86 30.71
N ILE F 238 12.89 40.42 30.06
CA ILE F 238 11.57 40.59 30.66
C ILE F 238 10.59 39.68 29.92
N HIS F 239 9.95 38.79 30.67
CA HIS F 239 8.98 37.85 30.10
C HIS F 239 7.59 38.42 30.27
N GLU F 240 7.03 38.93 29.20
CA GLU F 240 5.61 39.23 29.17
C GLU F 240 4.85 37.95 28.86
N ASN F 241 3.53 38.02 29.02
CA ASN F 241 2.66 36.84 28.94
C ASN F 241 3.02 35.81 30.01
N ILE F 242 3.54 36.25 31.15
CA ILE F 242 3.96 35.32 32.19
C ILE F 242 2.74 34.72 32.90
N VAL F 243 1.69 35.51 33.07
CA VAL F 243 0.51 35.02 33.78
C VAL F 243 -0.18 33.93 32.96
N GLU F 244 -0.21 34.08 31.64
CA GLU F 244 -0.80 33.04 30.80
C GLU F 244 -0.01 31.76 30.89
N LYS F 245 1.32 31.84 30.90
CA LYS F 245 2.14 30.65 31.01
C LYS F 245 1.90 29.94 32.35
N GLU F 246 1.85 30.70 33.44
CA GLU F 246 1.63 30.06 34.73
C GLU F 246 0.22 29.45 34.81
N ARG F 247 -0.77 30.10 34.19
CA ARG F 247 -2.11 29.55 34.21
C ARG F 247 -2.20 28.26 33.41
N VAL F 248 -1.58 28.22 32.23
CA VAL F 248 -1.63 27.00 31.43
C VAL F 248 -0.88 25.87 32.14
N GLN F 249 0.21 26.21 32.83
CA GLN F 249 0.92 25.19 33.59
C GLN F 249 0.04 24.62 34.70
N ARG F 250 -0.67 25.49 35.42
CA ARG F 250 -1.55 25.03 36.50
C ARG F 250 -2.67 24.16 35.95
N ILE F 251 -3.27 24.55 34.83
CA ILE F 251 -4.36 23.78 34.27
C ILE F 251 -3.87 22.41 33.81
N THR F 252 -2.71 22.36 33.16
CA THR F 252 -2.16 21.08 32.74
C THR F 252 -1.88 20.17 33.92
N GLN F 253 -1.30 20.72 34.99
CA GLN F 253 -1.02 19.93 36.18
C GLN F 253 -2.31 19.39 36.79
N GLU F 254 -3.36 20.21 36.86
CA GLU F 254 -4.61 19.75 37.43
C GLU F 254 -5.23 18.65 36.56
N THR F 255 -5.21 18.82 35.24
CA THR F 255 -5.92 17.89 34.37
C THR F 255 -5.20 16.55 34.25
N PHE F 256 -3.89 16.56 34.11
CA PHE F 256 -3.14 15.33 33.87
C PHE F 256 -2.55 14.72 35.14
N GLY F 257 -2.82 15.30 36.31
CA GLY F 257 -2.32 14.74 37.54
C GLY F 257 -0.82 14.88 37.68
N ASP F 258 -0.30 14.24 38.73
CA ASP F 258 1.12 14.27 39.03
C ASP F 258 1.77 12.90 39.10
N TYR F 259 1.02 11.83 38.87
CA TYR F 259 1.55 10.48 38.87
C TYR F 259 2.21 10.16 37.54
N PRO F 260 3.06 9.13 37.50
CA PRO F 260 3.56 8.64 36.21
C PRO F 260 2.45 8.04 35.37
N GLN F 261 2.33 8.49 34.12
CA GLN F 261 1.24 8.04 33.28
C GLN F 261 1.45 6.59 32.85
N PRO F 262 0.41 5.77 32.84
CA PRO F 262 0.53 4.43 32.27
C PRO F 262 0.85 4.51 30.79
N GLN F 263 1.58 3.52 30.29
CA GLN F 263 2.13 3.58 28.94
C GLN F 263 1.18 2.90 27.97
N LEU F 264 0.57 3.70 27.11
CA LEU F 264 -0.18 3.20 25.97
C LEU F 264 0.53 3.59 24.67
N GLU F 265 -0.03 3.13 23.56
CA GLU F 265 0.58 3.39 22.27
C GLU F 265 -0.42 3.74 21.17
N PHE F 266 -1.71 3.79 21.46
CA PHE F 266 -2.70 3.96 20.40
C PHE F 266 -4.03 4.41 21.02
N ALA F 267 -4.83 5.12 20.22
CA ALA F 267 -6.17 5.53 20.61
C ALA F 267 -6.95 5.88 19.36
N GLN F 268 -8.23 5.49 19.31
CA GLN F 268 -9.04 5.64 18.11
C GLN F 268 -10.36 6.30 18.45
N TYR F 269 -10.80 7.21 17.58
CA TYR F 269 -12.07 7.92 17.73
C TYR F 269 -12.85 7.83 16.44
N LYS F 270 -14.16 7.59 16.54
CA LYS F 270 -15.04 7.58 15.38
C LYS F 270 -16.07 8.69 15.54
N LEU F 271 -16.16 9.56 14.53
CA LEU F 271 -16.95 10.78 14.61
C LEU F 271 -18.10 10.73 13.62
N GLU F 272 -19.29 11.13 14.09
CA GLU F 272 -20.48 11.17 13.26
C GLU F 272 -21.25 12.46 13.55
N THR F 273 -20.51 13.57 13.68
CA THR F 273 -21.08 14.85 14.06
C THR F 273 -21.28 15.72 12.82
N LYS F 274 -22.13 16.73 12.98
CA LYS F 274 -22.43 17.65 11.88
C LYS F 274 -21.35 18.71 11.75
N PHE F 275 -21.14 19.18 10.52
CA PHE F 275 -20.24 20.30 10.29
C PHE F 275 -20.95 21.61 10.57
N LYS F 276 -20.38 22.42 11.45
CA LYS F 276 -20.99 23.69 11.87
C LYS F 276 -19.94 24.80 11.78
N SER F 277 -19.89 25.43 10.61
CA SER F 277 -18.96 26.54 10.39
C SER F 277 -19.51 27.50 9.34
N SER F 282 -22.74 29.50 5.92
CA SER F 282 -21.86 29.90 4.82
C SER F 282 -21.31 28.68 4.09
N ILE F 283 -20.79 27.72 4.85
CA ILE F 283 -20.22 26.49 4.32
C ILE F 283 -21.03 25.31 4.82
N LEU F 284 -21.71 24.62 3.90
CA LEU F 284 -22.50 23.44 4.21
C LEU F 284 -23.54 23.72 5.30
N ALA F 285 -24.16 24.90 5.24
CA ALA F 285 -25.22 25.22 6.19
C ALA F 285 -26.50 24.45 5.88
N GLU F 286 -26.77 24.22 4.60
CA GLU F 286 -28.00 23.55 4.20
C GLU F 286 -27.92 22.04 4.47
N ARG F 287 -26.71 21.49 4.51
CA ARG F 287 -26.54 20.06 4.68
C ARG F 287 -27.10 19.61 6.02
N GLU F 288 -27.85 18.50 6.02
CA GLU F 288 -28.47 17.97 7.21
C GLU F 288 -27.92 16.61 7.63
N GLU F 289 -26.88 16.11 6.96
CA GLU F 289 -26.33 14.81 7.28
C GLU F 289 -24.99 14.94 7.97
N PRO F 290 -24.62 13.99 8.83
CA PRO F 290 -23.35 14.08 9.54
C PRO F 290 -22.15 13.91 8.60
N LEU F 291 -21.01 14.43 9.05
CA LEU F 291 -19.76 14.31 8.32
C LEU F 291 -18.98 13.14 8.93
N ARG F 292 -18.67 12.14 8.10
CA ARG F 292 -18.17 10.86 8.59
C ARG F 292 -16.65 10.85 8.58
N CYS F 293 -16.05 10.67 9.76
CA CYS F 293 -14.60 10.72 9.92
C CYS F 293 -14.14 9.64 10.90
N LEU F 294 -12.88 9.26 10.77
CA LEU F 294 -12.22 8.31 11.67
C LEU F 294 -10.78 8.75 11.84
N ILE F 295 -10.34 8.99 13.07
CA ILE F 295 -9.00 9.49 13.34
C ILE F 295 -8.34 8.59 14.38
N LYS F 296 -7.01 8.51 14.32
CA LYS F 296 -6.23 7.69 15.23
C LYS F 296 -5.00 8.45 15.72
N PHE F 297 -4.60 8.16 16.96
CA PHE F 297 -3.40 8.72 17.58
C PHE F 297 -2.41 7.59 17.82
N SER F 298 -1.15 7.77 17.42
CA SER F 298 -0.13 6.76 17.65
C SER F 298 1.15 7.42 18.15
N SER F 299 1.76 6.83 19.16
CA SER F 299 2.95 7.36 19.78
C SER F 299 3.67 6.25 20.53
N PRO F 300 4.99 6.32 20.65
CA PRO F 300 5.69 5.34 21.50
C PRO F 300 5.23 5.38 22.95
N HIS F 301 5.01 6.59 23.50
CA HIS F 301 4.46 6.76 24.84
C HIS F 301 3.35 7.79 24.75
N LEU F 302 2.14 7.34 24.42
CA LEU F 302 0.99 8.22 24.43
C LEU F 302 0.65 8.58 25.87
N LEU F 303 -0.11 9.66 26.05
CA LEU F 303 -0.47 10.22 27.34
C LEU F 303 0.72 10.95 27.97
N GLU F 304 1.88 10.84 27.34
CA GLU F 304 3.03 11.66 27.70
C GLU F 304 3.31 12.71 26.64
N ALA F 305 3.09 12.37 25.38
CA ALA F 305 3.08 13.38 24.32
C ALA F 305 1.91 14.34 24.50
N LEU F 306 0.74 13.82 24.87
CA LEU F 306 -0.44 14.67 25.03
C LEU F 306 -0.26 15.66 26.17
N LYS F 307 0.44 15.24 27.23
CA LYS F 307 0.61 16.10 28.40
C LYS F 307 1.42 17.35 28.06
N SER F 308 2.30 17.25 27.08
CA SER F 308 3.24 18.30 26.76
C SER F 308 2.77 19.22 25.64
N LEU F 309 1.57 19.02 25.10
CA LEU F 309 1.13 19.82 23.96
C LEU F 309 0.84 21.25 24.36
N ALA F 310 0.07 21.45 25.43
CA ALA F 310 -0.36 22.78 25.83
C ALA F 310 0.80 23.69 26.25
N PRO F 311 1.74 23.23 27.09
CA PRO F 311 2.89 24.09 27.39
C PRO F 311 3.72 24.44 26.17
N ALA F 312 3.80 23.55 25.18
CA ALA F 312 4.56 23.85 23.97
C ALA F 312 3.83 24.81 23.05
N GLY F 313 2.55 25.04 23.27
CA GLY F 313 1.80 25.99 22.48
C GLY F 313 1.03 25.43 21.30
N ILE F 314 0.91 24.10 21.20
CA ILE F 314 0.20 23.48 20.08
C ILE F 314 -1.28 23.26 20.39
N ALA F 315 -1.68 23.35 21.65
CA ALA F 315 -3.07 23.14 22.03
C ALA F 315 -3.47 24.22 23.04
N ASP F 316 -4.77 24.32 23.27
CA ASP F 316 -5.29 25.27 24.24
C ASP F 316 -5.07 24.75 25.66
N ALA F 317 -5.30 25.62 26.64
CA ALA F 317 -4.93 25.30 28.02
C ALA F 317 -5.68 24.09 28.56
N PRO F 318 -7.02 24.02 28.51
CA PRO F 318 -7.66 22.72 28.79
C PRO F 318 -7.88 21.92 27.52
N LEU F 319 -7.38 20.71 27.46
CA LEU F 319 -7.69 19.84 26.33
C LEU F 319 -9.12 19.35 26.44
N SER F 320 -9.66 18.89 25.31
CA SER F 320 -11.00 18.35 25.31
C SER F 320 -11.04 17.09 26.17
N PRO F 321 -12.16 16.83 26.84
CA PRO F 321 -12.20 15.67 27.76
C PRO F 321 -12.00 14.34 27.07
N LEU F 322 -12.20 14.26 25.76
CA LEU F 322 -12.00 12.99 25.06
C LEU F 322 -10.56 12.52 25.16
N LEU F 323 -9.63 13.44 25.40
CA LEU F 323 -8.22 13.07 25.38
C LEU F 323 -7.68 12.83 26.79
N THR F 324 -8.27 13.47 27.80
CA THR F 324 -7.79 13.37 29.17
C THR F 324 -8.58 12.37 29.99
N CYS F 325 -9.38 11.51 29.36
CA CYS F 325 -10.23 10.57 30.06
C CYS F 325 -9.95 9.13 29.70
N ILE F 326 -8.73 8.79 29.28
CA ILE F 326 -8.41 7.40 28.95
C ILE F 326 -8.37 6.53 30.20
N PRO F 327 -7.47 6.75 31.16
CA PRO F 327 -7.38 5.79 32.27
C PRO F 327 -8.56 5.83 33.21
N ASN F 328 -9.18 6.99 33.40
CA ASN F 328 -10.31 7.08 34.32
C ASN F 328 -11.52 6.31 33.79
N LYS F 329 -11.75 6.37 32.49
CA LYS F 329 -12.88 5.66 31.90
C LYS F 329 -12.53 4.25 31.43
N ARG F 330 -11.26 3.86 31.48
CA ARG F 330 -10.83 2.52 31.06
C ARG F 330 -11.29 2.25 29.63
N MET F 331 -11.10 3.25 28.79
CA MET F 331 -11.65 3.29 27.44
C MET F 331 -10.51 3.54 26.46
N ASN F 332 -10.53 2.89 25.34
CA ASN F 332 -9.50 3.15 24.33
C ASN F 332 -10.07 3.45 22.97
N TYR F 333 -11.22 2.88 22.62
CA TYR F 333 -11.89 3.17 21.36
C TYR F 333 -13.20 3.87 21.65
N PHE F 334 -13.46 4.97 20.94
CA PHE F 334 -14.61 5.81 21.22
C PHE F 334 -15.51 5.91 19.99
N LYS F 335 -16.77 6.25 20.24
CA LYS F 335 -17.73 6.60 19.20
C LYS F 335 -18.49 7.83 19.65
N ILE F 336 -18.59 8.83 18.77
CA ILE F 336 -19.21 10.11 19.09
C ILE F 336 -20.32 10.38 18.08
N ARG F 337 -21.50 10.73 18.58
CA ARG F 337 -22.61 11.18 17.77
C ARG F 337 -23.01 12.58 18.19
N ASP F 338 -23.77 13.24 17.33
CA ASP F 338 -24.21 14.61 17.60
C ASP F 338 -25.18 14.65 18.78
N GLY G 16 46.98 34.82 2.73
CA GLY G 16 46.43 36.02 2.10
C GLY G 16 45.83 37.00 3.09
N VAL G 17 45.36 38.14 2.56
CA VAL G 17 44.81 39.17 3.42
C VAL G 17 43.45 38.76 3.98
N LEU G 18 42.67 38.01 3.22
CA LEU G 18 41.34 37.61 3.69
C LEU G 18 41.43 36.62 4.84
N ALA G 19 42.32 35.63 4.73
CA ALA G 19 42.54 34.71 5.83
C ALA G 19 43.12 35.42 7.04
N HIS G 20 43.98 36.42 6.80
CA HIS G 20 44.52 37.21 7.90
C HIS G 20 43.42 37.96 8.64
N LEU G 21 42.48 38.54 7.90
CA LEU G 21 41.35 39.22 8.53
C LEU G 21 40.48 38.23 9.29
N GLU G 22 40.31 37.02 8.75
CA GLU G 22 39.59 35.99 9.48
C GLU G 22 40.25 35.69 10.83
N ARG G 23 41.57 35.52 10.83
CA ARG G 23 42.24 35.14 12.08
C ARG G 23 42.34 36.33 13.03
N LEU G 24 42.30 37.56 12.51
CA LEU G 24 42.11 38.72 13.37
C LEU G 24 40.72 38.71 14.01
N GLU G 25 39.72 38.26 13.26
CA GLU G 25 38.38 38.09 13.82
C GLU G 25 38.38 37.04 14.91
N THR G 26 39.13 35.95 14.73
CA THR G 26 39.04 34.82 15.65
C THR G 26 39.47 35.21 17.07
N GLN G 27 40.51 36.01 17.19
CA GLN G 27 41.01 36.39 18.52
C GLN G 27 39.95 37.13 19.32
N ASN G 89 8.77 33.73 74.50
CA ASN G 89 7.50 34.32 74.85
C ASN G 89 6.35 33.63 74.12
N GLU G 90 5.71 34.36 73.20
CA GLU G 90 4.61 33.79 72.43
C GLU G 90 5.10 32.67 71.53
N GLN G 91 6.31 32.83 70.97
CA GLN G 91 6.84 31.82 70.04
C GLN G 91 7.03 30.48 70.74
N GLU G 92 7.53 30.49 71.98
CA GLU G 92 7.75 29.24 72.70
C GLU G 92 6.44 28.51 72.97
N ALA G 93 5.42 29.24 73.44
CA ALA G 93 4.14 28.61 73.71
C ALA G 93 3.49 28.10 72.42
N LEU G 94 3.63 28.87 71.33
CA LEU G 94 3.07 28.45 70.06
C LEU G 94 3.75 27.18 69.54
N GLU G 95 5.07 27.10 69.68
CA GLU G 95 5.79 25.88 69.30
C GLU G 95 5.37 24.72 70.18
N GLU G 96 5.14 24.97 71.48
CA GLU G 96 4.65 23.92 72.36
C GLU G 96 3.29 23.40 71.90
N LYS G 97 2.39 24.31 71.51
CA LYS G 97 1.09 23.89 71.01
C LYS G 97 1.23 23.07 69.73
N LEU G 98 2.10 23.51 68.81
CA LEU G 98 2.33 22.75 67.59
C LEU G 98 2.82 21.35 67.88
N GLU G 99 3.86 21.20 68.72
CA GLU G 99 4.37 19.87 69.00
C GLU G 99 3.34 19.03 69.73
N ASN G 100 2.51 19.67 70.56
CA ASN G 100 1.47 18.94 71.28
C ASN G 100 0.46 18.34 70.31
N VAL G 101 -0.06 19.16 69.39
CA VAL G 101 -1.07 18.64 68.46
C VAL G 101 -0.47 17.62 67.51
N LYS G 102 0.77 17.84 67.07
CA LYS G 102 1.41 16.85 66.21
C LYS G 102 1.57 15.52 66.93
N ALA G 103 1.99 15.55 68.19
CA ALA G 103 2.10 14.31 68.95
C ALA G 103 0.74 13.66 69.11
N ILE G 104 -0.31 14.46 69.34
CA ILE G 104 -1.65 13.91 69.51
C ILE G 104 -2.10 13.18 68.26
N LEU G 105 -1.83 13.74 67.07
CA LEU G 105 -2.31 13.09 65.85
C LEU G 105 -1.58 11.78 65.56
N GLN G 106 -0.25 11.77 65.68
CA GLN G 106 0.47 10.51 65.48
C GLN G 106 0.09 9.47 66.54
N ALA G 107 -0.25 9.91 67.76
CA ALA G 107 -0.78 8.97 68.74
C ALA G 107 -2.14 8.47 68.31
N TYR G 108 -2.97 9.36 67.78
CA TYR G 108 -4.32 9.00 67.35
C TYR G 108 -4.27 8.02 66.20
N HIS G 109 -3.13 7.93 65.51
CA HIS G 109 -2.91 6.90 64.51
C HIS G 109 -3.02 5.48 65.07
N PHE G 110 -2.88 5.29 66.39
CA PHE G 110 -2.87 3.96 66.99
C PHE G 110 -4.26 3.39 67.23
N THR G 111 -5.32 4.16 67.01
CA THR G 111 -6.66 3.61 67.26
C THR G 111 -7.06 2.60 66.22
N GLY G 112 -6.45 2.65 65.03
CA GLY G 112 -6.76 1.71 63.97
C GLY G 112 -7.07 2.39 62.66
N LEU G 113 -7.77 3.52 62.70
CA LEU G 113 -8.12 4.28 61.51
C LEU G 113 -7.85 5.76 61.77
N SER G 114 -7.23 6.42 60.80
CA SER G 114 -6.90 7.83 60.89
C SER G 114 -7.09 8.50 59.53
N GLY G 115 -7.29 9.82 59.56
CA GLY G 115 -7.56 10.56 58.35
C GLY G 115 -6.89 11.92 58.36
N LYS G 116 -6.74 12.47 57.16
CA LYS G 116 -6.18 13.79 56.95
C LYS G 116 -7.07 14.54 55.97
N LEU G 117 -7.09 15.87 56.11
CA LEU G 117 -7.95 16.72 55.31
C LEU G 117 -7.16 17.28 54.14
N THR G 118 -7.70 17.11 52.93
CA THR G 118 -7.09 17.63 51.72
C THR G 118 -8.07 18.55 51.01
N SER G 119 -7.68 19.00 49.81
CA SER G 119 -8.53 19.91 49.05
C SER G 119 -9.84 19.22 48.65
N ARG G 120 -9.74 18.02 48.08
CA ARG G 120 -10.95 17.29 47.69
C ARG G 120 -11.74 16.85 48.91
N GLY G 121 -11.05 16.41 49.96
CA GLY G 121 -11.72 15.92 51.14
C GLY G 121 -10.81 15.19 52.10
N VAL G 122 -11.22 13.99 52.50
CA VAL G 122 -10.48 13.24 53.51
C VAL G 122 -9.77 12.06 52.85
N CYS G 123 -8.63 11.68 53.42
CA CYS G 123 -7.90 10.47 53.01
C CYS G 123 -7.73 9.60 54.25
N VAL G 124 -8.39 8.44 54.25
CA VAL G 124 -8.46 7.59 55.43
C VAL G 124 -7.44 6.48 55.31
N CYS G 125 -6.92 6.04 56.46
CA CYS G 125 -5.96 4.95 56.53
C CYS G 125 -6.50 3.86 57.45
N ILE G 126 -6.44 2.61 56.99
CA ILE G 126 -6.93 1.48 57.76
C ILE G 126 -5.73 0.63 58.17
N SER G 127 -5.63 0.32 59.46
CA SER G 127 -4.52 -0.48 59.99
C SER G 127 -5.00 -1.88 60.32
N THR G 128 -4.15 -2.87 60.05
CA THR G 128 -4.49 -4.28 60.23
C THR G 128 -3.43 -4.96 61.09
N ALA G 129 -3.88 -5.74 62.06
CA ALA G 129 -2.98 -6.48 62.94
C ALA G 129 -3.70 -7.71 63.49
N PHE G 130 -2.94 -8.78 63.71
CA PHE G 130 -3.46 -10.04 64.23
C PHE G 130 -2.58 -10.50 65.38
N GLU G 131 -3.22 -10.79 66.53
CA GLU G 131 -2.52 -11.28 67.72
C GLU G 131 -1.36 -10.37 68.12
N GLY G 132 -1.55 -9.07 67.98
CA GLY G 132 -0.53 -8.12 68.37
C GLY G 132 0.59 -7.91 67.36
N ASN G 133 0.53 -8.56 66.20
CA ASN G 133 1.55 -8.40 65.17
C ASN G 133 1.04 -7.41 64.14
N LEU G 134 1.72 -6.26 64.03
CA LEU G 134 1.30 -5.25 63.07
C LEU G 134 1.55 -5.72 61.65
N LEU G 135 0.68 -5.30 60.74
CA LEU G 135 0.67 -5.79 59.36
C LEU G 135 0.40 -4.60 58.44
N ASP G 136 0.04 -4.89 57.20
CA ASP G 136 -0.11 -3.85 56.19
C ASP G 136 -1.24 -2.88 56.53
N SER G 137 -1.21 -1.73 55.86
CA SER G 137 -2.22 -0.69 56.02
C SER G 137 -2.75 -0.26 54.66
N TYR G 138 -3.96 0.27 54.65
CA TYR G 138 -4.71 0.49 53.42
C TYR G 138 -5.34 1.87 53.43
N PHE G 139 -5.38 2.50 52.25
CA PHE G 139 -5.83 3.89 52.11
C PHE G 139 -7.04 3.98 51.18
N VAL G 140 -7.92 4.93 51.49
CA VAL G 140 -9.06 5.28 50.64
C VAL G 140 -9.21 6.79 50.62
N ASP G 141 -9.46 7.35 49.44
CA ASP G 141 -9.54 8.79 49.23
C ASP G 141 -10.96 9.17 48.86
N LEU G 142 -11.57 10.06 49.65
CA LEU G 142 -12.98 10.40 49.51
C LEU G 142 -13.16 11.81 48.98
N VAL G 143 -14.31 12.05 48.35
CA VAL G 143 -14.69 13.35 47.82
C VAL G 143 -15.96 13.78 48.54
N ILE G 144 -15.95 14.98 49.11
CA ILE G 144 -17.01 15.39 50.02
C ILE G 144 -18.25 15.91 49.29
N GLN G 145 -18.10 16.45 48.09
CA GLN G 145 -19.24 17.03 47.39
C GLN G 145 -20.31 15.97 47.12
N LYS G 146 -21.56 16.38 47.24
CA LYS G 146 -22.67 15.43 47.10
C LYS G 146 -22.84 15.04 45.64
N PRO G 147 -23.01 13.74 45.33
CA PRO G 147 -22.95 12.62 46.28
C PRO G 147 -21.51 12.19 46.54
N LEU G 148 -21.24 11.60 47.70
CA LEU G 148 -19.88 11.21 48.04
C LEU G 148 -19.35 10.19 47.05
N ARG G 149 -18.11 10.39 46.62
CA ARG G 149 -17.46 9.50 45.66
C ARG G 149 -16.15 9.01 46.24
N ILE G 150 -15.54 8.06 45.54
CA ILE G 150 -14.23 7.53 45.90
C ILE G 150 -13.28 7.87 44.75
N HIS G 151 -12.24 8.66 45.05
CA HIS G 151 -11.32 9.08 44.01
C HIS G 151 -10.37 7.96 43.62
N HIS G 152 -9.57 7.48 44.58
CA HIS G 152 -8.71 6.33 44.37
C HIS G 152 -8.42 5.69 45.72
N HIS G 153 -8.03 4.42 45.68
CA HIS G 153 -7.85 3.64 46.90
C HIS G 153 -6.79 2.58 46.67
N SER G 154 -6.47 1.86 47.74
CA SER G 154 -5.47 0.80 47.70
C SER G 154 -5.96 -0.52 48.28
N VAL G 155 -7.26 -0.65 48.55
CA VAL G 155 -7.80 -1.94 48.99
C VAL G 155 -7.76 -2.93 47.83
N PRO G 156 -7.45 -4.21 48.05
CA PRO G 156 -7.37 -5.14 46.92
C PRO G 156 -8.71 -5.35 46.24
N VAL G 157 -8.66 -5.84 45.00
CA VAL G 157 -9.85 -5.94 44.17
C VAL G 157 -10.78 -7.03 44.69
N PHE G 158 -10.24 -8.18 45.05
CA PHE G 158 -11.07 -9.32 45.42
C PHE G 158 -11.80 -9.10 46.74
N ILE G 159 -11.43 -8.10 47.53
CA ILE G 159 -12.30 -7.71 48.64
C ILE G 159 -13.49 -6.92 48.10
N PRO G 160 -14.73 -7.20 48.54
CA PRO G 160 -15.92 -6.52 47.99
C PRO G 160 -16.13 -5.12 48.57
N LEU G 161 -15.41 -4.14 48.00
CA LEU G 161 -15.63 -2.75 48.40
C LEU G 161 -16.89 -2.18 47.75
N GLU G 162 -17.20 -2.61 46.53
CA GLU G 162 -18.31 -2.02 45.78
C GLU G 162 -19.66 -2.25 46.49
N GLU G 163 -19.88 -3.47 46.99
CA GLU G 163 -21.13 -3.75 47.68
C GLU G 163 -21.27 -2.92 48.95
N ILE G 164 -20.22 -2.87 49.76
CA ILE G 164 -20.26 -2.09 50.99
C ILE G 164 -20.42 -0.61 50.67
N ALA G 165 -19.72 -0.12 49.66
CA ALA G 165 -19.84 1.28 49.29
C ALA G 165 -21.25 1.62 48.85
N ALA G 166 -21.84 0.77 48.01
CA ALA G 166 -23.19 1.03 47.53
C ALA G 166 -24.20 0.96 48.68
N LYS G 167 -23.94 0.10 49.66
CA LYS G 167 -24.96 -0.15 50.68
C LYS G 167 -24.89 0.86 51.80
N TYR G 168 -23.69 1.33 52.17
CA TYR G 168 -23.50 2.19 53.34
C TYR G 168 -22.81 3.51 53.05
N LEU G 169 -22.49 3.83 51.79
CA LEU G 169 -21.67 5.00 51.54
C LEU G 169 -22.44 6.30 51.71
N GLN G 170 -23.67 6.34 51.19
CA GLN G 170 -24.40 7.60 51.17
C GLN G 170 -24.91 7.99 52.55
N THR G 171 -25.14 7.01 53.42
CA THR G 171 -25.63 7.25 54.77
C THR G 171 -24.80 6.49 55.78
N ASN G 172 -24.57 7.12 56.94
CA ASN G 172 -23.85 6.50 58.05
C ASN G 172 -22.43 6.10 57.62
N ILE G 173 -21.62 7.11 57.32
CA ILE G 173 -20.30 6.88 56.73
C ILE G 173 -19.39 6.15 57.70
N GLN G 174 -19.49 6.44 59.01
CA GLN G 174 -18.60 5.80 59.96
C GLN G 174 -18.86 4.30 60.07
N HIS G 175 -20.12 3.87 59.97
CA HIS G 175 -20.39 2.43 59.97
C HIS G 175 -19.80 1.77 58.73
N PHE G 176 -19.81 2.48 57.60
CA PHE G 176 -19.13 2.00 56.41
C PHE G 176 -17.64 1.81 56.66
N LEU G 177 -17.01 2.79 57.32
CA LEU G 177 -15.58 2.67 57.63
C LEU G 177 -15.31 1.49 58.54
N PHE G 178 -16.14 1.29 59.56
CA PHE G 178 -15.90 0.19 60.49
C PHE G 178 -16.14 -1.17 59.85
N SER G 179 -17.13 -1.26 58.96
CA SER G 179 -17.34 -2.50 58.23
C SER G 179 -16.15 -2.83 57.35
N LEU G 180 -15.60 -1.82 56.68
CA LEU G 180 -14.41 -2.04 55.87
C LEU G 180 -13.22 -2.47 56.74
N CYS G 181 -13.11 -1.89 57.94
CA CYS G 181 -12.06 -2.30 58.86
C CYS G 181 -12.18 -3.77 59.24
N GLU G 182 -13.40 -4.21 59.55
CA GLU G 182 -13.60 -5.62 59.87
C GLU G 182 -13.21 -6.52 58.70
N TYR G 183 -13.68 -6.17 57.50
CA TYR G 183 -13.41 -7.00 56.34
C TYR G 183 -11.93 -7.12 56.07
N LEU G 184 -11.17 -6.04 56.27
CA LEU G 184 -9.74 -6.07 56.03
C LEU G 184 -8.96 -6.80 57.11
N ASN G 185 -9.32 -6.60 58.38
CA ASN G 185 -8.63 -7.28 59.47
C ASN G 185 -8.79 -8.79 59.37
N ALA G 186 -10.01 -9.26 59.05
CA ALA G 186 -10.21 -10.71 58.95
C ALA G 186 -9.33 -11.31 57.87
N TYR G 187 -9.28 -10.67 56.71
CA TYR G 187 -8.46 -11.17 55.60
C TYR G 187 -6.98 -11.21 55.97
N SER G 188 -6.49 -10.13 56.59
CA SER G 188 -5.08 -10.11 56.97
C SER G 188 -4.77 -11.21 57.96
N GLY G 189 -5.65 -11.43 58.94
CA GLY G 189 -5.41 -12.48 59.91
C GLY G 189 -5.37 -13.86 59.29
N ARG G 190 -6.33 -14.16 58.40
CA ARG G 190 -6.34 -15.48 57.76
C ARG G 190 -5.09 -15.70 56.93
N LYS G 191 -4.68 -14.70 56.14
CA LYS G 191 -3.48 -14.86 55.33
C LYS G 191 -2.25 -15.04 56.21
N TYR G 192 -2.19 -14.31 57.33
CA TYR G 192 -1.05 -14.46 58.23
C TYR G 192 -0.97 -15.87 58.80
N GLN G 193 -2.11 -16.42 59.23
CA GLN G 193 -2.10 -17.80 59.73
C GLN G 193 -1.55 -18.75 58.67
N ALA G 194 -2.07 -18.68 57.45
CA ALA G 194 -1.63 -19.61 56.42
C ALA G 194 -0.14 -19.47 56.13
N ASP G 195 0.33 -18.23 55.98
CA ASP G 195 1.73 -18.01 55.64
C ASP G 195 2.65 -18.44 56.76
N ARG G 196 2.27 -18.20 58.02
CA ARG G 196 3.14 -18.60 59.11
C ARG G 196 3.20 -20.12 59.24
N LEU G 197 2.08 -20.80 59.02
CA LEU G 197 2.14 -22.27 58.99
C LEU G 197 3.08 -22.77 57.91
N GLN G 198 2.94 -22.25 56.69
CA GLN G 198 3.84 -22.67 55.61
C GLN G 198 5.30 -22.38 55.94
N SER G 199 5.58 -21.20 56.50
CA SER G 199 6.97 -20.84 56.77
C SER G 199 7.57 -21.71 57.86
N ASP G 200 6.82 -21.97 58.93
CA ASP G 200 7.39 -22.67 60.08
C ASP G 200 7.38 -24.18 59.89
N PHE G 201 6.20 -24.78 59.77
CA PHE G 201 6.12 -26.23 59.91
C PHE G 201 6.16 -26.96 58.57
N ALA G 202 7.20 -26.70 57.77
CA ALA G 202 7.33 -27.38 56.49
C ALA G 202 7.61 -28.86 56.67
N ALA G 203 8.10 -29.25 57.85
CA ALA G 203 8.48 -30.64 58.07
C ALA G 203 7.29 -31.58 58.02
N LEU G 204 6.20 -31.22 58.68
CA LEU G 204 5.07 -32.14 58.82
C LEU G 204 4.29 -32.26 57.52
N LEU G 205 4.08 -31.15 56.83
CA LEU G 205 3.28 -31.17 55.61
C LEU G 205 3.95 -31.99 54.52
N THR G 206 3.15 -32.77 53.79
CA THR G 206 3.67 -33.60 52.71
C THR G 206 3.83 -32.78 51.43
N GLY G 207 2.77 -32.10 51.02
CA GLY G 207 2.81 -31.24 49.86
C GLY G 207 2.34 -29.84 50.21
N PRO G 208 2.55 -28.90 49.29
CA PRO G 208 2.08 -27.53 49.54
C PRO G 208 0.57 -27.49 49.69
N LEU G 209 0.10 -26.64 50.61
CA LEU G 209 -1.32 -26.56 50.86
C LEU G 209 -2.01 -25.77 49.75
N GLN G 210 -3.30 -26.04 49.58
CA GLN G 210 -4.12 -25.36 48.57
C GLN G 210 -4.75 -24.12 49.19
N ARG G 211 -4.73 -23.01 48.46
CA ARG G 211 -5.17 -21.74 49.00
C ARG G 211 -5.57 -20.83 47.84
N ASN G 212 -6.46 -19.87 48.15
CA ASN G 212 -6.99 -18.95 47.15
C ASN G 212 -6.73 -17.51 47.59
N PRO G 213 -6.81 -16.53 46.69
CA PRO G 213 -6.43 -15.16 47.06
C PRO G 213 -7.17 -14.62 48.27
N LEU G 214 -8.48 -14.88 48.39
CA LEU G 214 -9.23 -14.33 49.50
C LEU G 214 -8.99 -15.12 50.79
N CYS G 215 -8.37 -16.30 50.70
CA CYS G 215 -7.97 -17.09 51.85
C CYS G 215 -9.17 -17.55 52.68
N ASN G 216 -10.14 -18.19 52.03
CA ASN G 216 -11.29 -18.74 52.73
C ASN G 216 -11.49 -20.24 52.47
N LEU G 217 -10.50 -20.92 51.88
CA LEU G 217 -10.57 -22.36 51.67
C LEU G 217 -9.16 -22.93 51.72
N LEU G 218 -8.83 -23.62 52.79
CA LEU G 218 -7.53 -24.25 52.96
C LEU G 218 -7.70 -25.76 52.96
N SER G 219 -6.78 -26.46 52.29
CA SER G 219 -6.76 -27.91 52.26
C SER G 219 -5.32 -28.39 52.22
N PHE G 220 -4.97 -29.29 53.14
CA PHE G 220 -3.61 -29.80 53.23
C PHE G 220 -3.63 -31.21 53.82
N THR G 221 -2.55 -31.94 53.57
CA THR G 221 -2.37 -33.29 54.09
C THR G 221 -1.12 -33.31 54.96
N TYR G 222 -1.30 -33.61 56.24
CA TYR G 222 -0.23 -33.48 57.23
C TYR G 222 0.00 -34.83 57.90
N LYS G 223 1.28 -35.18 58.08
CA LYS G 223 1.68 -36.38 58.78
C LYS G 223 2.53 -35.97 59.98
N LEU G 224 2.12 -36.42 61.17
CA LEU G 224 2.85 -36.13 62.39
C LEU G 224 3.63 -37.36 62.83
N ASP G 225 4.84 -37.13 63.34
CA ASP G 225 5.70 -38.21 63.78
C ASP G 225 5.51 -38.50 65.26
N GLN G 229 3.67 -42.38 66.19
CA GLN G 229 3.49 -43.09 64.94
C GLN G 229 3.11 -42.14 63.81
N SER G 230 3.01 -42.68 62.60
CA SER G 230 2.66 -41.89 61.42
C SER G 230 1.17 -42.01 61.14
N PHE G 231 0.48 -40.88 61.13
CA PHE G 231 -0.97 -40.85 60.92
C PHE G 231 -1.26 -39.98 59.70
N PRO G 232 -1.54 -40.58 58.54
CA PRO G 232 -1.88 -39.78 57.35
C PRO G 232 -3.27 -39.13 57.47
N PHE G 233 -3.29 -37.80 57.51
CA PHE G 233 -4.55 -37.06 57.64
C PHE G 233 -4.59 -35.94 56.60
N CYS G 234 -5.76 -35.74 56.01
CA CYS G 234 -6.01 -34.65 55.08
C CYS G 234 -7.21 -33.86 55.57
N ALA G 235 -7.09 -32.53 55.57
CA ALA G 235 -8.10 -31.64 56.12
C ALA G 235 -8.62 -30.67 55.07
N ARG G 236 -9.82 -30.16 55.32
CA ARG G 236 -10.43 -29.16 54.46
C ARG G 236 -11.16 -28.16 55.36
N LEU G 237 -10.66 -26.94 55.39
CA LEU G 237 -11.23 -25.88 56.22
C LEU G 237 -11.97 -24.88 55.34
N LEU G 238 -13.16 -24.49 55.78
CA LEU G 238 -14.02 -23.57 55.03
C LEU G 238 -14.39 -22.40 55.93
N TYR G 239 -14.02 -21.19 55.51
CA TYR G 239 -14.41 -19.97 56.20
C TYR G 239 -15.60 -19.38 55.45
N LYS G 240 -16.81 -19.71 55.90
CA LYS G 240 -18.00 -19.21 55.22
C LYS G 240 -18.26 -17.75 55.58
N ASP G 241 -17.73 -17.29 56.71
CA ASP G 241 -17.89 -15.91 57.13
C ASP G 241 -16.61 -15.14 56.85
N LEU G 242 -16.72 -14.06 56.07
CA LEU G 242 -15.56 -13.27 55.68
C LEU G 242 -15.17 -12.23 56.70
N THR G 243 -15.90 -12.12 57.81
CA THR G 243 -15.54 -11.23 58.90
C THR G 243 -15.04 -12.00 60.12
N ALA G 244 -14.60 -13.24 59.93
CA ALA G 244 -14.11 -14.08 61.01
C ALA G 244 -12.82 -14.75 60.58
N THR G 245 -12.01 -15.15 61.56
CA THR G 245 -10.72 -15.77 61.31
C THR G 245 -10.68 -17.24 61.69
N LEU G 246 -11.83 -17.86 61.95
CA LEU G 246 -11.89 -19.28 62.28
C LEU G 246 -12.88 -19.97 61.34
N PRO G 247 -12.57 -21.18 60.87
CA PRO G 247 -13.45 -21.85 59.91
C PRO G 247 -14.80 -22.20 60.54
N THR G 248 -15.84 -22.24 59.71
CA THR G 248 -17.16 -22.64 60.20
C THR G 248 -17.38 -24.12 60.00
N ASP G 249 -16.95 -24.66 58.87
CA ASP G 249 -17.11 -26.08 58.54
C ASP G 249 -15.73 -26.69 58.29
N VAL G 250 -15.36 -27.69 59.08
CA VAL G 250 -14.06 -28.32 59.01
C VAL G 250 -14.26 -29.83 58.98
N THR G 251 -13.47 -30.51 58.15
CA THR G 251 -13.50 -31.97 58.07
C THR G 251 -12.09 -32.48 57.81
N VAL G 252 -11.70 -33.52 58.56
CA VAL G 252 -10.44 -34.22 58.34
C VAL G 252 -10.74 -35.71 58.32
N THR G 253 -10.19 -36.41 57.32
CA THR G 253 -10.41 -37.84 57.15
C THR G 253 -9.07 -38.55 57.03
N CYS G 254 -9.05 -39.81 57.45
CA CYS G 254 -7.86 -40.64 57.36
C CYS G 254 -7.85 -41.36 56.02
N GLN G 255 -6.74 -41.23 55.29
CA GLN G 255 -6.61 -41.80 53.97
C GLN G 255 -5.29 -42.55 53.87
N GLY G 256 -5.28 -43.60 53.05
CA GLY G 256 -4.12 -44.43 52.85
C GLY G 256 -4.14 -45.73 53.62
N VAL G 257 -4.96 -45.83 54.65
CA VAL G 257 -5.11 -47.06 55.42
C VAL G 257 -6.45 -47.02 56.13
N GLU G 258 -7.14 -48.16 56.13
CA GLU G 258 -8.40 -48.27 56.86
C GLU G 258 -8.13 -48.24 58.36
N VAL G 259 -9.05 -47.63 59.11
CA VAL G 259 -8.84 -47.43 60.54
C VAL G 259 -8.76 -48.77 61.24
N LEU G 260 -7.76 -48.92 62.11
CA LEU G 260 -7.54 -50.17 62.83
C LEU G 260 -7.64 -50.00 64.34
N SER G 261 -7.58 -48.78 64.86
CA SER G 261 -7.65 -48.52 66.29
C SER G 261 -8.57 -47.34 66.56
N THR G 262 -9.21 -47.37 67.72
CA THR G 262 -10.03 -46.24 68.14
C THR G 262 -9.17 -45.00 68.40
N SER G 263 -7.87 -45.19 68.61
CA SER G 263 -6.97 -44.06 68.80
C SER G 263 -7.00 -43.12 67.60
N TRP G 264 -7.00 -43.68 66.39
CA TRP G 264 -7.09 -42.85 65.19
C TRP G 264 -8.38 -42.05 65.18
N GLU G 265 -9.48 -42.69 65.56
CA GLU G 265 -10.79 -42.02 65.53
C GLU G 265 -10.83 -40.88 66.55
N GLU G 266 -10.34 -41.12 67.75
CA GLU G 266 -10.32 -40.05 68.75
C GLU G 266 -9.36 -38.94 68.34
N GLN G 267 -8.25 -39.29 67.69
CA GLN G 267 -7.33 -38.28 67.21
C GLN G 267 -7.99 -37.38 66.16
N ARG G 268 -8.71 -37.98 65.21
CA ARG G 268 -9.32 -37.18 64.16
C ARG G 268 -10.48 -36.34 64.71
N ALA G 269 -11.22 -36.89 65.68
CA ALA G 269 -12.27 -36.09 66.31
C ALA G 269 -11.68 -34.90 67.05
N SER G 270 -10.59 -35.12 67.79
CA SER G 270 -9.92 -34.03 68.49
C SER G 270 -9.40 -32.99 67.49
N HIS G 271 -8.88 -33.45 66.35
CA HIS G 271 -8.40 -32.52 65.33
C HIS G 271 -9.55 -31.68 64.78
N GLU G 272 -10.70 -32.31 64.53
CA GLU G 272 -11.85 -31.56 64.03
C GLU G 272 -12.28 -30.50 65.02
N THR G 273 -12.32 -30.84 66.32
CA THR G 273 -12.66 -29.81 67.31
C THR G 273 -11.61 -28.71 67.37
N LEU G 274 -10.34 -29.09 67.34
CA LEU G 274 -9.26 -28.13 67.53
C LEU G 274 -9.21 -27.12 66.39
N PHE G 275 -9.35 -27.60 65.15
CA PHE G 275 -9.23 -26.69 64.00
C PHE G 275 -10.35 -25.66 64.02
N CYS G 276 -11.55 -26.06 64.42
CA CYS G 276 -12.66 -25.11 64.46
C CYS G 276 -12.55 -24.17 65.66
N THR G 277 -11.94 -24.63 66.76
CA THR G 277 -11.94 -23.81 67.96
C THR G 277 -10.74 -22.85 68.01
N LYS G 278 -9.55 -23.34 67.72
CA LYS G 278 -8.31 -22.62 67.95
C LYS G 278 -7.65 -22.16 66.66
N PRO G 279 -6.74 -21.18 66.72
CA PRO G 279 -6.05 -20.72 65.52
C PRO G 279 -5.24 -21.83 64.87
N LEU G 280 -4.99 -21.67 63.58
CA LEU G 280 -4.43 -22.75 62.77
C LEU G 280 -2.99 -23.06 63.19
N HIS G 281 -2.14 -22.04 63.27
CA HIS G 281 -0.72 -22.29 63.52
C HIS G 281 -0.46 -22.69 64.97
N GLN G 282 -1.37 -22.32 65.88
CA GLN G 282 -1.16 -22.67 67.29
C GLN G 282 -1.43 -24.15 67.53
N VAL G 283 -2.43 -24.72 66.86
CA VAL G 283 -2.78 -26.12 67.08
C VAL G 283 -1.61 -27.03 66.68
N PHE G 284 -0.96 -26.71 65.57
CA PHE G 284 0.18 -27.51 65.12
C PHE G 284 1.29 -27.51 66.15
N ALA G 285 1.69 -26.33 66.61
CA ALA G 285 2.71 -26.25 67.66
C ALA G 285 2.25 -26.95 68.92
N SER G 286 0.94 -26.99 69.16
CA SER G 286 0.43 -27.66 70.35
C SER G 286 0.65 -29.16 70.27
N PHE G 287 0.26 -29.79 69.17
CA PHE G 287 0.35 -31.25 69.18
C PHE G 287 1.73 -31.73 68.74
N THR G 288 2.59 -30.83 68.25
CA THR G 288 3.97 -31.22 68.03
C THR G 288 4.68 -31.54 69.34
N ARG G 289 4.43 -30.73 70.37
CA ARG G 289 5.06 -30.93 71.67
C ARG G 289 4.26 -31.89 72.53
N GLN H 74 -17.67 -37.96 -27.02
CA GLN H 74 -16.27 -37.59 -26.83
C GLN H 74 -15.42 -38.80 -26.45
N PRO H 75 -14.16 -38.80 -26.88
CA PRO H 75 -13.24 -39.86 -26.46
C PRO H 75 -12.92 -39.76 -24.98
N LEU H 76 -12.60 -40.91 -24.39
CA LEU H 76 -12.22 -40.94 -22.99
C LEU H 76 -10.76 -40.53 -22.83
N SER H 77 -10.35 -40.28 -21.59
CA SER H 77 -9.05 -39.71 -21.30
C SER H 77 -7.90 -40.67 -21.59
N LYS H 78 -6.71 -40.09 -21.75
CA LYS H 78 -5.51 -40.89 -22.03
C LYS H 78 -5.21 -41.84 -20.86
N SER H 79 -5.64 -41.48 -19.65
CA SER H 79 -5.35 -42.31 -18.49
C SER H 79 -6.00 -43.67 -18.59
N THR H 80 -7.21 -43.73 -19.15
CA THR H 80 -7.90 -45.00 -19.27
C THR H 80 -7.10 -45.99 -20.11
N ARG H 81 -6.64 -45.56 -21.29
CA ARG H 81 -5.79 -46.42 -22.11
C ARG H 81 -4.45 -46.72 -21.44
N ASP H 82 -3.82 -45.73 -20.78
CA ASP H 82 -2.59 -46.03 -20.06
C ASP H 82 -2.80 -47.19 -19.08
N HIS H 83 -3.83 -47.09 -18.24
CA HIS H 83 -4.06 -48.08 -17.20
C HIS H 83 -4.45 -49.43 -17.80
N LEU H 84 -5.35 -49.42 -18.79
CA LEU H 84 -5.78 -50.67 -19.40
C LEU H 84 -4.65 -51.35 -20.16
N GLN H 85 -3.86 -50.58 -20.89
CA GLN H 85 -2.68 -51.12 -21.53
C GLN H 85 -1.77 -51.79 -20.52
N THR H 86 -1.42 -51.07 -19.45
CA THR H 86 -0.50 -51.61 -18.44
C THR H 86 -1.05 -52.89 -17.84
N MET H 87 -2.33 -52.90 -17.45
CA MET H 87 -2.88 -54.09 -16.83
C MET H 87 -2.93 -55.25 -17.82
N MET H 88 -3.07 -54.96 -19.13
CA MET H 88 -3.04 -56.05 -20.09
C MET H 88 -1.64 -56.61 -20.27
N GLU H 89 -0.60 -55.78 -20.26
CA GLU H 89 0.73 -56.41 -20.28
C GLU H 89 0.94 -57.24 -19.02
N SER H 90 0.46 -56.77 -17.88
CA SER H 90 0.63 -57.54 -16.66
C SER H 90 -0.08 -58.89 -16.76
N VAL H 91 -1.33 -58.90 -17.22
CA VAL H 91 -2.07 -60.15 -17.27
C VAL H 91 -1.52 -61.07 -18.36
N ILE H 92 -1.05 -60.51 -19.47
CA ILE H 92 -0.42 -61.32 -20.51
C ILE H 92 0.85 -61.97 -19.97
N MET H 93 1.65 -61.21 -19.21
CA MET H 93 2.82 -61.79 -18.57
C MET H 93 2.43 -62.91 -17.63
N THR H 94 1.36 -62.71 -16.85
CA THR H 94 0.94 -63.76 -15.92
C THR H 94 0.51 -65.03 -16.67
N ILE H 95 -0.27 -64.88 -17.74
CA ILE H 95 -0.75 -66.07 -18.45
C ILE H 95 0.37 -66.75 -19.24
N LEU H 96 1.34 -66.00 -19.75
CA LEU H 96 2.51 -66.62 -20.37
C LEU H 96 3.45 -67.24 -19.34
N SER H 97 3.37 -66.81 -18.08
CA SER H 97 4.18 -67.42 -17.03
C SER H 97 3.80 -68.88 -16.82
N ASN H 98 2.51 -69.19 -16.88
CA ASN H 98 2.01 -70.52 -16.59
C ASN H 98 1.96 -71.43 -17.81
N SER H 99 2.25 -70.92 -18.99
CA SER H 99 2.21 -71.70 -20.22
C SER H 99 3.63 -72.15 -20.57
N ILE H 100 3.76 -73.37 -21.07
CA ILE H 100 5.06 -73.98 -21.35
C ILE H 100 5.38 -73.94 -22.85
N LYS H 101 4.55 -74.57 -23.67
CA LYS H 101 4.80 -74.71 -25.09
C LYS H 101 4.00 -73.68 -25.89
N GLU H 102 4.28 -73.65 -27.20
CA GLU H 102 3.57 -72.77 -28.14
C GLU H 102 3.69 -71.31 -27.72
N LYS H 103 4.92 -70.79 -27.77
CA LYS H 103 5.17 -69.43 -27.29
C LYS H 103 4.91 -68.39 -28.37
N GLU H 104 5.58 -68.52 -29.52
CA GLU H 104 5.59 -67.44 -30.52
C GLU H 104 4.19 -67.18 -31.05
N GLU H 105 3.46 -68.22 -31.42
CA GLU H 105 2.12 -68.02 -31.98
C GLU H 105 1.18 -67.41 -30.95
N ILE H 106 1.22 -67.90 -29.71
CA ILE H 106 0.31 -67.40 -28.69
C ILE H 106 0.61 -65.94 -28.38
N GLN H 107 1.89 -65.57 -28.32
CA GLN H 107 2.23 -64.19 -28.00
C GLN H 107 1.91 -63.27 -29.17
N TYR H 108 2.09 -63.75 -30.41
CA TYR H 108 1.71 -62.93 -31.57
C TYR H 108 0.21 -62.69 -31.61
N HIS H 109 -0.59 -63.74 -31.39
CA HIS H 109 -2.03 -63.57 -31.37
C HIS H 109 -2.47 -62.66 -30.24
N LEU H 110 -1.87 -62.81 -29.05
CA LEU H 110 -2.23 -61.95 -27.93
C LEU H 110 -1.85 -60.50 -28.20
N ASN H 111 -0.69 -60.26 -28.80
CA ASN H 111 -0.30 -58.89 -29.13
C ASN H 111 -1.23 -58.28 -30.18
N PHE H 112 -1.62 -59.07 -31.19
CA PHE H 112 -2.56 -58.58 -32.18
C PHE H 112 -3.90 -58.22 -31.53
N LEU H 113 -4.40 -59.09 -30.66
CA LEU H 113 -5.65 -58.82 -29.95
C LEU H 113 -5.51 -57.56 -29.11
N LYS H 114 -4.38 -57.41 -28.42
CA LYS H 114 -4.15 -56.25 -27.57
C LYS H 114 -4.15 -54.95 -28.38
N LYS H 115 -3.42 -54.93 -29.49
CA LYS H 115 -3.35 -53.71 -30.29
C LYS H 115 -4.70 -53.39 -30.93
N ARG H 116 -5.44 -54.42 -31.36
CA ARG H 116 -6.75 -54.18 -31.93
C ARG H 116 -7.72 -53.66 -30.88
N LEU H 117 -7.63 -54.16 -29.64
CA LEU H 117 -8.45 -53.63 -28.56
C LEU H 117 -8.07 -52.20 -28.23
N LEU H 118 -6.78 -51.87 -28.29
CA LEU H 118 -6.38 -50.47 -28.12
C LEU H 118 -7.01 -49.59 -29.19
N GLN H 119 -6.99 -50.04 -30.44
CA GLN H 119 -7.61 -49.26 -31.51
C GLN H 119 -9.11 -49.11 -31.27
N GLN H 120 -9.78 -50.20 -30.87
CA GLN H 120 -11.22 -50.16 -30.65
C GLN H 120 -11.58 -49.21 -29.52
N CYS H 121 -10.83 -49.25 -28.42
CA CYS H 121 -11.12 -48.38 -27.29
C CYS H 121 -10.77 -46.93 -27.58
N GLU H 122 -9.73 -46.69 -28.39
CA GLU H 122 -9.45 -45.32 -28.81
C GLU H 122 -10.55 -44.77 -29.70
N THR H 123 -11.09 -45.61 -30.58
CA THR H 123 -12.19 -45.19 -31.45
C THR H 123 -13.49 -45.00 -30.68
N LEU H 124 -13.62 -45.61 -29.51
CA LEU H 124 -14.88 -45.60 -28.77
C LEU H 124 -15.24 -44.19 -28.30
N LYS H 125 -16.54 -43.93 -28.18
CA LYS H 125 -17.08 -42.66 -27.76
C LYS H 125 -17.82 -42.81 -26.44
N VAL H 126 -17.64 -41.85 -25.54
CA VAL H 126 -18.25 -41.90 -24.21
C VAL H 126 -18.67 -40.49 -23.80
N PRO H 127 -19.77 -40.33 -23.07
CA PRO H 127 -20.09 -39.02 -22.49
C PRO H 127 -19.01 -38.57 -21.53
N PRO H 128 -18.78 -37.26 -21.42
CA PRO H 128 -17.66 -36.77 -20.59
C PRO H 128 -17.83 -37.14 -19.12
N LYS H 129 -16.69 -37.40 -18.48
CA LYS H 129 -16.67 -37.75 -17.05
C LYS H 129 -15.25 -37.60 -16.51
N LYS H 130 -15.11 -37.65 -15.18
CA LYS H 130 -13.81 -37.55 -14.53
C LYS H 130 -13.56 -38.83 -13.74
N MET H 131 -12.36 -39.40 -13.91
CA MET H 131 -12.00 -40.66 -13.26
C MET H 131 -10.64 -40.50 -12.61
N GLU H 132 -10.50 -41.01 -11.39
CA GLU H 132 -9.23 -41.01 -10.68
C GLU H 132 -8.49 -42.32 -10.97
N ASP H 133 -7.18 -42.31 -10.74
CA ASP H 133 -6.37 -43.43 -11.21
C ASP H 133 -6.72 -44.71 -10.46
N LEU H 134 -6.60 -45.84 -11.16
CA LEU H 134 -7.10 -47.10 -10.62
C LEU H 134 -6.23 -47.61 -9.48
N THR H 135 -4.95 -47.25 -9.47
CA THR H 135 -4.04 -47.79 -8.48
C THR H 135 -4.40 -47.33 -7.07
N ASN H 136 -4.79 -46.06 -6.91
CA ASN H 136 -4.94 -45.49 -5.58
C ASN H 136 -6.37 -45.46 -5.08
N VAL H 137 -7.32 -46.09 -5.79
CA VAL H 137 -8.72 -46.03 -5.36
C VAL H 137 -8.91 -46.73 -4.01
N SER H 138 -8.19 -47.84 -3.81
CA SER H 138 -8.45 -48.67 -2.63
C SER H 138 -8.08 -47.93 -1.34
N SER H 139 -6.87 -47.37 -1.29
CA SER H 139 -6.41 -46.70 -0.08
C SER H 139 -7.28 -45.48 0.23
N LEU H 140 -7.54 -44.65 -0.78
CA LEU H 140 -8.38 -43.48 -0.57
C LEU H 140 -9.77 -43.89 -0.08
N LEU H 141 -10.29 -44.99 -0.63
CA LEU H 141 -11.56 -45.52 -0.16
C LEU H 141 -11.49 -45.92 1.30
N ASN H 142 -10.39 -46.55 1.72
CA ASN H 142 -10.25 -46.94 3.12
C ASN H 142 -10.23 -45.72 4.04
N MET H 143 -9.46 -44.69 3.68
CA MET H 143 -9.48 -43.47 4.49
C MET H 143 -10.86 -42.82 4.46
N GLU H 144 -11.59 -42.97 3.37
CA GLU H 144 -12.95 -42.41 3.33
C GLU H 144 -13.87 -43.12 4.31
N ARG H 145 -13.76 -44.46 4.40
CA ARG H 145 -14.53 -45.15 5.44
C ARG H 145 -14.11 -44.72 6.84
N ALA H 146 -12.81 -44.53 7.07
CA ALA H 146 -12.36 -44.10 8.39
C ALA H 146 -12.95 -42.73 8.74
N ARG H 147 -12.90 -41.79 7.81
CA ARG H 147 -13.51 -40.48 8.02
C ARG H 147 -15.02 -40.61 8.23
N ASP H 148 -15.66 -41.51 7.47
CA ASP H 148 -17.08 -41.78 7.63
C ASP H 148 -17.41 -42.14 9.07
N LYS H 149 -16.70 -43.13 9.62
CA LYS H 149 -17.00 -43.60 10.96
C LYS H 149 -16.75 -42.50 12.00
N ALA H 150 -15.62 -41.79 11.87
CA ALA H 150 -15.32 -40.74 12.83
C ALA H 150 -16.38 -39.65 12.83
N ASN H 151 -16.75 -39.17 11.64
CA ASN H 151 -17.73 -38.10 11.56
C ASN H 151 -19.10 -38.57 12.03
N GLU H 152 -19.47 -39.82 11.72
CA GLU H 152 -20.74 -40.35 12.18
C GLU H 152 -20.82 -40.36 13.69
N GLU H 153 -19.79 -40.90 14.35
CA GLU H 153 -19.83 -40.98 15.82
C GLU H 153 -19.83 -39.59 16.44
N GLY H 154 -19.05 -38.66 15.86
CA GLY H 154 -19.07 -37.30 16.36
C GLY H 154 -20.43 -36.65 16.27
N LEU H 155 -21.09 -36.78 15.11
CA LEU H 155 -22.41 -36.20 14.95
C LEU H 155 -23.42 -36.83 15.90
N ALA H 156 -23.35 -38.15 16.09
CA ALA H 156 -24.26 -38.81 17.01
C ALA H 156 -24.08 -38.29 18.44
N LEU H 157 -22.83 -38.13 18.87
CA LEU H 157 -22.57 -37.62 20.21
C LEU H 157 -23.11 -36.20 20.38
N LEU H 158 -22.87 -35.34 19.39
CA LEU H 158 -23.37 -33.97 19.47
C LEU H 158 -24.89 -33.95 19.55
N GLN H 159 -25.55 -34.77 18.73
CA GLN H 159 -27.01 -34.81 18.76
C GLN H 159 -27.53 -35.29 20.10
N GLU H 160 -26.88 -36.29 20.69
CA GLU H 160 -27.31 -36.77 22.00
C GLU H 160 -27.20 -35.67 23.05
N GLU H 161 -26.08 -34.95 23.06
CA GLU H 161 -25.92 -33.85 24.01
C GLU H 161 -26.99 -32.78 23.82
N ILE H 162 -27.24 -32.40 22.56
CA ILE H 162 -28.25 -31.37 22.28
C ILE H 162 -29.62 -31.81 22.76
N ASP H 163 -29.97 -33.09 22.51
CA ASP H 163 -31.28 -33.58 22.92
C ASP H 163 -31.43 -33.54 24.44
N LYS H 164 -30.40 -33.97 25.16
CA LYS H 164 -30.47 -33.92 26.61
C LYS H 164 -30.66 -32.50 27.11
N MET H 165 -29.88 -31.55 26.56
CA MET H 165 -30.00 -30.17 27.02
C MET H 165 -31.35 -29.56 26.70
N VAL H 166 -31.91 -29.83 25.51
CA VAL H 166 -33.20 -29.24 25.18
C VAL H 166 -34.30 -29.81 26.06
N GLU H 167 -34.22 -31.12 26.38
CA GLU H 167 -35.19 -31.68 27.32
C GLU H 167 -35.09 -30.99 28.67
N THR H 168 -33.86 -30.80 29.16
CA THR H 168 -33.67 -30.15 30.45
C THR H 168 -34.24 -28.73 30.45
N THR H 169 -33.96 -27.96 29.39
CA THR H 169 -34.41 -26.57 29.37
C THR H 169 -35.93 -26.48 29.26
N GLU H 170 -36.55 -27.41 28.52
CA GLU H 170 -38.01 -27.41 28.45
C GLU H 170 -38.63 -27.70 29.81
N LEU H 171 -38.11 -28.71 30.50
CA LEU H 171 -38.61 -29.02 31.84
C LEU H 171 -38.45 -27.81 32.76
N MET H 172 -37.29 -27.16 32.68
CA MET H 172 -37.01 -26.06 33.59
C MET H 172 -37.92 -24.86 33.32
N THR H 173 -38.17 -24.54 32.04
CA THR H 173 -39.05 -23.40 31.77
C THR H 173 -40.48 -23.70 32.17
N GLY H 174 -40.92 -24.95 32.02
CA GLY H 174 -42.23 -25.30 32.55
C GLY H 174 -42.32 -25.11 34.06
N ASN H 175 -41.28 -25.56 34.78
CA ASN H 175 -41.26 -25.35 36.22
C ASN H 175 -41.26 -23.88 36.58
N ILE H 176 -40.55 -23.06 35.80
CA ILE H 176 -40.50 -21.62 36.06
C ILE H 176 -41.89 -21.01 35.91
N GLN H 177 -42.60 -21.39 34.85
CA GLN H 177 -43.95 -20.86 34.66
C GLN H 177 -44.88 -21.26 35.80
N SER H 178 -44.80 -22.52 36.24
CA SER H 178 -45.63 -22.99 37.35
C SER H 178 -45.32 -22.21 38.63
N LEU H 179 -44.04 -22.02 38.92
CA LEU H 179 -43.68 -21.25 40.10
C LEU H 179 -44.14 -19.80 39.97
N LYS H 180 -44.13 -19.28 38.74
CA LYS H 180 -44.53 -17.90 38.51
C LYS H 180 -46.00 -17.68 38.88
N ASN H 181 -46.89 -18.51 38.34
CA ASN H 181 -48.30 -18.27 38.67
C ASN H 181 -48.60 -18.64 40.12
N LYS H 182 -47.87 -19.62 40.68
CA LYS H 182 -48.07 -19.92 42.10
C LYS H 182 -47.70 -18.73 42.98
N ILE H 183 -46.56 -18.09 42.71
CA ILE H 183 -46.15 -16.97 43.55
C ILE H 183 -47.07 -15.77 43.30
N GLN H 184 -47.59 -15.63 42.09
CA GLN H 184 -48.57 -14.58 41.85
C GLN H 184 -49.80 -14.78 42.72
N ILE H 185 -50.30 -16.02 42.79
CA ILE H 185 -51.46 -16.31 43.61
C ILE H 185 -51.16 -16.04 45.08
N LEU H 186 -49.99 -16.48 45.55
CA LEU H 186 -49.64 -16.29 46.96
C LEU H 186 -49.48 -14.82 47.31
N ALA H 187 -48.87 -14.03 46.41
CA ALA H 187 -48.73 -12.60 46.65
C ALA H 187 -50.08 -11.92 46.69
N SER H 188 -51.01 -12.34 45.84
CA SER H 188 -52.38 -11.84 45.95
C SER H 188 -52.99 -12.21 47.29
N GLU H 189 -52.75 -13.44 47.75
CA GLU H 189 -53.37 -13.96 48.96
C GLU H 189 -52.92 -13.28 50.25
N VAL H 190 -51.63 -12.95 50.34
CA VAL H 190 -51.11 -12.40 51.60
C VAL H 190 -51.69 -11.03 51.91
N GLU H 191 -52.16 -10.32 50.88
CA GLU H 191 -52.49 -8.91 51.01
C GLU H 191 -53.70 -8.67 51.91
N GLU H 192 -54.79 -9.40 51.68
CA GLU H 192 -55.98 -9.19 52.49
C GLU H 192 -55.73 -9.59 53.94
N GLU H 193 -54.96 -10.65 54.17
CA GLU H 193 -54.65 -11.04 55.53
C GLU H 193 -53.84 -9.98 56.26
N GLU H 194 -52.81 -9.43 55.60
CA GLU H 194 -52.03 -8.39 56.27
C GLU H 194 -52.85 -7.13 56.49
N GLU H 195 -53.74 -6.79 55.55
CA GLU H 195 -54.63 -5.65 55.74
C GLU H 195 -55.56 -5.88 56.92
N ARG H 196 -56.09 -7.11 57.05
CA ARG H 196 -56.96 -7.43 58.17
C ARG H 196 -56.23 -7.30 59.51
N VAL H 197 -54.99 -7.80 59.57
CA VAL H 197 -54.21 -7.64 60.80
C VAL H 197 -53.86 -6.18 61.05
N LYS H 198 -53.81 -5.37 59.99
CA LYS H 198 -53.58 -3.94 60.16
C LYS H 198 -54.80 -3.20 60.70
N GLN H 199 -55.92 -3.88 60.94
CA GLN H 199 -57.12 -3.19 61.40
C GLN H 199 -56.94 -2.60 62.79
N MET H 200 -56.47 -3.40 63.74
CA MET H 200 -56.27 -2.94 65.10
C MET H 200 -54.84 -2.48 65.38
N HIS H 201 -53.89 -2.82 64.52
CA HIS H 201 -52.50 -2.44 64.71
C HIS H 201 -52.10 -1.38 63.70
N GLN H 202 -51.25 -0.45 64.14
CA GLN H 202 -50.82 0.65 63.29
C GLN H 202 -49.94 0.15 62.15
N ILE H 203 -49.91 0.93 61.07
CA ILE H 203 -49.07 0.59 59.93
C ILE H 203 -47.59 0.63 60.32
N ASN H 204 -47.20 1.68 61.04
CA ASN H 204 -45.82 1.83 61.49
C ASN H 204 -45.75 1.99 63.00
N LEU H 209 -36.69 6.81 64.66
CA LEU H 209 -35.71 5.83 65.11
C LEU H 209 -35.80 4.55 64.29
N SER H 210 -35.16 4.55 63.11
CA SER H 210 -35.17 3.40 62.21
C SER H 210 -34.10 2.41 62.65
N LEU H 211 -34.42 1.64 63.67
CA LEU H 211 -33.48 0.65 64.20
C LEU H 211 -33.33 -0.50 63.20
N PRO H 212 -32.10 -0.93 62.92
CA PRO H 212 -31.91 -2.10 62.06
C PRO H 212 -32.51 -3.34 62.70
N GLU H 213 -33.04 -4.23 61.85
CA GLU H 213 -33.62 -5.47 62.36
C GLU H 213 -32.54 -6.37 62.94
N LEU H 214 -32.86 -7.03 64.04
CA LEU H 214 -31.90 -7.91 64.68
C LEU H 214 -31.65 -9.14 63.82
N SER H 215 -30.44 -9.68 63.90
CA SER H 215 -30.07 -10.84 63.11
C SER H 215 -30.82 -12.08 63.58
N GLN H 216 -30.88 -13.07 62.69
CA GLN H 216 -31.58 -14.32 63.01
C GLN H 216 -30.88 -15.08 64.13
N LYS H 217 -29.61 -14.76 64.39
CA LYS H 217 -28.92 -15.38 65.52
C LYS H 217 -29.61 -15.04 66.83
N THR H 218 -30.01 -13.78 67.00
CA THR H 218 -30.74 -13.40 68.20
C THR H 218 -32.11 -14.07 68.25
N LEU H 219 -32.83 -14.07 67.14
CA LEU H 219 -34.18 -14.60 67.12
C LEU H 219 -34.20 -16.10 67.40
N LYS H 220 -33.22 -16.83 66.87
CA LYS H 220 -33.14 -18.27 67.03
C LYS H 220 -32.27 -18.69 68.21
N ALA H 221 -31.81 -17.75 69.01
CA ALA H 221 -31.06 -18.06 70.22
C ALA H 221 -32.00 -18.73 71.22
N PRO H 222 -31.47 -19.51 72.17
CA PRO H 222 -32.34 -20.12 73.18
C PRO H 222 -33.06 -19.08 74.02
N THR H 223 -34.31 -19.34 74.35
CA THR H 223 -35.11 -18.38 75.11
C THR H 223 -34.60 -18.24 76.53
N LEU H 224 -34.75 -17.04 77.09
CA LEU H 224 -34.32 -16.80 78.46
C LEU H 224 -35.12 -17.64 79.45
N GLN H 225 -36.43 -17.71 79.27
CA GLN H 225 -37.28 -18.38 80.25
C GLN H 225 -36.98 -19.87 80.34
N LYS H 226 -36.71 -20.51 79.20
CA LYS H 226 -36.40 -21.94 79.23
C LYS H 226 -35.14 -22.21 80.02
N GLU H 227 -34.08 -21.44 79.77
CA GLU H 227 -32.83 -21.62 80.52
C GLU H 227 -33.04 -21.31 81.99
N ILE H 228 -33.83 -20.26 82.29
CA ILE H 228 -34.10 -19.89 83.67
C ILE H 228 -34.80 -21.03 84.41
N LEU H 229 -35.77 -21.66 83.75
CA LEU H 229 -36.39 -22.83 84.36
C LEU H 229 -35.42 -23.99 84.46
N ALA H 230 -34.46 -24.06 83.53
CA ALA H 230 -33.57 -25.21 83.45
C ALA H 230 -32.58 -25.23 84.61
N LEU H 231 -31.92 -24.09 84.88
CA LEU H 231 -30.73 -24.17 85.73
C LEU H 231 -31.06 -24.40 87.20
N ILE H 232 -32.33 -24.22 87.58
CA ILE H 232 -32.72 -24.16 88.98
C ILE H 232 -33.50 -25.42 89.36
N PRO H 233 -33.06 -26.19 90.37
CA PRO H 233 -33.87 -27.28 90.90
C PRO H 233 -34.65 -26.91 92.15
N ASN H 234 -35.83 -27.51 92.34
CA ASN H 234 -36.59 -27.42 93.61
C ASN H 234 -36.97 -25.97 93.93
N GLN H 235 -37.87 -25.42 93.11
CA GLN H 235 -38.17 -23.99 93.19
C GLN H 235 -39.13 -23.65 94.32
N ASN H 236 -40.18 -24.44 94.51
CA ASN H 236 -41.36 -23.99 95.26
C ASN H 236 -41.00 -23.42 96.63
N ALA H 237 -40.22 -24.16 97.42
CA ALA H 237 -39.88 -23.71 98.77
C ALA H 237 -39.08 -22.42 98.72
N LEU H 238 -38.12 -22.32 97.79
CA LEU H 238 -37.30 -21.12 97.67
C LEU H 238 -38.15 -19.91 97.26
N LEU H 239 -39.06 -20.11 96.31
CA LEU H 239 -39.84 -18.98 95.80
C LEU H 239 -40.92 -18.56 96.79
N LYS H 240 -41.29 -19.44 97.72
CA LYS H 240 -42.23 -19.05 98.76
C LYS H 240 -41.65 -17.92 99.62
N ASP H 241 -40.35 -18.00 99.93
CA ASP H 241 -39.75 -17.02 100.84
C ASP H 241 -39.56 -15.66 100.16
N LEU H 242 -39.25 -15.65 98.86
CA LEU H 242 -39.05 -14.37 98.18
C LEU H 242 -40.37 -13.61 98.08
N ASP H 243 -41.50 -14.32 98.12
CA ASP H 243 -42.80 -13.65 98.18
C ASP H 243 -42.92 -12.84 99.47
N ILE H 244 -42.53 -13.44 100.60
CA ILE H 244 -42.51 -12.71 101.87
C ILE H 244 -41.51 -11.57 101.81
N LEU H 245 -40.37 -11.80 101.15
CA LEU H 245 -39.37 -10.75 101.00
C LEU H 245 -39.95 -9.55 100.25
N HIS H 246 -40.71 -9.81 99.19
CA HIS H 246 -41.39 -8.71 98.50
C HIS H 246 -42.49 -8.11 99.37
N ASN H 247 -43.09 -8.92 100.24
CA ASN H 247 -44.11 -8.41 101.14
C ASN H 247 -43.54 -7.44 102.16
N SER H 248 -42.23 -7.51 102.38
CA SER H 248 -41.57 -6.62 103.33
C SER H 248 -41.66 -5.17 102.85
N SER H 249 -42.11 -4.28 103.73
CA SER H 249 -42.25 -2.88 103.36
C SER H 249 -40.88 -2.19 103.30
N GLN H 250 -39.90 -2.71 104.04
CA GLN H 250 -38.56 -2.14 104.01
C GLN H 250 -37.95 -2.24 102.61
N MET H 251 -38.15 -3.38 101.95
CA MET H 251 -37.64 -3.54 100.59
C MET H 251 -38.27 -2.53 99.65
N LYS H 252 -39.58 -2.33 99.75
CA LYS H 252 -40.25 -1.34 98.89
C LYS H 252 -39.73 0.06 99.17
N SER H 253 -39.55 0.39 100.45
CA SER H 253 -39.07 1.73 100.80
C SER H 253 -37.68 1.97 100.26
N MET H 254 -36.76 1.01 100.44
CA MET H 254 -35.40 1.21 99.96
C MET H 254 -35.35 1.24 98.43
N SER H 255 -36.17 0.41 97.78
CA SER H 255 -36.22 0.44 96.32
C SER H 255 -36.73 1.78 95.81
N THR H 256 -37.77 2.32 96.44
CA THR H 256 -38.27 3.63 96.05
C THR H 256 -37.24 4.71 96.29
N PHE H 257 -36.49 4.62 97.38
CA PHE H 257 -35.42 5.58 97.63
C PHE H 257 -34.36 5.51 96.55
N ILE H 258 -33.96 4.30 96.15
CA ILE H 258 -32.97 4.16 95.09
C ILE H 258 -33.50 4.75 93.78
N GLU H 259 -34.77 4.47 93.47
CA GLU H 259 -35.35 4.99 92.24
C GLU H 259 -35.39 6.51 92.24
N GLU H 260 -35.84 7.12 93.34
CA GLU H 260 -35.93 8.58 93.38
C GLU H 260 -34.54 9.20 93.37
N ALA H 261 -33.55 8.51 93.95
CA ALA H 261 -32.17 8.98 93.82
C ALA H 261 -31.72 8.93 92.37
N TYR H 262 -32.15 7.91 91.63
CA TYR H 262 -31.84 7.84 90.20
C TYR H 262 -32.48 9.00 89.44
N LYS H 263 -33.72 9.34 89.77
CA LYS H 263 -34.33 10.51 89.14
C LYS H 263 -33.59 11.80 89.52
N LYS H 264 -32.88 11.79 90.64
CA LYS H 264 -32.13 12.96 91.05
C LYS H 264 -30.89 13.15 90.18
N LEU H 265 -30.57 12.15 89.36
CA LEU H 265 -29.38 12.17 88.52
C LEU H 265 -29.70 12.32 87.04
N ASP H 266 -30.80 11.73 86.57
CA ASP H 266 -31.14 11.81 85.15
C ASP H 266 -31.64 13.19 84.75
N ALA H 267 -32.35 13.87 85.65
CA ALA H 267 -32.90 15.19 85.33
C ALA H 267 -31.84 16.28 85.26
N SER H 268 -30.63 16.01 85.76
CA SER H 268 -29.57 17.01 85.73
C SER H 268 -28.80 16.95 84.40
N ASN I 252 -19.85 -47.43 -17.93
CA ASN I 252 -21.11 -48.15 -17.84
C ASN I 252 -21.76 -48.30 -19.21
N ILE I 253 -21.80 -47.19 -19.95
CA ILE I 253 -22.40 -47.21 -21.29
C ILE I 253 -21.59 -48.09 -22.23
N VAL I 254 -20.27 -48.00 -22.15
CA VAL I 254 -19.40 -48.72 -23.08
C VAL I 254 -19.09 -50.14 -22.63
N LEU I 255 -19.68 -50.59 -21.52
CA LEU I 255 -19.45 -51.97 -21.07
C LEU I 255 -19.91 -53.01 -22.07
N PRO I 256 -21.12 -52.90 -22.67
CA PRO I 256 -21.49 -53.90 -23.69
C PRO I 256 -20.55 -53.93 -24.89
N GLU I 257 -19.92 -52.80 -25.22
CA GLU I 257 -19.01 -52.77 -26.36
C GLU I 257 -17.83 -53.71 -26.14
N PHE I 258 -17.25 -53.70 -24.94
CA PHE I 258 -16.15 -54.62 -24.65
C PHE I 258 -16.66 -56.06 -24.60
N GLU I 259 -17.90 -56.26 -24.17
CA GLU I 259 -18.45 -57.61 -24.09
C GLU I 259 -18.64 -58.21 -25.48
N LYS I 260 -19.10 -57.40 -26.44
CA LYS I 260 -19.34 -57.90 -27.78
C LYS I 260 -18.03 -58.27 -28.47
N THR I 261 -16.91 -57.68 -28.02
CA THR I 261 -15.62 -58.03 -28.59
C THR I 261 -15.25 -59.48 -28.27
N HIS I 262 -15.61 -59.96 -27.08
CA HIS I 262 -15.32 -61.33 -26.70
C HIS I 262 -15.94 -62.33 -27.67
N LEU I 263 -17.12 -62.00 -28.20
CA LEU I 263 -17.82 -62.92 -29.09
C LEU I 263 -17.05 -63.14 -30.38
N GLU I 264 -16.52 -62.06 -30.97
CA GLU I 264 -15.83 -62.19 -32.24
C GLU I 264 -14.46 -62.83 -32.07
N HIS I 265 -13.80 -62.60 -30.94
CA HIS I 265 -12.50 -63.22 -30.70
C HIS I 265 -12.62 -64.73 -30.61
N GLN I 266 -13.62 -65.22 -29.88
CA GLN I 266 -13.75 -66.65 -29.64
C GLN I 266 -14.05 -67.39 -30.94
N GLN I 267 -14.92 -66.83 -31.77
CA GLN I 267 -15.29 -67.51 -33.02
C GLN I 267 -14.10 -67.63 -33.96
N ARG I 268 -13.29 -66.57 -34.07
CA ARG I 268 -12.16 -66.57 -34.99
C ARG I 268 -11.05 -67.51 -34.52
N ILE I 269 -10.79 -67.58 -33.23
CA ILE I 269 -9.72 -68.42 -32.70
C ILE I 269 -10.19 -69.87 -32.65
N GLU I 270 -9.24 -70.80 -32.78
CA GLU I 270 -9.54 -72.22 -32.84
C GLU I 270 -8.76 -73.05 -31.85
N SER I 271 -7.55 -72.64 -31.47
CA SER I 271 -6.73 -73.43 -30.56
C SER I 271 -7.38 -73.50 -29.19
N LYS I 272 -7.61 -74.73 -28.71
CA LYS I 272 -8.36 -74.93 -27.47
C LYS I 272 -7.67 -74.31 -26.27
N VAL I 273 -6.34 -74.47 -26.18
CA VAL I 273 -5.61 -73.83 -25.09
C VAL I 273 -5.66 -72.32 -25.22
N CYS I 274 -5.59 -71.80 -26.45
CA CYS I 274 -5.73 -70.36 -26.65
C CYS I 274 -7.12 -69.88 -26.25
N LYS I 275 -8.15 -70.66 -26.58
CA LYS I 275 -9.51 -70.29 -26.18
C LYS I 275 -9.63 -70.24 -24.66
N ALA I 276 -9.06 -71.24 -23.97
CA ALA I 276 -9.07 -71.23 -22.51
C ALA I 276 -8.35 -70.00 -21.96
N ALA I 277 -7.18 -69.66 -22.54
CA ALA I 277 -6.45 -68.50 -22.06
C ALA I 277 -7.25 -67.22 -22.26
N ILE I 278 -7.89 -67.08 -23.43
CA ILE I 278 -8.72 -65.91 -23.70
C ILE I 278 -9.81 -65.79 -22.64
N ALA I 279 -10.48 -66.91 -22.36
CA ALA I 279 -11.53 -66.89 -21.35
C ALA I 279 -10.98 -66.47 -19.99
N THR I 280 -9.81 -67.00 -19.61
CA THR I 280 -9.25 -66.70 -18.31
C THR I 280 -8.97 -65.22 -18.15
N PHE I 281 -8.18 -64.63 -19.06
CA PHE I 281 -7.82 -63.24 -18.78
C PHE I 281 -8.98 -62.31 -19.09
N TYR I 282 -9.95 -62.76 -19.90
CA TYR I 282 -11.14 -61.95 -20.08
C TYR I 282 -11.96 -61.88 -18.79
N VAL I 283 -12.08 -63.01 -18.08
CA VAL I 283 -12.72 -62.98 -16.77
C VAL I 283 -11.94 -62.08 -15.83
N ASN I 284 -10.60 -62.16 -15.87
CA ASN I 284 -9.78 -61.30 -15.01
C ASN I 284 -10.05 -59.83 -15.27
N VAL I 285 -10.02 -59.42 -16.54
CA VAL I 285 -10.19 -57.99 -16.86
C VAL I 285 -11.61 -57.55 -16.57
N LYS I 286 -12.59 -58.45 -16.70
CA LYS I 286 -13.95 -58.12 -16.27
C LYS I 286 -14.00 -57.83 -14.79
N GLU I 287 -13.29 -58.64 -13.99
CA GLU I 287 -13.22 -58.40 -12.56
C GLU I 287 -12.57 -57.05 -12.27
N GLN I 288 -11.49 -56.73 -12.98
CA GLN I 288 -10.86 -55.43 -12.79
C GLN I 288 -11.82 -54.29 -13.12
N PHE I 289 -12.53 -54.40 -14.24
CA PHE I 289 -13.49 -53.38 -14.63
C PHE I 289 -14.52 -53.15 -13.54
N ILE I 290 -15.16 -54.23 -13.08
CA ILE I 290 -16.24 -54.06 -12.12
C ILE I 290 -15.72 -53.50 -10.81
N LYS I 291 -14.56 -53.99 -10.34
CA LYS I 291 -14.05 -53.50 -9.07
C LYS I 291 -13.68 -52.02 -9.15
N MET I 292 -13.01 -51.60 -10.23
CA MET I 292 -12.61 -50.20 -10.32
C MET I 292 -13.82 -49.29 -10.47
N LEU I 293 -14.80 -49.69 -11.28
CA LEU I 293 -16.00 -48.87 -11.43
C LEU I 293 -16.72 -48.70 -10.10
N LYS I 294 -16.97 -49.81 -9.39
CA LYS I 294 -17.70 -49.72 -8.13
C LYS I 294 -16.93 -48.89 -7.11
N GLU I 295 -15.62 -49.10 -7.01
CA GLU I 295 -14.83 -48.37 -6.02
C GLU I 295 -14.83 -46.88 -6.30
N SER I 296 -14.65 -46.49 -7.58
CA SER I 296 -14.65 -45.08 -7.91
C SER I 296 -16.02 -44.44 -7.62
N GLN I 297 -17.10 -45.13 -8.00
CA GLN I 297 -18.44 -44.58 -7.79
C GLN I 297 -18.71 -44.37 -6.31
N MET I 298 -18.45 -45.40 -5.50
CA MET I 298 -18.71 -45.26 -4.06
C MET I 298 -17.77 -44.25 -3.43
N LEU I 299 -16.57 -44.10 -3.98
CA LEU I 299 -15.64 -43.10 -3.48
C LEU I 299 -16.21 -41.69 -3.65
N THR I 300 -16.68 -41.38 -4.86
CA THR I 300 -17.27 -40.06 -5.09
C THR I 300 -18.51 -39.86 -4.24
N ASN I 301 -19.35 -40.89 -4.14
CA ASN I 301 -20.57 -40.78 -3.34
C ASN I 301 -20.25 -40.47 -1.89
N LEU I 302 -19.28 -41.18 -1.31
CA LEU I 302 -18.98 -40.97 0.09
C LEU I 302 -18.21 -39.66 0.29
N LYS I 303 -17.53 -39.18 -0.75
CA LYS I 303 -16.91 -37.86 -0.67
C LYS I 303 -17.96 -36.77 -0.51
N ARG I 304 -18.98 -36.78 -1.37
CA ARG I 304 -20.03 -35.78 -1.20
C ARG I 304 -20.77 -35.97 0.12
N LYS I 305 -20.92 -37.23 0.55
CA LYS I 305 -21.53 -37.50 1.85
C LYS I 305 -20.71 -36.87 2.98
N ASN I 306 -19.39 -37.00 2.92
CA ASN I 306 -18.53 -36.40 3.94
C ASN I 306 -18.68 -34.88 3.96
N ALA I 307 -18.69 -34.25 2.79
CA ALA I 307 -18.85 -32.80 2.75
C ALA I 307 -20.16 -32.38 3.41
N LYS I 308 -21.26 -33.05 3.05
CA LYS I 308 -22.55 -32.70 3.64
C LYS I 308 -22.56 -32.93 5.14
N MET I 309 -21.96 -34.02 5.60
CA MET I 309 -22.09 -34.38 7.01
C MET I 309 -21.19 -33.53 7.90
N ILE I 310 -20.03 -33.10 7.39
CA ILE I 310 -19.23 -32.14 8.15
C ILE I 310 -19.95 -30.80 8.20
N SER I 311 -20.63 -30.41 7.11
CA SER I 311 -21.48 -29.23 7.21
C SER I 311 -22.54 -29.41 8.31
N ASP I 312 -23.10 -30.61 8.40
CA ASP I 312 -24.12 -30.88 9.42
C ASP I 312 -23.58 -30.72 10.83
N ILE I 313 -22.39 -31.27 11.10
CA ILE I 313 -21.85 -31.18 12.46
C ILE I 313 -21.50 -29.73 12.79
N GLU I 314 -20.99 -28.99 11.80
CA GLU I 314 -20.69 -27.58 12.03
C GLU I 314 -21.97 -26.81 12.35
N LYS I 315 -23.08 -27.18 11.70
CA LYS I 315 -24.35 -26.54 12.02
C LYS I 315 -24.83 -26.92 13.42
N LYS I 316 -24.62 -28.17 13.83
CA LYS I 316 -25.13 -28.64 15.12
C LYS I 316 -24.38 -27.98 16.28
N ARG I 317 -23.09 -27.67 16.07
CA ARG I 317 -22.29 -27.07 17.12
C ARG I 317 -22.90 -25.74 17.61
N GLN I 318 -23.35 -24.92 16.65
CA GLN I 318 -23.96 -23.65 17.01
C GLN I 318 -25.24 -23.85 17.82
N ARG I 319 -26.03 -24.84 17.46
CA ARG I 319 -27.22 -25.15 18.23
C ARG I 319 -26.86 -25.52 19.66
N MET I 320 -25.82 -26.33 19.84
CA MET I 320 -25.38 -26.68 21.19
C MET I 320 -25.00 -25.42 21.97
N ILE I 321 -24.22 -24.54 21.34
CA ILE I 321 -23.77 -23.33 22.04
C ILE I 321 -24.95 -22.48 22.46
N GLU I 322 -25.91 -22.27 21.55
CA GLU I 322 -27.01 -21.37 21.87
C GLU I 322 -27.97 -21.97 22.89
N VAL I 323 -28.18 -23.29 22.88
CA VAL I 323 -29.03 -23.88 23.92
C VAL I 323 -28.33 -23.81 25.28
N GLN I 324 -26.99 -23.91 25.28
CA GLN I 324 -26.26 -23.73 26.53
C GLN I 324 -26.45 -22.31 27.07
N ASP I 325 -26.37 -21.31 26.18
CA ASP I 325 -26.65 -19.94 26.60
C ASP I 325 -28.05 -19.83 27.17
N GLU I 326 -29.03 -20.47 26.53
CA GLU I 326 -30.40 -20.45 27.01
C GLU I 326 -30.49 -20.94 28.45
N LEU I 327 -29.93 -22.13 28.71
CA LEU I 327 -30.01 -22.69 30.06
C LEU I 327 -29.29 -21.80 31.08
N LEU I 328 -28.12 -21.28 30.69
CA LEU I 328 -27.34 -20.47 31.60
C LEU I 328 -28.07 -19.19 31.98
N ARG I 329 -28.84 -18.64 31.04
CA ARG I 329 -29.64 -17.45 31.37
C ARG I 329 -30.87 -17.81 32.18
N LEU I 330 -31.47 -18.99 31.93
CA LEU I 330 -32.71 -19.33 32.61
C LEU I 330 -32.49 -19.65 34.09
N GLU I 331 -31.36 -20.25 34.44
CA GLU I 331 -31.15 -20.69 35.83
C GLU I 331 -31.37 -19.60 36.89
N PRO I 332 -30.79 -18.39 36.78
CA PRO I 332 -30.97 -17.40 37.85
C PRO I 332 -32.41 -17.04 38.14
N GLN I 333 -33.27 -17.03 37.11
CA GLN I 333 -34.65 -16.62 37.33
C GLN I 333 -35.39 -17.59 38.24
N LEU I 334 -35.25 -18.89 37.98
CA LEU I 334 -35.83 -19.89 38.87
C LEU I 334 -35.24 -19.78 40.26
N LYS I 335 -33.91 -19.58 40.34
CA LYS I 335 -33.27 -19.47 41.64
C LYS I 335 -33.87 -18.32 42.46
N GLN I 336 -34.10 -17.19 41.81
CA GLN I 336 -34.66 -16.04 42.51
C GLN I 336 -36.11 -16.28 42.91
N LEU I 337 -36.90 -16.85 42.00
CA LEU I 337 -38.33 -17.00 42.24
C LEU I 337 -38.60 -17.93 43.42
N GLN I 338 -37.87 -19.05 43.46
CA GLN I 338 -38.06 -20.01 44.55
C GLN I 338 -37.78 -19.35 45.89
N THR I 339 -36.66 -18.62 45.96
CA THR I 339 -36.34 -17.88 47.18
C THR I 339 -37.48 -16.96 47.57
N LYS I 340 -37.95 -16.13 46.64
CA LYS I 340 -38.98 -15.15 46.97
C LYS I 340 -40.21 -15.82 47.57
N TYR I 341 -40.68 -16.90 46.92
CA TYR I 341 -41.81 -17.65 47.48
C TYR I 341 -41.50 -18.13 48.90
N ASP I 342 -40.25 -18.53 49.13
CA ASP I 342 -39.87 -19.07 50.43
C ASP I 342 -40.07 -18.07 51.57
N GLU I 343 -39.70 -16.80 51.40
CA GLU I 343 -39.96 -15.89 52.51
C GLU I 343 -41.40 -15.41 52.49
N LEU I 344 -42.06 -15.40 51.32
CA LEU I 344 -43.44 -14.92 51.29
C LEU I 344 -44.35 -15.81 52.12
N LYS I 345 -44.21 -17.14 51.96
CA LYS I 345 -45.07 -18.05 52.71
C LYS I 345 -44.83 -17.93 54.22
N GLU I 346 -43.56 -17.86 54.63
CA GLU I 346 -43.25 -17.74 56.04
C GLU I 346 -43.75 -16.42 56.61
N ARG I 347 -43.66 -15.35 55.81
CA ARG I 347 -44.24 -14.07 56.22
C ARG I 347 -45.72 -14.21 56.52
N LYS I 348 -46.46 -14.85 55.62
CA LYS I 348 -47.89 -15.03 55.85
C LYS I 348 -48.15 -15.82 57.14
N SER I 349 -47.46 -16.94 57.31
CA SER I 349 -47.70 -17.78 58.48
C SER I 349 -47.38 -17.05 59.77
N SER I 350 -46.23 -16.39 59.83
CA SER I 350 -45.83 -15.66 61.03
C SER I 350 -46.80 -14.52 61.32
N LEU I 351 -47.27 -13.84 60.28
CA LEU I 351 -48.24 -12.77 60.48
C LEU I 351 -49.52 -13.28 61.11
N ARG I 352 -50.03 -14.41 60.60
CA ARG I 352 -51.25 -14.98 61.16
C ARG I 352 -51.04 -15.40 62.61
N ASN I 353 -49.88 -16.00 62.90
CA ASN I 353 -49.58 -16.42 64.28
C ASN I 353 -49.55 -15.21 65.21
N ALA I 354 -48.89 -14.13 64.78
CA ALA I 354 -48.79 -12.94 65.61
C ALA I 354 -50.16 -12.33 65.87
N ALA I 355 -51.01 -12.28 64.83
CA ALA I 355 -52.35 -11.75 65.02
C ALA I 355 -53.13 -12.58 66.04
N TYR I 356 -53.05 -13.90 65.92
CA TYR I 356 -53.76 -14.76 66.88
C TYR I 356 -53.26 -14.52 68.30
N PHE I 357 -51.94 -14.44 68.48
CA PHE I 357 -51.39 -14.27 69.82
C PHE I 357 -51.79 -12.94 70.43
N LEU I 358 -51.72 -11.86 69.65
CA LEU I 358 -52.08 -10.55 70.18
C LEU I 358 -53.56 -10.50 70.55
N SER I 359 -54.41 -11.08 69.71
CA SER I 359 -55.84 -11.11 70.02
C SER I 359 -56.10 -11.87 71.31
N ASN I 360 -55.44 -13.03 71.47
CA ASN I 360 -55.67 -13.83 72.66
C ASN I 360 -55.20 -13.10 73.92
N LEU I 361 -54.02 -12.48 73.87
CA LEU I 361 -53.52 -11.79 75.06
C LEU I 361 -54.41 -10.60 75.42
N LYS I 362 -54.86 -9.86 74.41
CA LYS I 362 -55.74 -8.73 74.69
C LYS I 362 -57.04 -9.21 75.33
N GLN I 363 -57.61 -10.30 74.80
CA GLN I 363 -58.84 -10.84 75.39
C GLN I 363 -58.60 -11.29 76.83
N LEU I 364 -57.48 -11.94 77.09
CA LEU I 364 -57.19 -12.41 78.44
C LEU I 364 -57.08 -11.24 79.42
N TYR I 365 -56.36 -10.18 79.03
CA TYR I 365 -56.22 -9.06 79.94
C TYR I 365 -57.55 -8.34 80.15
N GLN I 366 -58.35 -8.21 79.08
CA GLN I 366 -59.66 -7.58 79.23
C GLN I 366 -60.54 -8.38 80.16
N ASP I 367 -60.47 -9.72 80.08
CA ASP I 367 -61.22 -10.57 81.00
C ASP I 367 -60.75 -10.38 82.44
N TYR I 368 -59.43 -10.32 82.64
CA TYR I 368 -58.90 -10.17 84.00
C TYR I 368 -59.15 -8.78 84.56
N SER I 369 -59.49 -7.82 83.68
CA SER I 369 -59.67 -6.44 84.12
C SER I 369 -60.96 -6.22 84.90
N ASP I 370 -61.63 -7.30 85.29
CA ASP I 370 -62.88 -7.17 86.05
C ASP I 370 -62.82 -7.89 87.38
N VAL I 371 -62.17 -9.05 87.45
CA VAL I 371 -62.16 -9.83 88.69
C VAL I 371 -61.39 -9.10 89.78
N GLN I 372 -60.30 -8.42 89.42
CA GLN I 372 -59.54 -7.66 90.42
C GLN I 372 -60.35 -6.48 90.93
N ALA I 373 -61.11 -5.82 90.05
CA ALA I 373 -62.01 -4.77 90.50
C ALA I 373 -63.09 -5.30 91.43
N GLN I 374 -63.60 -6.51 91.14
CA GLN I 374 -64.60 -7.11 92.02
C GLN I 374 -64.04 -7.44 93.40
N GLU I 375 -62.81 -7.92 93.47
CA GLU I 375 -62.19 -8.32 94.75
C GLU I 375 -60.82 -7.65 94.85
N PRO I 376 -60.78 -6.38 95.24
CA PRO I 376 -59.49 -5.68 95.32
C PRO I 376 -58.70 -5.98 96.58
N ASN I 377 -59.28 -6.67 97.57
CA ASN I 377 -58.62 -6.90 98.84
C ASN I 377 -58.02 -8.30 98.96
N VAL I 378 -57.92 -9.03 97.87
CA VAL I 378 -57.36 -10.38 97.87
C VAL I 378 -55.85 -10.28 97.70
N LYS I 379 -55.12 -10.97 98.57
CA LYS I 379 -53.66 -10.98 98.49
C LYS I 379 -53.19 -11.96 97.42
N GLU I 380 -53.06 -11.46 96.19
CA GLU I 380 -52.68 -12.28 95.04
C GLU I 380 -51.36 -13.01 95.26
N THR I 381 -51.32 -14.29 94.88
CA THR I 381 -50.11 -15.08 94.90
C THR I 381 -49.61 -15.27 93.47
N TYR I 382 -48.45 -15.92 93.34
CA TYR I 382 -47.87 -16.22 92.05
C TYR I 382 -47.26 -17.61 92.04
N ASP I 383 -47.15 -18.18 90.85
CA ASP I 383 -46.63 -19.53 90.67
C ASP I 383 -45.23 -19.49 90.07
N SER I 384 -44.71 -20.68 89.73
CA SER I 384 -43.36 -20.78 89.18
C SER I 384 -43.23 -20.06 87.84
N SER I 385 -44.35 -19.86 87.14
CA SER I 385 -44.29 -19.13 85.88
C SER I 385 -43.88 -17.68 86.07
N SER I 386 -44.33 -17.03 87.14
CA SER I 386 -43.94 -15.65 87.43
C SER I 386 -42.66 -15.57 88.25
N LEU I 387 -42.10 -16.71 88.67
CA LEU I 387 -40.86 -16.71 89.45
C LEU I 387 -39.70 -16.00 88.76
N PRO I 388 -39.43 -16.20 87.46
CA PRO I 388 -38.34 -15.43 86.84
C PRO I 388 -38.55 -13.93 86.95
N ALA I 389 -39.79 -13.46 86.78
CA ALA I 389 -40.07 -12.04 86.92
C ALA I 389 -39.85 -11.58 88.36
N LEU I 390 -40.27 -12.39 89.33
CA LEU I 390 -40.07 -12.02 90.73
C LEU I 390 -38.60 -11.91 91.09
N LEU I 391 -37.79 -12.89 90.66
CA LEU I 391 -36.36 -12.85 90.97
C LEU I 391 -35.68 -11.71 90.21
N PHE I 392 -36.16 -11.39 89.01
CA PHE I 392 -35.60 -10.27 88.28
C PHE I 392 -35.93 -8.95 88.96
N LYS I 393 -37.12 -8.86 89.57
CA LYS I 393 -37.45 -7.71 90.38
C LYS I 393 -36.60 -7.66 91.64
N ALA I 394 -36.22 -8.84 92.15
CA ALA I 394 -35.34 -8.89 93.32
C ALA I 394 -33.93 -8.42 93.01
N ARG I 395 -33.60 -8.22 91.73
CA ARG I 395 -32.28 -7.75 91.35
C ARG I 395 -31.98 -6.38 91.95
N THR I 396 -32.99 -5.49 91.94
CA THR I 396 -32.79 -4.16 92.52
C THR I 396 -32.51 -4.23 94.01
N LEU I 397 -32.99 -5.27 94.68
CA LEU I 397 -32.74 -5.45 96.11
C LEU I 397 -31.30 -5.88 96.35
N LEU I 398 -30.85 -6.92 95.63
CA LEU I 398 -29.50 -7.42 95.81
C LEU I 398 -28.46 -6.57 95.10
N GLY I 399 -28.83 -5.89 94.01
CA GLY I 399 -27.91 -5.04 93.29
C GLY I 399 -27.80 -3.66 93.89
N ALA I 400 -28.48 -3.47 95.02
CA ALA I 400 -28.52 -2.18 95.71
C ALA I 400 -27.12 -1.71 96.06
N GLU I 401 -26.24 -2.64 96.46
CA GLU I 401 -24.87 -2.27 96.77
C GLU I 401 -24.17 -1.69 95.56
N SER I 402 -24.29 -2.36 94.41
CA SER I 402 -23.66 -1.84 93.20
C SER I 402 -24.24 -0.49 92.81
N HIS I 403 -25.56 -0.32 92.97
CA HIS I 403 -26.17 0.97 92.70
C HIS I 403 -25.60 2.04 93.61
N LEU I 404 -25.40 1.71 94.89
CA LEU I 404 -24.83 2.67 95.82
C LEU I 404 -23.41 3.09 95.43
N ARG I 405 -22.57 2.11 95.09
CA ARG I 405 -21.21 2.47 94.67
C ARG I 405 -21.22 3.29 93.39
N ASN I 406 -22.13 2.98 92.46
CA ASN I 406 -22.23 3.78 91.24
C ASN I 406 -22.63 5.21 91.57
N ILE I 407 -23.61 5.38 92.45
CA ILE I 407 -24.06 6.72 92.83
C ILE I 407 -22.93 7.49 93.49
N ASN I 408 -22.23 6.85 94.42
CA ASN I 408 -21.10 7.53 95.06
C ASN I 408 -20.05 7.92 94.04
N HIS I 409 -19.60 6.96 93.23
CA HIS I 409 -18.55 7.26 92.24
C HIS I 409 -18.96 8.40 91.33
N GLN I 410 -20.26 8.53 91.06
CA GLN I 410 -20.74 9.74 90.40
C GLN I 410 -20.58 10.97 91.29
N LEU I 411 -20.73 10.79 92.61
CA LEU I 411 -20.82 11.96 93.49
C LEU I 411 -19.47 12.63 93.73
N GLU I 412 -18.39 11.85 93.95
CA GLU I 412 -17.08 12.50 94.14
C GLU I 412 -16.60 13.16 92.85
N LYS I 413 -17.19 12.77 91.71
CA LYS I 413 -16.86 13.45 90.46
C LYS I 413 -17.27 14.92 90.52
N LEU I 414 -18.43 15.22 91.09
CA LEU I 414 -18.82 16.60 91.32
C LEU I 414 -17.90 17.27 92.34
N LEU I 415 -17.53 16.55 93.38
CA LEU I 415 -16.64 17.10 94.40
C LEU I 415 -15.26 17.42 93.84
N ASP I 416 -14.73 16.56 92.98
CA ASP I 416 -13.42 16.80 92.40
C ASP I 416 -13.43 17.98 91.44
N GLN I 417 -14.58 18.28 90.84
CA GLN I 417 -14.70 19.41 89.93
C GLN I 417 -14.87 20.71 90.70
N SER J 53 3.49 36.27 63.01
CA SER J 53 2.99 35.31 63.98
C SER J 53 1.51 35.03 63.78
N LYS J 54 0.85 35.91 63.02
CA LYS J 54 -0.57 35.71 62.72
C LYS J 54 -0.78 34.45 61.89
N ASP J 55 0.11 34.22 60.91
CA ASP J 55 0.02 33.00 60.12
C ASP J 55 0.19 31.76 60.99
N LEU J 56 1.08 31.83 61.98
CA LEU J 56 1.24 30.72 62.90
C LEU J 56 -0.05 30.44 63.66
N LYS J 57 -0.73 31.50 64.10
CA LYS J 57 -2.05 31.33 64.72
C LYS J 57 -3.03 30.71 63.74
N ASN J 58 -2.90 31.05 62.45
CA ASN J 58 -3.77 30.45 61.44
C ASN J 58 -3.54 28.94 61.36
N GLN J 59 -2.28 28.50 61.37
CA GLN J 59 -2.01 27.06 61.38
C GLN J 59 -2.54 26.41 62.66
N LEU J 60 -2.39 27.07 63.81
CA LEU J 60 -2.96 26.51 65.04
C LEU J 60 -4.47 26.32 64.91
N GLY J 61 -5.17 27.33 64.38
CA GLY J 61 -6.61 27.20 64.20
C GLY J 61 -6.98 26.10 63.24
N HIS J 62 -6.24 25.99 62.12
CA HIS J 62 -6.51 24.94 61.15
C HIS J 62 -6.32 23.56 61.76
N LEU J 63 -5.24 23.38 62.53
CA LEU J 63 -4.98 22.08 63.14
C LEU J 63 -6.04 21.74 64.19
N GLU J 64 -6.47 22.73 64.96
CA GLU J 64 -7.53 22.48 65.94
C GLU J 64 -8.82 22.07 65.24
N SER J 65 -9.16 22.75 64.14
CA SER J 65 -10.38 22.39 63.41
C SER J 65 -10.26 20.98 62.84
N GLU J 66 -9.10 20.63 62.28
CA GLU J 66 -8.92 19.29 61.72
C GLU J 66 -9.02 18.22 62.80
N LEU J 67 -8.40 18.47 63.96
CA LEU J 67 -8.49 17.50 65.05
C LEU J 67 -9.93 17.31 65.50
N SER J 68 -10.68 18.42 65.65
CA SER J 68 -12.07 18.29 66.08
C SER J 68 -12.88 17.51 65.06
N PHE J 69 -12.69 17.82 63.77
CA PHE J 69 -13.46 17.12 62.74
C PHE J 69 -13.14 15.63 62.71
N LEU J 70 -11.86 15.28 62.81
CA LEU J 70 -11.48 13.87 62.80
C LEU J 70 -12.01 13.15 64.03
N SER J 71 -11.91 13.78 65.20
CA SER J 71 -12.35 13.14 66.43
C SER J 71 -13.86 12.90 66.40
N THR J 72 -14.63 13.86 65.88
CA THR J 72 -16.06 13.62 65.80
C THR J 72 -16.41 12.65 64.66
N LEU J 73 -15.57 12.55 63.64
CA LEU J 73 -15.84 11.60 62.57
C LEU J 73 -15.69 10.17 63.05
N THR J 74 -14.57 9.86 63.71
CA THR J 74 -14.36 8.49 64.16
C THR J 74 -15.19 8.19 65.41
N GLY J 75 -15.33 9.16 66.30
CA GLY J 75 -16.00 8.94 67.56
C GLY J 75 -15.09 8.67 68.72
N ILE J 76 -13.78 8.82 68.55
CA ILE J 76 -12.80 8.63 69.62
C ILE J 76 -12.16 9.98 69.91
N ASN J 77 -12.29 10.44 71.15
CA ASN J 77 -11.68 11.70 71.58
C ASN J 77 -10.44 11.33 72.38
N ILE J 78 -9.27 11.58 71.79
CA ILE J 78 -8.00 11.15 72.36
C ILE J 78 -7.41 12.28 73.19
N ARG J 79 -6.98 11.96 74.40
CA ARG J 79 -6.35 12.93 75.30
C ARG J 79 -4.84 12.90 75.10
N ASN J 80 -4.09 13.49 76.02
CA ASN J 80 -2.64 13.55 75.92
C ASN J 80 -2.02 12.17 75.74
N HIS J 81 -0.80 12.15 75.23
CA HIS J 81 -0.08 10.91 74.94
C HIS J 81 1.38 11.09 75.28
N SER J 82 1.98 10.07 75.90
CA SER J 82 3.39 10.11 76.30
C SER J 82 4.09 8.87 75.80
N LYS J 83 5.29 9.04 75.26
CA LYS J 83 6.10 7.94 74.77
C LYS J 83 7.48 7.99 75.40
N GLN J 84 7.92 6.86 75.95
CA GLN J 84 9.26 6.72 76.50
C GLN J 84 9.93 5.52 75.87
N THR J 85 11.13 5.71 75.33
CA THR J 85 11.81 4.70 74.55
C THR J 85 13.12 4.29 75.21
N GLU J 86 13.48 3.02 75.07
CA GLU J 86 14.75 2.47 75.53
C GLU J 86 15.33 1.60 74.42
N ASP J 87 16.59 1.86 74.06
CA ASP J 87 17.26 1.13 73.00
C ASP J 87 18.04 -0.03 73.59
N LEU J 88 17.61 -1.25 73.27
CA LEU J 88 18.29 -2.46 73.73
C LEU J 88 18.71 -3.28 72.51
N THR J 89 19.93 -3.04 72.05
CA THR J 89 20.41 -3.58 70.79
C THR J 89 21.43 -4.69 71.05
N SER J 90 21.41 -5.70 70.19
CA SER J 90 22.34 -6.81 70.28
C SER J 90 23.78 -6.35 70.09
N ILE J 98 20.74 -5.96 62.25
CA ILE J 98 20.01 -6.55 63.36
C ILE J 98 20.01 -5.59 64.54
N ARG J 99 18.96 -4.78 64.64
CA ARG J 99 18.81 -3.83 65.72
C ARG J 99 17.47 -4.05 66.41
N LYS J 100 17.49 -4.09 67.74
CA LYS J 100 16.28 -4.24 68.53
C LYS J 100 16.02 -2.95 69.29
N VAL J 101 14.82 -2.40 69.13
CA VAL J 101 14.41 -1.17 69.79
C VAL J 101 13.07 -1.43 70.46
N LEU J 102 12.93 -0.92 71.69
CA LEU J 102 11.70 -1.07 72.44
C LEU J 102 11.13 0.29 72.77
N GLN J 103 9.80 0.38 72.77
CA GLN J 103 9.09 1.61 73.06
C GLN J 103 7.99 1.33 74.07
N ARG J 104 7.72 2.32 74.92
CA ARG J 104 6.65 2.24 75.91
C ARG J 104 5.72 3.43 75.74
N HIS J 105 4.43 3.17 75.61
CA HIS J 105 3.45 4.18 75.27
C HIS J 105 2.46 4.37 76.41
N ARG J 106 1.83 5.54 76.43
CA ARG J 106 0.79 5.84 77.41
C ARG J 106 -0.12 6.90 76.81
N LEU J 107 -1.40 6.60 76.72
CA LEU J 107 -2.37 7.54 76.19
C LEU J 107 -3.72 7.32 76.86
N SER J 108 -4.53 8.37 76.88
CA SER J 108 -5.84 8.35 77.50
C SER J 108 -6.85 8.97 76.56
N GLY J 109 -8.12 8.76 76.86
CA GLY J 109 -9.19 9.33 76.06
C GLY J 109 -10.55 8.87 76.53
N ASN J 110 -11.54 8.99 75.65
CA ASN J 110 -12.90 8.57 75.95
C ASN J 110 -13.67 8.41 74.65
N CYS J 111 -14.79 7.71 74.72
CA CYS J 111 -15.68 7.49 73.59
C CYS J 111 -17.12 7.69 74.06
N HIS J 112 -17.66 8.89 73.82
CA HIS J 112 -19.02 9.24 74.24
C HIS J 112 -19.09 9.06 75.76
N MET J 113 -19.96 8.19 76.28
CA MET J 113 -20.07 8.01 77.72
C MET J 113 -18.84 7.34 78.30
N VAL J 114 -18.31 6.32 77.62
CA VAL J 114 -17.22 5.53 78.20
C VAL J 114 -15.93 6.32 78.19
N THR J 115 -15.13 6.14 79.24
CA THR J 115 -13.81 6.73 79.35
C THR J 115 -12.78 5.65 79.63
N PHE J 116 -11.56 5.86 79.15
CA PHE J 116 -10.53 4.84 79.25
C PHE J 116 -9.15 5.48 79.34
N GLN J 117 -8.21 4.74 79.93
CA GLN J 117 -6.79 5.09 79.91
C GLN J 117 -6.02 3.79 79.84
N LEU J 118 -5.06 3.71 78.91
CA LEU J 118 -4.36 2.46 78.66
C LEU J 118 -2.87 2.69 78.47
N GLU J 119 -2.08 1.69 78.83
CA GLU J 119 -0.64 1.73 78.73
C GLU J 119 -0.14 0.43 78.12
N PHE J 120 0.74 0.53 77.13
CA PHE J 120 1.26 -0.64 76.44
C PHE J 120 2.69 -0.37 76.00
N GLN J 121 3.31 -1.39 75.42
CA GLN J 121 4.68 -1.30 74.91
C GLN J 121 4.86 -2.28 73.76
N ILE J 122 5.63 -1.86 72.76
CA ILE J 122 5.85 -2.66 71.56
C ILE J 122 7.34 -2.83 71.35
N LEU J 123 7.73 -4.01 70.85
CA LEU J 123 9.12 -4.32 70.55
C LEU J 123 9.30 -4.31 69.04
N GLU J 124 10.07 -3.35 68.54
CA GLU J 124 10.30 -3.19 67.11
C GLU J 124 11.61 -3.89 66.76
N ILE J 125 11.51 -5.10 66.21
CA ILE J 125 12.71 -5.86 65.85
C ILE J 125 13.13 -5.49 64.45
N GLN J 126 13.90 -4.40 64.34
CA GLN J 126 14.41 -3.97 63.04
C GLN J 126 15.46 -4.96 62.54
N ASN J 127 15.42 -5.23 61.24
CA ASN J 127 16.43 -6.06 60.60
C ASN J 127 16.67 -5.56 59.18
N LYS J 128 17.47 -6.31 58.44
CA LYS J 128 17.88 -5.86 57.11
C LYS J 128 16.73 -5.86 56.12
N GLU J 129 15.73 -6.73 56.29
CA GLU J 129 14.69 -6.88 55.30
C GLU J 129 13.27 -6.78 55.83
N ARG J 130 13.07 -6.77 57.15
CA ARG J 130 11.72 -6.61 57.69
C ARG J 130 11.77 -5.73 58.93
N LEU J 131 10.67 -5.02 59.17
CA LEU J 131 10.49 -4.22 60.38
C LEU J 131 9.27 -4.77 61.12
N SER J 132 9.50 -5.79 61.94
CA SER J 132 8.44 -6.47 62.65
C SER J 132 8.27 -5.88 64.05
N SER J 133 7.07 -5.45 64.37
CA SER J 133 6.75 -4.90 65.67
C SER J 133 5.56 -5.64 66.26
N ALA J 134 5.72 -6.14 67.47
CA ALA J 134 4.69 -6.89 68.17
C ALA J 134 4.38 -6.22 69.49
N VAL J 135 3.10 -6.12 69.83
CA VAL J 135 2.69 -5.54 71.11
C VAL J 135 2.94 -6.61 72.17
N THR J 136 4.09 -6.51 72.85
CA THR J 136 4.47 -7.54 73.81
C THR J 136 3.62 -7.45 75.07
N ASP J 137 3.43 -6.24 75.60
CA ASP J 137 2.70 -6.04 76.84
C ASP J 137 1.63 -4.98 76.62
N LEU J 138 0.40 -5.28 77.07
CA LEU J 138 -0.71 -4.34 77.03
C LEU J 138 -1.27 -4.24 78.43
N ASN J 139 -1.89 -3.10 78.75
CA ASN J 139 -2.55 -2.90 80.03
C ASN J 139 -3.52 -1.74 79.89
N ILE J 140 -4.81 -2.03 80.04
CA ILE J 140 -5.85 -1.02 79.97
C ILE J 140 -6.64 -1.10 81.27
N ILE J 141 -7.03 0.06 81.79
CA ILE J 141 -7.74 0.15 83.06
C ILE J 141 -9.04 0.91 82.83
N MET J 142 -10.11 0.41 83.42
CA MET J 142 -11.45 0.96 83.27
C MET J 142 -11.92 1.63 84.55
N GLU J 143 -12.73 2.66 84.38
CA GLU J 143 -13.47 3.27 85.47
C GLU J 143 -14.47 2.26 86.03
N PRO J 144 -14.56 2.11 87.36
CA PRO J 144 -15.35 1.01 87.93
C PRO J 144 -16.85 1.22 87.83
N THR J 145 -17.44 0.87 86.69
CA THR J 145 -18.88 0.82 86.53
C THR J 145 -19.38 -0.59 86.81
N GLU J 146 -20.70 -0.74 86.78
CA GLU J 146 -21.31 -2.05 87.03
C GLU J 146 -21.33 -2.94 85.80
N CYS J 147 -20.86 -2.43 84.65
CA CYS J 147 -20.90 -3.19 83.40
C CYS J 147 -19.80 -4.25 83.41
N SER J 148 -20.13 -5.37 84.06
CA SER J 148 -19.14 -6.43 84.27
C SER J 148 -18.77 -7.12 82.96
N GLU J 149 -19.72 -7.21 82.02
CA GLU J 149 -19.43 -7.86 80.74
C GLU J 149 -18.35 -7.10 79.97
N LEU J 150 -18.40 -5.77 80.01
CA LEU J 150 -17.33 -4.99 79.42
C LEU J 150 -16.00 -5.29 80.11
N SER J 151 -16.02 -5.48 81.42
CA SER J 151 -14.79 -5.77 82.16
C SER J 151 -14.20 -7.12 81.75
N GLU J 152 -15.05 -8.14 81.60
CA GLU J 152 -14.53 -9.45 81.21
C GLU J 152 -14.05 -9.44 79.76
N PHE J 153 -14.71 -8.65 78.90
CA PHE J 153 -14.18 -8.45 77.56
C PHE J 153 -12.81 -7.76 77.62
N VAL J 154 -12.67 -6.80 78.52
CA VAL J 154 -11.37 -6.16 78.73
C VAL J 154 -10.32 -7.19 79.10
N SER J 155 -10.67 -8.10 80.01
CA SER J 155 -9.73 -9.14 80.39
C SER J 155 -9.35 -10.03 79.21
N ARG J 156 -10.33 -10.44 78.41
CA ARG J 156 -10.02 -11.28 77.26
C ARG J 156 -9.13 -10.56 76.26
N ALA J 157 -9.45 -9.29 75.96
CA ALA J 157 -8.65 -8.53 75.01
C ALA J 157 -7.24 -8.31 75.53
N GLU J 158 -7.11 -8.09 76.84
CA GLU J 158 -5.79 -7.97 77.45
C GLU J 158 -5.00 -9.26 77.27
N GLU J 159 -5.65 -10.40 77.48
CA GLU J 159 -4.96 -11.67 77.24
C GLU J 159 -4.54 -11.82 75.79
N ARG J 160 -5.42 -11.42 74.86
CA ARG J 160 -5.11 -11.56 73.44
C ARG J 160 -4.08 -10.55 72.97
N LYS J 161 -3.95 -9.43 73.68
CA LYS J 161 -3.00 -8.37 73.33
C LYS J 161 -3.28 -7.83 71.92
N ASP J 162 -4.52 -7.39 71.70
CA ASP J 162 -4.91 -6.76 70.43
C ASP J 162 -5.56 -5.41 70.74
N LEU J 163 -5.11 -4.37 70.04
CA LEU J 163 -5.57 -3.02 70.32
C LEU J 163 -6.73 -2.62 69.42
N PHE J 164 -6.63 -2.93 68.12
CA PHE J 164 -7.66 -2.50 67.16
C PHE J 164 -9.00 -3.15 67.48
N MET J 165 -8.99 -4.45 67.78
CA MET J 165 -10.24 -5.16 68.08
C MET J 165 -10.91 -4.56 69.31
N PHE J 166 -10.12 -4.15 70.29
CA PHE J 166 -10.68 -3.51 71.48
C PHE J 166 -11.46 -2.26 71.12
N PHE J 167 -10.88 -1.41 70.27
CA PHE J 167 -11.55 -0.17 69.89
C PHE J 167 -12.82 -0.46 69.08
N ARG J 168 -12.74 -1.41 68.14
CA ARG J 168 -13.93 -1.73 67.34
C ARG J 168 -15.07 -2.24 68.23
N SER J 169 -14.76 -3.18 69.12
CA SER J 169 -15.80 -3.73 69.98
C SER J 169 -16.35 -2.67 70.93
N LEU J 170 -15.49 -1.80 71.46
CA LEU J 170 -15.97 -0.74 72.32
C LEU J 170 -16.92 0.19 71.59
N HIS J 171 -16.57 0.54 70.35
CA HIS J 171 -17.48 1.37 69.55
C HIS J 171 -18.83 0.70 69.38
N PHE J 172 -18.84 -0.56 68.93
CA PHE J 172 -20.12 -1.22 68.68
C PHE J 172 -20.93 -1.35 69.97
N PHE J 173 -20.25 -1.65 71.07
CA PHE J 173 -20.93 -1.80 72.35
C PHE J 173 -21.59 -0.50 72.79
N VAL J 174 -20.84 0.60 72.81
CA VAL J 174 -21.41 1.86 73.25
C VAL J 174 -22.49 2.32 72.29
N GLU J 175 -22.38 1.93 71.02
CA GLU J 175 -23.36 2.32 70.02
C GLU J 175 -24.70 1.64 70.25
N TRP J 176 -24.66 0.32 70.50
CA TRP J 176 -25.89 -0.39 70.84
C TRP J 176 -26.45 0.09 72.18
N PHE J 177 -25.57 0.42 73.12
CA PHE J 177 -26.01 0.96 74.40
C PHE J 177 -26.78 2.27 74.21
N GLU J 178 -26.27 3.13 73.32
CA GLU J 178 -26.96 4.39 73.04
C GLU J 178 -28.32 4.14 72.42
N TYR J 179 -28.40 3.21 71.46
CA TYR J 179 -29.73 2.85 70.93
C TYR J 179 -30.67 2.40 72.04
N ARG J 180 -30.22 1.50 72.92
CA ARG J 180 -31.12 1.00 73.95
C ARG J 180 -31.61 2.13 74.84
N LYS J 181 -30.69 2.99 75.27
CA LYS J 181 -31.07 4.09 76.17
C LYS J 181 -32.03 5.06 75.49
N ARG J 182 -31.75 5.44 74.24
CA ARG J 182 -32.62 6.40 73.57
C ARG J 182 -33.99 5.80 73.30
N THR J 183 -34.05 4.51 72.93
CA THR J 183 -35.34 3.87 72.71
C THR J 183 -36.16 3.83 73.99
N PHE J 184 -35.53 3.45 75.10
CA PHE J 184 -36.25 3.44 76.38
C PHE J 184 -36.76 4.84 76.74
N LYS J 185 -35.91 5.85 76.59
CA LYS J 185 -36.32 7.21 76.93
C LYS J 185 -37.47 7.68 76.06
N HIS J 186 -37.39 7.44 74.76
CA HIS J 186 -38.44 7.89 73.84
C HIS J 186 -39.77 7.19 74.14
N LEU J 187 -39.73 5.87 74.36
CA LEU J 187 -40.99 5.17 74.57
C LEU J 187 -41.55 5.49 75.95
N LYS J 188 -40.68 5.82 76.91
CA LYS J 188 -41.15 6.30 78.21
C LYS J 188 -41.86 7.64 78.08
N GLU J 189 -41.24 8.60 77.39
CA GLU J 189 -41.86 9.92 77.27
C GLU J 189 -43.10 9.86 76.41
N LYS J 190 -43.21 8.85 75.54
CA LYS J 190 -44.42 8.68 74.75
C LYS J 190 -45.60 8.27 75.62
N TYR J 191 -45.42 7.26 76.48
CA TYR J 191 -46.50 6.79 77.33
C TYR J 191 -46.11 6.82 78.80
N PRO J 192 -46.26 7.95 79.48
CA PRO J 192 -45.97 7.99 80.92
C PRO J 192 -46.88 7.09 81.75
N ASP J 193 -48.06 6.75 81.20
CA ASP J 193 -49.10 6.08 81.97
C ASP J 193 -49.02 4.56 81.91
N ALA J 194 -48.13 3.99 81.10
CA ALA J 194 -48.06 2.54 80.97
C ALA J 194 -46.63 2.03 80.97
N VAL J 195 -45.67 2.84 81.43
CA VAL J 195 -44.28 2.43 81.48
C VAL J 195 -43.70 2.71 82.86
N TYR J 196 -43.19 1.68 83.52
CA TYR J 196 -42.51 1.84 84.80
C TYR J 196 -41.04 1.50 84.63
N LEU J 197 -40.22 2.53 84.48
CA LEU J 197 -38.79 2.40 84.30
C LEU J 197 -38.13 2.24 85.67
N SER J 198 -38.16 1.01 86.17
CA SER J 198 -37.77 0.75 87.56
C SER J 198 -36.33 1.11 87.84
N GLU J 199 -35.42 0.75 86.94
CA GLU J 199 -34.00 0.88 87.23
C GLU J 199 -33.32 2.02 86.48
N GLY J 200 -33.88 2.49 85.37
CA GLY J 200 -33.34 3.63 84.68
C GLY J 200 -33.21 3.44 83.18
N PRO J 201 -33.15 4.55 82.44
CA PRO J 201 -33.06 4.43 80.98
C PRO J 201 -31.75 3.84 80.50
N SER J 202 -30.67 4.05 81.25
CA SER J 202 -29.37 3.53 80.87
C SER J 202 -29.12 2.18 81.54
N SER J 203 -30.17 1.43 81.80
CA SER J 203 -30.08 0.15 82.50
C SER J 203 -30.67 -0.96 81.63
N CYS J 204 -30.80 -2.13 82.23
CA CYS J 204 -31.05 -3.35 81.46
C CYS J 204 -32.52 -3.49 81.07
N SER J 205 -33.41 -3.54 82.06
CA SER J 205 -34.75 -4.08 81.83
C SER J 205 -35.79 -2.97 81.83
N MET J 206 -37.03 -3.38 81.55
CA MET J 206 -38.17 -2.48 81.42
C MET J 206 -39.38 -3.10 82.08
N GLY J 207 -40.26 -2.27 82.62
CA GLY J 207 -41.49 -2.73 83.24
C GLY J 207 -42.70 -2.03 82.64
N ILE J 208 -43.67 -2.82 82.18
CA ILE J 208 -44.92 -2.33 81.62
C ILE J 208 -46.06 -2.80 82.50
N ARG J 209 -46.84 -1.86 83.00
CA ARG J 209 -47.88 -2.19 83.98
C ARG J 209 -48.98 -1.14 83.92
N SER J 210 -50.14 -1.49 84.46
CA SER J 210 -51.27 -0.58 84.55
C SER J 210 -51.29 0.07 85.93
N ALA J 211 -51.57 1.38 85.96
CA ALA J 211 -51.59 2.11 87.22
C ALA J 211 -52.71 1.64 88.12
N SER J 212 -53.89 1.36 87.54
CA SER J 212 -55.05 1.00 88.34
C SER J 212 -54.83 -0.30 89.10
N ARG J 213 -54.25 -1.30 88.43
CA ARG J 213 -54.05 -2.60 89.04
C ARG J 213 -52.62 -3.07 88.84
N PRO J 214 -51.91 -3.39 89.93
CA PRO J 214 -50.53 -3.89 89.82
C PRO J 214 -50.40 -5.41 89.73
N GLY J 215 -51.52 -6.13 89.69
CA GLY J 215 -51.43 -7.59 89.67
C GLY J 215 -50.81 -8.13 88.40
N PHE J 216 -51.20 -7.59 87.25
CA PHE J 216 -50.75 -8.08 85.95
C PHE J 216 -49.61 -7.20 85.45
N GLU J 217 -48.48 -7.83 85.13
CA GLU J 217 -47.30 -7.11 84.67
C GLU J 217 -46.38 -8.06 83.93
N LEU J 218 -45.82 -7.59 82.83
CA LEU J 218 -44.82 -8.34 82.07
C LEU J 218 -43.54 -7.52 82.02
N VAL J 219 -42.40 -8.19 82.17
CA VAL J 219 -41.10 -7.55 82.20
C VAL J 219 -40.35 -7.92 80.92
N ILE J 220 -39.71 -6.93 80.31
CA ILE J 220 -38.96 -7.12 79.08
C ILE J 220 -37.50 -6.79 79.36
N VAL J 221 -36.60 -7.69 78.96
CA VAL J 221 -35.19 -7.57 79.25
C VAL J 221 -34.45 -7.29 77.94
N TRP J 222 -33.56 -6.31 77.96
CA TRP J 222 -32.68 -5.99 76.84
C TRP J 222 -31.25 -6.10 77.32
N ARG J 223 -30.47 -6.95 76.66
CA ARG J 223 -29.11 -7.24 77.08
C ARG J 223 -28.16 -7.14 75.89
N ILE J 224 -26.93 -6.74 76.17
CA ILE J 224 -25.88 -6.64 75.16
C ILE J 224 -24.78 -7.63 75.53
N GLN J 225 -24.40 -8.47 74.57
CA GLN J 225 -23.46 -9.55 74.80
C GLN J 225 -22.29 -9.41 73.84
N ILE J 226 -21.08 -9.65 74.37
CA ILE J 226 -19.86 -9.63 73.57
C ILE J 226 -19.39 -11.07 73.42
N ASP J 227 -19.26 -11.53 72.17
CA ASP J 227 -18.91 -12.91 71.92
C ASP J 227 -17.40 -13.12 72.11
N GLU J 228 -17.00 -14.39 72.15
CA GLU J 228 -15.59 -14.72 72.33
C GLU J 228 -14.73 -14.19 71.20
N ASP J 229 -15.21 -14.31 69.96
CA ASP J 229 -14.44 -13.81 68.82
C ASP J 229 -14.27 -12.30 68.88
N GLY J 230 -15.28 -11.60 69.38
CA GLY J 230 -15.16 -10.16 69.57
C GLY J 230 -16.36 -9.37 69.12
N LYS J 231 -17.17 -9.93 68.23
CA LYS J 231 -18.31 -9.21 67.69
C LYS J 231 -19.41 -9.07 68.74
N VAL J 232 -20.27 -8.09 68.54
CA VAL J 232 -21.30 -7.73 69.50
C VAL J 232 -22.67 -8.00 68.91
N PHE J 233 -23.56 -8.53 69.74
CA PHE J 233 -24.94 -8.81 69.32
C PHE J 233 -25.88 -8.73 70.51
N PRO J 234 -27.05 -8.11 70.36
CA PRO J 234 -28.01 -8.03 71.45
C PRO J 234 -28.96 -9.21 71.45
N LYS J 235 -29.88 -9.21 72.41
CA LYS J 235 -30.91 -10.24 72.49
C LYS J 235 -32.09 -9.70 73.29
N LEU J 236 -33.30 -10.03 72.83
CA LEU J 236 -34.54 -9.53 73.44
C LEU J 236 -35.41 -10.71 73.86
N ASP J 237 -35.72 -10.77 75.14
CA ASP J 237 -36.63 -11.75 75.72
C ASP J 237 -37.58 -11.04 76.69
N LEU J 238 -38.52 -11.79 77.25
CA LEU J 238 -39.42 -11.24 78.25
C LEU J 238 -39.85 -12.32 79.22
N LEU J 239 -40.37 -11.87 80.36
CA LEU J 239 -40.95 -12.72 81.39
C LEU J 239 -42.29 -12.15 81.80
N THR J 240 -43.14 -13.00 82.37
CA THR J 240 -44.52 -12.63 82.68
C THR J 240 -44.78 -12.82 84.16
N LYS J 241 -45.04 -11.73 84.87
CA LYS J 241 -45.48 -11.76 86.27
C LYS J 241 -46.99 -11.81 86.28
N VAL J 242 -47.55 -13.02 86.30
CA VAL J 242 -49.00 -13.21 86.16
C VAL J 242 -49.53 -13.97 87.36
N PRO J 243 -50.56 -13.46 88.04
CA PRO J 243 -51.20 -14.25 89.11
C PRO J 243 -51.89 -15.48 88.55
N GLN J 244 -52.06 -16.49 89.40
CA GLN J 244 -52.69 -17.73 88.96
C GLN J 244 -54.13 -17.50 88.53
N ARG J 245 -54.82 -16.58 89.21
CA ARG J 245 -56.24 -16.36 88.96
C ARG J 245 -56.51 -16.11 87.47
N ALA J 246 -55.62 -15.38 86.81
CA ALA J 246 -55.71 -15.22 85.37
C ALA J 246 -55.49 -16.54 84.64
N LEU J 247 -54.62 -17.40 85.18
CA LEU J 247 -54.35 -18.69 84.52
C LEU J 247 -55.58 -19.59 84.56
N GLU J 248 -56.21 -19.72 85.73
CA GLU J 248 -57.44 -20.52 85.79
C GLU J 248 -58.60 -19.79 85.14
N LEU J 249 -58.46 -18.48 84.92
CA LEU J 249 -59.52 -17.70 84.30
C LEU J 249 -59.76 -18.12 82.86
N ASP J 250 -58.73 -18.03 82.02
CA ASP J 250 -58.90 -18.31 80.60
C ASP J 250 -58.41 -19.71 80.26
N LYS J 251 -59.14 -20.38 79.34
CA LYS J 251 -58.79 -21.74 78.98
C LYS J 251 -57.85 -21.79 77.78
N ASN J 252 -57.94 -20.81 76.88
CA ASN J 252 -57.12 -20.85 75.66
C ASN J 252 -55.64 -20.87 76.00
N ARG J 253 -55.20 -20.00 76.89
CA ARG J 253 -53.91 -20.12 77.58
C ARG J 253 -52.75 -20.24 76.58
N ALA J 254 -52.52 -19.16 75.83
CA ALA J 254 -51.37 -19.10 74.94
C ALA J 254 -50.21 -18.30 75.53
N ILE J 255 -50.32 -17.86 76.78
CA ILE J 255 -49.27 -17.03 77.36
C ILE J 255 -48.03 -17.86 77.70
N GLU J 256 -48.17 -19.18 77.74
CA GLU J 256 -46.99 -20.03 77.96
C GLU J 256 -46.12 -20.08 76.71
N THR J 257 -46.69 -19.73 75.56
CA THR J 257 -45.96 -19.65 74.30
C THR J 257 -45.44 -18.23 74.06
N ALA J 258 -45.57 -17.34 75.04
CA ALA J 258 -45.22 -15.93 74.86
C ALA J 258 -43.80 -15.70 74.34
N PRO J 259 -42.74 -16.38 74.83
CA PRO J 259 -41.40 -16.10 74.30
C PRO J 259 -41.29 -16.23 72.79
N LEU J 260 -41.65 -17.40 72.25
CA LEU J 260 -41.49 -17.65 70.82
C LEU J 260 -42.36 -16.72 70.00
N SER J 261 -43.62 -16.56 70.39
CA SER J 261 -44.52 -15.68 69.65
C SER J 261 -44.05 -14.23 69.67
N PHE J 262 -43.57 -13.77 70.83
CA PHE J 262 -43.05 -12.42 70.93
C PHE J 262 -41.83 -12.22 70.04
N ARG J 263 -40.93 -13.21 70.02
CA ARG J 263 -39.75 -13.09 69.17
C ARG J 263 -40.13 -13.06 67.70
N THR J 264 -41.10 -13.91 67.31
CA THR J 264 -41.59 -13.85 65.94
C THR J 264 -42.19 -12.49 65.62
N LEU J 265 -42.97 -11.94 66.55
CA LEU J 265 -43.58 -10.63 66.33
C LEU J 265 -42.53 -9.54 66.17
N VAL J 266 -41.52 -9.52 67.04
CA VAL J 266 -40.52 -8.47 66.99
C VAL J 266 -39.67 -8.60 65.73
N GLY J 267 -39.38 -9.83 65.31
CA GLY J 267 -38.65 -10.02 64.06
C GLY J 267 -39.51 -9.72 62.85
N LEU J 268 -40.82 -9.75 63.02
CA LEU J 268 -41.73 -9.53 61.90
C LEU J 268 -41.61 -8.12 61.33
N LEU J 269 -41.70 -7.10 62.18
CA LEU J 269 -41.82 -5.73 61.71
C LEU J 269 -41.01 -4.71 62.51
N GLY J 270 -40.16 -5.15 63.43
CA GLY J 270 -39.31 -4.22 64.14
C GLY J 270 -39.49 -4.30 65.64
N ILE J 271 -38.64 -3.57 66.36
CA ILE J 271 -38.65 -3.62 67.81
C ILE J 271 -39.69 -2.66 68.37
N GLU J 272 -39.61 -1.38 68.00
CA GLU J 272 -40.50 -0.38 68.57
C GLU J 272 -41.94 -0.63 68.16
N ALA J 273 -42.16 -1.14 66.95
CA ALA J 273 -43.52 -1.44 66.51
C ALA J 273 -44.16 -2.52 67.35
N ALA J 274 -43.40 -3.58 67.66
CA ALA J 274 -43.94 -4.66 68.48
C ALA J 274 -44.26 -4.17 69.88
N LEU J 275 -43.37 -3.37 70.48
CA LEU J 275 -43.62 -2.84 71.81
C LEU J 275 -44.83 -1.92 71.81
N GLU J 276 -44.97 -1.08 70.79
CA GLU J 276 -46.13 -0.20 70.69
C GLU J 276 -47.41 -1.00 70.57
N SER J 277 -47.42 -2.04 69.74
CA SER J 277 -48.60 -2.87 69.60
C SER J 277 -48.94 -3.57 70.91
N LEU J 278 -47.93 -4.08 71.61
CA LEU J 278 -48.18 -4.77 72.88
C LEU J 278 -48.74 -3.80 73.92
N ILE J 279 -48.17 -2.60 74.00
CA ILE J 279 -48.61 -1.65 75.02
C ILE J 279 -50.01 -1.13 74.70
N LYS J 280 -50.34 -1.00 73.42
CA LYS J 280 -51.71 -0.63 73.05
C LYS J 280 -52.67 -1.75 73.39
N SER J 281 -52.27 -3.00 73.13
CA SER J 281 -53.14 -4.13 73.45
C SER J 281 -53.37 -4.23 74.96
N LEU J 282 -52.33 -4.00 75.75
CA LEU J 282 -52.48 -4.07 77.20
C LEU J 282 -53.43 -3.00 77.71
N CYS J 283 -53.33 -1.80 77.17
CA CYS J 283 -54.18 -0.69 77.59
C CYS J 283 -55.64 -0.95 77.22
N ASP K 84 -35.38 18.38 104.16
CA ASP K 84 -36.01 18.15 105.46
C ASP K 84 -36.56 16.74 105.57
N GLU K 85 -37.44 16.36 104.63
CA GLU K 85 -37.98 15.01 104.63
C GLU K 85 -36.95 14.00 104.13
N PHE K 86 -35.96 14.47 103.39
CA PHE K 86 -34.95 13.57 102.85
C PHE K 86 -34.07 12.98 103.94
N MET K 87 -33.78 13.75 104.99
CA MET K 87 -32.90 13.25 106.04
C MET K 87 -33.60 12.25 106.95
N MET K 88 -34.88 12.48 107.26
CA MET K 88 -35.57 11.61 108.20
C MET K 88 -35.75 10.21 107.62
N LEU K 89 -36.00 10.12 106.31
CA LEU K 89 -36.08 8.81 105.68
C LEU K 89 -34.70 8.13 105.67
N LEU K 90 -33.63 8.92 105.56
CA LEU K 90 -32.30 8.36 105.69
C LEU K 90 -32.05 7.89 107.13
N SER K 91 -32.55 8.64 108.12
CA SER K 91 -32.31 8.27 109.51
C SER K 91 -32.99 6.95 109.85
N LYS K 92 -34.24 6.77 109.43
CA LYS K 92 -34.98 5.58 109.81
C LYS K 92 -34.41 4.32 109.16
N VAL K 93 -33.98 4.41 107.90
CA VAL K 93 -33.41 3.23 107.24
C VAL K 93 -32.09 2.84 107.90
N GLU K 94 -31.38 3.80 108.50
CA GLU K 94 -30.18 3.45 109.26
C GLU K 94 -30.52 2.56 110.45
N LYS K 95 -31.58 2.89 111.17
CA LYS K 95 -32.02 2.05 112.28
C LYS K 95 -32.70 0.78 111.78
N LEU K 96 -33.18 0.80 110.55
CA LEU K 96 -33.88 -0.34 109.96
C LEU K 96 -32.96 -1.20 109.09
N SER K 97 -31.76 -0.71 108.77
CA SER K 97 -30.85 -1.48 107.92
C SER K 97 -30.34 -2.74 108.61
N GLU K 98 -30.17 -2.71 109.93
CA GLU K 98 -29.67 -3.88 110.64
C GLU K 98 -30.58 -5.07 110.44
N GLU K 99 -31.90 -4.85 110.48
CA GLU K 99 -32.85 -5.93 110.24
C GLU K 99 -32.71 -6.48 108.82
N ILE K 100 -32.26 -5.66 107.88
CA ILE K 100 -32.14 -6.11 106.48
C ILE K 100 -31.14 -7.24 106.37
N MET K 101 -30.00 -7.11 107.06
CA MET K 101 -29.01 -8.20 107.03
C MET K 101 -29.54 -9.44 107.72
N GLU K 102 -30.33 -9.27 108.79
CA GLU K 102 -30.85 -10.42 109.53
C GLU K 102 -31.73 -11.28 108.65
N ILE K 103 -32.73 -10.67 108.00
CA ILE K 103 -33.60 -11.43 107.10
C ILE K 103 -32.82 -11.97 105.91
N MET K 104 -31.76 -11.28 105.49
CA MET K 104 -30.93 -11.80 104.40
C MET K 104 -30.19 -13.05 104.83
N GLN K 105 -29.67 -13.08 106.06
CA GLN K 105 -28.91 -14.22 106.55
C GLN K 105 -29.78 -15.30 107.18
N ASN K 106 -30.97 -14.95 107.68
CA ASN K 106 -31.85 -15.95 108.25
C ASN K 106 -32.31 -16.95 107.18
N LEU K 107 -32.63 -16.45 105.99
CA LEU K 107 -33.09 -17.30 104.91
C LEU K 107 -31.91 -18.04 104.29
N SER K 108 -32.01 -19.37 104.21
CA SER K 108 -30.90 -20.17 103.71
C SER K 108 -30.80 -20.11 102.19
N SER K 109 -31.91 -19.95 101.49
CA SER K 109 -31.87 -19.98 100.03
C SER K 109 -31.11 -18.81 99.45
N ILE K 110 -31.05 -17.68 100.18
CA ILE K 110 -30.23 -16.56 99.74
C ILE K 110 -28.75 -16.97 99.71
N GLN K 111 -28.29 -17.68 100.74
CA GLN K 111 -26.93 -18.19 100.74
C GLN K 111 -26.74 -19.28 99.69
N ALA K 112 -27.81 -20.01 99.35
CA ALA K 112 -27.73 -21.03 98.31
C ALA K 112 -27.54 -20.42 96.92
N LEU K 113 -27.84 -19.13 96.75
CA LEU K 113 -27.65 -18.48 95.46
C LEU K 113 -26.19 -18.48 95.05
N GLU K 114 -25.30 -18.21 96.01
CA GLU K 114 -23.87 -18.23 95.73
C GLU K 114 -23.37 -19.66 95.58
N GLY K 115 -22.13 -19.78 95.09
CA GLY K 115 -21.49 -21.06 94.88
C GLY K 115 -21.21 -21.40 93.44
N SER K 116 -22.15 -21.12 92.53
CA SER K 116 -21.96 -21.34 91.10
C SER K 116 -22.06 -19.98 90.41
N ARG K 117 -21.11 -19.69 89.52
CA ARG K 117 -21.09 -18.39 88.86
C ARG K 117 -22.07 -18.31 87.70
N GLU K 118 -22.66 -19.44 87.31
CA GLU K 118 -23.44 -19.49 86.06
C GLU K 118 -24.75 -18.72 86.18
N LEU K 119 -25.41 -18.76 87.35
CA LEU K 119 -26.60 -17.92 87.51
C LEU K 119 -26.22 -16.48 87.78
N GLU K 120 -25.09 -16.26 88.46
CA GLU K 120 -24.61 -14.90 88.73
C GLU K 120 -24.24 -14.14 87.48
N ASN K 121 -23.98 -14.84 86.37
CA ASN K 121 -23.83 -14.17 85.08
C ASN K 121 -25.15 -13.55 84.63
N LEU K 122 -26.26 -14.26 84.84
CA LEU K 122 -27.56 -13.74 84.42
C LEU K 122 -27.95 -12.50 85.21
N ILE K 123 -27.71 -12.49 86.53
CA ILE K 123 -28.01 -11.31 87.33
C ILE K 123 -27.10 -10.15 86.95
N GLY K 124 -25.92 -10.44 86.41
CA GLY K 124 -25.06 -9.43 85.83
C GLY K 124 -23.67 -9.37 86.42
N ILE K 125 -23.54 -9.45 87.74
CA ILE K 125 -22.22 -9.55 88.34
C ILE K 125 -22.14 -10.76 89.26
N SER K 126 -22.90 -10.73 90.35
CA SER K 126 -22.89 -11.75 91.39
C SER K 126 -23.87 -11.35 92.47
N CYS K 127 -24.15 -12.28 93.38
CA CYS K 127 -24.92 -12.00 94.58
C CYS K 127 -23.96 -11.91 95.77
N ALA K 128 -23.92 -10.74 96.41
CA ALA K 128 -23.01 -10.54 97.53
C ALA K 128 -23.50 -9.35 98.35
N SER K 129 -23.83 -9.60 99.62
CA SER K 129 -24.22 -8.55 100.56
C SER K 129 -23.40 -8.74 101.83
N HIS K 130 -22.20 -8.17 101.86
CA HIS K 130 -21.30 -8.33 102.98
C HIS K 130 -20.93 -7.00 103.62
N PHE K 131 -20.58 -6.00 102.82
CA PHE K 131 -20.16 -4.69 103.32
C PHE K 131 -21.20 -3.63 103.04
N LEU K 132 -22.48 -4.03 103.07
CA LEU K 132 -23.56 -3.07 102.86
C LEU K 132 -23.62 -2.03 103.96
N LYS K 133 -23.42 -2.44 105.22
CA LYS K 133 -23.43 -1.50 106.32
C LYS K 133 -22.31 -0.47 106.17
N ARG K 134 -21.11 -0.93 105.82
CA ARG K 134 -19.98 -0.02 105.65
C ARG K 134 -20.24 0.96 104.51
N GLU K 135 -20.79 0.46 103.40
CA GLU K 135 -21.01 1.31 102.24
C GLU K 135 -22.12 2.33 102.48
N MET K 136 -23.21 1.92 103.13
CA MET K 136 -24.36 2.82 103.26
C MET K 136 -24.03 4.02 104.14
N GLN K 137 -23.26 3.80 105.21
CA GLN K 137 -22.94 4.89 106.11
C GLN K 137 -22.02 5.92 105.45
N LYS K 138 -21.16 5.47 104.54
CA LYS K 138 -20.31 6.41 103.81
C LYS K 138 -21.15 7.37 102.98
N THR K 139 -22.25 6.87 102.40
CA THR K 139 -23.11 7.71 101.59
C THR K 139 -23.69 8.86 102.41
N LYS K 140 -23.87 8.66 103.71
CA LYS K 140 -24.62 9.61 104.53
C LYS K 140 -23.89 10.95 104.65
N GLU K 141 -22.61 10.93 105.03
CA GLU K 141 -21.91 12.20 105.25
C GLU K 141 -21.68 12.93 103.93
N LEU K 142 -21.36 12.18 102.86
CA LEU K 142 -21.17 12.83 101.56
C LEU K 142 -22.49 13.36 101.01
N MET K 143 -23.61 12.72 101.34
CA MET K 143 -24.91 13.28 101.00
C MET K 143 -25.13 14.62 101.70
N THR K 144 -24.73 14.71 102.97
CA THR K 144 -24.81 15.97 103.69
C THR K 144 -23.93 17.03 103.05
N LYS K 145 -22.74 16.63 102.60
CA LYS K 145 -21.86 17.57 101.89
C LYS K 145 -22.54 18.10 100.63
N VAL K 146 -23.24 17.23 99.91
CA VAL K 146 -24.04 17.70 98.78
C VAL K 146 -25.11 18.66 99.25
N ASN K 147 -25.71 18.39 100.41
CA ASN K 147 -26.77 19.27 100.92
C ASN K 147 -26.21 20.62 101.37
N LYS K 148 -25.14 20.60 102.18
CA LYS K 148 -24.64 21.85 102.75
C LYS K 148 -23.83 22.68 101.75
N GLN K 149 -23.09 22.05 100.85
CA GLN K 149 -22.34 22.77 99.84
C GLN K 149 -23.12 22.97 98.55
N LYS K 150 -24.36 22.48 98.48
CA LYS K 150 -25.29 22.74 97.38
C LYS K 150 -24.70 22.29 96.05
N LEU K 151 -24.52 20.98 95.94
CA LEU K 151 -24.07 20.36 94.70
C LEU K 151 -25.22 19.99 93.78
N PHE K 152 -26.46 20.29 94.16
CA PHE K 152 -27.61 20.04 93.29
C PHE K 152 -28.04 21.31 92.58
N ASP K 167 -28.52 12.05 57.58
CA ASP K 167 -27.78 11.66 56.39
C ASP K 167 -26.30 11.97 56.55
N SER K 168 -25.46 11.34 55.72
CA SER K 168 -24.02 11.52 55.86
C SER K 168 -23.57 12.92 55.45
N TYR K 169 -24.03 13.40 54.30
CA TYR K 169 -23.57 14.69 53.79
C TYR K 169 -23.93 15.83 54.74
N GLU K 170 -25.16 15.82 55.24
CA GLU K 170 -25.56 16.83 56.22
C GLU K 170 -24.77 16.67 57.51
N PHE K 171 -24.54 15.42 57.94
CA PHE K 171 -23.71 15.18 59.12
C PHE K 171 -22.27 15.61 58.86
N LEU K 172 -21.74 15.31 57.68
CA LEU K 172 -20.34 15.61 57.40
C LEU K 172 -20.10 17.10 57.30
N LYS K 173 -21.02 17.84 56.67
CA LYS K 173 -20.86 19.28 56.54
C LYS K 173 -21.16 19.99 57.86
N ALA K 174 -21.91 19.34 58.75
CA ALA K 174 -22.31 19.99 59.99
C ALA K 174 -21.12 20.35 60.87
N ILE K 175 -20.13 19.46 60.97
CA ILE K 175 -19.01 19.73 61.85
C ILE K 175 -17.84 20.36 61.10
N LEU K 176 -17.82 20.24 59.77
CA LEU K 176 -16.74 20.82 58.99
C LEU K 176 -16.68 22.33 59.15
N ASN K 177 -17.82 22.97 59.41
CA ASN K 177 -17.87 24.42 59.61
C ASN K 177 -17.36 24.80 61.00
N ARG L 450 58.16 -24.33 18.68
CA ARG L 450 58.75 -25.65 18.79
C ARG L 450 57.76 -26.71 18.29
N PRO L 451 57.61 -26.82 16.97
CA PRO L 451 56.60 -27.73 16.43
C PRO L 451 57.12 -29.13 16.16
N ARG L 452 56.28 -30.13 16.42
CA ARG L 452 56.54 -31.52 16.06
C ARG L 452 55.29 -32.08 15.40
N GLN L 453 55.48 -32.64 14.21
CA GLN L 453 54.37 -33.10 13.38
C GLN L 453 54.52 -34.58 13.06
N ASP L 454 53.44 -35.33 13.23
CA ASP L 454 53.42 -36.72 12.83
C ASP L 454 53.49 -36.82 11.31
N PRO L 455 54.48 -37.53 10.76
CA PRO L 455 54.56 -37.64 9.30
C PRO L 455 53.31 -38.22 8.66
N HIS L 456 52.60 -39.11 9.37
CA HIS L 456 51.35 -39.62 8.86
C HIS L 456 50.30 -38.52 8.72
N LYS L 457 50.24 -37.62 9.70
CA LYS L 457 49.29 -36.51 9.62
C LYS L 457 49.69 -35.50 8.56
N ALA L 458 50.97 -35.44 8.20
CA ALA L 458 51.40 -34.53 7.16
C ALA L 458 50.78 -34.89 5.82
N GLY L 459 50.74 -36.18 5.49
CA GLY L 459 50.13 -36.60 4.25
C GLY L 459 48.64 -36.35 4.20
N LEU L 460 47.95 -36.66 5.29
CA LEU L 460 46.49 -36.50 5.31
C LEU L 460 46.09 -35.04 5.27
N SER L 461 46.94 -34.15 5.80
CA SER L 461 46.60 -32.73 5.86
C SER L 461 46.43 -32.15 4.46
N HIS L 462 47.09 -32.73 3.46
CA HIS L 462 46.94 -32.26 2.10
C HIS L 462 45.52 -32.45 1.60
N TYR L 463 44.98 -33.67 1.76
CA TYR L 463 43.65 -33.97 1.25
C TYR L 463 42.57 -33.33 2.11
N VAL L 464 42.87 -33.06 3.38
CA VAL L 464 41.87 -32.45 4.25
C VAL L 464 41.62 -31.00 3.85
N LYS L 465 42.69 -30.26 3.53
CA LYS L 465 42.52 -28.90 3.04
C LYS L 465 41.77 -28.89 1.70
N LEU L 466 42.11 -29.83 0.82
CA LEU L 466 41.43 -29.93 -0.47
C LEU L 466 39.95 -30.25 -0.29
N PHE L 467 39.61 -30.96 0.79
CA PHE L 467 38.21 -31.23 1.08
C PHE L 467 37.44 -29.94 1.33
N SER L 468 38.04 -29.02 2.09
CA SER L 468 37.34 -27.77 2.44
C SER L 468 37.15 -26.88 1.22
N PHE L 469 38.01 -27.03 0.21
CA PHE L 469 37.86 -26.26 -1.01
C PHE L 469 36.62 -26.69 -1.77
N TYR L 470 36.39 -28.00 -1.88
CA TYR L 470 35.26 -28.50 -2.65
C TYR L 470 33.94 -28.33 -1.91
N ALA L 471 33.98 -28.33 -0.59
CA ALA L 471 32.74 -28.27 0.19
C ALA L 471 31.99 -26.97 -0.05
N LYS L 472 32.71 -25.86 -0.12
CA LYS L 472 32.13 -24.52 -0.35
C LYS L 472 31.15 -24.13 0.75
N MET L 473 31.36 -24.65 1.96
CA MET L 473 30.57 -24.27 3.11
C MET L 473 31.50 -24.18 4.31
N PRO L 474 31.22 -23.29 5.26
CA PRO L 474 31.96 -23.35 6.53
C PRO L 474 31.76 -24.69 7.20
N MET L 475 32.83 -25.22 7.77
CA MET L 475 32.82 -26.58 8.28
C MET L 475 33.43 -26.63 9.67
N GLU L 476 32.75 -27.36 10.56
CA GLU L 476 33.13 -27.42 11.98
C GLU L 476 34.44 -28.17 12.16
N ARG L 477 35.19 -27.77 13.19
CA ARG L 477 36.50 -28.38 13.43
C ARG L 477 36.38 -29.87 13.72
N LYS L 478 35.35 -30.27 14.47
CA LYS L 478 35.17 -31.69 14.79
C LYS L 478 34.96 -32.53 13.54
N ALA L 479 34.53 -31.93 12.44
CA ALA L 479 34.36 -32.69 11.21
C ALA L 479 35.70 -33.01 10.56
N LEU L 480 36.74 -32.24 10.89
CA LEU L 480 38.04 -32.42 10.25
C LEU L 480 38.64 -33.78 10.55
N GLU L 481 38.74 -34.14 11.84
CA GLU L 481 39.56 -35.28 12.21
C GLU L 481 38.93 -36.60 11.78
N MET L 482 37.60 -36.66 11.73
CA MET L 482 36.98 -37.93 11.36
C MET L 482 37.03 -38.12 9.85
N VAL L 483 37.17 -37.03 9.09
CA VAL L 483 37.54 -37.15 7.68
C VAL L 483 38.91 -37.80 7.54
N GLU L 484 39.84 -37.43 8.43
CA GLU L 484 41.12 -38.13 8.49
C GLU L 484 40.91 -39.60 8.80
N LYS L 485 39.95 -39.89 9.68
CA LYS L 485 39.60 -41.27 9.97
C LYS L 485 39.07 -41.97 8.72
N CYS L 486 38.31 -41.25 7.89
CA CYS L 486 37.81 -41.84 6.66
C CYS L 486 38.94 -42.15 5.69
N LEU L 487 39.94 -41.27 5.61
CA LEU L 487 40.98 -41.41 4.59
C LEU L 487 41.82 -42.67 4.80
N ASP L 488 42.26 -42.91 6.03
CA ASP L 488 43.14 -44.06 6.27
C ASP L 488 42.39 -45.37 6.03
N LYS L 489 41.10 -45.41 6.38
CA LYS L 489 40.28 -46.56 6.07
C LYS L 489 40.22 -46.81 4.57
N TYR L 490 40.06 -45.74 3.78
CA TYR L 490 40.04 -45.89 2.34
C TYR L 490 41.36 -46.44 1.83
N PHE L 491 42.48 -45.93 2.36
CA PHE L 491 43.79 -46.39 1.93
C PHE L 491 44.01 -47.86 2.27
N GLN L 492 43.58 -48.28 3.46
CA GLN L 492 43.73 -49.67 3.87
C GLN L 492 42.93 -50.60 2.96
N HIS L 493 41.66 -50.25 2.73
CA HIS L 493 40.83 -51.08 1.85
C HIS L 493 41.26 -50.96 0.41
N LEU L 494 41.82 -49.82 0.01
CA LEU L 494 42.32 -49.67 -1.35
C LEU L 494 43.45 -50.65 -1.62
N CYS L 495 44.41 -50.75 -0.69
CA CYS L 495 45.56 -51.62 -0.88
C CYS L 495 45.15 -53.09 -0.92
N ASP L 496 44.18 -53.47 -0.09
CA ASP L 496 43.72 -54.86 -0.07
C ASP L 496 43.15 -55.27 -1.42
N ASP L 497 42.37 -54.38 -2.04
CA ASP L 497 41.80 -54.68 -3.34
C ASP L 497 42.88 -54.81 -4.40
N LEU L 498 43.95 -54.00 -4.29
CA LEU L 498 45.02 -54.06 -5.27
C LEU L 498 45.76 -55.40 -5.22
N GLU L 499 45.77 -56.04 -4.03
CA GLU L 499 46.39 -57.36 -3.92
C GLU L 499 45.73 -58.36 -4.85
N VAL L 500 44.40 -58.45 -4.78
CA VAL L 500 43.68 -59.54 -5.44
C VAL L 500 43.75 -59.38 -6.96
N PHE L 501 43.56 -58.17 -7.46
CA PHE L 501 43.62 -57.96 -8.90
C PHE L 501 45.00 -58.31 -9.45
N ALA L 502 46.06 -57.90 -8.75
CA ALA L 502 47.39 -58.33 -9.15
C ALA L 502 47.58 -59.83 -8.97
N ALA L 503 47.10 -60.37 -7.86
CA ALA L 503 47.26 -61.80 -7.60
C ALA L 503 46.51 -62.63 -8.63
N HIS L 504 45.33 -62.16 -9.05
CA HIS L 504 44.56 -62.87 -10.06
C HIS L 504 45.32 -62.97 -11.38
N ALA L 505 46.01 -61.91 -11.78
CA ALA L 505 46.73 -61.91 -13.04
C ALA L 505 48.00 -62.76 -13.00
N GLY L 506 48.43 -63.19 -11.83
CA GLY L 506 49.62 -64.00 -11.72
C GLY L 506 50.92 -63.23 -11.59
N ARG L 507 50.87 -61.91 -11.47
CA ARG L 507 52.06 -61.09 -11.24
C ARG L 507 51.86 -60.33 -9.93
N LYS L 508 52.90 -60.29 -9.11
CA LYS L 508 52.79 -59.57 -7.85
C LYS L 508 52.96 -58.07 -8.04
N THR L 509 53.70 -57.65 -9.07
CA THR L 509 53.90 -56.22 -9.30
C THR L 509 52.60 -55.57 -9.73
N VAL L 510 52.40 -54.33 -9.30
CA VAL L 510 51.17 -53.58 -9.56
C VAL L 510 51.41 -52.71 -10.79
N LYS L 511 50.64 -52.94 -11.84
CA LYS L 511 50.75 -52.16 -13.06
C LYS L 511 49.53 -51.26 -13.22
N PRO L 512 49.65 -50.20 -14.02
CA PRO L 512 48.54 -49.24 -14.13
C PRO L 512 47.23 -49.85 -14.59
N GLU L 513 47.25 -50.84 -15.47
CA GLU L 513 45.99 -51.42 -15.96
C GLU L 513 45.20 -52.06 -14.84
N ASP L 514 45.87 -52.46 -13.75
CA ASP L 514 45.13 -52.89 -12.57
C ASP L 514 44.35 -51.73 -11.96
N LEU L 515 44.95 -50.54 -11.94
CA LEU L 515 44.25 -49.37 -11.42
C LEU L 515 43.09 -48.97 -12.33
N GLU L 516 43.26 -49.13 -13.65
CA GLU L 516 42.16 -48.88 -14.57
C GLU L 516 41.00 -49.83 -14.30
N LEU L 517 41.31 -51.11 -14.07
CA LEU L 517 40.25 -52.09 -13.83
C LEU L 517 39.47 -51.77 -12.56
N LEU L 518 40.16 -51.29 -11.53
CA LEU L 518 39.47 -50.92 -10.30
C LEU L 518 38.52 -49.76 -10.52
N MET L 519 38.99 -48.71 -11.20
CA MET L 519 38.16 -47.51 -11.35
C MET L 519 36.97 -47.77 -12.26
N ARG L 520 37.11 -48.69 -13.20
CA ARG L 520 35.94 -49.09 -13.99
C ARG L 520 34.88 -49.73 -13.12
N ARG L 521 35.27 -50.57 -12.16
CA ARG L 521 34.32 -51.14 -11.23
C ARG L 521 33.78 -50.08 -10.29
N GLN L 522 34.56 -49.02 -10.03
CA GLN L 522 34.10 -47.95 -9.17
C GLN L 522 33.07 -47.06 -9.87
N GLY L 523 32.92 -47.19 -11.18
CA GLY L 523 32.03 -46.34 -11.94
C GLY L 523 32.65 -45.04 -12.40
N LEU L 524 33.88 -44.75 -12.01
CA LEU L 524 34.54 -43.53 -12.47
C LEU L 524 34.87 -43.61 -13.94
N VAL L 525 35.34 -44.77 -14.40
CA VAL L 525 35.71 -44.98 -15.80
C VAL L 525 34.59 -45.74 -16.49
N THR L 526 34.08 -45.17 -17.57
CA THR L 526 33.01 -45.81 -18.33
C THR L 526 33.44 -45.91 -19.79
N ASP L 527 32.50 -46.29 -20.67
CA ASP L 527 32.83 -46.38 -22.09
C ASP L 527 33.16 -45.01 -22.67
N GLN L 528 32.39 -43.99 -22.32
CA GLN L 528 32.62 -42.66 -22.86
C GLN L 528 33.86 -42.01 -22.25
N VAL L 529 34.00 -42.10 -20.93
CA VAL L 529 35.08 -41.42 -20.20
C VAL L 529 36.19 -42.44 -19.99
N SER L 530 37.34 -42.20 -20.62
CA SER L 530 38.46 -43.12 -20.51
C SER L 530 39.36 -42.72 -19.34
N LEU L 531 40.49 -43.42 -19.22
CA LEU L 531 41.49 -43.06 -18.23
C LEU L 531 42.24 -41.81 -18.63
N HIS L 532 42.52 -41.65 -19.93
CA HIS L 532 43.24 -40.47 -20.39
C HIS L 532 42.43 -39.20 -20.18
N VAL L 533 41.11 -39.28 -20.36
CA VAL L 533 40.27 -38.10 -20.19
C VAL L 533 40.30 -37.63 -18.74
N LEU L 534 40.30 -38.56 -17.79
CA LEU L 534 40.26 -38.18 -16.39
C LEU L 534 41.56 -37.51 -15.95
N VAL L 535 42.69 -37.93 -16.52
CA VAL L 535 43.97 -37.32 -16.17
C VAL L 535 44.02 -35.88 -16.68
N GLU L 536 43.47 -35.65 -17.87
CA GLU L 536 43.51 -34.32 -18.46
C GLU L 536 42.76 -33.30 -17.61
N ARG L 537 41.66 -33.72 -17.00
CA ARG L 537 40.79 -32.77 -16.30
C ARG L 537 41.37 -32.37 -14.95
N HIS L 538 41.99 -33.31 -14.23
CA HIS L 538 42.26 -33.12 -12.81
C HIS L 538 43.74 -33.00 -12.45
N LEU L 539 44.65 -33.11 -13.41
CA LEU L 539 46.06 -33.12 -13.02
C LEU L 539 46.82 -32.01 -13.72
N PRO L 540 47.88 -31.49 -13.10
CA PRO L 540 48.67 -30.44 -13.72
C PRO L 540 49.45 -30.95 -14.93
N LEU L 541 50.18 -30.03 -15.56
CA LEU L 541 50.90 -30.38 -16.78
C LEU L 541 52.06 -31.32 -16.51
N GLU L 542 52.82 -31.07 -15.43
CA GLU L 542 54.01 -31.87 -15.17
C GLU L 542 53.68 -33.33 -14.90
N TYR L 543 52.54 -33.58 -14.26
CA TYR L 543 52.09 -34.96 -14.05
C TYR L 543 51.55 -35.56 -15.34
N ARG L 544 51.02 -34.71 -16.22
CA ARG L 544 50.41 -35.21 -17.46
C ARG L 544 51.46 -35.81 -18.39
N GLN L 545 52.66 -35.22 -18.42
CA GLN L 545 53.68 -35.69 -19.35
C GLN L 545 54.11 -37.12 -19.04
N LEU L 546 54.23 -37.45 -17.76
CA LEU L 546 54.68 -38.79 -17.38
C LEU L 546 53.59 -39.83 -17.64
N LEU L 547 52.33 -39.41 -17.59
CA LEU L 547 51.24 -40.39 -17.67
C LEU L 547 50.77 -40.59 -19.10
N ILE L 548 50.38 -39.54 -19.78
CA ILE L 548 49.74 -39.61 -21.09
C ILE L 548 50.82 -39.50 -22.17
N PRO L 549 50.91 -40.45 -23.09
CA PRO L 549 51.95 -40.37 -24.13
C PRO L 549 51.58 -39.45 -25.28
N CYS L 550 52.55 -38.66 -25.76
CA CYS L 550 52.36 -37.81 -26.92
C CYS L 550 53.59 -37.91 -27.81
N ALA L 551 53.38 -38.04 -29.11
CA ALA L 551 54.49 -38.12 -30.05
C ALA L 551 54.98 -36.72 -30.41
N TYR L 552 56.29 -36.57 -30.53
CA TYR L 552 56.87 -35.29 -30.89
C TYR L 552 58.33 -35.48 -31.31
N SER L 553 58.81 -34.52 -32.10
CA SER L 553 60.22 -34.43 -32.48
C SER L 553 60.71 -35.69 -33.20
N GLY L 554 60.12 -35.94 -34.36
CA GLY L 554 60.49 -37.09 -35.16
C GLY L 554 59.73 -38.36 -34.87
N ASN L 555 58.47 -38.26 -34.46
CA ASN L 555 57.58 -39.37 -34.13
C ASN L 555 58.01 -40.11 -32.87
N SER L 556 58.96 -39.56 -32.11
CA SER L 556 59.32 -40.15 -30.83
C SER L 556 58.17 -39.98 -29.84
N VAL L 557 57.80 -41.08 -29.18
CA VAL L 557 56.67 -41.11 -28.26
C VAL L 557 57.19 -41.42 -26.87
N PHE L 558 56.71 -40.65 -25.88
CA PHE L 558 57.12 -40.84 -24.50
C PHE L 558 55.92 -40.60 -23.59
N PRO L 559 55.54 -41.59 -22.74
CA PRO L 559 56.16 -42.91 -22.63
C PRO L 559 55.78 -43.81 -23.81
N ALA L 560 56.60 -44.84 -24.06
CA ALA L 560 56.35 -45.69 -25.20
C ALA L 560 55.03 -46.44 -25.04
N GLN L 561 54.19 -46.34 -26.07
CA GLN L 561 52.88 -46.99 -26.07
C GLN L 561 52.51 -47.44 -27.48
N MET M 1 37.25 -15.13 13.70
CA MET M 1 36.74 -16.50 13.44
C MET M 1 37.12 -17.41 14.61
N ALA M 2 36.15 -18.18 15.13
CA ALA M 2 36.40 -19.09 16.26
C ALA M 2 37.28 -20.28 15.81
N LEU M 3 38.04 -20.85 16.74
CA LEU M 3 38.94 -22.00 16.44
C LEU M 3 38.11 -23.21 16.00
N SER M 4 36.95 -23.41 16.61
CA SER M 4 36.05 -24.57 16.36
C SER M 4 35.57 -24.65 14.92
N THR M 5 35.21 -23.52 14.28
CA THR M 5 34.69 -23.58 12.89
C THR M 5 35.70 -22.99 11.90
N ILE M 6 36.02 -23.72 10.83
CA ILE M 6 37.00 -23.26 9.80
C ILE M 6 36.21 -22.83 8.55
N VAL M 7 36.48 -21.63 8.04
CA VAL M 7 35.77 -21.09 6.83
C VAL M 7 36.27 -21.83 5.58
N SER M 8 35.46 -21.85 4.52
CA SER M 8 35.85 -22.55 3.26
C SER M 8 37.11 -21.90 2.70
N GLN M 9 38.03 -22.70 2.18
CA GLN M 9 39.30 -22.19 1.60
C GLN M 9 39.03 -21.47 0.29
N ARG M 10 39.28 -20.16 0.24
CA ARG M 10 39.09 -19.37 -0.97
C ARG M 10 40.05 -19.83 -2.07
N LYS M 11 41.31 -20.04 -1.72
CA LYS M 11 42.34 -20.41 -2.67
C LYS M 11 42.87 -21.80 -2.34
N GLN M 12 42.90 -22.66 -3.34
CA GLN M 12 43.44 -24.00 -3.17
C GLN M 12 44.96 -23.96 -3.17
N ILE M 13 45.56 -24.83 -2.36
CA ILE M 13 47.00 -24.92 -2.35
C ILE M 13 47.48 -25.47 -3.70
N LYS M 14 48.79 -25.38 -3.91
CA LYS M 14 49.37 -25.83 -5.17
C LYS M 14 49.02 -27.30 -5.40
N ARG M 15 48.71 -27.62 -6.66
CA ARG M 15 48.20 -28.94 -7.00
C ARG M 15 49.28 -30.01 -6.94
N LYS M 16 50.46 -29.70 -6.41
CA LYS M 16 51.51 -30.71 -6.26
C LYS M 16 51.06 -31.80 -5.30
N ALA M 17 51.35 -33.04 -5.65
CA ALA M 17 50.93 -34.20 -4.89
C ALA M 17 52.03 -34.66 -3.94
N PRO M 18 51.68 -35.13 -2.75
CA PRO M 18 52.67 -35.68 -1.82
C PRO M 18 53.10 -37.10 -2.20
N ARG M 19 54.00 -37.18 -3.18
CA ARG M 19 54.41 -38.48 -3.71
C ARG M 19 55.12 -39.32 -2.67
N GLY M 20 55.96 -38.69 -1.84
CA GLY M 20 56.70 -39.45 -0.83
C GLY M 20 55.79 -40.11 0.18
N PHE M 21 54.72 -39.40 0.59
CA PHE M 21 53.81 -39.96 1.57
C PHE M 21 53.09 -41.19 1.06
N LEU M 22 52.69 -41.18 -0.21
CA LEU M 22 51.95 -42.32 -0.76
C LEU M 22 52.82 -43.57 -0.81
N LYS M 23 54.12 -43.41 -1.13
CA LYS M 23 54.98 -44.57 -1.23
C LYS M 23 55.15 -45.26 0.12
N ARG M 24 55.35 -44.49 1.19
CA ARG M 24 55.58 -45.11 2.50
C ARG M 24 54.33 -45.81 3.01
N VAL M 25 53.17 -45.17 2.86
CA VAL M 25 51.92 -45.77 3.34
C VAL M 25 51.64 -47.06 2.60
N PHE M 26 51.84 -47.06 1.28
CA PHE M 26 51.69 -48.30 0.52
C PHE M 26 52.76 -49.32 0.93
N LYS M 27 53.92 -48.84 1.37
CA LYS M 27 55.01 -49.76 1.73
C LYS M 27 54.71 -50.48 3.04
N ARG M 28 54.28 -49.74 4.07
CA ARG M 28 54.15 -50.35 5.39
C ARG M 28 53.04 -51.38 5.41
N LYS M 29 51.95 -51.13 4.68
CA LYS M 29 50.81 -52.03 4.75
C LYS M 29 51.08 -53.34 4.02
N LYS M 30 51.72 -53.28 2.86
CA LYS M 30 52.01 -54.45 2.03
C LYS M 30 53.48 -54.42 1.65
N PRO M 31 54.38 -54.76 2.57
CA PRO M 31 55.81 -54.62 2.28
C PRO M 31 56.32 -55.47 1.12
N GLN M 32 55.70 -56.63 0.89
CA GLN M 32 56.27 -57.58 -0.07
C GLN M 32 56.20 -57.06 -1.50
N LEU M 33 55.29 -56.14 -1.78
CA LEU M 33 55.08 -55.70 -3.16
C LEU M 33 56.13 -54.68 -3.57
N ARG M 34 56.26 -54.50 -4.89
CA ARG M 34 56.96 -53.36 -5.46
C ARG M 34 56.02 -52.64 -6.43
N LEU M 35 55.97 -51.33 -6.34
CA LEU M 35 55.09 -50.51 -7.16
C LEU M 35 55.88 -49.83 -8.26
N GLU M 36 55.29 -49.74 -9.44
CA GLU M 36 55.96 -49.10 -10.57
C GLU M 36 56.16 -47.62 -10.29
N LYS M 37 57.14 -47.02 -11.00
CA LYS M 37 57.57 -45.67 -10.68
C LYS M 37 56.44 -44.65 -10.80
N SER M 38 55.55 -44.84 -11.79
CA SER M 38 54.46 -43.90 -12.00
C SER M 38 53.16 -44.31 -11.33
N GLY M 39 53.14 -45.46 -10.64
CA GLY M 39 51.92 -45.89 -9.99
C GLY M 39 51.49 -44.99 -8.85
N ASP M 40 52.44 -44.25 -8.27
CA ASP M 40 52.11 -43.34 -7.18
C ASP M 40 51.19 -42.22 -7.65
N LEU M 41 51.41 -41.71 -8.87
CA LEU M 41 50.58 -40.62 -9.38
C LEU M 41 49.14 -41.06 -9.58
N LEU M 42 48.93 -42.25 -10.13
CA LEU M 42 47.57 -42.71 -10.37
C LEU M 42 46.82 -42.91 -9.06
N VAL M 43 47.52 -43.39 -8.03
CA VAL M 43 46.89 -43.50 -6.71
C VAL M 43 46.45 -42.13 -6.21
N HIS M 44 47.27 -41.11 -6.47
CA HIS M 44 46.88 -39.75 -6.09
C HIS M 44 45.63 -39.30 -6.82
N LEU M 45 45.53 -39.62 -8.11
CA LEU M 45 44.33 -39.31 -8.87
C LEU M 45 43.11 -40.01 -8.28
N ASN M 46 43.28 -41.27 -7.87
CA ASN M 46 42.16 -42.02 -7.29
C ASN M 46 41.70 -41.39 -5.99
N CYS M 47 42.64 -40.86 -5.21
CA CYS M 47 42.28 -40.23 -3.94
C CYS M 47 41.53 -38.92 -4.16
N LEU M 48 41.87 -38.17 -5.21
CA LEU M 48 41.16 -36.92 -5.49
C LEU M 48 39.68 -37.18 -5.76
N LEU M 49 39.39 -38.16 -6.60
CA LEU M 49 38.00 -38.43 -6.96
C LEU M 49 37.20 -38.93 -5.77
N PHE M 50 37.87 -39.58 -4.82
CA PHE M 50 37.18 -39.99 -3.59
C PHE M 50 36.81 -38.78 -2.76
N VAL M 51 37.75 -37.86 -2.54
CA VAL M 51 37.49 -36.69 -1.72
C VAL M 51 36.45 -35.80 -2.38
N HIS M 52 36.49 -35.73 -3.72
CA HIS M 52 35.48 -34.95 -4.44
C HIS M 52 34.09 -35.51 -4.21
N ARG M 53 33.96 -36.85 -4.22
CA ARG M 53 32.68 -37.49 -3.94
C ARG M 53 32.24 -37.21 -2.50
N LEU M 54 33.16 -37.27 -1.56
CA LEU M 54 32.81 -37.07 -0.16
C LEU M 54 32.30 -35.67 0.10
N ALA M 55 32.90 -34.67 -0.54
CA ALA M 55 32.50 -33.29 -0.32
C ALA M 55 31.09 -33.03 -0.85
N GLU M 56 30.76 -33.58 -2.02
CA GLU M 56 29.44 -33.37 -2.59
C GLU M 56 28.35 -33.97 -1.71
N GLU M 57 28.56 -35.20 -1.24
CA GLU M 57 27.53 -35.89 -0.47
C GLU M 57 27.32 -35.22 0.89
N SER M 58 28.39 -34.72 1.51
CA SER M 58 28.26 -34.04 2.79
C SER M 58 27.47 -32.75 2.66
N ARG M 59 27.68 -32.01 1.57
CA ARG M 59 26.98 -30.74 1.38
C ARG M 59 25.47 -30.98 1.27
N THR M 60 25.06 -32.03 0.56
CA THR M 60 23.64 -32.31 0.40
C THR M 60 22.97 -32.60 1.73
N ASN M 61 23.64 -33.37 2.60
CA ASN M 61 23.06 -33.68 3.90
C ASN M 61 22.89 -32.43 4.75
N ALA M 62 23.87 -31.53 4.72
CA ALA M 62 23.77 -30.30 5.51
C ALA M 62 22.63 -29.42 5.01
N CYS M 63 22.47 -29.32 3.69
CA CYS M 63 21.37 -28.52 3.15
C CYS M 63 20.02 -29.17 3.41
N ALA M 64 19.98 -30.51 3.42
CA ALA M 64 18.73 -31.21 3.66
C ALA M 64 18.20 -30.91 5.07
N SER M 65 19.09 -30.82 6.05
CA SER M 65 18.72 -30.51 7.42
C SER M 65 18.67 -29.01 7.69
N LYS M 66 18.82 -28.18 6.65
CA LYS M 66 18.79 -26.72 6.78
C LYS M 66 19.87 -26.22 7.75
N CYS M 67 21.08 -26.73 7.57
CA CYS M 67 22.22 -26.33 8.39
C CYS M 67 23.25 -25.63 7.52
N ARG M 68 23.70 -24.46 7.98
CA ARG M 68 24.68 -23.68 7.22
C ARG M 68 26.12 -24.12 7.48
N VAL M 69 26.36 -24.96 8.47
CA VAL M 69 27.69 -25.43 8.81
C VAL M 69 27.70 -26.96 8.74
N ILE M 70 28.64 -27.51 7.97
CA ILE M 70 28.75 -28.96 7.87
C ILE M 70 29.13 -29.54 9.22
N ASN M 71 28.35 -30.52 9.68
CA ASN M 71 28.53 -31.10 11.01
C ASN M 71 29.02 -32.54 10.89
N LYS M 72 29.42 -33.10 12.03
CA LYS M 72 30.02 -34.44 12.04
C LYS M 72 29.01 -35.51 11.66
N GLU M 73 27.76 -35.40 12.12
CA GLU M 73 26.78 -36.43 11.77
C GLU M 73 26.42 -36.39 10.29
N HIS M 74 26.59 -35.23 9.65
CA HIS M 74 26.37 -35.16 8.21
C HIS M 74 27.45 -35.92 7.44
N VAL M 75 28.70 -35.77 7.86
CA VAL M 75 29.81 -36.33 7.08
C VAL M 75 29.97 -37.83 7.35
N LEU M 76 29.66 -38.28 8.56
CA LEU M 76 29.72 -39.71 8.84
C LEU M 76 28.67 -40.46 8.02
N ALA M 77 27.48 -39.88 7.86
CA ALA M 77 26.47 -40.47 7.00
C ALA M 77 26.97 -40.50 5.55
N ALA M 78 27.69 -39.46 5.15
CA ALA M 78 28.28 -39.44 3.81
C ALA M 78 29.33 -40.54 3.66
N ALA M 79 30.08 -40.82 4.73
CA ALA M 79 31.16 -41.78 4.64
C ALA M 79 30.65 -43.19 4.34
N LYS M 80 29.52 -43.56 4.96
CA LYS M 80 29.02 -44.93 4.81
C LYS M 80 28.67 -45.24 3.35
N VAL M 81 28.01 -44.29 2.68
CA VAL M 81 27.59 -44.52 1.29
C VAL M 81 28.81 -44.52 0.37
N ILE M 82 29.70 -43.56 0.54
CA ILE M 82 30.81 -43.40 -0.40
C ILE M 82 31.82 -44.52 -0.24
N LEU M 83 32.12 -44.92 1.00
CA LEU M 83 33.14 -45.95 1.22
C LEU M 83 32.74 -47.27 0.57
N LYS M 84 31.48 -47.66 0.70
CA LYS M 84 31.02 -48.87 0.01
C LYS M 84 31.05 -48.68 -1.50
N LYS M 85 30.66 -47.51 -1.98
CA LYS M 85 30.70 -47.24 -3.41
C LYS M 85 32.14 -47.20 -3.92
N SER M 86 33.07 -46.76 -3.08
CA SER M 86 34.46 -46.57 -3.53
C SER M 86 35.19 -47.89 -3.69
N ARG M 87 34.70 -48.95 -3.05
CA ARG M 87 35.31 -50.27 -3.17
C ARG M 87 34.65 -51.00 -4.34
N GLY M 88 35.48 -51.62 -5.18
CA GLY M 88 34.98 -52.35 -6.34
C GLY M 88 35.80 -53.59 -6.64
N MET N 1 14.11 -55.86 -45.81
CA MET N 1 15.20 -55.67 -44.85
C MET N 1 14.68 -54.99 -43.59
N GLU N 2 14.03 -53.83 -43.78
CA GLU N 2 13.46 -53.11 -42.64
C GLU N 2 12.36 -53.92 -41.97
N GLU N 3 11.50 -54.56 -42.77
CA GLU N 3 10.48 -55.43 -42.20
C GLU N 3 11.10 -56.64 -41.50
N GLU N 4 12.18 -57.18 -42.07
CA GLU N 4 12.88 -58.27 -41.41
C GLU N 4 13.52 -57.80 -40.11
N ALA N 5 14.10 -56.59 -40.11
CA ALA N 5 14.83 -56.11 -38.94
C ALA N 5 13.92 -55.98 -37.73
N GLU N 6 12.71 -55.44 -37.92
CA GLU N 6 11.80 -55.26 -36.80
C GLU N 6 11.32 -56.61 -36.26
N THR N 7 11.14 -57.59 -37.16
CA THR N 7 10.81 -58.94 -36.70
C THR N 7 11.95 -59.53 -35.87
N GLU N 8 13.19 -59.35 -36.31
CA GLU N 8 14.33 -59.74 -35.48
C GLU N 8 14.34 -58.95 -34.19
N GLU N 9 14.05 -57.65 -34.27
CA GLU N 9 13.86 -56.86 -33.06
C GLU N 9 12.69 -57.39 -32.24
N GLN N 10 11.59 -57.74 -32.91
CA GLN N 10 10.47 -58.38 -32.22
C GLN N 10 10.88 -59.71 -31.64
N GLN N 11 11.64 -60.51 -32.40
CA GLN N 11 12.15 -61.77 -31.89
C GLN N 11 13.07 -61.53 -30.69
N ARG N 12 13.93 -60.52 -30.78
CA ARG N 12 14.72 -60.11 -29.63
C ARG N 12 13.81 -59.62 -28.50
N PHE N 13 12.79 -58.83 -28.85
CA PHE N 13 11.83 -58.38 -27.84
C PHE N 13 11.06 -59.55 -27.24
N SER N 14 10.59 -60.46 -28.10
CA SER N 14 9.83 -61.60 -27.60
C SER N 14 10.70 -62.50 -26.74
N TYR N 15 11.97 -62.66 -27.11
CA TYR N 15 12.87 -63.50 -26.33
C TYR N 15 13.05 -62.96 -24.92
N GLN N 16 12.85 -61.66 -24.72
CA GLN N 16 12.94 -61.09 -23.38
C GLN N 16 11.81 -61.60 -22.48
N GLN N 17 10.58 -61.58 -22.99
CA GLN N 17 9.43 -61.94 -22.16
C GLN N 17 9.47 -63.40 -21.74
N ARG N 18 9.96 -64.28 -22.62
CA ARG N 18 10.13 -65.68 -22.24
C ARG N 18 11.07 -65.82 -21.06
N LEU N 19 12.19 -65.09 -21.09
CA LEU N 19 13.07 -65.03 -19.93
C LEU N 19 12.39 -64.33 -18.77
N LYS N 20 11.62 -63.26 -19.05
CA LYS N 20 10.90 -62.56 -18.00
C LYS N 20 9.87 -63.48 -17.33
N ALA N 21 9.13 -64.23 -18.14
CA ALA N 21 8.11 -65.12 -17.59
C ALA N 21 8.75 -66.23 -16.75
N ALA N 22 9.85 -66.81 -17.26
CA ALA N 22 10.53 -67.86 -16.51
C ALA N 22 11.11 -67.32 -15.22
N VAL N 23 11.70 -66.11 -15.26
CA VAL N 23 12.22 -65.50 -14.04
C VAL N 23 11.09 -65.20 -13.07
N HIS N 24 9.99 -64.60 -13.58
CA HIS N 24 8.87 -64.29 -12.72
C HIS N 24 8.25 -65.55 -12.12
N TYR N 25 8.19 -66.62 -12.90
CA TYR N 25 7.71 -67.89 -12.37
C TYR N 25 8.60 -68.39 -11.24
N THR N 26 9.92 -68.30 -11.43
CA THR N 26 10.85 -68.74 -10.39
C THR N 26 10.80 -67.82 -9.18
N VAL N 27 10.78 -66.51 -9.39
CA VAL N 27 10.78 -65.56 -8.28
C VAL N 27 9.53 -65.75 -7.42
N GLY N 28 8.38 -65.92 -8.07
CA GLY N 28 7.15 -66.13 -7.34
C GLY N 28 7.21 -67.33 -6.43
N CYS N 29 7.84 -68.41 -6.89
CA CYS N 29 8.01 -69.59 -6.05
C CYS N 29 8.87 -69.29 -4.84
N LEU N 30 9.98 -68.57 -5.03
CA LEU N 30 10.87 -68.26 -3.92
C LEU N 30 10.20 -67.33 -2.91
N CYS N 31 9.42 -66.36 -3.38
CA CYS N 31 8.73 -65.46 -2.48
C CYS N 31 7.77 -66.22 -1.57
N GLU N 32 7.04 -67.17 -2.13
CA GLU N 32 6.18 -68.01 -1.31
C GLU N 32 7.00 -68.87 -0.35
N GLU N 33 8.15 -69.36 -0.81
CA GLU N 33 9.03 -70.13 0.06
C GLU N 33 9.61 -69.26 1.16
N VAL N 34 9.56 -67.94 0.98
CA VAL N 34 9.99 -67.02 2.05
C VAL N 34 8.81 -66.70 2.97
N ALA N 35 7.60 -66.85 2.46
CA ALA N 35 6.42 -66.38 3.20
C ALA N 35 6.16 -67.22 4.45
N LEU N 36 6.23 -68.55 4.34
CA LEU N 36 5.72 -69.42 5.39
C LEU N 36 6.49 -69.28 6.70
N ASP N 37 7.81 -69.24 6.66
CA ASP N 37 8.57 -69.10 7.89
C ASP N 37 8.52 -67.66 8.40
N LYS N 38 8.41 -66.70 7.49
CA LYS N 38 8.27 -65.31 7.91
C LYS N 38 6.82 -64.95 8.21
N GLU N 39 5.89 -65.88 7.97
CA GLU N 39 4.45 -65.71 8.22
C GLU N 39 3.93 -64.34 7.77
N MET N 40 4.51 -63.82 6.69
CA MET N 40 4.16 -62.50 6.18
C MET N 40 3.68 -62.64 4.74
N GLN N 41 2.65 -61.87 4.39
CA GLN N 41 2.07 -61.94 3.06
C GLN N 41 2.69 -60.86 2.16
N PHE N 42 2.96 -61.24 0.91
CA PHE N 42 3.55 -60.33 -0.07
C PHE N 42 2.50 -59.90 -1.08
N SER N 43 2.43 -58.60 -1.33
CA SER N 43 1.54 -58.08 -2.36
C SER N 43 2.00 -58.54 -3.74
N LYS N 44 1.03 -58.76 -4.63
CA LYS N 44 1.34 -59.26 -5.96
C LYS N 44 2.27 -58.31 -6.71
N GLN N 45 2.15 -57.01 -6.45
CA GLN N 45 3.04 -56.05 -7.10
C GLN N 45 4.48 -56.23 -6.63
N THR N 46 4.67 -56.65 -5.38
CA THR N 46 6.02 -56.83 -4.85
C THR N 46 6.78 -57.90 -5.61
N ILE N 47 6.14 -59.03 -5.91
CA ILE N 47 6.79 -60.07 -6.69
C ILE N 47 7.15 -59.55 -8.07
N ALA N 48 6.26 -58.76 -8.68
CA ALA N 48 6.58 -58.13 -9.95
C ALA N 48 7.76 -57.17 -9.80
N ALA N 49 7.80 -56.43 -8.70
CA ALA N 49 8.91 -55.52 -8.46
C ALA N 49 10.22 -56.28 -8.30
N ILE N 50 10.21 -57.40 -7.58
CA ILE N 50 11.40 -58.20 -7.44
C ILE N 50 11.83 -58.79 -8.78
N SER N 51 10.86 -59.20 -9.59
CA SER N 51 11.18 -59.81 -10.88
C SER N 51 11.95 -58.83 -11.77
N GLU N 52 11.51 -57.57 -11.80
CA GLU N 52 12.23 -56.56 -12.57
C GLU N 52 13.60 -56.30 -11.98
N LEU N 53 13.69 -56.25 -10.65
CA LEU N 53 14.97 -55.99 -10.00
C LEU N 53 15.98 -57.09 -10.29
N THR N 54 15.54 -58.36 -10.22
CA THR N 54 16.45 -59.47 -10.49
C THR N 54 16.87 -59.48 -11.96
N PHE N 55 15.96 -59.12 -12.87
CA PHE N 55 16.30 -59.09 -14.28
C PHE N 55 17.38 -58.05 -14.59
N ARG N 56 17.30 -56.87 -13.98
CA ARG N 56 18.28 -55.82 -14.19
C ARG N 56 19.61 -56.10 -13.52
N GLN N 57 19.64 -56.99 -12.52
CA GLN N 57 20.88 -57.32 -11.84
C GLN N 57 21.74 -58.29 -12.65
N CYS N 58 21.15 -59.03 -13.58
CA CYS N 58 21.92 -59.96 -14.39
C CYS N 58 22.83 -59.22 -15.35
N GLU N 59 22.42 -58.02 -15.77
CA GLU N 59 23.24 -57.22 -16.68
C GLU N 59 24.57 -56.84 -16.05
N ASN N 60 24.55 -56.43 -14.79
CA ASN N 60 25.79 -56.09 -14.10
C ASN N 60 26.68 -57.32 -13.95
N PHE N 61 26.09 -58.47 -13.62
CA PHE N 61 26.88 -59.69 -13.46
C PHE N 61 27.50 -60.13 -14.77
N ALA N 62 26.75 -60.03 -15.87
CA ALA N 62 27.24 -60.54 -17.15
C ALA N 62 28.48 -59.79 -17.60
N LYS N 63 28.49 -58.47 -17.46
CA LYS N 63 29.62 -57.68 -17.96
C LYS N 63 30.87 -57.88 -17.11
N ASP N 64 30.70 -58.01 -15.79
CA ASP N 64 31.86 -58.11 -14.91
C ASP N 64 32.64 -59.39 -15.17
N LEU N 65 31.95 -60.52 -15.33
CA LEU N 65 32.64 -61.78 -15.57
C LEU N 65 33.43 -61.75 -16.88
N GLU N 66 32.84 -61.18 -17.93
CA GLU N 66 33.58 -61.02 -19.17
C GLU N 66 34.78 -60.09 -18.98
N MET N 67 34.58 -59.02 -18.22
CA MET N 67 35.68 -58.09 -17.94
C MET N 67 36.78 -58.75 -17.12
N PHE N 68 36.39 -59.53 -16.10
CA PHE N 68 37.37 -60.21 -15.27
C PHE N 68 38.16 -61.25 -16.06
N ALA N 69 37.45 -62.02 -16.90
CA ALA N 69 38.13 -63.06 -17.67
C ALA N 69 39.12 -62.46 -18.66
N ARG N 70 38.74 -61.34 -19.28
CA ARG N 70 39.64 -60.69 -20.24
C ARG N 70 40.91 -60.21 -19.54
N HIS N 71 40.82 -59.87 -18.26
CA HIS N 71 41.99 -59.45 -17.51
C HIS N 71 43.04 -60.54 -17.44
N ALA N 72 42.60 -61.78 -17.24
CA ALA N 72 43.51 -62.92 -17.15
C ALA N 72 43.80 -63.55 -18.50
N LYS N 73 43.38 -62.92 -19.59
CA LYS N 73 43.60 -63.42 -20.95
C LYS N 73 42.97 -64.81 -21.13
N ARG N 74 41.80 -65.01 -20.53
CA ARG N 74 41.06 -66.26 -20.65
C ARG N 74 39.74 -65.98 -21.35
N THR N 75 39.50 -66.68 -22.46
CA THR N 75 38.27 -66.47 -23.20
C THR N 75 37.08 -67.14 -22.52
N THR N 76 37.35 -68.09 -21.63
CA THR N 76 36.30 -68.84 -20.93
C THR N 76 36.30 -68.49 -19.45
N ILE N 77 35.11 -68.26 -18.91
CA ILE N 77 34.98 -67.91 -17.49
C ILE N 77 35.17 -69.17 -16.64
N ASN N 78 35.85 -69.00 -15.51
CA ASN N 78 36.06 -70.10 -14.58
C ASN N 78 35.47 -69.73 -13.21
N THR N 79 35.67 -70.62 -12.24
CA THR N 79 35.12 -70.39 -10.91
C THR N 79 35.83 -69.25 -10.20
N GLU N 80 37.11 -69.06 -10.47
CA GLU N 80 37.88 -68.03 -9.77
C GLU N 80 37.34 -66.64 -10.06
N ASP N 81 36.88 -66.41 -11.30
CA ASP N 81 36.35 -65.10 -11.66
C ASP N 81 35.11 -64.77 -10.84
N VAL N 82 34.24 -65.74 -10.60
CA VAL N 82 33.01 -65.49 -9.89
C VAL N 82 33.30 -65.07 -8.44
N LYS N 83 34.33 -65.66 -7.85
CA LYS N 83 34.68 -65.34 -6.47
C LYS N 83 35.03 -63.87 -6.32
N LEU N 84 35.53 -63.25 -7.38
CA LEU N 84 35.85 -61.82 -7.34
C LEU N 84 34.61 -60.99 -7.10
N LEU N 85 33.51 -61.34 -7.75
CA LEU N 85 32.30 -60.50 -7.71
C LEU N 85 31.69 -60.45 -6.32
N ALA N 86 31.92 -61.48 -5.52
CA ALA N 86 31.30 -61.59 -4.20
C ALA N 86 32.06 -60.86 -3.11
N ARG N 87 33.18 -60.22 -3.42
CA ARG N 87 34.03 -59.65 -2.38
C ARG N 87 33.41 -58.41 -1.73
N ARG N 88 32.38 -57.82 -2.33
CA ARG N 88 31.80 -56.61 -1.75
C ARG N 88 31.20 -56.89 -0.37
N SER N 89 30.65 -58.09 -0.18
CA SER N 89 30.10 -58.50 1.10
C SER N 89 30.99 -59.61 1.68
N ASN N 90 31.64 -59.31 2.82
CA ASN N 90 32.48 -60.31 3.46
C ASN N 90 31.67 -61.51 3.91
N SER N 91 30.48 -61.28 4.48
CA SER N 91 29.64 -62.39 4.93
C SER N 91 29.20 -63.24 3.74
N LEU N 92 28.82 -62.60 2.63
CA LEU N 92 28.42 -63.37 1.46
C LEU N 92 29.62 -64.08 0.83
N LEU N 93 30.81 -63.45 0.92
CA LEU N 93 32.00 -64.07 0.36
C LEU N 93 32.34 -65.37 1.07
N LYS N 94 32.23 -65.39 2.40
CA LYS N 94 32.49 -66.61 3.13
C LYS N 94 31.47 -67.69 2.80
N TYR N 95 30.20 -67.31 2.67
CA TYR N 95 29.16 -68.27 2.34
C TYR N 95 29.34 -68.84 0.95
N ILE N 96 29.64 -67.99 -0.03
CA ILE N 96 29.71 -68.44 -1.42
C ILE N 96 30.91 -69.36 -1.64
N THR N 97 32.03 -69.06 -0.98
CA THR N 97 33.23 -69.88 -1.20
C THR N 97 33.07 -71.26 -0.56
N ASP N 98 32.23 -71.37 0.48
CA ASP N 98 31.96 -72.67 1.06
C ASP N 98 31.26 -73.59 0.07
N LYS N 99 30.29 -73.05 -0.67
CA LYS N 99 29.63 -73.83 -1.72
C LYS N 99 30.62 -74.20 -2.82
N SER N 100 31.53 -73.28 -3.16
CA SER N 100 32.56 -73.59 -4.15
C SER N 100 33.44 -74.73 -3.67
N GLU N 101 33.80 -74.72 -2.38
CA GLU N 101 34.54 -75.85 -1.81
C GLU N 101 33.69 -77.11 -1.85
N GLU N 102 32.40 -77.00 -1.55
CA GLU N 102 31.51 -78.15 -1.61
C GLU N 102 31.41 -78.70 -3.03
N ILE N 103 31.30 -77.80 -4.02
CA ILE N 103 31.27 -78.24 -5.41
C ILE N 103 32.57 -78.92 -5.79
N ALA N 104 33.70 -78.36 -5.33
CA ALA N 104 34.99 -78.99 -5.61
C ALA N 104 35.07 -80.39 -5.01
N GLN N 105 34.54 -80.56 -3.79
CA GLN N 105 34.51 -81.89 -3.18
C GLN N 105 33.65 -82.85 -4.00
N ILE N 106 32.48 -82.38 -4.47
CA ILE N 106 31.63 -83.22 -5.30
C ILE N 106 32.33 -83.58 -6.59
N ASN N 107 33.02 -82.62 -7.20
CA ASN N 107 33.78 -82.90 -8.42
C ASN N 107 34.88 -83.93 -8.15
N LEU N 108 35.54 -83.84 -7.00
CA LEU N 108 36.52 -84.85 -6.63
C LEU N 108 35.86 -86.21 -6.48
N GLU N 109 34.67 -86.24 -5.88
CA GLU N 109 33.93 -87.50 -5.79
C GLU N 109 33.57 -88.05 -7.16
N ARG N 110 33.18 -87.16 -8.09
CA ARG N 110 32.91 -87.59 -9.45
C ARG N 110 34.15 -88.15 -10.11
N LYS N 111 35.30 -87.50 -9.89
CA LYS N 111 36.56 -88.01 -10.43
C LYS N 111 36.89 -89.37 -9.85
N ALA N 112 36.65 -89.56 -8.55
CA ALA N 112 36.91 -90.86 -7.92
C ALA N 112 36.02 -91.94 -8.51
N GLN N 113 34.76 -91.62 -8.79
CA GLN N 113 33.87 -92.59 -9.44
C GLN N 113 34.36 -92.93 -10.83
N LYS N 114 34.89 -91.95 -11.57
CA LYS N 114 35.42 -92.21 -12.90
C LYS N 114 36.62 -93.15 -12.83
N LYS N 115 37.48 -92.97 -11.83
CA LYS N 115 38.61 -93.88 -11.66
C LYS N 115 38.13 -95.30 -11.36
N LYS N 116 37.08 -95.44 -10.54
CA LYS N 116 36.54 -96.76 -10.26
C LYS N 116 35.99 -97.42 -11.51
N LYS N 117 35.34 -96.64 -12.38
CA LYS N 117 34.85 -97.18 -13.64
C LYS N 117 36.00 -97.66 -14.51
N SER N 118 37.10 -96.90 -14.55
CA SER N 118 38.26 -97.32 -15.33
C SER N 118 38.85 -98.62 -14.80
N GLU N 119 38.90 -98.77 -13.48
CA GLU N 119 39.41 -100.01 -12.89
C GLU N 119 38.52 -101.20 -13.25
N ASP N 120 37.21 -101.00 -13.23
CA ASP N 120 36.27 -102.07 -13.56
C ASP N 120 36.34 -102.42 -15.05
N SER O 8 12.69 -75.37 -7.02
CA SER O 8 12.81 -74.25 -6.09
C SER O 8 14.04 -73.40 -6.42
N GLY O 9 14.69 -73.72 -7.54
CA GLY O 9 15.87 -72.99 -7.96
C GLY O 9 15.85 -72.74 -9.45
N PHE O 10 16.73 -71.83 -9.87
CA PHE O 10 16.83 -71.49 -11.29
C PHE O 10 17.36 -72.68 -12.08
N ARG O 11 16.84 -72.86 -13.29
CA ARG O 11 17.32 -73.92 -14.16
C ARG O 11 18.71 -73.61 -14.67
N LYS O 12 19.49 -74.67 -14.91
CA LYS O 12 20.84 -74.50 -15.43
C LYS O 12 20.83 -73.83 -16.80
N GLU O 13 19.91 -74.26 -17.67
CA GLU O 13 19.80 -73.65 -18.99
C GLU O 13 19.30 -72.22 -18.90
N LEU O 14 18.41 -71.94 -17.95
CA LEU O 14 17.82 -70.61 -17.84
C LEU O 14 18.88 -69.56 -17.53
N VAL O 15 19.79 -69.86 -16.61
CA VAL O 15 20.81 -68.89 -16.23
C VAL O 15 21.74 -68.59 -17.40
N SER O 16 22.15 -69.63 -18.12
CA SER O 16 23.07 -69.44 -19.24
C SER O 16 22.43 -68.59 -20.33
N ARG O 17 21.12 -68.70 -20.52
CA ARG O 17 20.44 -67.89 -21.52
C ARG O 17 20.54 -66.41 -21.20
N LEU O 18 20.38 -66.06 -19.92
CA LEU O 18 20.45 -64.66 -19.51
C LEU O 18 21.86 -64.11 -19.73
N LEU O 19 22.89 -64.86 -19.35
CA LEU O 19 24.25 -64.35 -19.43
C LEU O 19 24.68 -64.15 -20.88
N HIS O 20 24.40 -65.12 -21.76
CA HIS O 20 24.81 -65.00 -23.15
C HIS O 20 24.10 -63.84 -23.83
N LEU O 21 22.97 -63.40 -23.27
CA LEU O 21 22.24 -62.29 -23.87
C LEU O 21 23.02 -60.98 -23.75
N HIS O 22 23.77 -60.82 -22.68
CA HIS O 22 24.43 -59.55 -22.38
C HIS O 22 25.94 -59.57 -22.54
N PHE O 23 26.53 -60.67 -23.02
CA PHE O 23 27.96 -60.68 -23.31
C PHE O 23 28.28 -59.74 -24.46
N LYS O 24 29.34 -58.95 -24.29
CA LYS O 24 29.75 -58.04 -25.34
C LYS O 24 30.38 -58.78 -26.52
N ASP O 25 31.18 -59.81 -26.23
CA ASP O 25 31.88 -60.57 -27.25
C ASP O 25 31.34 -61.99 -27.27
N ASP O 26 31.08 -62.50 -28.49
CA ASP O 26 30.55 -63.85 -28.62
C ASP O 26 31.60 -64.90 -28.26
N LYS O 27 32.88 -64.51 -28.25
CA LYS O 27 33.94 -65.45 -27.91
C LYS O 27 33.90 -65.85 -26.45
N THR O 28 33.10 -65.16 -25.64
CA THR O 28 32.97 -65.49 -24.23
C THR O 28 32.16 -66.77 -24.04
N LYS O 29 32.73 -67.70 -23.28
CA LYS O 29 32.05 -68.93 -22.92
C LYS O 29 32.07 -69.11 -21.42
N VAL O 30 31.11 -69.87 -20.91
CA VAL O 30 30.97 -70.11 -19.48
C VAL O 30 31.19 -71.60 -19.23
N SER O 31 32.09 -71.91 -18.31
CA SER O 31 32.33 -73.30 -17.94
C SER O 31 31.16 -73.85 -17.13
N GLY O 32 31.01 -75.17 -17.16
CA GLY O 32 29.87 -75.79 -16.50
C GLY O 32 29.86 -75.57 -15.01
N ASP O 33 31.01 -75.76 -14.35
CA ASP O 33 31.09 -75.58 -12.91
C ASP O 33 30.81 -74.13 -12.52
N ALA O 34 31.39 -73.19 -13.28
CA ALA O 34 31.11 -71.78 -13.03
C ALA O 34 29.64 -71.45 -13.27
N LEU O 35 29.07 -71.99 -14.36
CA LEU O 35 27.66 -71.80 -14.62
C LEU O 35 26.81 -72.40 -13.50
N GLN O 36 27.25 -73.54 -12.96
CA GLN O 36 26.57 -74.14 -11.83
C GLN O 36 26.58 -73.22 -10.61
N LEU O 37 27.74 -72.60 -10.33
CA LEU O 37 27.87 -71.79 -9.12
C LEU O 37 27.08 -70.49 -9.26
N MET O 38 26.86 -70.03 -10.50
CA MET O 38 26.05 -68.84 -10.72
C MET O 38 24.61 -69.04 -10.27
N VAL O 39 24.13 -70.29 -10.30
CA VAL O 39 22.71 -70.56 -10.08
C VAL O 39 22.28 -70.13 -8.68
N GLU O 40 23.02 -70.57 -7.65
CA GLU O 40 22.65 -70.22 -6.28
C GLU O 40 22.95 -68.75 -5.98
N LEU O 41 23.91 -68.17 -6.70
CA LEU O 41 24.23 -66.75 -6.49
C LEU O 41 23.02 -65.87 -6.77
N LEU O 42 22.30 -66.14 -7.86
CA LEU O 42 21.05 -65.43 -8.11
C LEU O 42 20.01 -65.75 -7.05
N LYS O 43 19.93 -67.02 -6.64
CA LYS O 43 18.96 -67.43 -5.64
C LYS O 43 19.20 -66.70 -4.33
N VAL O 44 20.46 -66.57 -3.92
CA VAL O 44 20.76 -65.82 -2.70
C VAL O 44 20.31 -64.37 -2.84
N PHE O 45 20.52 -63.78 -4.02
CA PHE O 45 20.12 -62.40 -4.25
C PHE O 45 18.61 -62.23 -4.09
N VAL O 46 17.83 -63.15 -4.66
CA VAL O 46 16.37 -63.08 -4.53
C VAL O 46 15.97 -63.31 -3.08
N VAL O 47 16.58 -64.29 -2.42
CA VAL O 47 16.25 -64.59 -1.03
C VAL O 47 16.60 -63.40 -0.14
N GLU O 48 17.77 -62.80 -0.36
CA GLU O 48 18.20 -61.69 0.48
C GLU O 48 17.26 -60.50 0.35
N ALA O 49 16.79 -60.23 -0.87
CA ALA O 49 15.87 -59.11 -1.08
C ALA O 49 14.57 -59.31 -0.32
N ALA O 50 14.05 -60.54 -0.31
CA ALA O 50 12.80 -60.81 0.39
C ALA O 50 12.96 -60.63 1.89
N VAL O 51 14.09 -61.06 2.45
CA VAL O 51 14.32 -60.96 3.88
C VAL O 51 14.34 -59.51 4.32
N ARG O 52 15.00 -58.65 3.53
CA ARG O 52 15.10 -57.24 3.87
C ARG O 52 13.72 -56.59 3.91
N GLY O 53 12.86 -56.94 2.96
CA GLY O 53 11.50 -56.41 2.97
C GLY O 53 10.72 -56.82 4.21
N VAL O 54 10.93 -58.05 4.68
CA VAL O 54 10.28 -58.50 5.91
C VAL O 54 10.78 -57.69 7.09
N ARG O 55 12.08 -57.42 7.15
CA ARG O 55 12.63 -56.64 8.25
C ARG O 55 12.02 -55.24 8.30
N GLN O 56 11.90 -54.59 7.14
CA GLN O 56 11.30 -53.26 7.09
C GLN O 56 9.83 -53.31 7.50
N ALA O 57 9.11 -54.33 7.04
CA ALA O 57 7.69 -54.43 7.36
C ALA O 57 7.47 -54.59 8.86
N GLN O 58 8.30 -55.41 9.51
CA GLN O 58 8.17 -55.60 10.95
C GLN O 58 8.43 -54.30 11.70
N ALA O 59 9.43 -53.53 11.26
CA ALA O 59 9.68 -52.22 11.87
C ALA O 59 8.49 -51.29 11.68
N GLU O 60 7.90 -51.28 10.48
CA GLU O 60 6.71 -50.49 10.25
C GLU O 60 5.47 -51.12 10.88
N ASP O 61 5.57 -52.38 11.30
CA ASP O 61 4.50 -53.18 11.88
C ASP O 61 3.34 -53.37 10.90
N ALA O 62 3.61 -53.29 9.59
CA ALA O 62 2.57 -53.50 8.61
C ALA O 62 2.09 -54.95 8.61
N LEU O 63 0.81 -55.14 8.28
CA LEU O 63 0.24 -56.48 8.26
C LEU O 63 0.77 -57.29 7.09
N ARG O 64 1.18 -56.61 6.01
CA ARG O 64 1.73 -57.28 4.84
C ARG O 64 2.78 -56.39 4.19
N VAL O 65 3.68 -57.02 3.43
CA VAL O 65 4.70 -56.27 2.72
C VAL O 65 4.11 -55.64 1.47
N ASP O 66 4.42 -54.36 1.26
CA ASP O 66 3.95 -53.61 0.10
C ASP O 66 5.14 -53.09 -0.68
N VAL O 67 4.83 -52.36 -1.75
CA VAL O 67 5.84 -51.78 -2.63
C VAL O 67 6.66 -50.75 -1.87
N ASP O 68 5.99 -49.92 -1.06
CA ASP O 68 6.66 -48.80 -0.40
C ASP O 68 7.77 -49.28 0.52
N GLN O 69 7.52 -50.34 1.29
CA GLN O 69 8.57 -50.87 2.17
C GLN O 69 9.74 -51.42 1.37
N LEU O 70 9.46 -52.00 0.19
CA LEU O 70 10.52 -52.57 -0.63
C LEU O 70 11.48 -51.48 -1.13
N GLU O 71 10.95 -50.33 -1.53
CA GLU O 71 11.79 -49.30 -2.12
C GLU O 71 12.77 -48.72 -1.09
N LYS O 72 12.36 -48.68 0.18
CA LYS O 72 13.23 -48.10 1.20
C LYS O 72 14.53 -48.88 1.35
N VAL O 73 14.45 -50.21 1.29
CA VAL O 73 15.65 -51.05 1.42
C VAL O 73 16.25 -51.41 0.07
N LEU O 74 15.65 -50.97 -1.03
CA LEU O 74 16.17 -51.33 -2.34
C LEU O 74 17.59 -50.81 -2.61
N PRO O 75 17.91 -49.53 -2.41
CA PRO O 75 19.25 -49.07 -2.83
C PRO O 75 20.37 -49.61 -1.97
N GLN O 76 20.11 -49.91 -0.70
CA GLN O 76 21.15 -50.45 0.16
C GLN O 76 21.60 -51.83 -0.31
N LEU O 77 20.66 -52.63 -0.82
CA LEU O 77 21.00 -53.97 -1.29
C LEU O 77 21.95 -53.92 -2.48
N LEU O 78 21.71 -53.01 -3.42
CA LEU O 78 22.55 -52.93 -4.61
C LEU O 78 23.98 -52.53 -4.23
N LEU O 79 24.13 -51.61 -3.29
CA LEU O 79 25.47 -51.23 -2.83
C LEU O 79 26.18 -52.41 -2.18
N ASP O 80 25.45 -53.20 -1.39
CA ASP O 80 26.05 -54.36 -0.73
C ASP O 80 26.51 -55.37 -1.77
N PHE O 81 25.68 -55.63 -2.78
CA PHE O 81 26.05 -56.56 -3.85
C PHE O 81 27.00 -55.91 -4.83
N SER R 41 -42.93 -17.16 -7.48
CA SER R 41 -43.00 -17.38 -8.92
C SER R 41 -44.17 -18.29 -9.28
N ARG R 42 -45.14 -17.75 -10.00
CA ARG R 42 -46.32 -18.51 -10.42
C ARG R 42 -46.14 -19.10 -11.81
N ARG R 43 -45.94 -18.24 -12.80
CA ARG R 43 -45.70 -18.69 -14.17
C ARG R 43 -44.88 -17.62 -14.87
N ARG R 44 -43.67 -17.97 -15.31
CA ARG R 44 -42.78 -17.00 -15.94
C ARG R 44 -43.37 -16.46 -17.23
N GLN R 45 -43.53 -17.30 -18.25
CA GLN R 45 -44.15 -16.91 -19.52
C GLN R 45 -45.01 -18.08 -20.01
N GLY R 46 -46.29 -18.06 -19.63
CA GLY R 46 -47.23 -19.00 -20.23
C GLY R 46 -47.80 -18.48 -21.53
N TRP R 47 -47.81 -17.16 -21.71
CA TRP R 47 -48.27 -16.58 -22.97
C TRP R 47 -47.42 -17.04 -24.14
N LEU R 48 -46.13 -17.27 -23.91
CA LEU R 48 -45.25 -17.71 -24.99
C LEU R 48 -45.68 -19.07 -25.54
N LYS R 49 -45.84 -20.05 -24.65
CA LYS R 49 -46.30 -21.36 -25.10
C LYS R 49 -47.72 -21.30 -25.63
N GLU R 50 -48.55 -20.43 -25.06
CA GLU R 50 -49.91 -20.27 -25.59
C GLU R 50 -49.89 -19.80 -27.04
N ILE R 51 -49.08 -18.78 -27.34
CA ILE R 51 -48.98 -18.29 -28.70
C ILE R 51 -48.38 -19.35 -29.61
N ARG R 52 -47.35 -20.05 -29.13
CA ARG R 52 -46.69 -21.07 -29.95
C ARG R 52 -47.64 -22.21 -30.28
N LYS R 53 -48.56 -22.54 -29.37
CA LYS R 53 -49.52 -23.59 -29.62
C LYS R 53 -50.66 -23.10 -30.50
N LEU R 54 -51.09 -21.85 -30.33
CA LEU R 54 -52.20 -21.32 -31.11
C LEU R 54 -51.79 -21.06 -32.56
N GLN R 55 -50.53 -20.71 -32.80
CA GLN R 55 -50.06 -20.47 -34.16
C GLN R 55 -49.84 -21.76 -34.94
N LYS R 56 -49.97 -22.92 -34.30
CA LYS R 56 -49.79 -24.20 -34.97
C LYS R 56 -51.10 -24.88 -35.33
N SER R 57 -52.18 -24.61 -34.59
CA SER R 57 -53.48 -25.21 -34.87
C SER R 57 -54.24 -24.39 -35.91
N THR R 58 -55.30 -24.99 -36.45
CA THR R 58 -56.09 -24.38 -37.52
C THR R 58 -57.59 -24.45 -37.24
N HIS R 59 -57.98 -24.56 -35.98
CA HIS R 59 -59.39 -24.67 -35.62
C HIS R 59 -59.95 -23.31 -35.21
N LEU R 60 -61.27 -23.21 -35.30
CA LEU R 60 -61.95 -21.95 -34.96
C LEU R 60 -61.91 -21.70 -33.46
N LEU R 61 -61.89 -20.42 -33.10
CA LEU R 61 -61.71 -20.02 -31.70
C LEU R 61 -62.97 -19.50 -31.03
N ILE R 62 -63.98 -19.10 -31.79
CA ILE R 62 -65.23 -18.60 -31.24
C ILE R 62 -66.26 -19.73 -31.27
N ARG R 63 -67.10 -19.79 -30.24
CA ARG R 63 -68.15 -20.80 -30.19
C ARG R 63 -69.15 -20.59 -31.33
N LYS R 64 -69.84 -21.66 -31.68
CA LYS R 64 -70.74 -21.63 -32.84
C LYS R 64 -72.10 -21.05 -32.50
N LEU R 65 -72.64 -21.39 -31.33
CA LEU R 65 -74.00 -20.94 -31.00
C LEU R 65 -74.09 -19.43 -30.81
N PRO R 66 -73.20 -18.77 -30.06
CA PRO R 66 -73.30 -17.30 -29.98
C PRO R 66 -73.09 -16.61 -31.32
N PHE R 67 -72.16 -17.11 -32.14
CA PHE R 67 -71.97 -16.54 -33.46
C PHE R 67 -73.22 -16.67 -34.30
N SER R 68 -73.87 -17.83 -34.26
CA SER R 68 -75.12 -18.00 -35.00
C SER R 68 -76.21 -17.06 -34.51
N ARG R 69 -76.32 -16.90 -33.18
CA ARG R 69 -77.32 -15.99 -32.63
C ARG R 69 -77.08 -14.57 -33.10
N LEU R 70 -75.84 -14.11 -33.04
CA LEU R 70 -75.53 -12.74 -33.46
C LEU R 70 -75.78 -12.54 -34.94
N ALA R 71 -75.39 -13.50 -35.77
CA ALA R 71 -75.62 -13.39 -37.20
C ALA R 71 -77.10 -13.35 -37.53
N ARG R 72 -77.90 -14.19 -36.88
CA ARG R 72 -79.34 -14.20 -37.13
C ARG R 72 -79.98 -12.89 -36.66
N GLU R 73 -79.51 -12.35 -35.53
CA GLU R 73 -80.05 -11.08 -35.05
C GLU R 73 -79.77 -9.96 -36.05
N ILE R 74 -78.53 -9.89 -36.55
CA ILE R 74 -78.20 -8.85 -37.53
C ILE R 74 -79.00 -9.03 -38.81
N CYS R 75 -79.15 -10.29 -39.26
CA CYS R 75 -79.87 -10.53 -40.50
C CYS R 75 -81.35 -10.17 -40.37
N VAL R 76 -81.96 -10.44 -39.21
CA VAL R 76 -83.36 -10.09 -39.03
C VAL R 76 -83.51 -8.59 -38.83
N LYS R 77 -82.46 -7.93 -38.35
CA LYS R 77 -82.49 -6.47 -38.28
C LYS R 77 -82.33 -5.82 -39.64
N PHE R 78 -81.71 -6.51 -40.60
CA PHE R 78 -81.60 -5.97 -41.96
C PHE R 78 -82.89 -6.14 -42.75
N THR R 79 -83.41 -7.35 -42.83
CA THR R 79 -84.68 -7.59 -43.50
C THR R 79 -85.80 -6.90 -42.74
N ARG R 80 -86.91 -6.64 -43.43
CA ARG R 80 -88.02 -5.89 -42.86
C ARG R 80 -88.64 -6.61 -41.67
N GLY R 81 -89.33 -7.72 -41.92
CA GLY R 81 -89.91 -8.51 -40.85
C GLY R 81 -89.77 -10.00 -41.07
N VAL R 82 -89.23 -10.39 -42.22
CA VAL R 82 -89.13 -11.80 -42.56
C VAL R 82 -87.95 -12.42 -41.82
N ASP R 83 -88.08 -13.71 -41.52
CA ASP R 83 -87.03 -14.48 -40.88
C ASP R 83 -86.46 -15.47 -41.88
N PHE R 84 -85.20 -15.29 -42.24
CA PHE R 84 -84.55 -16.14 -43.23
C PHE R 84 -83.88 -17.33 -42.56
N ASN R 85 -83.81 -18.44 -43.29
CA ASN R 85 -83.09 -19.61 -42.82
C ASN R 85 -81.60 -19.49 -43.17
N TRP R 86 -80.81 -20.39 -42.60
CA TRP R 86 -79.36 -20.35 -42.77
C TRP R 86 -78.84 -21.77 -42.92
N GLN R 87 -78.03 -22.00 -43.95
CA GLN R 87 -77.29 -23.25 -44.06
C GLN R 87 -76.12 -23.26 -43.08
N ALA R 88 -75.66 -24.46 -42.73
CA ALA R 88 -74.54 -24.57 -41.80
C ALA R 88 -73.24 -24.13 -42.47
N GLN R 89 -73.05 -24.48 -43.73
CA GLN R 89 -71.84 -24.09 -44.44
C GLN R 89 -71.72 -22.58 -44.57
N ALA R 90 -72.85 -21.88 -44.71
CA ALA R 90 -72.82 -20.42 -44.80
C ALA R 90 -72.28 -19.81 -43.50
N LEU R 91 -72.80 -20.28 -42.36
CA LEU R 91 -72.32 -19.78 -41.08
C LEU R 91 -70.85 -20.13 -40.86
N LEU R 92 -70.43 -21.33 -41.28
CA LEU R 92 -69.02 -21.70 -41.14
C LEU R 92 -68.13 -20.80 -41.97
N ALA R 93 -68.52 -20.53 -43.22
CA ALA R 93 -67.72 -19.65 -44.07
C ALA R 93 -67.65 -18.24 -43.50
N LEU R 94 -68.79 -17.73 -43.01
CA LEU R 94 -68.80 -16.39 -42.41
C LEU R 94 -67.87 -16.32 -41.22
N GLN R 95 -67.90 -17.34 -40.36
CA GLN R 95 -67.02 -17.35 -39.18
C GLN R 95 -65.56 -17.42 -39.58
N GLU R 96 -65.23 -18.26 -40.57
CA GLU R 96 -63.85 -18.34 -41.04
C GLU R 96 -63.35 -17.00 -41.54
N ALA R 97 -64.14 -16.34 -42.38
CA ALA R 97 -63.74 -15.04 -42.92
C ALA R 97 -63.57 -14.01 -41.81
N ALA R 98 -64.50 -13.96 -40.86
CA ALA R 98 -64.42 -12.98 -39.79
C ALA R 98 -63.18 -13.20 -38.93
N GLU R 99 -62.88 -14.46 -38.61
CA GLU R 99 -61.72 -14.74 -37.76
C GLU R 99 -60.41 -14.41 -38.48
N ALA R 100 -60.33 -14.73 -39.78
CA ALA R 100 -59.13 -14.37 -40.54
C ALA R 100 -58.94 -12.86 -40.55
N PHE R 101 -60.02 -12.11 -40.80
CA PHE R 101 -59.94 -10.66 -40.81
C PHE R 101 -59.46 -10.13 -39.46
N LEU R 102 -60.01 -10.65 -38.36
CA LEU R 102 -59.63 -10.16 -37.04
C LEU R 102 -58.16 -10.46 -36.73
N VAL R 103 -57.68 -11.65 -37.11
CA VAL R 103 -56.29 -11.99 -36.83
C VAL R 103 -55.35 -11.08 -37.62
N HIS R 104 -55.66 -10.83 -38.90
CA HIS R 104 -54.80 -9.96 -39.69
C HIS R 104 -54.80 -8.54 -39.13
N LEU R 105 -55.97 -8.04 -38.73
CA LEU R 105 -56.04 -6.70 -38.15
C LEU R 105 -55.25 -6.61 -36.86
N PHE R 106 -55.28 -7.66 -36.04
CA PHE R 106 -54.48 -7.67 -34.82
C PHE R 106 -52.99 -7.65 -35.12
N GLU R 107 -52.57 -8.37 -36.17
CA GLU R 107 -51.17 -8.32 -36.57
C GLU R 107 -50.75 -6.90 -36.94
N ASP R 108 -51.55 -6.24 -37.78
CA ASP R 108 -51.21 -4.87 -38.19
C ASP R 108 -51.21 -3.91 -37.00
N ALA R 109 -52.19 -4.04 -36.11
CA ALA R 109 -52.25 -3.17 -34.94
C ALA R 109 -51.07 -3.39 -34.02
N TYR R 110 -50.58 -4.63 -33.90
CA TYR R 110 -49.40 -4.84 -33.06
C TYR R 110 -48.14 -4.32 -33.73
N LEU R 111 -48.08 -4.35 -35.06
CA LEU R 111 -46.99 -3.65 -35.75
C LEU R 111 -46.98 -2.17 -35.37
N LEU R 112 -48.15 -1.54 -35.42
CA LEU R 112 -48.24 -0.13 -35.02
C LEU R 112 -47.88 0.08 -33.56
N THR R 113 -48.29 -0.84 -32.68
CA THR R 113 -47.95 -0.74 -31.27
C THR R 113 -46.44 -0.79 -31.06
N LEU R 114 -45.77 -1.73 -31.71
CA LEU R 114 -44.32 -1.81 -31.59
C LEU R 114 -43.64 -0.59 -32.18
N HIS R 115 -44.21 0.00 -33.23
CA HIS R 115 -43.66 1.25 -33.76
C HIS R 115 -43.78 2.37 -32.74
N ALA R 116 -44.90 2.42 -32.02
CA ALA R 116 -45.10 3.47 -31.03
C ALA R 116 -44.20 3.33 -29.81
N GLY R 117 -43.44 2.25 -29.69
CA GLY R 117 -42.55 2.07 -28.56
C GLY R 117 -43.16 1.42 -27.35
N ARG R 118 -44.18 0.59 -27.54
CA ARG R 118 -44.89 -0.05 -26.44
C ARG R 118 -45.03 -1.54 -26.72
N VAL R 119 -45.41 -2.29 -25.69
CA VAL R 119 -45.69 -3.71 -25.81
C VAL R 119 -47.15 -4.04 -25.51
N THR R 120 -47.96 -3.07 -25.12
CA THR R 120 -49.37 -3.28 -24.82
C THR R 120 -50.22 -2.65 -25.92
N LEU R 121 -51.23 -3.39 -26.37
CA LEU R 121 -52.08 -2.93 -27.45
C LEU R 121 -53.13 -1.96 -26.93
N PHE R 122 -53.40 -0.92 -27.72
CA PHE R 122 -54.38 0.11 -27.42
C PHE R 122 -55.41 0.19 -28.55
N PRO R 123 -56.60 0.72 -28.27
CA PRO R 123 -57.58 0.89 -29.36
C PRO R 123 -57.15 1.90 -30.43
N LYS R 124 -56.32 2.88 -30.06
CA LYS R 124 -55.84 3.85 -31.03
C LYS R 124 -54.99 3.17 -32.10
N ASP R 125 -54.29 2.10 -31.75
CA ASP R 125 -53.52 1.34 -32.74
C ASP R 125 -54.44 0.73 -33.79
N VAL R 126 -55.54 0.12 -33.35
CA VAL R 126 -56.51 -0.46 -34.28
C VAL R 126 -57.12 0.64 -35.14
N GLN R 127 -57.45 1.78 -34.54
CA GLN R 127 -58.05 2.87 -35.30
C GLN R 127 -57.10 3.39 -36.37
N LEU R 128 -55.83 3.61 -36.01
CA LEU R 128 -54.86 4.11 -36.99
C LEU R 128 -54.58 3.07 -38.07
N ALA R 129 -54.57 1.79 -37.70
CA ALA R 129 -54.38 0.74 -38.69
C ALA R 129 -55.52 0.75 -39.71
N ARG R 130 -56.77 0.87 -39.24
CA ARG R 130 -57.90 0.98 -40.16
C ARG R 130 -57.77 2.22 -41.04
N ARG R 131 -57.39 3.35 -40.45
CA ARG R 131 -57.28 4.59 -41.21
C ARG R 131 -56.22 4.49 -42.31
N ILE R 132 -55.10 3.84 -42.01
CA ILE R 132 -54.04 3.72 -43.02
C ILE R 132 -54.40 2.66 -44.06
N ARG R 133 -55.06 1.58 -43.66
CA ARG R 133 -55.51 0.59 -44.64
C ARG R 133 -56.52 1.19 -45.61
N GLY R 134 -57.34 2.13 -45.14
CA GLY R 134 -58.18 2.90 -46.03
C GLY R 134 -59.66 2.60 -45.87
N LEU R 135 -60.41 2.96 -46.91
CA LEU R 135 -61.87 2.88 -46.85
C LEU R 135 -62.39 1.46 -47.01
N GLU R 136 -61.72 0.63 -47.80
CA GLU R 136 -62.18 -0.74 -48.03
C GLU R 136 -61.60 -1.73 -47.04
N GLU R 137 -60.27 -1.83 -46.97
CA GLU R 137 -59.65 -2.78 -46.05
C GLU R 137 -59.66 -2.30 -44.61
N GLY R 138 -60.10 -1.06 -44.35
CA GLY R 138 -60.19 -0.56 -43.00
C GLY R 138 -61.61 -0.34 -42.54
N LEU R 139 -62.57 -0.67 -43.40
CA LEU R 139 -63.98 -0.53 -43.12
C LEU R 139 -64.36 0.90 -42.74
N ASP S 25 -78.80 -9.03 -25.93
CA ASP S 25 -77.39 -8.98 -25.54
C ASP S 25 -76.59 -10.07 -26.23
N ASN S 26 -76.94 -10.34 -27.50
CA ASN S 26 -76.22 -11.37 -28.24
C ASN S 26 -74.78 -10.96 -28.54
N ILE S 27 -74.50 -9.65 -28.56
CA ILE S 27 -73.14 -9.19 -28.79
C ILE S 27 -72.22 -9.59 -27.65
N GLN S 28 -72.76 -9.84 -26.46
CA GLN S 28 -71.96 -10.27 -25.32
C GLN S 28 -71.60 -11.75 -25.38
N GLY S 29 -72.16 -12.50 -26.32
CA GLY S 29 -71.80 -13.90 -26.48
C GLY S 29 -70.36 -14.11 -26.89
N ILE S 30 -69.77 -13.13 -27.59
CA ILE S 30 -68.35 -13.16 -27.92
C ILE S 30 -67.59 -12.82 -26.64
N THR S 31 -67.10 -13.84 -25.95
CA THR S 31 -66.54 -13.64 -24.63
C THR S 31 -65.12 -13.10 -24.69
N LYS S 32 -64.59 -12.76 -23.53
CA LYS S 32 -63.24 -12.23 -23.38
C LYS S 32 -62.18 -13.29 -23.70
N PRO S 33 -62.31 -14.54 -23.24
CA PRO S 33 -61.31 -15.55 -23.61
C PRO S 33 -61.20 -15.80 -25.11
N ALA S 34 -62.30 -15.68 -25.87
CA ALA S 34 -62.22 -15.87 -27.31
C ALA S 34 -61.43 -14.75 -27.97
N ILE S 35 -61.68 -13.50 -27.58
CA ILE S 35 -60.91 -12.38 -28.08
C ILE S 35 -59.44 -12.53 -27.68
N ARG S 36 -59.20 -13.05 -26.48
CA ARG S 36 -57.83 -13.30 -26.04
C ARG S 36 -57.15 -14.32 -26.95
N ARG S 37 -57.86 -15.40 -27.28
CA ARG S 37 -57.29 -16.42 -28.16
C ARG S 37 -57.00 -15.86 -29.55
N LEU S 38 -57.91 -15.04 -30.07
CA LEU S 38 -57.67 -14.42 -31.38
C LEU S 38 -56.45 -13.52 -31.37
N ALA S 39 -56.32 -12.68 -30.32
CA ALA S 39 -55.17 -11.78 -30.24
C ALA S 39 -53.88 -12.56 -30.04
N ARG S 40 -53.94 -13.68 -29.31
CA ARG S 40 -52.74 -14.49 -29.10
C ARG S 40 -52.31 -15.17 -30.39
N ARG S 41 -53.26 -15.68 -31.17
CA ARG S 41 -52.91 -16.23 -32.48
C ARG S 41 -52.34 -15.16 -33.40
N GLY S 42 -52.85 -13.94 -33.29
CA GLY S 42 -52.30 -12.84 -34.06
C GLY S 42 -50.90 -12.42 -33.65
N GLY S 43 -50.41 -12.88 -32.51
CA GLY S 43 -49.09 -12.55 -32.04
C GLY S 43 -49.00 -11.52 -30.94
N VAL S 44 -50.14 -11.09 -30.40
CA VAL S 44 -50.14 -10.07 -29.35
C VAL S 44 -49.74 -10.69 -28.02
N LYS S 45 -48.97 -9.95 -27.23
CA LYS S 45 -48.51 -10.42 -25.93
C LYS S 45 -49.31 -9.86 -24.76
N ARG S 46 -49.63 -8.56 -24.78
CA ARG S 46 -50.38 -7.93 -23.71
C ARG S 46 -51.56 -7.16 -24.31
N ILE S 47 -52.70 -7.19 -23.61
CA ILE S 47 -53.94 -6.60 -24.09
C ILE S 47 -54.52 -5.74 -22.97
N SER S 48 -55.02 -4.56 -23.32
CA SER S 48 -55.67 -3.68 -22.37
C SER S 48 -57.16 -4.00 -22.28
N GLY S 49 -57.79 -3.50 -21.22
CA GLY S 49 -59.18 -3.85 -20.95
C GLY S 49 -60.16 -3.22 -21.92
N LEU S 50 -59.82 -2.05 -22.48
CA LEU S 50 -60.74 -1.33 -23.37
C LEU S 50 -60.76 -1.89 -24.78
N ILE S 51 -60.14 -3.03 -25.04
CA ILE S 51 -60.02 -3.52 -26.40
C ILE S 51 -61.19 -4.41 -26.79
N TYR S 52 -61.85 -5.05 -25.82
CA TYR S 52 -62.88 -6.01 -26.15
C TYR S 52 -64.11 -5.34 -26.77
N GLU S 53 -64.48 -4.16 -26.26
CA GLU S 53 -65.61 -3.44 -26.86
C GLU S 53 -65.28 -2.95 -28.26
N GLU S 54 -64.05 -2.48 -28.47
CA GLU S 54 -63.62 -2.06 -29.81
C GLU S 54 -63.67 -3.23 -30.78
N THR S 55 -63.19 -4.40 -30.35
CA THR S 55 -63.23 -5.59 -31.20
C THR S 55 -64.67 -5.98 -31.51
N ARG S 56 -65.55 -5.91 -30.51
CA ARG S 56 -66.96 -6.22 -30.75
C ARG S 56 -67.56 -5.27 -31.79
N GLY S 57 -67.25 -3.98 -31.69
CA GLY S 57 -67.76 -3.03 -32.67
C GLY S 57 -67.24 -3.27 -34.07
N VAL S 58 -65.95 -3.57 -34.18
CA VAL S 58 -65.36 -3.84 -35.49
C VAL S 58 -65.99 -5.08 -36.12
N LEU S 59 -66.14 -6.14 -35.31
CA LEU S 59 -66.79 -7.36 -35.81
C LEU S 59 -68.22 -7.08 -36.22
N LYS S 60 -68.92 -6.23 -35.47
CA LYS S 60 -70.30 -5.88 -35.82
C LYS S 60 -70.37 -5.18 -37.16
N VAL S 61 -69.47 -4.23 -37.41
CA VAL S 61 -69.46 -3.51 -38.68
C VAL S 61 -69.17 -4.46 -39.83
N PHE S 62 -68.16 -5.32 -39.66
CA PHE S 62 -67.81 -6.29 -40.69
C PHE S 62 -69.00 -7.20 -41.01
N LEU S 63 -69.63 -7.75 -39.97
CA LEU S 63 -70.77 -8.63 -40.16
C LEU S 63 -71.93 -7.90 -40.84
N GLU S 64 -72.16 -6.64 -40.46
CA GLU S 64 -73.24 -5.88 -41.06
C GLU S 64 -73.03 -5.73 -42.57
N ASN S 65 -71.83 -5.33 -42.97
CA ASN S 65 -71.54 -5.16 -44.40
C ASN S 65 -71.72 -6.48 -45.15
N VAL S 66 -71.07 -7.55 -44.66
CA VAL S 66 -71.11 -8.82 -45.38
C VAL S 66 -72.53 -9.38 -45.44
N ILE S 67 -73.28 -9.25 -44.34
CA ILE S 67 -74.62 -9.80 -44.30
C ILE S 67 -75.57 -9.00 -45.18
N ARG S 68 -75.39 -7.68 -45.26
CA ARG S 68 -76.20 -6.89 -46.18
C ARG S 68 -75.97 -7.33 -47.62
N ASP S 69 -74.71 -7.50 -48.00
CA ASP S 69 -74.42 -7.95 -49.37
C ASP S 69 -75.00 -9.35 -49.61
N ALA S 70 -74.85 -10.26 -48.64
CA ALA S 70 -75.33 -11.62 -48.82
C ALA S 70 -76.86 -11.67 -48.90
N VAL S 71 -77.55 -10.84 -48.12
CA VAL S 71 -79.01 -10.82 -48.16
C VAL S 71 -79.49 -10.23 -49.47
N THR S 72 -78.79 -9.22 -50.01
CA THR S 72 -79.12 -8.71 -51.33
C THR S 72 -78.98 -9.81 -52.38
N TYR S 73 -77.86 -10.53 -52.35
CA TYR S 73 -77.66 -11.63 -53.30
C TYR S 73 -78.73 -12.70 -53.15
N THR S 74 -79.16 -12.96 -51.91
CA THR S 74 -80.16 -14.01 -51.67
C THR S 74 -81.53 -13.60 -52.18
N GLU S 75 -81.95 -12.36 -51.89
CA GLU S 75 -83.28 -11.94 -52.28
C GLU S 75 -83.36 -11.48 -53.73
N HIS S 76 -82.23 -11.31 -54.42
CA HIS S 76 -82.30 -11.13 -55.87
C HIS S 76 -82.95 -12.34 -56.52
N ALA S 77 -82.51 -13.54 -56.16
CA ALA S 77 -83.25 -14.74 -56.48
C ALA S 77 -84.45 -14.85 -55.54
N LYS S 78 -85.44 -15.63 -55.96
CA LYS S 78 -86.67 -15.78 -55.19
C LYS S 78 -86.52 -16.93 -54.19
N ARG S 79 -85.63 -16.70 -53.22
CA ARG S 79 -85.35 -17.66 -52.17
C ARG S 79 -85.55 -17.02 -50.81
N LYS S 80 -85.54 -17.88 -49.77
CA LYS S 80 -85.66 -17.43 -48.39
C LYS S 80 -84.59 -18.07 -47.50
N THR S 81 -83.58 -18.72 -48.07
CA THR S 81 -82.52 -19.37 -47.32
C THR S 81 -81.18 -18.85 -47.80
N VAL S 82 -80.34 -18.42 -46.87
CA VAL S 82 -79.00 -17.95 -47.20
C VAL S 82 -78.11 -19.16 -47.45
N THR S 83 -77.38 -19.13 -48.57
CA THR S 83 -76.52 -20.24 -48.96
C THR S 83 -75.05 -19.82 -48.84
N ALA S 84 -74.16 -20.80 -48.98
CA ALA S 84 -72.73 -20.52 -48.88
C ALA S 84 -72.23 -19.73 -50.08
N MET S 85 -72.78 -19.99 -51.27
CA MET S 85 -72.35 -19.25 -52.45
C MET S 85 -72.71 -17.78 -52.36
N ASP S 86 -73.81 -17.45 -51.69
CA ASP S 86 -74.15 -16.04 -51.46
C ASP S 86 -73.08 -15.36 -50.64
N VAL S 87 -72.63 -16.00 -49.56
CA VAL S 87 -71.58 -15.44 -48.72
C VAL S 87 -70.28 -15.32 -49.50
N VAL S 88 -69.98 -16.32 -50.34
CA VAL S 88 -68.74 -16.28 -51.13
C VAL S 88 -68.77 -15.12 -52.11
N TYR S 89 -69.89 -14.93 -52.80
CA TYR S 89 -70.01 -13.82 -53.74
C TYR S 89 -69.95 -12.47 -53.02
N ALA S 90 -70.60 -12.37 -51.85
CA ALA S 90 -70.56 -11.13 -51.09
C ALA S 90 -69.14 -10.79 -50.65
N LEU S 91 -68.37 -11.80 -50.26
CA LEU S 91 -66.98 -11.57 -49.88
C LEU S 91 -66.15 -11.18 -51.09
N LYS S 92 -66.37 -11.84 -52.24
CA LYS S 92 -65.59 -11.55 -53.43
C LYS S 92 -65.85 -10.13 -53.93
N ARG S 93 -67.10 -9.67 -53.85
CA ARG S 93 -67.43 -8.32 -54.31
C ARG S 93 -66.76 -7.21 -53.50
N GLN S 94 -66.13 -7.55 -52.37
CA GLN S 94 -65.46 -6.56 -51.53
C GLN S 94 -63.94 -6.70 -51.56
N GLY S 95 -63.41 -7.55 -52.43
CA GLY S 95 -61.97 -7.72 -52.53
C GLY S 95 -61.39 -8.78 -51.63
N ARG S 96 -62.17 -9.78 -51.24
CA ARG S 96 -61.71 -10.88 -50.40
C ARG S 96 -62.19 -12.19 -51.01
N THR S 97 -61.26 -13.10 -51.29
CA THR S 97 -61.58 -14.38 -51.92
C THR S 97 -61.44 -15.50 -50.91
N LEU S 98 -62.42 -16.40 -50.88
CA LEU S 98 -62.42 -17.56 -49.99
C LEU S 98 -62.39 -18.81 -50.85
N TYR S 99 -61.55 -19.77 -50.47
CA TYR S 99 -61.31 -20.96 -51.29
C TYR S 99 -61.96 -22.22 -50.76
N GLY S 100 -62.16 -22.35 -49.45
CA GLY S 100 -62.55 -23.62 -48.88
C GLY S 100 -63.97 -24.06 -49.18
N PHE S 101 -64.85 -23.15 -49.54
CA PHE S 101 -66.29 -23.45 -49.66
C PHE S 101 -66.79 -23.29 -51.08
N GLY S 102 -65.89 -23.29 -52.07
CA GLY S 102 -66.29 -23.11 -53.45
C GLY S 102 -67.22 -24.18 -53.98
N ALA T 15 -89.42 9.68 -84.94
CA ALA T 15 -90.34 10.80 -84.84
C ALA T 15 -90.51 11.24 -83.40
N LYS T 16 -89.94 10.47 -82.48
CA LYS T 16 -90.02 10.78 -81.05
C LYS T 16 -88.89 10.06 -80.34
N SER T 17 -88.03 10.82 -79.67
CA SER T 17 -86.88 10.25 -78.98
C SER T 17 -87.32 9.46 -77.76
N ARG T 18 -86.56 8.40 -77.46
CA ARG T 18 -86.85 7.60 -76.27
C ARG T 18 -86.42 8.32 -74.98
N SER T 19 -85.36 9.13 -75.05
CA SER T 19 -84.96 9.90 -73.88
C SER T 19 -86.00 10.96 -73.52
N SER T 20 -86.72 11.48 -74.51
CA SER T 20 -87.82 12.39 -74.23
C SER T 20 -89.05 11.63 -73.75
N ARG T 21 -89.23 10.39 -74.21
CA ARG T 21 -90.28 9.54 -73.68
C ARG T 21 -90.07 9.29 -72.19
N ALA T 22 -88.83 9.02 -71.79
CA ALA T 22 -88.52 8.80 -70.38
C ALA T 22 -88.34 10.10 -69.60
N GLY T 23 -88.37 11.25 -70.28
CA GLY T 23 -88.19 12.52 -69.61
C GLY T 23 -86.78 12.71 -69.08
N LEU T 24 -85.78 12.46 -69.92
CA LEU T 24 -84.39 12.53 -69.53
C LEU T 24 -83.61 13.41 -70.53
N GLN T 25 -82.35 13.66 -70.19
CA GLN T 25 -81.43 14.36 -71.07
C GLN T 25 -80.37 13.46 -71.66
N PHE T 26 -80.00 12.39 -70.98
CA PHE T 26 -79.00 11.46 -71.48
C PHE T 26 -79.60 10.59 -72.59
N PRO T 27 -78.76 10.12 -73.52
CA PRO T 27 -79.28 9.33 -74.64
C PRO T 27 -79.59 7.90 -74.24
N VAL T 28 -80.71 7.38 -74.75
CA VAL T 28 -81.11 6.01 -74.46
C VAL T 28 -80.64 5.04 -75.54
N GLY T 29 -80.77 5.43 -76.81
CA GLY T 29 -80.35 4.55 -77.89
C GLY T 29 -78.85 4.28 -77.86
N ARG T 30 -78.06 5.30 -77.51
CA ARG T 30 -76.61 5.10 -77.44
C ARG T 30 -76.25 4.14 -76.33
N VAL T 31 -76.90 4.25 -75.17
CA VAL T 31 -76.63 3.33 -74.06
C VAL T 31 -77.06 1.92 -74.43
N HIS T 32 -78.20 1.78 -75.13
CA HIS T 32 -78.64 0.46 -75.58
C HIS T 32 -77.63 -0.16 -76.54
N ARG T 33 -77.12 0.64 -77.48
CA ARG T 33 -76.14 0.11 -78.44
C ARG T 33 -74.84 -0.27 -77.73
N LEU T 34 -74.39 0.56 -76.78
CA LEU T 34 -73.17 0.24 -76.05
C LEU T 34 -73.33 -1.02 -75.20
N LEU T 35 -74.54 -1.25 -74.67
CA LEU T 35 -74.78 -2.49 -73.94
C LEU T 35 -74.81 -3.68 -74.88
N ARG T 36 -75.38 -3.51 -76.07
CA ARG T 36 -75.47 -4.62 -77.01
C ARG T 36 -74.10 -5.00 -77.57
N LYS T 37 -73.20 -4.04 -77.75
CA LYS T 37 -71.90 -4.30 -78.36
C LYS T 37 -70.78 -4.51 -77.36
N GLY T 38 -71.09 -4.60 -76.07
CA GLY T 38 -70.08 -4.81 -75.06
C GLY T 38 -69.91 -6.24 -74.59
N ASN T 39 -70.55 -7.20 -75.27
CA ASN T 39 -70.60 -8.61 -74.89
C ASN T 39 -70.72 -8.79 -73.38
N TYR T 40 -71.81 -8.24 -72.84
CA TYR T 40 -72.17 -8.46 -71.44
C TYR T 40 -73.10 -9.65 -71.27
N ALA T 41 -73.97 -9.89 -72.25
CA ALA T 41 -74.84 -11.05 -72.28
C ALA T 41 -75.37 -11.16 -73.70
N GLU T 42 -76.02 -12.29 -74.00
CA GLU T 42 -76.52 -12.49 -75.34
C GLU T 42 -77.80 -11.73 -75.62
N ARG T 43 -78.52 -11.28 -74.59
CA ARG T 43 -79.76 -10.55 -74.77
C ARG T 43 -79.77 -9.34 -73.84
N VAL T 44 -80.50 -8.30 -74.25
CA VAL T 44 -80.64 -7.07 -73.48
C VAL T 44 -82.12 -6.70 -73.44
N GLY T 45 -82.62 -6.36 -72.27
CA GLY T 45 -84.00 -5.99 -72.10
C GLY T 45 -84.31 -4.62 -72.68
N ALA T 46 -85.50 -4.12 -72.33
CA ALA T 46 -85.96 -2.83 -72.84
C ALA T 46 -85.86 -1.71 -71.81
N GLY T 47 -85.91 -2.04 -70.52
CA GLY T 47 -85.89 -1.02 -69.48
C GLY T 47 -84.52 -0.80 -68.88
N ALA T 48 -83.58 -1.70 -69.18
CA ALA T 48 -82.23 -1.56 -68.65
C ALA T 48 -81.52 -0.30 -69.13
N PRO T 49 -81.55 0.07 -70.42
CA PRO T 49 -80.92 1.34 -70.80
C PRO T 49 -81.60 2.55 -70.18
N VAL T 50 -82.91 2.53 -70.02
CA VAL T 50 -83.62 3.65 -69.40
C VAL T 50 -83.17 3.80 -67.94
N TYR T 51 -83.14 2.69 -67.21
CA TYR T 51 -82.67 2.71 -65.82
C TYR T 51 -81.25 3.23 -65.72
N LEU T 52 -80.37 2.73 -66.58
CA LEU T 52 -78.96 3.12 -66.52
C LEU T 52 -78.79 4.60 -66.85
N ALA T 53 -79.49 5.09 -67.88
CA ALA T 53 -79.39 6.49 -68.24
C ALA T 53 -79.92 7.39 -67.13
N ALA T 54 -81.01 6.99 -66.48
CA ALA T 54 -81.55 7.76 -65.37
C ALA T 54 -80.54 7.84 -64.23
N VAL T 55 -79.92 6.72 -63.88
CA VAL T 55 -78.94 6.73 -62.80
C VAL T 55 -77.74 7.61 -63.15
N LEU T 56 -77.26 7.51 -64.39
CA LEU T 56 -76.12 8.31 -64.82
C LEU T 56 -76.44 9.80 -64.78
N GLU T 57 -77.62 10.18 -65.27
CA GLU T 57 -78.01 11.59 -65.25
C GLU T 57 -78.15 12.10 -63.82
N TYR T 58 -78.71 11.28 -62.93
CA TYR T 58 -78.84 11.71 -61.54
C TYR T 58 -77.47 11.96 -60.92
N LEU T 59 -76.53 11.03 -61.12
CA LEU T 59 -75.19 11.23 -60.56
C LEU T 59 -74.50 12.46 -61.14
N THR T 60 -74.66 12.66 -62.46
CA THR T 60 -74.05 13.82 -63.10
C THR T 60 -74.60 15.13 -62.51
N ALA T 61 -75.93 15.22 -62.37
CA ALA T 61 -76.52 16.42 -61.80
C ALA T 61 -76.08 16.63 -60.36
N GLU T 62 -76.00 15.54 -59.58
CA GLU T 62 -75.57 15.67 -58.19
C GLU T 62 -74.16 16.22 -58.09
N ILE T 63 -73.25 15.76 -58.96
CA ILE T 63 -71.89 16.27 -58.92
C ILE T 63 -71.84 17.71 -59.40
N LEU T 64 -72.57 18.03 -60.47
CA LEU T 64 -72.47 19.35 -61.07
C LEU T 64 -73.05 20.43 -60.15
N GLU T 65 -74.09 20.11 -59.37
CA GLU T 65 -74.63 21.11 -58.46
C GLU T 65 -73.61 21.53 -57.42
N LEU T 66 -72.95 20.55 -56.79
CA LEU T 66 -71.93 20.89 -55.80
C LEU T 66 -70.72 21.56 -56.43
N ALA T 67 -70.37 21.18 -57.66
CA ALA T 67 -69.27 21.86 -58.35
C ALA T 67 -69.61 23.33 -58.60
N GLY T 68 -70.84 23.60 -59.03
CA GLY T 68 -71.25 24.98 -59.25
C GLY T 68 -71.29 25.78 -57.95
N ASN T 69 -71.73 25.14 -56.86
CA ASN T 69 -71.70 25.82 -55.57
C ASN T 69 -70.28 26.17 -55.15
N ALA T 70 -69.35 25.22 -55.31
CA ALA T 70 -67.97 25.47 -54.95
C ALA T 70 -67.35 26.55 -55.83
N ALA T 71 -67.75 26.62 -57.10
CA ALA T 71 -67.26 27.68 -57.97
C ALA T 71 -67.82 29.03 -57.56
N ARG T 72 -69.10 29.07 -57.19
CA ARG T 72 -69.71 30.34 -56.79
C ARG T 72 -69.14 30.84 -55.46
N ASP T 73 -68.77 29.94 -54.55
CA ASP T 73 -68.20 30.36 -53.28
C ASP T 73 -66.80 30.95 -53.42
N ASN T 74 -66.27 31.08 -54.63
CA ASN T 74 -64.96 31.67 -54.85
C ASN T 74 -65.01 32.82 -55.85
N LYS T 75 -66.20 33.38 -56.09
CA LYS T 75 -66.39 34.49 -57.03
C LYS T 75 -65.92 34.13 -58.43
N LYS T 76 -66.20 32.90 -58.85
CA LYS T 76 -65.89 32.44 -60.19
C LYS T 76 -67.18 32.12 -60.94
N THR T 77 -67.09 32.17 -62.27
CA THR T 77 -68.23 31.85 -63.13
C THR T 77 -67.95 30.70 -64.07
N ARG T 78 -66.85 29.97 -63.88
CA ARG T 78 -66.49 28.85 -64.73
C ARG T 78 -65.88 27.75 -63.89
N ILE T 79 -66.32 26.52 -64.11
CA ILE T 79 -65.88 25.38 -63.31
C ILE T 79 -64.56 24.85 -63.86
N ILE T 80 -63.62 24.58 -62.96
CA ILE T 80 -62.33 24.01 -63.31
C ILE T 80 -62.16 22.72 -62.52
N PRO T 81 -61.16 21.87 -62.83
CA PRO T 81 -61.00 20.62 -62.08
C PRO T 81 -60.87 20.79 -60.58
N ARG T 82 -60.36 21.93 -60.12
CA ARG T 82 -60.26 22.17 -58.67
C ARG T 82 -61.63 22.14 -58.01
N HIS T 83 -62.62 22.73 -58.67
CA HIS T 83 -63.97 22.73 -58.10
C HIS T 83 -64.56 21.33 -58.05
N LEU T 84 -64.32 20.52 -59.08
CA LEU T 84 -64.77 19.13 -59.06
C LEU T 84 -64.11 18.36 -57.93
N GLN T 85 -62.81 18.55 -57.73
CA GLN T 85 -62.10 17.89 -56.64
C GLN T 85 -62.68 18.28 -55.29
N LEU T 86 -62.92 19.59 -55.10
CA LEU T 86 -63.50 20.04 -53.84
C LEU T 86 -64.88 19.44 -53.60
N ALA T 87 -65.73 19.46 -54.63
CA ALA T 87 -67.09 18.94 -54.50
C ALA T 87 -67.08 17.45 -54.19
N ILE T 88 -66.15 16.70 -54.79
CA ILE T 88 -66.14 15.25 -54.59
C ILE T 88 -65.57 14.92 -53.22
N ARG T 89 -64.52 15.60 -52.79
CA ARG T 89 -63.89 15.27 -51.52
C ARG T 89 -64.61 15.85 -50.31
N ASN T 90 -65.51 16.83 -50.50
CA ASN T 90 -66.27 17.39 -49.40
C ASN T 90 -67.61 16.69 -49.21
N ASP T 91 -67.84 15.56 -49.87
CA ASP T 91 -69.05 14.77 -49.72
C ASP T 91 -68.68 13.38 -49.23
N GLU T 92 -69.53 12.81 -48.38
CA GLU T 92 -69.21 11.51 -47.77
C GLU T 92 -69.39 10.38 -48.77
N GLU T 93 -70.60 10.24 -49.33
CA GLU T 93 -70.90 9.13 -50.22
C GLU T 93 -70.18 9.26 -51.55
N LEU T 94 -69.99 10.49 -52.03
CA LEU T 94 -69.25 10.69 -53.27
C LEU T 94 -67.77 10.32 -53.09
N ASN T 95 -67.18 10.70 -51.95
CA ASN T 95 -65.82 10.30 -51.66
C ASN T 95 -65.71 8.79 -51.48
N LYS T 96 -66.74 8.16 -50.94
CA LYS T 96 -66.73 6.70 -50.81
C LYS T 96 -66.80 6.01 -52.17
N LEU T 97 -67.60 6.57 -53.08
CA LEU T 97 -67.75 5.94 -54.41
C LEU T 97 -66.47 6.06 -55.21
N LEU T 98 -65.87 7.25 -55.25
CA LEU T 98 -64.64 7.49 -56.01
C LEU T 98 -63.42 7.43 -55.08
N GLY T 99 -63.19 6.24 -54.52
CA GLY T 99 -62.12 6.08 -53.55
C GLY T 99 -60.75 5.81 -54.14
N ARG T 100 -60.69 5.27 -55.36
CA ARG T 100 -59.44 4.94 -56.03
C ARG T 100 -59.31 5.69 -57.35
N VAL T 101 -59.68 6.96 -57.35
CA VAL T 101 -59.65 7.80 -58.54
C VAL T 101 -58.78 9.02 -58.27
N THR T 102 -57.98 9.40 -59.26
CA THR T 102 -57.12 10.57 -59.19
C THR T 102 -57.58 11.61 -60.20
N ILE T 103 -57.83 12.83 -59.73
CA ILE T 103 -58.22 13.93 -60.59
C ILE T 103 -56.98 14.70 -61.02
N ALA T 104 -56.86 14.94 -62.32
CA ALA T 104 -55.70 15.66 -62.84
C ALA T 104 -55.86 17.16 -62.61
N GLN T 105 -54.80 17.79 -62.10
CA GLN T 105 -54.78 19.22 -61.80
C GLN T 105 -55.88 19.59 -60.80
N GLY T 106 -56.13 18.69 -59.85
CA GLY T 106 -57.16 18.90 -58.86
C GLY T 106 -56.64 19.37 -57.51
N GLY T 107 -55.41 18.98 -57.19
CA GLY T 107 -54.82 19.38 -55.93
C GLY T 107 -55.33 18.53 -54.77
N VAL T 108 -55.11 19.06 -53.56
CA VAL T 108 -55.53 18.40 -52.34
C VAL T 108 -56.43 19.34 -51.55
N LEU T 109 -57.00 18.81 -50.46
CA LEU T 109 -57.82 19.60 -49.55
C LEU T 109 -56.96 20.20 -48.45
N PRO T 110 -57.18 21.44 -48.06
CA PRO T 110 -56.38 22.03 -46.98
C PRO T 110 -56.59 21.31 -45.65
N ASN T 111 -55.56 20.64 -45.15
CA ASN T 111 -55.64 19.87 -43.91
C ASN T 111 -54.44 20.25 -43.05
N ILE T 112 -54.62 21.27 -42.20
CA ILE T 112 -53.60 21.78 -41.27
C ILE T 112 -52.20 21.81 -41.88
N ARG U 34 -64.17 9.84 -86.49
CA ARG U 34 -65.11 10.65 -85.71
C ARG U 34 -65.22 10.12 -84.29
N LYS U 35 -65.10 11.00 -83.31
CA LYS U 35 -65.13 10.62 -81.91
C LYS U 35 -66.52 10.85 -81.30
N GLU U 36 -66.70 10.33 -80.09
CA GLU U 36 -67.96 10.45 -79.37
C GLU U 36 -67.69 10.74 -77.90
N SER U 37 -68.52 11.59 -77.31
CA SER U 37 -68.42 11.92 -75.90
C SER U 37 -69.81 12.29 -75.38
N TYR U 38 -69.87 12.69 -74.12
CA TYR U 38 -71.12 13.08 -73.46
C TYR U 38 -71.20 14.59 -73.21
N SER U 39 -70.56 15.40 -74.05
CA SER U 39 -70.43 16.82 -73.76
C SER U 39 -71.77 17.54 -73.82
N VAL U 40 -72.58 17.24 -74.83
CA VAL U 40 -73.84 17.98 -75.01
C VAL U 40 -74.78 17.73 -73.84
N TYR U 41 -74.84 16.49 -73.35
CA TYR U 41 -75.78 16.17 -72.27
C TYR U 41 -75.28 16.74 -70.94
N VAL U 42 -73.98 16.72 -70.70
CA VAL U 42 -73.44 17.35 -69.50
C VAL U 42 -73.71 18.85 -69.53
N TYR U 43 -73.57 19.48 -70.69
CA TYR U 43 -73.86 20.90 -70.80
C TYR U 43 -75.35 21.18 -70.59
N LYS U 44 -76.21 20.29 -71.08
CA LYS U 44 -77.65 20.46 -70.86
C LYS U 44 -77.99 20.40 -69.37
N VAL U 45 -77.48 19.38 -68.67
CA VAL U 45 -77.81 19.28 -67.25
C VAL U 45 -77.15 20.40 -66.46
N LEU U 46 -76.01 20.93 -66.93
CA LEU U 46 -75.41 22.06 -66.25
C LEU U 46 -76.24 23.33 -66.41
N LYS U 47 -76.74 23.57 -67.62
CA LYS U 47 -77.65 24.70 -67.83
C LYS U 47 -78.95 24.50 -67.05
N GLN U 48 -79.31 23.26 -66.76
CA GLN U 48 -80.48 23.00 -65.93
C GLN U 48 -80.21 23.34 -64.46
N VAL U 49 -79.04 22.96 -63.96
CA VAL U 49 -78.76 23.18 -62.53
C VAL U 49 -78.16 24.56 -62.26
N HIS U 50 -77.47 25.17 -63.23
CA HIS U 50 -76.86 26.48 -63.05
C HIS U 50 -76.96 27.24 -64.37
N PRO U 51 -77.87 28.22 -64.47
CA PRO U 51 -78.09 28.90 -65.76
C PRO U 51 -76.94 29.81 -66.17
N ASP U 52 -76.16 30.32 -65.22
CA ASP U 52 -75.15 31.33 -65.51
C ASP U 52 -73.76 30.85 -65.11
N THR U 53 -73.41 29.62 -65.46
CA THR U 53 -72.10 29.07 -65.14
C THR U 53 -71.58 28.27 -66.33
N GLY U 54 -70.29 28.46 -66.64
CA GLY U 54 -69.65 27.74 -67.72
C GLY U 54 -68.75 26.63 -67.20
N ILE U 55 -68.01 26.03 -68.13
CA ILE U 55 -67.14 24.90 -67.81
C ILE U 55 -65.97 24.90 -68.79
N SER U 56 -64.84 24.36 -68.33
CA SER U 56 -63.63 24.28 -69.15
C SER U 56 -63.66 22.99 -69.97
N SER U 57 -62.53 22.67 -70.61
CA SER U 57 -62.42 21.45 -71.41
C SER U 57 -61.88 20.28 -70.60
N LYS U 58 -60.93 20.54 -69.69
CA LYS U 58 -60.41 19.48 -68.84
C LYS U 58 -61.49 18.95 -67.91
N ALA U 59 -62.35 19.84 -67.40
CA ALA U 59 -63.47 19.39 -66.57
C ALA U 59 -64.42 18.52 -67.38
N MET U 60 -64.66 18.88 -68.64
CA MET U 60 -65.52 18.06 -69.48
C MET U 60 -64.92 16.68 -69.75
N GLY U 61 -63.60 16.63 -69.95
CA GLY U 61 -62.94 15.33 -70.09
C GLY U 61 -63.05 14.49 -68.83
N ILE U 62 -62.90 15.12 -67.68
CA ILE U 62 -63.04 14.40 -66.40
C ILE U 62 -64.45 13.85 -66.25
N MET U 63 -65.45 14.65 -66.64
CA MET U 63 -66.84 14.18 -66.56
C MET U 63 -67.08 13.00 -67.50
N ASN U 64 -66.52 13.06 -68.71
CA ASN U 64 -66.64 11.94 -69.64
C ASN U 64 -66.03 10.67 -69.05
N SER U 65 -64.84 10.80 -68.45
CA SER U 65 -64.20 9.65 -67.82
C SER U 65 -65.05 9.08 -66.70
N PHE U 66 -65.65 9.97 -65.89
CA PHE U 66 -66.50 9.51 -64.79
C PHE U 66 -67.70 8.72 -65.30
N VAL U 67 -68.37 9.26 -66.33
CA VAL U 67 -69.53 8.57 -66.90
C VAL U 67 -69.14 7.20 -67.44
N ASN U 68 -68.02 7.13 -68.17
CA ASN U 68 -67.59 5.84 -68.72
C ASN U 68 -67.26 4.83 -67.63
N ASP U 69 -66.58 5.29 -66.57
CA ASP U 69 -66.24 4.40 -65.47
C ASP U 69 -67.48 3.82 -64.80
N ILE U 70 -68.45 4.67 -64.49
CA ILE U 70 -69.66 4.19 -63.80
C ILE U 70 -70.43 3.24 -64.71
N PHE U 71 -70.52 3.57 -66.01
CA PHE U 71 -71.17 2.67 -66.96
C PHE U 71 -70.54 1.29 -66.93
N GLU U 72 -69.21 1.24 -67.01
CA GLU U 72 -68.52 -0.06 -67.04
C GLU U 72 -68.78 -0.84 -65.76
N ARG U 73 -68.68 -0.18 -64.61
CA ARG U 73 -68.92 -0.87 -63.33
C ARG U 73 -70.30 -1.50 -63.31
N ILE U 74 -71.34 -0.71 -63.58
CA ILE U 74 -72.71 -1.21 -63.46
C ILE U 74 -72.95 -2.33 -64.47
N ALA U 75 -72.46 -2.17 -65.70
CA ALA U 75 -72.70 -3.19 -66.72
C ALA U 75 -72.03 -4.50 -66.37
N GLY U 76 -70.78 -4.45 -65.88
CA GLY U 76 -70.11 -5.68 -65.50
C GLY U 76 -70.78 -6.38 -64.33
N GLU U 77 -71.22 -5.61 -63.33
CA GLU U 77 -71.91 -6.23 -62.21
C GLU U 77 -73.21 -6.89 -62.66
N ALA U 78 -73.98 -6.21 -63.52
CA ALA U 78 -75.23 -6.80 -64.00
C ALA U 78 -74.96 -8.07 -64.82
N SER U 79 -73.87 -8.06 -65.60
CA SER U 79 -73.54 -9.24 -66.41
C SER U 79 -73.23 -10.44 -65.51
N ARG U 80 -72.38 -10.24 -64.49
CA ARG U 80 -72.05 -11.38 -63.63
C ARG U 80 -73.25 -11.81 -62.79
N LEU U 81 -74.14 -10.88 -62.43
CA LEU U 81 -75.37 -11.25 -61.75
C LEU U 81 -76.23 -12.15 -62.63
N ALA U 82 -76.40 -11.76 -63.90
CA ALA U 82 -77.16 -12.60 -64.81
C ALA U 82 -76.51 -13.96 -65.02
N HIS U 83 -75.18 -14.01 -64.97
CA HIS U 83 -74.50 -15.29 -65.17
C HIS U 83 -74.65 -16.19 -63.94
N TYR U 84 -74.71 -15.62 -62.74
CA TYR U 84 -74.80 -16.44 -61.54
C TYR U 84 -76.09 -17.25 -61.50
N ASN U 85 -77.20 -16.66 -61.93
CA ASN U 85 -78.51 -17.28 -61.81
C ASN U 85 -78.92 -18.03 -63.08
N LYS U 86 -77.99 -18.28 -64.00
CA LYS U 86 -78.26 -19.06 -65.21
C LYS U 86 -79.32 -18.39 -66.08
N ARG U 87 -79.10 -17.11 -66.38
CA ARG U 87 -79.98 -16.35 -67.25
C ARG U 87 -79.19 -15.78 -68.42
N SER U 88 -79.90 -15.56 -69.53
CA SER U 88 -79.29 -15.04 -70.74
C SER U 88 -79.79 -13.65 -71.11
N THR U 89 -80.48 -12.96 -70.21
CA THR U 89 -81.02 -11.64 -70.47
C THR U 89 -80.66 -10.71 -69.32
N ILE U 90 -80.42 -9.44 -69.67
CA ILE U 90 -80.17 -8.39 -68.70
C ILE U 90 -81.38 -7.46 -68.70
N THR U 91 -82.05 -7.37 -67.55
CA THR U 91 -83.26 -6.59 -67.39
C THR U 91 -83.03 -5.48 -66.37
N SER U 92 -84.07 -4.67 -66.16
CA SER U 92 -83.99 -3.58 -65.19
C SER U 92 -83.83 -4.10 -63.76
N ARG U 93 -84.24 -5.34 -63.50
CA ARG U 93 -84.06 -5.92 -62.18
C ARG U 93 -82.58 -6.13 -61.86
N GLU U 94 -81.82 -6.63 -62.84
CA GLU U 94 -80.39 -6.78 -62.65
C GLU U 94 -79.71 -5.42 -62.45
N ILE U 95 -80.16 -4.40 -63.20
CA ILE U 95 -79.61 -3.07 -63.04
C ILE U 95 -79.89 -2.53 -61.65
N GLN U 96 -81.12 -2.75 -61.15
CA GLN U 96 -81.47 -2.28 -59.82
C GLN U 96 -80.65 -2.98 -58.75
N THR U 97 -80.47 -4.30 -58.88
CA THR U 97 -79.67 -5.03 -57.90
C THR U 97 -78.22 -4.58 -57.94
N ALA U 98 -77.68 -4.34 -59.13
CA ALA U 98 -76.32 -3.86 -59.25
C ALA U 98 -76.15 -2.47 -58.63
N VAL U 99 -77.15 -1.60 -58.83
CA VAL U 99 -77.11 -0.27 -58.21
C VAL U 99 -77.13 -0.39 -56.70
N ARG U 100 -78.00 -1.26 -56.17
CA ARG U 100 -78.05 -1.46 -54.73
C ARG U 100 -76.73 -2.03 -54.19
N LEU U 101 -76.05 -2.86 -54.98
CA LEU U 101 -74.79 -3.44 -54.53
C LEU U 101 -73.63 -2.46 -54.63
N LEU U 102 -73.67 -1.51 -55.56
CA LEU U 102 -72.53 -0.65 -55.87
C LEU U 102 -72.58 0.69 -55.16
N LEU U 103 -73.76 1.31 -55.01
CA LEU U 103 -73.73 2.65 -54.46
C LEU U 103 -73.99 2.65 -52.96
N PRO U 104 -73.44 3.61 -52.23
CA PRO U 104 -73.75 3.74 -50.80
C PRO U 104 -75.22 4.06 -50.54
N GLY U 105 -75.61 4.10 -49.27
CA GLY U 105 -77.01 4.09 -48.87
C GLY U 105 -77.96 5.08 -49.51
N GLU U 106 -77.80 6.37 -49.19
CA GLU U 106 -78.75 7.36 -49.67
C GLU U 106 -78.64 7.57 -51.18
N LEU U 107 -77.41 7.51 -51.70
CA LEU U 107 -77.22 7.56 -53.15
C LEU U 107 -77.97 6.42 -53.82
N ALA U 108 -77.87 5.20 -53.27
CA ALA U 108 -78.57 4.07 -53.86
C ALA U 108 -80.08 4.24 -53.78
N LYS U 109 -80.58 4.74 -52.64
CA LYS U 109 -82.02 4.94 -52.51
C LYS U 109 -82.54 5.93 -53.53
N HIS U 110 -81.88 7.08 -53.64
CA HIS U 110 -82.34 8.10 -54.58
C HIS U 110 -82.17 7.65 -56.03
N ALA U 111 -81.12 6.90 -56.34
CA ALA U 111 -80.94 6.41 -57.70
C ALA U 111 -81.99 5.37 -58.06
N VAL U 112 -82.35 4.51 -57.11
CA VAL U 112 -83.42 3.55 -57.33
C VAL U 112 -84.74 4.26 -57.56
N SER U 113 -85.01 5.31 -56.78
CA SER U 113 -86.23 6.08 -56.96
C SER U 113 -86.26 6.73 -58.35
N GLU U 114 -85.15 7.33 -58.77
CA GLU U 114 -85.09 7.98 -60.07
C GLU U 114 -85.30 6.97 -61.20
N GLY U 115 -84.64 5.82 -61.11
CA GLY U 115 -84.78 4.81 -62.15
C GLY U 115 -86.20 4.26 -62.23
N THR U 116 -86.81 4.00 -61.07
CA THR U 116 -88.19 3.52 -61.05
C THR U 116 -89.14 4.54 -61.66
N LYS U 117 -88.96 5.81 -61.30
CA LYS U 117 -89.82 6.86 -61.87
C LYS U 117 -89.63 6.96 -63.37
N ALA U 118 -88.39 6.86 -63.85
CA ALA U 118 -88.13 6.93 -65.28
C ALA U 118 -88.76 5.77 -66.03
N VAL U 119 -88.64 4.55 -65.49
CA VAL U 119 -89.23 3.39 -66.15
C VAL U 119 -90.75 3.48 -66.14
N THR U 120 -91.33 3.96 -65.04
CA THR U 120 -92.78 4.11 -64.98
C THR U 120 -93.27 5.14 -65.99
N LYS U 121 -92.53 6.24 -66.14
CA LYS U 121 -92.92 7.26 -67.12
C LYS U 121 -92.76 6.75 -68.54
N TYR U 122 -91.72 5.96 -68.80
CA TYR U 122 -91.49 5.44 -70.15
C TYR U 122 -92.50 4.37 -70.52
N THR U 123 -92.97 3.60 -69.54
CA THR U 123 -93.91 2.52 -69.86
C THR U 123 -95.27 3.05 -70.28
N SER U 124 -95.71 4.14 -69.66
CA SER U 124 -97.03 4.71 -69.95
C SER U 124 -96.98 5.65 -71.15
N SER U 125 -96.59 5.08 -72.28
CA SER U 125 -96.49 5.84 -73.53
C SER U 125 -96.74 4.95 -74.74
N GLY V 46 -42.54 30.95 -41.55
CA GLY V 46 -42.03 30.72 -42.89
C GLY V 46 -42.58 29.44 -43.51
N TRP V 47 -42.41 28.32 -42.80
CA TRP V 47 -42.91 27.05 -43.29
C TRP V 47 -44.42 27.02 -43.36
N LEU V 48 -45.10 27.72 -42.44
CA LEU V 48 -46.55 27.71 -42.40
C LEU V 48 -47.13 28.38 -43.64
N LYS V 49 -46.61 29.55 -44.00
CA LYS V 49 -47.07 30.22 -45.22
C LYS V 49 -46.77 29.38 -46.45
N GLU V 50 -45.62 28.70 -46.47
CA GLU V 50 -45.28 27.86 -47.60
C GLU V 50 -46.27 26.71 -47.76
N ILE V 51 -46.60 26.03 -46.65
CA ILE V 51 -47.56 24.95 -46.71
C ILE V 51 -48.93 25.46 -47.13
N ARG V 52 -49.34 26.60 -46.56
CA ARG V 52 -50.67 27.13 -46.87
C ARG V 52 -50.78 27.58 -48.32
N LYS V 53 -49.67 28.04 -48.90
CA LYS V 53 -49.68 28.44 -50.31
C LYS V 53 -49.61 27.24 -51.24
N LEU V 54 -48.84 26.21 -50.86
CA LEU V 54 -48.71 25.04 -51.71
C LEU V 54 -49.97 24.19 -51.70
N GLN V 55 -50.70 24.16 -50.58
CA GLN V 55 -51.92 23.39 -50.51
C GLN V 55 -53.06 24.03 -51.30
N LYS V 56 -52.87 25.24 -51.82
CA LYS V 56 -53.90 25.92 -52.59
C LYS V 56 -53.67 25.86 -54.09
N SER V 57 -52.42 25.67 -54.53
CA SER V 57 -52.10 25.59 -55.95
C SER V 57 -52.33 24.18 -56.48
N THR V 58 -52.27 24.06 -57.81
CA THR V 58 -52.54 22.77 -58.45
C THR V 58 -51.58 22.45 -59.58
N HIS V 59 -50.42 23.10 -59.64
CA HIS V 59 -49.48 22.86 -60.73
C HIS V 59 -48.45 21.80 -60.33
N LEU V 60 -47.76 21.28 -61.35
CA LEU V 60 -46.75 20.25 -61.12
C LEU V 60 -45.51 20.86 -60.46
N LEU V 61 -44.80 20.04 -59.69
CA LEU V 61 -43.68 20.50 -58.89
C LEU V 61 -42.32 20.03 -59.38
N ILE V 62 -42.27 19.02 -60.25
CA ILE V 62 -41.03 18.51 -60.80
C ILE V 62 -40.88 19.02 -62.23
N ARG V 63 -39.64 19.33 -62.62
CA ARG V 63 -39.37 19.83 -63.96
C ARG V 63 -39.65 18.76 -65.00
N LYS V 64 -39.80 19.19 -66.25
CA LYS V 64 -40.21 18.28 -67.32
C LYS V 64 -39.02 17.53 -67.90
N LEU V 65 -37.89 18.21 -68.11
CA LEU V 65 -36.77 17.58 -68.80
C LEU V 65 -36.12 16.46 -67.98
N PRO V 66 -35.82 16.64 -66.68
CA PRO V 66 -35.27 15.50 -65.93
C PRO V 66 -36.20 14.32 -65.86
N PHE V 67 -37.50 14.57 -65.67
CA PHE V 67 -38.47 13.48 -65.66
C PHE V 67 -38.49 12.75 -67.00
N SER V 68 -38.45 13.50 -68.11
CA SER V 68 -38.43 12.87 -69.42
C SER V 68 -37.19 12.00 -69.60
N ARG V 69 -36.03 12.52 -69.19
CA ARG V 69 -34.80 11.75 -69.33
C ARG V 69 -34.86 10.46 -68.51
N LEU V 70 -35.30 10.55 -67.26
CA LEU V 70 -35.38 9.37 -66.41
C LEU V 70 -36.36 8.34 -66.97
N ALA V 71 -37.53 8.80 -67.42
CA ALA V 71 -38.51 7.87 -67.98
C ALA V 71 -37.99 7.21 -69.24
N ARG V 72 -37.30 7.97 -70.09
CA ARG V 72 -36.78 7.38 -71.33
C ARG V 72 -35.70 6.35 -71.04
N GLU V 73 -34.82 6.62 -70.07
CA GLU V 73 -33.77 5.64 -69.77
C GLU V 73 -34.36 4.39 -69.12
N ILE V 74 -35.37 4.55 -68.27
CA ILE V 74 -36.02 3.38 -67.67
C ILE V 74 -36.74 2.56 -68.74
N CYS V 75 -37.34 3.24 -69.72
CA CYS V 75 -38.03 2.52 -70.79
C CYS V 75 -37.04 1.79 -71.69
N VAL V 76 -35.91 2.42 -72.00
CA VAL V 76 -34.92 1.75 -72.84
C VAL V 76 -34.22 0.63 -72.10
N LYS V 77 -34.24 0.64 -70.76
CA LYS V 77 -33.67 -0.46 -70.00
C LYS V 77 -34.50 -1.75 -70.14
N PHE V 78 -35.79 -1.64 -70.40
CA PHE V 78 -36.67 -2.80 -70.44
C PHE V 78 -36.67 -3.50 -71.79
N THR V 79 -36.59 -2.76 -72.89
CA THR V 79 -36.64 -3.35 -74.22
C THR V 79 -35.29 -3.99 -74.54
N ARG V 80 -35.12 -4.42 -75.79
CA ARG V 80 -33.90 -5.10 -76.25
C ARG V 80 -32.94 -4.13 -76.93
N GLY V 81 -32.86 -2.90 -76.44
CA GLY V 81 -32.01 -1.90 -77.03
C GLY V 81 -32.69 -0.95 -78.00
N VAL V 82 -33.91 -1.27 -78.44
CA VAL V 82 -34.64 -0.39 -79.34
C VAL V 82 -35.11 0.84 -78.57
N ASP V 83 -35.18 1.98 -79.27
CA ASP V 83 -35.62 3.23 -78.69
C ASP V 83 -37.05 3.51 -79.12
N PHE V 84 -37.92 3.71 -78.14
CA PHE V 84 -39.33 4.01 -78.38
C PHE V 84 -39.55 5.52 -78.31
N ASN V 85 -40.47 6.01 -79.15
CA ASN V 85 -40.89 7.40 -79.07
C ASN V 85 -41.95 7.56 -77.98
N TRP V 86 -42.09 8.80 -77.51
CA TRP V 86 -43.04 9.12 -76.45
C TRP V 86 -43.88 10.31 -76.86
N GLN V 87 -45.17 10.26 -76.54
CA GLN V 87 -46.03 11.41 -76.69
C GLN V 87 -45.91 12.31 -75.46
N ALA V 88 -46.26 13.58 -75.63
CA ALA V 88 -46.19 14.53 -74.52
C ALA V 88 -47.26 14.23 -73.47
N GLN V 89 -48.46 13.88 -73.92
CA GLN V 89 -49.55 13.58 -72.99
C GLN V 89 -49.23 12.37 -72.12
N ALA V 90 -48.51 11.40 -72.68
CA ALA V 90 -48.14 10.21 -71.89
C ALA V 90 -47.22 10.59 -70.74
N LEU V 91 -46.20 11.40 -71.03
CA LEU V 91 -45.29 11.84 -69.97
C LEU V 91 -46.00 12.71 -68.95
N LEU V 92 -46.93 13.56 -69.41
CA LEU V 92 -47.70 14.38 -68.48
C LEU V 92 -48.54 13.53 -67.55
N ALA V 93 -49.23 12.51 -68.08
CA ALA V 93 -50.05 11.64 -67.26
C ALA V 93 -49.19 10.86 -66.27
N LEU V 94 -48.03 10.37 -66.71
CA LEU V 94 -47.13 9.66 -65.82
C LEU V 94 -46.68 10.56 -64.67
N GLN V 95 -46.31 11.80 -64.98
CA GLN V 95 -45.88 12.73 -63.94
C GLN V 95 -46.99 13.03 -62.95
N GLU V 96 -48.21 13.24 -63.46
CA GLU V 96 -49.35 13.51 -62.58
C GLU V 96 -49.58 12.35 -61.62
N ALA V 97 -49.61 11.12 -62.14
CA ALA V 97 -49.83 9.95 -61.30
C ALA V 97 -48.73 9.82 -60.25
N ALA V 98 -47.47 9.98 -60.66
CA ALA V 98 -46.36 9.84 -59.73
C ALA V 98 -46.44 10.86 -58.62
N GLU V 99 -46.74 12.12 -58.95
CA GLU V 99 -46.78 13.16 -57.92
C GLU V 99 -47.94 12.95 -56.96
N ALA V 100 -49.11 12.54 -57.48
CA ALA V 100 -50.23 12.24 -56.59
C ALA V 100 -49.87 11.10 -55.63
N PHE V 101 -49.27 10.04 -56.15
CA PHE V 101 -48.85 8.92 -55.32
C PHE V 101 -47.89 9.38 -54.22
N LEU V 102 -46.90 10.20 -54.58
CA LEU V 102 -45.92 10.65 -53.60
C LEU V 102 -46.56 11.52 -52.52
N VAL V 103 -47.47 12.41 -52.91
CA VAL V 103 -48.11 13.27 -51.91
C VAL V 103 -48.95 12.45 -50.93
N HIS V 104 -49.71 11.48 -51.44
CA HIS V 104 -50.51 10.64 -50.56
C HIS V 104 -49.64 9.82 -49.62
N LEU V 105 -48.53 9.27 -50.14
CA LEU V 105 -47.63 8.49 -49.29
C LEU V 105 -47.01 9.37 -48.21
N PHE V 106 -46.70 10.62 -48.54
CA PHE V 106 -46.16 11.53 -47.54
C PHE V 106 -47.19 11.84 -46.45
N GLU V 107 -48.46 11.99 -46.85
CA GLU V 107 -49.51 12.19 -45.85
C GLU V 107 -49.59 11.01 -44.88
N ASP V 108 -49.59 9.79 -45.42
CA ASP V 108 -49.65 8.60 -44.56
C ASP V 108 -48.43 8.51 -43.65
N ALA V 109 -47.24 8.76 -44.20
CA ALA V 109 -46.03 8.70 -43.41
C ALA V 109 -46.02 9.74 -42.30
N TYR V 110 -46.58 10.92 -42.55
CA TYR V 110 -46.63 11.91 -41.48
C TYR V 110 -47.68 11.57 -40.43
N LEU V 111 -48.77 10.91 -40.81
CA LEU V 111 -49.67 10.35 -39.81
C LEU V 111 -48.92 9.40 -38.89
N LEU V 112 -48.12 8.50 -39.48
CA LEU V 112 -47.32 7.58 -38.67
C LEU V 112 -46.32 8.32 -37.79
N THR V 113 -45.70 9.38 -38.33
CA THR V 113 -44.74 10.16 -37.55
C THR V 113 -45.41 10.81 -36.34
N LEU V 114 -46.59 11.39 -36.54
CA LEU V 114 -47.31 11.98 -35.42
C LEU V 114 -47.74 10.92 -34.40
N HIS V 115 -48.08 9.72 -34.87
CA HIS V 115 -48.39 8.64 -33.92
C HIS V 115 -47.17 8.25 -33.10
N ALA V 116 -45.98 8.26 -33.73
CA ALA V 116 -44.78 7.86 -33.02
C ALA V 116 -44.32 8.87 -31.99
N GLY V 117 -44.91 10.06 -31.96
CA GLY V 117 -44.55 11.06 -30.97
C GLY V 117 -43.51 12.06 -31.40
N ARG V 118 -43.24 12.18 -32.70
CA ARG V 118 -42.24 13.10 -33.23
C ARG V 118 -42.90 14.06 -34.21
N VAL V 119 -42.12 15.05 -34.66
CA VAL V 119 -42.57 15.98 -35.68
C VAL V 119 -41.72 15.92 -36.94
N THR V 120 -40.59 15.23 -36.92
CA THR V 120 -39.71 15.09 -38.09
C THR V 120 -39.97 13.77 -38.77
N LEU V 121 -40.07 13.80 -40.09
CA LEU V 121 -40.32 12.58 -40.87
C LEU V 121 -39.06 11.77 -41.03
N PHE V 122 -39.18 10.46 -40.86
CA PHE V 122 -38.08 9.51 -40.98
C PHE V 122 -38.36 8.51 -42.09
N PRO V 123 -37.32 7.87 -42.64
CA PRO V 123 -37.56 6.84 -43.66
C PRO V 123 -38.31 5.63 -43.15
N LYS V 124 -38.14 5.28 -41.87
CA LYS V 124 -38.85 4.13 -41.34
C LYS V 124 -40.35 4.36 -41.29
N ASP V 125 -40.79 5.62 -41.19
CA ASP V 125 -42.22 5.91 -41.29
C ASP V 125 -42.74 5.56 -42.67
N VAL V 126 -42.02 5.94 -43.72
CA VAL V 126 -42.40 5.58 -45.08
C VAL V 126 -42.40 4.07 -45.27
N GLN V 127 -41.39 3.40 -44.70
CA GLN V 127 -41.32 1.94 -44.83
C GLN V 127 -42.50 1.27 -44.14
N LEU V 128 -42.85 1.72 -42.94
CA LEU V 128 -43.98 1.12 -42.22
C LEU V 128 -45.29 1.41 -42.92
N ALA V 129 -45.44 2.61 -43.50
CA ALA V 129 -46.64 2.90 -44.26
C ALA V 129 -46.76 1.98 -45.47
N ARG V 130 -45.66 1.77 -46.19
CA ARG V 130 -45.67 0.85 -47.31
C ARG V 130 -46.02 -0.56 -46.88
N ARG V 131 -45.52 -0.98 -45.70
CA ARG V 131 -45.81 -2.33 -45.22
C ARG V 131 -47.28 -2.48 -44.83
N ILE V 132 -47.83 -1.48 -44.14
CA ILE V 132 -49.23 -1.56 -43.73
C ILE V 132 -50.17 -1.48 -44.91
N ARG V 133 -49.79 -0.74 -45.96
CA ARG V 133 -50.64 -0.64 -47.14
C ARG V 133 -50.85 -1.99 -47.82
N GLY V 134 -49.94 -2.94 -47.65
CA GLY V 134 -50.20 -4.32 -47.98
C GLY V 134 -49.89 -4.80 -49.39
N LEU V 135 -48.65 -4.60 -49.83
CA LEU V 135 -48.10 -5.35 -50.96
C LEU V 135 -48.70 -4.95 -52.31
N GLU V 136 -49.73 -4.12 -52.29
CA GLU V 136 -50.35 -3.70 -53.55
C GLU V 136 -50.45 -2.20 -53.68
N GLU V 137 -50.73 -1.49 -52.59
CA GLU V 137 -50.78 -0.03 -52.63
C GLU V 137 -49.46 0.61 -52.23
N GLY V 138 -48.71 -0.01 -51.33
CA GLY V 138 -47.39 0.48 -51.00
C GLY V 138 -46.29 -0.34 -51.64
N LEU V 139 -45.76 0.16 -52.75
CA LEU V 139 -44.70 -0.51 -53.50
C LEU V 139 -44.20 0.38 -54.63
N LEU W 23 -27.54 16.49 -61.51
CA LEU W 23 -26.18 16.02 -61.78
C LEU W 23 -26.14 15.22 -63.08
N ARG W 24 -25.07 14.44 -63.25
CA ARG W 24 -24.90 13.65 -64.47
C ARG W 24 -25.88 12.49 -64.51
N ASP W 25 -26.03 11.77 -63.40
CA ASP W 25 -26.96 10.65 -63.35
C ASP W 25 -28.39 11.16 -63.48
N ASN W 26 -29.21 10.42 -64.23
CA ASN W 26 -30.58 10.88 -64.49
C ASN W 26 -31.43 10.84 -63.23
N ILE W 27 -31.10 9.96 -62.28
CA ILE W 27 -31.88 9.90 -61.04
C ILE W 27 -31.62 11.13 -60.18
N GLN W 28 -30.47 11.77 -60.35
CA GLN W 28 -30.16 12.97 -59.59
C GLN W 28 -30.85 14.21 -60.14
N GLY W 29 -31.55 14.10 -61.27
CA GLY W 29 -32.29 15.23 -61.79
C GLY W 29 -33.47 15.65 -60.93
N ILE W 30 -33.99 14.74 -60.13
CA ILE W 30 -35.03 15.07 -59.16
C ILE W 30 -34.35 15.72 -57.96
N THR W 31 -34.40 17.05 -57.89
CA THR W 31 -33.60 17.79 -56.93
C THR W 31 -34.29 17.86 -55.57
N LYS W 32 -33.54 18.34 -54.58
CA LYS W 32 -34.09 18.49 -53.23
C LYS W 32 -35.20 19.53 -53.15
N PRO W 33 -35.16 20.67 -53.86
CA PRO W 33 -36.31 21.59 -53.80
C PRO W 33 -37.62 20.96 -54.23
N ALA W 34 -37.62 20.11 -55.26
CA ALA W 34 -38.86 19.49 -55.70
C ALA W 34 -39.41 18.52 -54.66
N ILE W 35 -38.54 17.70 -54.07
CA ILE W 35 -38.97 16.80 -53.01
C ILE W 35 -39.49 17.57 -51.81
N ARG W 36 -38.82 18.69 -51.49
CA ARG W 36 -39.27 19.53 -50.39
C ARG W 36 -40.66 20.11 -50.67
N ARG W 37 -40.90 20.55 -51.91
CA ARG W 37 -42.21 21.08 -52.26
C ARG W 37 -43.28 20.01 -52.19
N LEU W 38 -42.97 18.80 -52.63
CA LEU W 38 -43.94 17.71 -52.53
C LEU W 38 -44.27 17.39 -51.08
N ALA W 39 -43.25 17.34 -50.23
CA ALA W 39 -43.49 17.07 -48.80
C ALA W 39 -44.28 18.19 -48.16
N ARG W 40 -44.02 19.44 -48.54
CA ARG W 40 -44.77 20.56 -47.97
C ARG W 40 -46.21 20.55 -48.42
N ARG W 41 -46.47 20.17 -49.68
CA ARG W 41 -47.85 20.02 -50.13
C ARG W 41 -48.54 18.89 -49.38
N GLY W 42 -47.80 17.82 -49.07
CA GLY W 42 -48.37 16.74 -48.29
C GLY W 42 -48.67 17.09 -46.84
N GLY W 43 -48.20 18.24 -46.36
CA GLY W 43 -48.44 18.66 -44.99
C GLY W 43 -47.27 18.45 -44.05
N VAL W 44 -46.11 18.02 -44.54
CA VAL W 44 -44.97 17.77 -43.68
C VAL W 44 -44.35 19.09 -43.25
N LYS W 45 -43.94 19.15 -41.98
CA LYS W 45 -43.37 20.37 -41.40
C LYS W 45 -41.85 20.35 -41.29
N ARG W 46 -41.25 19.20 -40.97
CA ARG W 46 -39.81 19.09 -40.80
C ARG W 46 -39.34 17.79 -41.40
N ILE W 47 -38.30 17.85 -42.23
CA ILE W 47 -37.82 16.68 -42.97
C ILE W 47 -36.37 16.42 -42.60
N SER W 48 -35.95 15.17 -42.76
CA SER W 48 -34.59 14.74 -42.47
C SER W 48 -33.80 14.60 -43.76
N GLY W 49 -32.48 14.45 -43.61
CA GLY W 49 -31.61 14.42 -44.77
C GLY W 49 -31.70 13.13 -45.56
N LEU W 50 -32.01 12.02 -44.88
CA LEU W 50 -32.05 10.71 -45.53
C LEU W 50 -33.33 10.46 -46.31
N ILE W 51 -34.21 11.44 -46.44
CA ILE W 51 -35.51 11.20 -47.06
C ILE W 51 -35.42 11.21 -48.58
N TYR W 52 -34.48 11.98 -49.14
CA TYR W 52 -34.47 12.21 -50.59
C TYR W 52 -34.09 10.94 -51.35
N GLU W 53 -33.12 10.18 -50.85
CA GLU W 53 -32.74 8.94 -51.52
C GLU W 53 -33.86 7.90 -51.45
N GLU W 54 -34.54 7.81 -50.30
CA GLU W 54 -35.67 6.91 -50.18
C GLU W 54 -36.78 7.30 -51.15
N THR W 55 -37.07 8.60 -51.27
CA THR W 55 -38.09 9.05 -52.21
C THR W 55 -37.69 8.72 -53.64
N ARG W 56 -36.41 8.90 -53.99
CA ARG W 56 -35.95 8.56 -55.32
C ARG W 56 -36.13 7.08 -55.60
N GLY W 57 -35.80 6.22 -54.63
CA GLY W 57 -35.98 4.79 -54.83
C GLY W 57 -37.43 4.39 -54.99
N VAL W 58 -38.32 4.96 -54.18
CA VAL W 58 -39.75 4.65 -54.30
C VAL W 58 -40.28 5.10 -55.65
N LEU W 59 -39.91 6.31 -56.08
CA LEU W 59 -40.32 6.79 -57.39
C LEU W 59 -39.78 5.89 -58.50
N LYS W 60 -38.56 5.39 -58.34
CA LYS W 60 -37.99 4.52 -59.36
C LYS W 60 -38.76 3.20 -59.46
N VAL W 61 -39.14 2.63 -58.31
CA VAL W 61 -39.92 1.38 -58.34
C VAL W 61 -41.27 1.60 -58.99
N PHE W 62 -41.95 2.69 -58.60
CA PHE W 62 -43.25 3.02 -59.21
C PHE W 62 -43.13 3.16 -60.71
N LEU W 63 -42.15 3.95 -61.17
CA LEU W 63 -41.98 4.17 -62.60
C LEU W 63 -41.64 2.87 -63.32
N GLU W 64 -40.82 2.01 -62.71
CA GLU W 64 -40.47 0.75 -63.34
C GLU W 64 -41.70 -0.11 -63.57
N ASN W 65 -42.54 -0.26 -62.54
CA ASN W 65 -43.75 -1.06 -62.70
C ASN W 65 -44.65 -0.50 -63.80
N VAL W 66 -44.95 0.80 -63.72
CA VAL W 66 -45.89 1.39 -64.67
C VAL W 66 -45.34 1.34 -66.08
N ILE W 67 -44.04 1.59 -66.25
CA ILE W 67 -43.44 1.62 -67.58
C ILE W 67 -43.36 0.22 -68.16
N ARG W 68 -43.11 -0.80 -67.33
CA ARG W 68 -43.12 -2.16 -67.84
C ARG W 68 -44.50 -2.53 -68.37
N ASP W 69 -45.54 -2.22 -67.59
CA ASP W 69 -46.89 -2.52 -68.07
C ASP W 69 -47.22 -1.75 -69.35
N ALA W 70 -46.83 -0.47 -69.40
CA ALA W 70 -47.14 0.35 -70.56
C ALA W 70 -46.40 -0.14 -71.81
N VAL W 71 -45.15 -0.56 -71.65
CA VAL W 71 -44.39 -1.05 -72.79
C VAL W 71 -44.95 -2.38 -73.28
N THR W 72 -45.42 -3.23 -72.36
CA THR W 72 -46.12 -4.45 -72.77
C THR W 72 -47.36 -4.11 -73.59
N TYR W 73 -48.17 -3.17 -73.10
CA TYR W 73 -49.35 -2.76 -73.85
C TYR W 73 -48.99 -2.18 -75.22
N THR W 74 -47.88 -1.45 -75.28
CA THR W 74 -47.49 -0.82 -76.54
C THR W 74 -47.01 -1.85 -77.56
N GLU W 75 -46.16 -2.78 -77.14
CA GLU W 75 -45.60 -3.77 -78.05
C GLU W 75 -46.53 -4.93 -78.32
N HIS W 76 -47.65 -5.05 -77.59
CA HIS W 76 -48.68 -6.00 -78.02
C HIS W 76 -49.20 -5.60 -79.40
N ALA W 77 -49.58 -4.34 -79.57
CA ALA W 77 -49.77 -3.80 -80.90
C ALA W 77 -48.43 -3.60 -81.58
N LYS W 78 -48.46 -3.43 -82.90
CA LYS W 78 -47.22 -3.29 -83.67
C LYS W 78 -46.90 -1.81 -83.87
N ARG W 79 -46.63 -1.15 -82.74
CA ARG W 79 -46.29 0.26 -82.71
C ARG W 79 -44.92 0.46 -82.07
N LYS W 80 -44.34 1.64 -82.31
CA LYS W 80 -43.06 2.02 -81.73
C LYS W 80 -43.16 3.28 -80.88
N THR W 81 -44.36 3.80 -80.65
CA THR W 81 -44.57 5.03 -79.92
C THR W 81 -45.48 4.75 -78.72
N VAL W 82 -45.08 5.21 -77.55
CA VAL W 82 -45.88 5.05 -76.34
C VAL W 82 -46.99 6.09 -76.33
N THR W 83 -48.22 5.63 -76.12
CA THR W 83 -49.41 6.47 -76.16
C THR W 83 -49.94 6.65 -74.75
N ALA W 84 -50.59 7.80 -74.51
CA ALA W 84 -51.16 8.08 -73.19
C ALA W 84 -52.19 7.03 -72.79
N MET W 85 -52.90 6.45 -73.75
CA MET W 85 -53.86 5.40 -73.43
C MET W 85 -53.18 4.17 -72.86
N ASP W 86 -51.95 3.88 -73.30
CA ASP W 86 -51.21 2.76 -72.71
C ASP W 86 -50.93 3.02 -71.22
N VAL W 87 -50.52 4.24 -70.88
CA VAL W 87 -50.28 4.59 -69.49
C VAL W 87 -51.57 4.50 -68.68
N VAL W 88 -52.68 4.97 -69.26
CA VAL W 88 -53.96 4.92 -68.57
C VAL W 88 -54.37 3.48 -68.31
N TYR W 89 -54.21 2.60 -69.31
CA TYR W 89 -54.58 1.20 -69.14
C TYR W 89 -53.69 0.52 -68.11
N ALA W 90 -52.40 0.83 -68.10
CA ALA W 90 -51.51 0.25 -67.11
C ALA W 90 -51.90 0.68 -65.69
N LEU W 91 -52.16 1.98 -65.51
CA LEU W 91 -52.57 2.47 -64.19
C LEU W 91 -53.89 1.85 -63.77
N LYS W 92 -54.82 1.66 -64.71
CA LYS W 92 -56.12 1.09 -64.36
C LYS W 92 -55.99 -0.38 -63.98
N ARG W 93 -55.18 -1.14 -64.72
CA ARG W 93 -55.02 -2.55 -64.39
C ARG W 93 -54.22 -2.75 -63.11
N GLN W 94 -53.41 -1.77 -62.72
CA GLN W 94 -52.71 -1.84 -61.45
C GLN W 94 -53.55 -1.33 -60.28
N GLY W 95 -54.79 -0.90 -60.54
CA GLY W 95 -55.66 -0.46 -59.47
C GLY W 95 -55.62 1.02 -59.17
N ARG W 96 -55.34 1.86 -60.16
CA ARG W 96 -55.26 3.31 -59.95
C ARG W 96 -55.86 4.01 -61.17
N THR W 97 -57.07 4.53 -61.03
CA THR W 97 -57.77 5.17 -62.12
C THR W 97 -57.37 6.64 -62.24
N LEU W 98 -57.12 7.07 -63.47
CA LEU W 98 -56.80 8.47 -63.78
C LEU W 98 -57.86 9.03 -64.69
N TYR W 99 -58.35 10.23 -64.38
CA TYR W 99 -59.49 10.80 -65.07
C TYR W 99 -59.14 11.88 -66.08
N GLY W 100 -58.00 12.56 -65.92
CA GLY W 100 -57.73 13.74 -66.73
C GLY W 100 -57.43 13.46 -68.18
N PHE W 101 -56.62 12.44 -68.47
CA PHE W 101 -56.11 12.20 -69.82
C PHE W 101 -56.88 11.12 -70.56
N GLY W 102 -58.12 10.84 -70.16
CA GLY W 102 -58.92 9.80 -70.78
C GLY W 102 -59.23 10.06 -72.23
N LYS X 16 -56.19 -40.14 -79.88
CA LYS X 16 -56.54 -39.07 -80.81
C LYS X 16 -57.06 -37.85 -80.07
N SER X 17 -56.92 -37.86 -78.75
CA SER X 17 -57.36 -36.74 -77.94
C SER X 17 -56.49 -35.52 -78.21
N ARG X 18 -57.08 -34.33 -78.02
CA ARG X 18 -56.33 -33.10 -78.22
C ARG X 18 -55.33 -32.88 -77.09
N SER X 19 -55.71 -33.22 -75.86
CA SER X 19 -54.78 -33.12 -74.74
C SER X 19 -53.61 -34.08 -74.91
N SER X 20 -53.89 -35.28 -75.43
CA SER X 20 -52.80 -36.21 -75.72
C SER X 20 -51.98 -35.75 -76.92
N ARG X 21 -52.63 -35.09 -77.88
CA ARG X 21 -51.91 -34.56 -79.03
C ARG X 21 -50.96 -33.44 -78.64
N ALA X 22 -51.31 -32.66 -77.62
CA ALA X 22 -50.45 -31.60 -77.13
C ALA X 22 -49.54 -32.04 -75.99
N GLY X 23 -49.65 -33.30 -75.57
CA GLY X 23 -48.82 -33.80 -74.49
C GLY X 23 -49.16 -33.20 -73.14
N LEU X 24 -50.45 -33.22 -72.78
CA LEU X 24 -50.92 -32.60 -71.55
C LEU X 24 -51.85 -33.56 -70.82
N GLN X 25 -52.07 -33.28 -69.54
CA GLN X 25 -53.05 -34.00 -68.73
C GLN X 25 -54.36 -33.27 -68.58
N PHE X 26 -54.33 -31.94 -68.60
CA PHE X 26 -55.55 -31.15 -68.48
C PHE X 26 -56.36 -31.24 -69.77
N PRO X 27 -57.68 -31.09 -69.67
CA PRO X 27 -58.53 -31.19 -70.87
C PRO X 27 -58.49 -29.94 -71.73
N VAL X 28 -58.53 -30.14 -73.05
CA VAL X 28 -58.53 -29.03 -73.99
C VAL X 28 -59.95 -28.70 -74.45
N GLY X 29 -60.77 -29.72 -74.72
CA GLY X 29 -62.13 -29.47 -75.16
C GLY X 29 -62.97 -28.75 -74.12
N ARG X 30 -62.75 -29.08 -72.85
CA ARG X 30 -63.51 -28.43 -71.78
C ARG X 30 -63.14 -26.95 -71.68
N VAL X 31 -61.85 -26.63 -71.76
CA VAL X 31 -61.42 -25.23 -71.73
C VAL X 31 -61.94 -24.48 -72.96
N HIS X 32 -61.95 -25.15 -74.11
CA HIS X 32 -62.48 -24.53 -75.32
C HIS X 32 -63.96 -24.21 -75.17
N ARG X 33 -64.73 -25.15 -74.62
CA ARG X 33 -66.16 -24.92 -74.42
C ARG X 33 -66.39 -23.81 -73.40
N LEU X 34 -65.61 -23.80 -72.32
CA LEU X 34 -65.76 -22.74 -71.31
C LEU X 34 -65.42 -21.38 -71.87
N LEU X 35 -64.43 -21.30 -72.78
CA LEU X 35 -64.12 -20.03 -73.42
C LEU X 35 -65.24 -19.63 -74.38
N ARG X 36 -65.81 -20.59 -75.11
CA ARG X 36 -66.86 -20.26 -76.06
C ARG X 36 -68.14 -19.81 -75.38
N LYS X 37 -68.42 -20.33 -74.19
CA LYS X 37 -69.64 -19.96 -73.47
C LYS X 37 -69.37 -19.10 -72.24
N GLY X 38 -68.34 -18.26 -72.27
CA GLY X 38 -68.02 -17.39 -71.15
C GLY X 38 -68.23 -15.91 -71.36
N ASN X 39 -68.75 -15.50 -72.52
CA ASN X 39 -68.96 -14.08 -72.85
C ASN X 39 -67.65 -13.29 -72.75
N TYR X 40 -66.69 -13.70 -73.58
CA TYR X 40 -65.39 -13.05 -73.65
C TYR X 40 -65.12 -12.39 -74.99
N ALA X 41 -65.48 -13.04 -76.09
CA ALA X 41 -65.33 -12.47 -77.42
C ALA X 41 -66.24 -13.25 -78.37
N GLU X 42 -66.42 -12.71 -79.57
CA GLU X 42 -67.30 -13.35 -80.54
C GLU X 42 -66.65 -14.60 -81.13
N ARG X 43 -65.32 -14.64 -81.21
CA ARG X 43 -64.61 -15.76 -81.81
C ARG X 43 -63.46 -16.19 -80.92
N VAL X 44 -63.14 -17.48 -80.98
CA VAL X 44 -62.02 -18.06 -80.25
C VAL X 44 -61.12 -18.79 -81.23
N GLY X 45 -59.82 -18.60 -81.10
CA GLY X 45 -58.86 -19.24 -81.98
C GLY X 45 -58.71 -20.74 -81.75
N ALA X 46 -57.58 -21.30 -82.15
CA ALA X 46 -57.33 -22.73 -82.00
C ALA X 46 -56.25 -23.07 -80.99
N GLY X 47 -55.26 -22.19 -80.81
CA GLY X 47 -54.20 -22.43 -79.85
C GLY X 47 -54.40 -21.80 -78.49
N ALA X 48 -55.43 -20.97 -78.34
CA ALA X 48 -55.70 -20.35 -77.04
C ALA X 48 -56.06 -21.37 -75.96
N PRO X 49 -56.95 -22.34 -76.19
CA PRO X 49 -57.19 -23.35 -75.15
C PRO X 49 -55.98 -24.19 -74.83
N VAL X 50 -55.15 -24.51 -75.83
CA VAL X 50 -53.92 -25.28 -75.56
C VAL X 50 -52.99 -24.49 -74.66
N TYR X 51 -52.76 -23.21 -75.02
CA TYR X 51 -51.92 -22.34 -74.19
C TYR X 51 -52.45 -22.25 -72.76
N LEU X 52 -53.76 -22.04 -72.62
CA LEU X 52 -54.35 -21.87 -71.30
C LEU X 52 -54.23 -23.15 -70.47
N ALA X 53 -54.51 -24.30 -71.09
CA ALA X 53 -54.40 -25.57 -70.37
C ALA X 53 -52.97 -25.84 -69.95
N ALA X 54 -52.00 -25.50 -70.81
CA ALA X 54 -50.60 -25.70 -70.45
C ALA X 54 -50.22 -24.84 -69.25
N VAL X 55 -50.62 -23.57 -69.26
CA VAL X 55 -50.30 -22.68 -68.14
C VAL X 55 -50.94 -23.17 -66.85
N LEU X 56 -52.21 -23.59 -66.93
CA LEU X 56 -52.91 -24.07 -65.75
C LEU X 56 -52.25 -25.33 -65.20
N GLU X 57 -51.86 -26.26 -66.07
CA GLU X 57 -51.20 -27.47 -65.61
C GLU X 57 -49.85 -27.16 -64.98
N TYR X 58 -49.10 -26.22 -65.56
CA TYR X 58 -47.82 -25.84 -64.97
C TYR X 58 -47.99 -25.28 -63.56
N LEU X 59 -48.95 -24.37 -63.39
CA LEU X 59 -49.19 -23.79 -62.07
C LEU X 59 -49.64 -24.85 -61.07
N THR X 60 -50.55 -25.74 -61.49
CA THR X 60 -51.00 -26.81 -60.61
C THR X 60 -49.85 -27.72 -60.21
N ALA X 61 -48.97 -28.05 -61.15
CA ALA X 61 -47.84 -28.91 -60.85
C ALA X 61 -46.89 -28.26 -59.85
N GLU X 62 -46.61 -26.97 -60.03
CA GLU X 62 -45.76 -26.25 -59.09
C GLU X 62 -46.34 -26.29 -57.68
N ILE X 63 -47.64 -25.95 -57.56
CA ILE X 63 -48.26 -25.90 -56.24
C ILE X 63 -48.28 -27.28 -55.60
N LEU X 64 -48.60 -28.32 -56.39
CA LEU X 64 -48.68 -29.67 -55.85
C LEU X 64 -47.31 -30.17 -55.42
N GLU X 65 -46.26 -29.83 -56.17
CA GLU X 65 -44.91 -30.25 -55.78
C GLU X 65 -44.51 -29.59 -54.46
N LEU X 66 -44.76 -28.29 -54.33
CA LEU X 66 -44.39 -27.61 -53.09
C LEU X 66 -45.19 -28.16 -51.91
N ALA X 67 -46.48 -28.43 -52.11
CA ALA X 67 -47.32 -28.96 -51.02
C ALA X 67 -46.89 -30.37 -50.63
N GLY X 68 -46.53 -31.20 -51.62
CA GLY X 68 -46.05 -32.54 -51.31
C GLY X 68 -44.74 -32.52 -50.55
N ASN X 69 -43.84 -31.60 -50.93
CA ASN X 69 -42.60 -31.46 -50.18
C ASN X 69 -42.87 -31.03 -48.74
N ALA X 70 -43.81 -30.10 -48.55
CA ALA X 70 -44.16 -29.67 -47.20
C ALA X 70 -44.72 -30.82 -46.37
N ALA X 71 -45.64 -31.59 -46.97
CA ALA X 71 -46.24 -32.71 -46.25
C ALA X 71 -45.20 -33.78 -45.92
N ARG X 72 -44.27 -34.05 -46.84
CA ARG X 72 -43.25 -35.05 -46.58
C ARG X 72 -42.29 -34.59 -45.50
N ASP X 73 -41.92 -33.30 -45.48
CA ASP X 73 -41.04 -32.81 -44.43
C ASP X 73 -41.77 -32.78 -43.08
N ASN X 74 -43.10 -32.64 -43.11
CA ASN X 74 -43.89 -32.66 -41.88
C ASN X 74 -44.18 -34.08 -41.40
N LYS X 75 -43.55 -35.09 -41.99
CA LYS X 75 -43.72 -36.48 -41.60
C LYS X 75 -45.18 -36.94 -41.76
N LYS X 76 -45.75 -36.67 -42.93
CA LYS X 76 -47.12 -37.05 -43.25
C LYS X 76 -47.15 -37.78 -44.60
N THR X 77 -48.35 -38.23 -44.96
CA THR X 77 -48.57 -38.99 -46.19
C THR X 77 -49.68 -38.37 -47.03
N ARG X 78 -50.53 -37.55 -46.43
CA ARG X 78 -51.65 -36.94 -47.12
C ARG X 78 -51.57 -35.43 -47.00
N ILE X 79 -51.97 -34.74 -48.07
CA ILE X 79 -51.93 -33.29 -48.13
C ILE X 79 -53.22 -32.73 -47.55
N ILE X 80 -53.10 -31.78 -46.64
CA ILE X 80 -54.24 -31.11 -46.03
C ILE X 80 -54.10 -29.62 -46.32
N PRO X 81 -55.17 -28.83 -46.16
CA PRO X 81 -55.07 -27.39 -46.45
C PRO X 81 -53.94 -26.68 -45.73
N ARG X 82 -53.51 -27.17 -44.57
CA ARG X 82 -52.37 -26.57 -43.89
C ARG X 82 -51.11 -26.64 -44.75
N HIS X 83 -50.90 -27.77 -45.44
CA HIS X 83 -49.73 -27.90 -46.31
C HIS X 83 -49.83 -26.97 -47.50
N LEU X 84 -51.03 -26.78 -48.06
CA LEU X 84 -51.20 -25.84 -49.15
C LEU X 84 -50.88 -24.41 -48.70
N GLN X 85 -51.34 -24.03 -47.52
CA GLN X 85 -51.02 -22.70 -46.99
C GLN X 85 -49.53 -22.54 -46.78
N LEU X 86 -48.88 -23.55 -46.20
CA LEU X 86 -47.43 -23.48 -45.98
C LEU X 86 -46.67 -23.38 -47.30
N ALA X 87 -47.14 -24.08 -48.33
CA ALA X 87 -46.46 -24.02 -49.62
C ALA X 87 -46.66 -22.67 -50.30
N ILE X 88 -47.87 -22.10 -50.20
CA ILE X 88 -48.15 -20.86 -50.90
C ILE X 88 -47.45 -19.68 -50.22
N ARG X 89 -47.52 -19.61 -48.88
CA ARG X 89 -46.99 -18.45 -48.19
C ARG X 89 -45.47 -18.45 -48.07
N ASN X 90 -44.78 -19.50 -48.51
CA ASN X 90 -43.34 -19.58 -48.44
C ASN X 90 -42.67 -19.37 -49.80
N ASP X 91 -43.41 -18.90 -50.79
CA ASP X 91 -42.89 -18.63 -52.13
C ASP X 91 -43.32 -17.21 -52.52
N GLU X 92 -42.35 -16.35 -52.78
CA GLU X 92 -42.66 -14.93 -52.97
C GLU X 92 -43.53 -14.69 -54.20
N GLU X 93 -43.30 -15.42 -55.29
CA GLU X 93 -44.11 -15.20 -56.49
C GLU X 93 -45.51 -15.75 -56.32
N LEU X 94 -45.65 -16.94 -55.74
CA LEU X 94 -46.98 -17.48 -55.46
C LEU X 94 -47.70 -16.65 -54.40
N ASN X 95 -46.97 -16.11 -53.42
CA ASN X 95 -47.59 -15.25 -52.43
C ASN X 95 -48.06 -13.94 -53.04
N LYS X 96 -47.30 -13.41 -54.00
CA LYS X 96 -47.71 -12.18 -54.68
C LYS X 96 -48.90 -12.43 -55.60
N LEU X 97 -48.97 -13.62 -56.20
CA LEU X 97 -50.10 -13.94 -57.07
C LEU X 97 -51.38 -14.06 -56.26
N LEU X 98 -51.36 -14.85 -55.19
CA LEU X 98 -52.51 -15.04 -54.32
C LEU X 98 -52.42 -14.14 -53.08
N GLY X 99 -52.47 -12.83 -53.33
CA GLY X 99 -52.31 -11.86 -52.25
C GLY X 99 -53.57 -11.51 -51.51
N ARG X 100 -54.74 -11.69 -52.14
CA ARG X 100 -56.02 -11.36 -51.52
C ARG X 100 -56.91 -12.60 -51.40
N VAL X 101 -56.31 -13.75 -51.13
CA VAL X 101 -57.02 -15.02 -51.04
C VAL X 101 -56.89 -15.56 -49.62
N THR X 102 -57.99 -16.08 -49.09
CA THR X 102 -58.04 -16.70 -47.77
C THR X 102 -58.29 -18.19 -47.93
N ILE X 103 -57.46 -19.00 -47.30
CA ILE X 103 -57.56 -20.45 -47.34
C ILE X 103 -58.23 -20.92 -46.06
N ALA X 104 -59.35 -21.63 -46.19
CA ALA X 104 -60.08 -22.11 -45.02
C ALA X 104 -59.32 -23.22 -44.32
N GLN X 105 -59.28 -23.14 -42.99
CA GLN X 105 -58.58 -24.11 -42.14
C GLN X 105 -57.09 -24.18 -42.48
N GLY X 106 -56.51 -23.04 -42.84
CA GLY X 106 -55.11 -23.01 -43.22
C GLY X 106 -54.20 -22.49 -42.12
N GLY X 107 -54.71 -21.61 -41.27
CA GLY X 107 -53.91 -21.05 -40.20
C GLY X 107 -52.99 -19.95 -40.68
N VAL X 108 -51.99 -19.65 -39.85
CA VAL X 108 -51.01 -18.61 -40.13
C VAL X 108 -49.62 -19.21 -40.05
N LEU X 109 -48.63 -18.44 -40.49
CA LEU X 109 -47.24 -18.87 -40.38
C LEU X 109 -46.71 -18.56 -38.98
N PRO X 110 -45.86 -19.43 -38.43
CA PRO X 110 -45.32 -19.18 -37.09
C PRO X 110 -44.32 -18.03 -37.08
N ASN X 111 -44.84 -16.80 -37.07
CA ASN X 111 -44.02 -15.59 -37.09
C ASN X 111 -44.24 -14.83 -35.79
N ILE X 112 -43.19 -14.75 -34.98
CA ILE X 112 -43.21 -13.99 -33.73
C ILE X 112 -42.12 -12.93 -33.81
N GLN X 113 -42.46 -11.70 -33.39
CA GLN X 113 -41.53 -10.60 -33.46
C GLN X 113 -40.31 -10.87 -32.58
N ALA X 114 -39.13 -10.51 -33.08
CA ALA X 114 -37.90 -10.80 -32.35
C ALA X 114 -37.76 -9.93 -31.11
N VAL X 115 -38.44 -8.79 -31.08
CA VAL X 115 -38.36 -7.91 -29.91
C VAL X 115 -39.05 -8.57 -28.71
N LEU X 116 -40.10 -9.35 -28.96
CA LEU X 116 -40.81 -10.01 -27.88
C LEU X 116 -40.01 -11.17 -27.31
N LEU X 117 -39.40 -11.97 -28.18
CA LEU X 117 -38.63 -13.11 -27.72
C LEU X 117 -37.33 -12.63 -27.07
N PRO X 118 -36.92 -13.25 -25.95
CA PRO X 118 -35.69 -12.89 -25.25
C PRO X 118 -34.43 -13.31 -26.00
N ARG Y 34 -73.70 -34.76 -61.39
CA ARG Y 34 -74.00 -33.86 -62.50
C ARG Y 34 -73.19 -32.57 -62.38
N LYS Y 35 -72.19 -32.58 -61.51
CA LYS Y 35 -71.31 -31.45 -61.30
C LYS Y 35 -69.96 -31.71 -61.95
N GLU Y 36 -69.26 -30.62 -62.27
CA GLU Y 36 -67.97 -30.68 -62.95
C GLU Y 36 -66.87 -30.16 -62.03
N SER Y 37 -65.69 -30.76 -62.15
CA SER Y 37 -64.53 -30.36 -61.37
C SER Y 37 -63.28 -30.78 -62.11
N TYR Y 38 -62.13 -30.54 -61.48
CA TYR Y 38 -60.84 -30.89 -62.03
C TYR Y 38 -60.14 -31.97 -61.20
N SER Y 39 -60.91 -32.84 -60.56
CA SER Y 39 -60.34 -33.77 -59.59
C SER Y 39 -59.42 -34.79 -60.24
N VAL Y 40 -59.86 -35.38 -61.35
CA VAL Y 40 -59.07 -36.45 -61.98
C VAL Y 40 -57.76 -35.90 -62.51
N TYR Y 41 -57.77 -34.69 -63.07
CA TYR Y 41 -56.56 -34.11 -63.62
C TYR Y 41 -55.59 -33.71 -62.53
N VAL Y 42 -56.09 -33.15 -61.43
CA VAL Y 42 -55.23 -32.83 -60.29
C VAL Y 42 -54.62 -34.09 -59.72
N TYR Y 43 -55.39 -35.18 -59.67
CA TYR Y 43 -54.86 -36.44 -59.17
C TYR Y 43 -53.79 -37.00 -60.10
N LYS Y 44 -53.99 -36.88 -61.42
CA LYS Y 44 -52.97 -37.33 -62.35
C LYS Y 44 -51.69 -36.53 -62.20
N VAL Y 45 -51.81 -35.21 -62.06
CA VAL Y 45 -50.62 -34.37 -61.87
C VAL Y 45 -49.91 -34.74 -60.58
N LEU Y 46 -50.68 -35.00 -59.52
CA LEU Y 46 -50.07 -35.37 -58.24
C LEU Y 46 -49.35 -36.71 -58.35
N LYS Y 47 -49.94 -37.68 -59.05
CA LYS Y 47 -49.29 -38.96 -59.26
C LYS Y 47 -48.03 -38.80 -60.11
N GLN Y 48 -48.01 -37.84 -61.02
CA GLN Y 48 -46.80 -37.58 -61.78
C GLN Y 48 -45.72 -36.95 -60.91
N VAL Y 49 -46.10 -36.08 -59.98
CA VAL Y 49 -45.11 -35.40 -59.15
C VAL Y 49 -44.73 -36.25 -57.95
N HIS Y 50 -45.70 -36.74 -57.19
CA HIS Y 50 -45.46 -37.56 -56.02
C HIS Y 50 -46.23 -38.86 -56.15
N PRO Y 51 -45.56 -39.97 -56.46
CA PRO Y 51 -46.28 -41.23 -56.71
C PRO Y 51 -46.85 -41.88 -55.46
N ASP Y 52 -46.42 -41.48 -54.27
CA ASP Y 52 -46.84 -42.13 -53.02
C ASP Y 52 -47.39 -41.10 -52.05
N THR Y 53 -48.29 -40.25 -52.53
CA THR Y 53 -48.91 -39.22 -51.69
C THR Y 53 -50.36 -39.05 -52.07
N GLY Y 54 -51.23 -38.99 -51.07
CA GLY Y 54 -52.65 -38.77 -51.27
C GLY Y 54 -53.06 -37.33 -50.99
N ILE Y 55 -54.37 -37.12 -50.98
CA ILE Y 55 -54.91 -35.78 -50.79
C ILE Y 55 -56.32 -35.91 -50.22
N SER Y 56 -56.71 -34.93 -49.41
CA SER Y 56 -58.02 -34.91 -48.79
C SER Y 56 -59.04 -34.28 -49.75
N SER Y 57 -60.29 -34.15 -49.27
CA SER Y 57 -61.34 -33.57 -50.08
C SER Y 57 -61.34 -32.04 -50.02
N LYS Y 58 -61.04 -31.48 -48.85
CA LYS Y 58 -60.98 -30.03 -48.72
C LYS Y 58 -59.86 -29.45 -49.56
N ALA Y 59 -58.70 -30.10 -49.58
CA ALA Y 59 -57.60 -29.65 -50.43
C ALA Y 59 -57.98 -29.71 -51.90
N MET Y 60 -58.75 -30.74 -52.29
CA MET Y 60 -59.20 -30.83 -53.68
C MET Y 60 -60.17 -29.69 -54.02
N GLY Y 61 -61.06 -29.36 -53.10
CA GLY Y 61 -61.92 -28.21 -53.31
C GLY Y 61 -61.14 -26.92 -53.44
N ILE Y 62 -60.10 -26.75 -52.62
CA ILE Y 62 -59.26 -25.56 -52.71
C ILE Y 62 -58.56 -25.50 -54.06
N MET Y 63 -58.07 -26.64 -54.54
CA MET Y 63 -57.41 -26.66 -55.84
C MET Y 63 -58.39 -26.31 -56.97
N ASN Y 64 -59.62 -26.82 -56.89
CA ASN Y 64 -60.63 -26.46 -57.88
C ASN Y 64 -60.89 -24.96 -57.87
N SER Y 65 -61.01 -24.39 -56.67
CA SER Y 65 -61.22 -22.94 -56.57
C SER Y 65 -60.07 -22.16 -57.19
N PHE Y 66 -58.83 -22.61 -56.94
CA PHE Y 66 -57.66 -21.93 -57.49
C PHE Y 66 -57.68 -21.98 -59.01
N VAL Y 67 -57.96 -23.15 -59.58
CA VAL Y 67 -57.99 -23.29 -61.04
C VAL Y 67 -59.05 -22.38 -61.64
N ASN Y 68 -60.25 -22.36 -61.05
CA ASN Y 68 -61.31 -21.51 -61.57
C ASN Y 68 -60.94 -20.04 -61.49
N ASP Y 69 -60.33 -19.62 -60.39
CA ASP Y 69 -59.94 -18.22 -60.23
C ASP Y 69 -58.94 -17.80 -61.29
N ILE Y 70 -57.90 -18.61 -61.50
CA ILE Y 70 -56.87 -18.26 -62.47
C ILE Y 70 -57.46 -18.23 -63.88
N PHE Y 71 -58.31 -19.21 -64.21
CA PHE Y 71 -58.98 -19.21 -65.50
C PHE Y 71 -59.75 -17.92 -65.72
N GLU Y 72 -60.55 -17.52 -64.72
CA GLU Y 72 -61.37 -16.32 -64.87
C GLU Y 72 -60.50 -15.09 -65.09
N ARG Y 73 -59.44 -14.95 -64.30
CA ARG Y 73 -58.54 -13.80 -64.44
C ARG Y 73 -57.96 -13.73 -65.84
N ILE Y 74 -57.36 -14.83 -66.32
CA ILE Y 74 -56.68 -14.80 -67.61
C ILE Y 74 -57.67 -14.53 -68.73
N ALA Y 75 -58.85 -15.16 -68.68
CA ALA Y 75 -59.83 -14.97 -69.74
C ALA Y 75 -60.33 -13.53 -69.77
N GLY Y 76 -60.58 -12.94 -68.60
CA GLY Y 76 -61.01 -11.55 -68.57
C GLY Y 76 -59.97 -10.60 -69.13
N GLU Y 77 -58.70 -10.82 -68.75
CA GLU Y 77 -57.65 -9.94 -69.27
C GLU Y 77 -57.50 -10.09 -70.79
N ALA Y 78 -57.61 -11.31 -71.30
CA ALA Y 78 -57.53 -11.51 -72.75
C ALA Y 78 -58.69 -10.82 -73.46
N SER Y 79 -59.89 -10.89 -72.88
CA SER Y 79 -61.04 -10.21 -73.47
C SER Y 79 -60.82 -8.70 -73.52
N ARG Y 80 -60.32 -8.14 -72.42
CA ARG Y 80 -60.05 -6.71 -72.38
C ARG Y 80 -59.01 -6.31 -73.43
N LEU Y 81 -57.95 -7.10 -73.55
CA LEU Y 81 -56.92 -6.83 -74.56
C LEU Y 81 -57.50 -6.87 -75.96
N ALA Y 82 -58.32 -7.88 -76.25
CA ALA Y 82 -58.92 -7.95 -77.58
C ALA Y 82 -59.85 -6.78 -77.85
N HIS Y 83 -60.52 -6.27 -76.82
CA HIS Y 83 -61.43 -5.14 -77.03
C HIS Y 83 -60.66 -3.84 -77.22
N TYR Y 84 -59.49 -3.69 -76.59
CA TYR Y 84 -58.75 -2.44 -76.69
C TYR Y 84 -58.26 -2.19 -78.11
N ASN Y 85 -57.81 -3.23 -78.80
CA ASN Y 85 -57.21 -3.09 -80.12
C ASN Y 85 -58.20 -3.31 -81.25
N LYS Y 86 -59.51 -3.31 -80.96
CA LYS Y 86 -60.56 -3.42 -81.97
C LYS Y 86 -60.45 -4.75 -82.73
N ARG Y 87 -60.46 -5.85 -82.00
CA ARG Y 87 -60.44 -7.18 -82.56
C ARG Y 87 -61.59 -8.02 -81.99
N SER Y 88 -62.05 -8.99 -82.77
CA SER Y 88 -63.15 -9.86 -82.35
C SER Y 88 -62.71 -11.31 -82.20
N THR Y 89 -61.42 -11.56 -82.02
CA THR Y 89 -60.88 -12.90 -81.89
C THR Y 89 -59.89 -12.96 -80.75
N ILE Y 90 -59.92 -14.07 -80.01
CA ILE Y 90 -58.96 -14.34 -78.95
C ILE Y 90 -58.05 -15.45 -79.42
N THR Y 91 -56.79 -15.10 -79.67
CA THR Y 91 -55.78 -16.03 -80.15
C THR Y 91 -54.75 -16.31 -79.06
N SER Y 92 -53.78 -17.16 -79.37
CA SER Y 92 -52.73 -17.48 -78.41
C SER Y 92 -51.85 -16.28 -78.10
N ARG Y 93 -51.81 -15.29 -78.99
CA ARG Y 93 -51.04 -14.07 -78.72
C ARG Y 93 -51.67 -13.27 -77.60
N GLU Y 94 -53.00 -13.16 -77.59
CA GLU Y 94 -53.69 -12.48 -76.50
C GLU Y 94 -53.48 -13.21 -75.18
N ILE Y 95 -53.52 -14.54 -75.20
CA ILE Y 95 -53.29 -15.32 -73.99
C ILE Y 95 -51.86 -15.10 -73.49
N GLN Y 96 -50.90 -15.07 -74.41
CA GLN Y 96 -49.50 -14.84 -74.02
C GLN Y 96 -49.33 -13.46 -73.39
N THR Y 97 -49.93 -12.44 -74.00
CA THR Y 97 -49.81 -11.09 -73.44
C THR Y 97 -50.49 -10.98 -72.09
N ALA Y 98 -51.64 -11.63 -71.93
CA ALA Y 98 -52.33 -11.62 -70.64
C ALA Y 98 -51.51 -12.33 -69.57
N VAL Y 99 -50.88 -13.45 -69.93
CA VAL Y 99 -50.02 -14.16 -68.99
C VAL Y 99 -48.84 -13.29 -68.60
N ARG Y 100 -48.25 -12.57 -69.55
CA ARG Y 100 -47.14 -11.67 -69.24
C ARG Y 100 -47.59 -10.54 -68.33
N LEU Y 101 -48.83 -10.07 -68.52
CA LEU Y 101 -49.34 -8.98 -67.70
C LEU Y 101 -49.68 -9.43 -66.29
N LEU Y 102 -50.17 -10.66 -66.13
CA LEU Y 102 -50.70 -11.10 -64.84
C LEU Y 102 -49.66 -11.75 -63.94
N LEU Y 103 -48.79 -12.60 -64.49
CA LEU Y 103 -47.93 -13.32 -63.56
C LEU Y 103 -46.61 -12.59 -63.36
N PRO Y 104 -45.98 -12.75 -62.19
CA PRO Y 104 -44.65 -12.18 -61.97
C PRO Y 104 -43.60 -12.83 -62.86
N GLY Y 105 -42.38 -12.31 -62.76
CA GLY Y 105 -41.31 -12.58 -63.72
C GLY Y 105 -41.01 -14.01 -64.11
N GLU Y 106 -40.47 -14.80 -63.17
CA GLU Y 106 -40.02 -16.14 -63.53
C GLU Y 106 -41.20 -17.06 -63.82
N LEU Y 107 -42.29 -16.91 -63.06
CA LEU Y 107 -43.50 -17.67 -63.36
C LEU Y 107 -44.00 -17.36 -64.77
N ALA Y 108 -43.98 -16.09 -65.16
CA ALA Y 108 -44.42 -15.73 -66.51
C ALA Y 108 -43.50 -16.32 -67.57
N LYS Y 109 -42.18 -16.26 -67.34
CA LYS Y 109 -41.24 -16.82 -68.31
C LYS Y 109 -41.46 -18.31 -68.49
N HIS Y 110 -41.57 -19.06 -67.40
CA HIS Y 110 -41.74 -20.50 -67.51
C HIS Y 110 -43.11 -20.86 -68.10
N ALA Y 111 -44.14 -20.07 -67.78
CA ALA Y 111 -45.47 -20.33 -68.34
C ALA Y 111 -45.48 -20.07 -69.84
N VAL Y 112 -44.83 -19.00 -70.29
CA VAL Y 112 -44.74 -18.74 -71.73
C VAL Y 112 -43.97 -19.86 -72.41
N SER Y 113 -42.89 -20.32 -71.79
CA SER Y 113 -42.13 -21.43 -72.37
C SER Y 113 -43.00 -22.67 -72.54
N GLU Y 114 -43.71 -23.05 -71.47
CA GLU Y 114 -44.58 -24.22 -71.54
C GLU Y 114 -45.68 -24.04 -72.58
N GLY Y 115 -46.25 -22.83 -72.67
CA GLY Y 115 -47.33 -22.60 -73.62
C GLY Y 115 -46.86 -22.73 -75.07
N THR Y 116 -45.76 -22.06 -75.41
CA THR Y 116 -45.25 -22.16 -76.78
C THR Y 116 -44.81 -23.58 -77.10
N LYS Y 117 -44.22 -24.29 -76.13
CA LYS Y 117 -43.84 -25.68 -76.36
C LYS Y 117 -45.07 -26.53 -76.67
N ALA Y 118 -46.14 -26.37 -75.89
CA ALA Y 118 -47.36 -27.13 -76.14
C ALA Y 118 -47.95 -26.78 -77.50
N VAL Y 119 -47.91 -25.50 -77.87
CA VAL Y 119 -48.48 -25.10 -79.15
C VAL Y 119 -47.70 -25.71 -80.31
N THR Y 120 -46.36 -25.62 -80.27
CA THR Y 120 -45.58 -26.15 -81.38
C THR Y 120 -45.63 -27.67 -81.42
N LYS Y 121 -45.86 -28.33 -80.29
CA LYS Y 121 -46.06 -29.77 -80.32
C LYS Y 121 -47.43 -30.14 -80.84
N TYR Y 122 -48.44 -29.29 -80.61
CA TYR Y 122 -49.80 -29.59 -81.08
C TYR Y 122 -49.97 -29.32 -82.57
N THR Y 123 -49.30 -28.30 -83.11
CA THR Y 123 -49.49 -27.96 -84.52
C THR Y 123 -48.71 -28.87 -85.45
N SER Y 124 -47.81 -29.70 -84.93
CA SER Y 124 -46.99 -30.61 -85.74
C SER Y 124 -47.56 -32.01 -85.80
N SER Y 125 -48.89 -32.15 -85.70
CA SER Y 125 -49.52 -33.47 -85.76
C SER Y 125 -50.69 -33.46 -86.74
N SER Z 515 -34.11 -20.97 -52.87
CA SER Z 515 -33.78 -21.90 -51.79
C SER Z 515 -34.34 -23.29 -52.08
N THR Z 516 -35.02 -23.43 -53.22
CA THR Z 516 -35.58 -24.71 -53.62
C THR Z 516 -35.69 -24.73 -55.14
N VAL Z 517 -35.20 -25.80 -55.75
CA VAL Z 517 -35.26 -26.00 -57.20
C VAL Z 517 -36.28 -27.08 -57.49
N THR Z 518 -37.35 -26.70 -58.19
CA THR Z 518 -38.45 -27.62 -58.48
C THR Z 518 -38.08 -28.51 -59.67
N LYS Z 519 -39.06 -29.21 -60.22
CA LYS Z 519 -38.83 -30.04 -61.40
C LYS Z 519 -38.21 -29.22 -62.53
N SER Z 520 -38.90 -28.16 -62.94
CA SER Z 520 -38.26 -27.15 -63.77
C SER Z 520 -37.32 -26.32 -62.92
N ARG Z 521 -36.20 -25.89 -63.51
CA ARG Z 521 -35.15 -25.19 -62.77
C ARG Z 521 -35.57 -23.74 -62.50
N ARG Z 522 -36.63 -23.58 -61.72
CA ARG Z 522 -37.08 -22.28 -61.24
C ARG Z 522 -36.80 -22.19 -59.75
N ILE Z 523 -35.96 -21.23 -59.38
CA ILE Z 523 -35.58 -21.04 -57.98
C ILE Z 523 -36.76 -20.45 -57.22
N SER Z 524 -37.26 -21.20 -56.24
CA SER Z 524 -38.37 -20.76 -55.39
C SER Z 524 -37.79 -20.12 -54.14
N ARG Z 525 -37.93 -18.80 -54.02
CA ARG Z 525 -37.32 -18.03 -52.96
C ARG Z 525 -38.36 -17.61 -51.93
N ARG Z 526 -37.89 -17.36 -50.71
CA ARG Z 526 -38.75 -16.92 -49.62
C ARG Z 526 -38.93 -15.40 -49.67
N PRO Z 527 -40.13 -14.89 -49.41
CA PRO Z 527 -40.35 -13.44 -49.45
C PRO Z 527 -39.73 -12.75 -48.24
N SER Z 528 -38.43 -12.45 -48.35
CA SER Z 528 -37.69 -11.89 -47.22
C SER Z 528 -38.17 -10.48 -46.88
N ASP Z 529 -38.04 -9.55 -47.81
CA ASP Z 529 -38.31 -8.15 -47.53
C ASP Z 529 -38.60 -7.38 -48.81
N TRP Z 530 -39.60 -6.50 -48.79
CA TRP Z 530 -39.97 -5.74 -49.97
C TRP Z 530 -40.30 -4.28 -49.69
N TRP Z 531 -40.29 -3.83 -48.43
CA TRP Z 531 -40.68 -2.47 -48.09
C TRP Z 531 -39.49 -1.58 -47.78
N VAL Z 532 -38.27 -2.07 -47.97
CA VAL Z 532 -37.05 -1.29 -47.73
C VAL Z 532 -36.36 -1.05 -49.07
N VAL Z 533 -35.91 0.17 -49.28
CA VAL Z 533 -35.21 0.54 -50.51
C VAL Z 533 -33.77 0.02 -50.43
N LYS Z 534 -33.38 -0.77 -51.41
CA LYS Z 534 -32.06 -1.36 -51.48
C LYS Z 534 -31.23 -0.66 -52.55
N SER Z 535 -29.98 -0.39 -52.24
CA SER Z 535 -29.08 0.28 -53.19
C SER Z 535 -28.73 -0.65 -54.35
N ARG AA 256 2.90 57.52 42.76
CA ARG AA 256 4.08 58.04 42.06
C ARG AA 256 5.33 57.26 42.48
N GLN AA 257 5.53 56.02 42.19
CA GLN AA 257 6.91 55.59 42.19
C GLN AA 257 7.85 56.73 41.78
N ALA AA 258 8.24 57.66 42.64
CA ALA AA 258 9.21 58.74 42.58
C ALA AA 258 10.07 58.65 41.33
N LYS AA 259 9.55 58.96 40.06
CA LYS AA 259 10.45 59.15 38.94
C LYS AA 259 11.81 59.66 39.39
N LYS AA 260 12.70 58.78 39.70
CA LYS AA 260 14.08 59.16 40.05
C LYS AA 260 14.60 60.24 39.11
N SER AA 261 15.09 61.35 39.63
CA SER AA 261 15.81 62.37 38.89
C SER AA 261 16.96 61.77 38.08
N PHE AA 262 17.26 62.27 36.79
CA PHE AA 262 18.36 61.82 35.95
C PHE AA 262 19.62 61.62 36.79
N SER AA 263 19.86 62.55 37.69
CA SER AA 263 21.08 62.51 38.51
C SER AA 263 21.13 61.25 39.36
N THR AA 264 20.06 60.85 39.88
CA THR AA 264 19.97 59.66 40.70
C THR AA 264 20.20 58.40 39.87
N LEU AA 265 19.50 58.32 38.70
CA LEU AA 265 19.61 57.18 37.80
C LEU AA 265 21.02 57.07 37.24
N PHE AA 266 21.59 58.22 36.86
CA PHE AA 266 22.97 58.25 36.28
C PHE AA 266 23.94 57.61 37.28
N LEU AA 267 23.99 58.14 38.51
CA LEU AA 267 24.93 57.63 39.53
C LEU AA 267 24.68 56.14 39.77
N GLU AA 268 23.41 55.72 39.81
CA GLU AA 268 23.07 54.28 40.00
C GLU AA 268 23.81 53.43 38.96
N THR AA 269 23.65 53.73 37.67
CA THR AA 269 24.30 52.95 36.60
C THR AA 269 25.82 52.97 36.79
N VAL AA 270 26.41 54.16 36.97
CA VAL AA 270 27.88 54.28 37.17
C VAL AA 270 28.30 53.34 38.30
N LYS AA 271 27.65 53.45 39.46
CA LYS AA 271 28.01 52.63 40.61
C LYS AA 271 27.89 51.14 40.28
N ARG AA 272 26.84 50.58 39.58
CA ARG AA 272 26.45 49.21 39.29
C ARG AA 272 27.48 48.53 38.38
N LYS AA 273 28.34 49.14 37.58
CA LYS AA 273 29.37 48.44 36.82
C LYS AA 273 30.14 47.46 37.70
N SER AA 274 29.62 46.96 38.87
CA SER AA 274 30.19 45.78 39.50
C SER AA 274 29.11 44.72 39.77
N GLU AA 275 28.08 44.43 39.02
CA GLU AA 275 27.16 43.32 39.27
C GLU AA 275 26.10 43.23 38.17
N ASP AA 295 -15.66 26.49 31.92
CA ASP AA 295 -15.80 25.97 30.56
C ASP AA 295 -15.39 24.50 30.48
N THR AA 296 -15.22 23.81 31.61
CA THR AA 296 -15.03 22.37 31.66
C THR AA 296 -16.36 21.64 31.62
N LYS AA 297 -17.57 22.42 31.37
CA LYS AA 297 -18.91 21.85 31.33
C LYS AA 297 -19.55 22.05 29.96
N LEU AA 298 -18.85 22.54 28.89
CA LEU AA 298 -19.56 22.85 27.65
C LEU AA 298 -19.27 21.80 26.59
N ILE AA 299 -18.28 20.84 26.82
CA ILE AA 299 -18.03 19.84 25.79
C ILE AA 299 -18.72 18.52 26.16
N GLU AA 300 -18.90 18.31 27.59
CA GLU AA 300 -19.65 17.15 28.07
C GLU AA 300 -21.15 17.33 27.82
N ASP AA 301 -21.66 18.62 27.35
CA ASP AA 301 -23.05 18.97 27.09
C ASP AA 301 -23.33 19.00 25.58
N GLU AA 302 -22.21 18.69 24.62
CA GLU AA 302 -22.44 18.81 23.19
C GLU AA 302 -22.31 17.46 22.49
N PHE AA 303 -21.67 16.39 23.14
CA PHE AA 303 -21.42 15.11 22.48
C PHE AA 303 -21.80 13.95 23.41
N ILE AA 304 -22.27 12.95 22.77
CA ILE AA 304 -22.56 11.69 23.45
C ILE AA 304 -21.52 10.64 23.06
N ILE AA 305 -20.70 10.07 24.03
CA ILE AA 305 -19.86 8.92 23.79
C ILE AA 305 -20.71 7.65 23.81
N ASP AA 306 -21.08 7.15 22.64
CA ASP AA 306 -21.92 5.97 22.47
C ASP AA 306 -21.22 4.71 23.00
N GLU AA 307 -21.52 4.20 24.17
CA GLU AA 307 -20.95 3.09 24.90
C GLU AA 307 -21.61 1.77 24.50
N SER AA 308 -22.55 1.67 23.53
CA SER AA 308 -23.42 0.56 23.14
C SER AA 308 -22.77 -0.31 22.08
N ASP AA 309 -21.40 -0.08 21.68
CA ASP AA 309 -20.72 -0.95 20.72
C ASP AA 309 -19.55 -1.68 21.36
N THR AA 514 -70.76 23.14 -43.13
CA THR AA 514 -71.78 22.22 -42.62
C THR AA 514 -72.33 21.34 -43.73
N SER AA 515 -73.55 20.84 -43.54
CA SER AA 515 -74.19 19.99 -44.52
C SER AA 515 -74.75 20.81 -45.67
N THR AA 516 -75.42 20.14 -46.61
CA THR AA 516 -76.01 20.80 -47.76
C THR AA 516 -77.19 19.97 -48.23
N VAL AA 517 -78.36 20.61 -48.35
CA VAL AA 517 -79.57 19.96 -48.80
C VAL AA 517 -79.75 20.29 -50.27
N THR AA 518 -79.28 19.42 -51.14
CA THR AA 518 -79.41 19.61 -52.57
C THR AA 518 -80.84 19.27 -53.00
N LYS AA 519 -81.11 19.39 -54.30
CA LYS AA 519 -82.41 18.99 -54.82
C LYS AA 519 -82.63 17.50 -54.59
N SER AA 520 -83.91 17.12 -54.48
CA SER AA 520 -84.42 15.83 -54.03
C SER AA 520 -84.20 15.65 -52.53
N ARG AA 521 -83.76 16.70 -51.82
CA ARG AA 521 -83.60 16.68 -50.36
C ARG AA 521 -82.69 15.54 -49.92
N ARG AA 522 -81.52 15.46 -50.53
CA ARG AA 522 -80.48 14.53 -50.12
C ARG AA 522 -79.42 15.30 -49.33
N ILE AA 523 -79.32 15.01 -48.03
CA ILE AA 523 -78.40 15.75 -47.17
C ILE AA 523 -76.97 15.32 -47.49
N SER AA 524 -76.18 16.25 -48.00
CA SER AA 524 -74.78 15.99 -48.34
C SER AA 524 -73.92 16.33 -47.13
N ARG AA 525 -73.42 15.31 -46.45
CA ARG AA 525 -72.63 15.48 -45.26
C ARG AA 525 -71.14 15.37 -45.58
N ARG AA 526 -70.32 15.99 -44.74
CA ARG AA 526 -68.87 15.99 -44.80
C ARG AA 526 -68.31 14.77 -44.06
N PRO AA 527 -67.31 14.10 -44.64
CA PRO AA 527 -66.75 12.92 -43.98
C PRO AA 527 -66.17 13.24 -42.62
N SER AA 528 -66.17 12.25 -41.74
CA SER AA 528 -65.70 12.39 -40.38
C SER AA 528 -64.82 11.19 -40.04
N ASP AA 529 -64.51 11.03 -38.75
CA ASP AA 529 -63.63 9.96 -38.29
C ASP AA 529 -64.39 8.63 -38.32
N TRP AA 530 -64.41 8.03 -39.50
CA TRP AA 530 -65.05 6.72 -39.69
C TRP AA 530 -64.25 5.57 -39.09
N TRP AA 531 -63.05 5.84 -38.59
CA TRP AA 531 -62.17 4.80 -38.06
C TRP AA 531 -62.31 4.61 -36.56
N VAL AA 532 -63.24 5.31 -35.91
CA VAL AA 532 -63.43 5.24 -34.47
C VAL AA 532 -64.75 4.54 -34.19
N VAL AA 533 -64.72 3.58 -33.27
CA VAL AA 533 -65.92 2.85 -32.87
C VAL AA 533 -66.71 3.72 -31.91
N LYS AA 534 -67.99 3.92 -32.23
CA LYS AA 534 -68.87 4.74 -31.41
C LYS AA 534 -70.17 3.99 -31.15
N SER AA 535 -70.71 4.16 -29.95
CA SER AA 535 -71.96 3.49 -29.57
C SER AA 535 -73.17 4.34 -29.97
#